data_5AA3
#
_entry.id   5AA3
#
_cell.length_a   150.605
_cell.length_b   136.376
_cell.length_c   195.394
_cell.angle_alpha   90.00
_cell.angle_beta   111.38
_cell.angle_gamma   90.00
#
_symmetry.space_group_name_H-M   'P 1 21 1'
#
loop_
_entity.id
_entity.type
_entity.pdbx_description
1 polymer 'MEMBRANE-BOUND LYTIC MUREIN TRANSGLYCOSYLASE F'
2 non-polymer 'GLUTAMIC ACID'
#
_entity_poly.entity_id   1
_entity_poly.type   'polypeptide(L)'
_entity_poly.pdbx_seq_one_letter_code
;MAPSRLCVYCADVCPDRLRCAAWLLATGIFLLLAGCSEAKAPTALERVQKEGVLRVITRNSPATYFQDRNGETGFEYELA
KRFAERLGVELKIETADNLDDLYAQLSREGGPALAAAGLTPGREDDASVRYSHTYLDVTPQIIYRNGQQRPTRPEDLVGK
RIMVLKGSSHAEQLAELKKQYPELKYEESDAVEVVDLLRMVDVGDIDLTLVDSNELAMNQVYFPNVRVAFDFGEARGLAW
ALPGGDDDSLMNEVNAFLDQAKKEGLLQRLKDRYYGHVDVLGYVGAYTFAQHLQQRLPRYESHFKQSGKQKDTDWRLLAA
IGYQESLWQPGATSKTGVRGLMMLTNRTAQAMGVSNRLDPKQSIQGGSKYFVQIRSELPESIKEPDRSWFALAAYNIGGA
HLEDARKMAEKEGLNPNKWLDVKKMLPRLAQKQWYAKTRYGYARGGETVHFVQNVRRYYDILTWVTQPQMEGSQIAESGL
HLPGVNKTRPEEDSGDEKL
;
_entity_poly.pdbx_strand_id   A,B,C,D,E,F,G,H,I,J,K,L
#
# COMPACT_ATOMS: atom_id res chain seq x y z
N GLY A 52 -14.34 -32.05 -78.56
CA GLY A 52 -15.54 -31.22 -78.37
C GLY A 52 -16.14 -31.35 -76.97
N VAL A 53 -15.32 -31.00 -75.98
CA VAL A 53 -15.65 -31.15 -74.57
C VAL A 53 -15.08 -29.95 -73.82
N LEU A 54 -15.98 -29.11 -73.29
CA LEU A 54 -15.55 -28.01 -72.44
C LEU A 54 -15.26 -28.43 -71.00
N ARG A 55 -13.97 -28.36 -70.62
CA ARG A 55 -13.62 -28.63 -69.23
C ARG A 55 -13.64 -27.38 -68.37
N VAL A 56 -14.51 -27.40 -67.38
CA VAL A 56 -14.65 -26.34 -66.42
C VAL A 56 -14.25 -26.85 -65.06
N ILE A 57 -13.35 -26.15 -64.40
CA ILE A 57 -12.97 -26.52 -63.06
C ILE A 57 -13.78 -25.64 -62.13
N THR A 58 -14.25 -26.25 -61.04
CA THR A 58 -14.99 -25.49 -60.04
C THR A 58 -14.75 -26.02 -58.64
N ARG A 59 -15.42 -25.41 -57.68
CA ARG A 59 -15.38 -25.86 -56.31
C ARG A 59 -16.62 -26.71 -55.97
N ASN A 60 -16.43 -27.79 -55.23
CA ASN A 60 -17.57 -28.55 -54.78
C ASN A 60 -18.29 -27.90 -53.61
N SER A 61 -19.38 -27.19 -53.87
CA SER A 61 -20.08 -26.45 -52.82
C SER A 61 -21.50 -26.04 -53.20
N PRO A 62 -22.33 -25.70 -52.21
CA PRO A 62 -23.73 -25.39 -52.52
C PRO A 62 -23.94 -24.13 -53.36
N ALA A 63 -23.04 -23.15 -53.37
CA ALA A 63 -23.30 -21.97 -54.19
C ALA A 63 -22.80 -22.22 -55.57
N THR A 64 -22.12 -23.35 -55.71
CA THR A 64 -21.36 -23.56 -56.94
C THR A 64 -21.78 -24.77 -57.75
N TYR A 65 -21.45 -25.94 -57.23
CA TYR A 65 -21.64 -27.19 -57.92
C TYR A 65 -21.72 -28.29 -56.88
N PHE A 66 -22.70 -29.16 -57.02
CA PHE A 66 -22.80 -30.31 -56.15
C PHE A 66 -23.80 -31.23 -56.79
N GLN A 67 -23.95 -32.43 -56.23
CA GLN A 67 -24.94 -33.37 -56.70
C GLN A 67 -26.14 -33.49 -55.75
N ASP A 68 -27.36 -33.32 -56.24
CA ASP A 68 -28.50 -33.69 -55.43
C ASP A 68 -29.17 -34.94 -56.00
N ARG A 69 -30.41 -35.21 -55.59
CA ARG A 69 -31.06 -36.48 -55.91
C ARG A 69 -31.40 -36.60 -57.35
N ASN A 70 -31.40 -35.47 -58.03
CA ASN A 70 -31.64 -35.41 -59.45
C ASN A 70 -30.41 -35.31 -60.33
N GLY A 71 -29.22 -35.49 -59.73
CA GLY A 71 -27.96 -35.30 -60.43
C GLY A 71 -27.24 -33.99 -60.09
N GLU A 72 -26.54 -33.44 -61.07
CA GLU A 72 -25.76 -32.20 -60.92
C GLU A 72 -26.58 -30.95 -60.92
N THR A 73 -26.12 -29.96 -60.15
CA THR A 73 -26.82 -28.68 -59.99
C THR A 73 -25.86 -27.63 -59.39
N GLY A 74 -26.36 -26.41 -59.19
CA GLY A 74 -25.55 -25.32 -58.68
C GLY A 74 -25.52 -24.18 -59.69
N PHE A 75 -25.34 -22.97 -59.20
CA PHE A 75 -25.31 -21.76 -60.03
C PHE A 75 -24.24 -21.84 -61.09
N GLU A 76 -23.01 -22.16 -60.68
CA GLU A 76 -21.92 -22.21 -61.65
C GLU A 76 -22.17 -23.32 -62.64
N TYR A 77 -22.65 -24.45 -62.14
CA TYR A 77 -22.83 -25.60 -62.99
C TYR A 77 -23.86 -25.28 -64.09
N GLU A 78 -24.92 -24.55 -63.73
CA GLU A 78 -25.97 -24.27 -64.69
C GLU A 78 -25.44 -23.28 -65.70
N LEU A 79 -24.86 -22.18 -65.20
CA LEU A 79 -24.23 -21.19 -66.07
C LEU A 79 -23.19 -21.86 -67.04
N ALA A 80 -22.40 -22.81 -66.54
CA ALA A 80 -21.44 -23.50 -67.41
C ALA A 80 -22.18 -24.36 -68.41
N LYS A 81 -23.32 -24.91 -68.03
CA LYS A 81 -24.00 -25.80 -68.95
C LYS A 81 -24.72 -25.00 -70.03
N ARG A 82 -25.46 -23.96 -69.64
CA ARG A 82 -26.07 -23.13 -70.66
C ARG A 82 -25.01 -22.54 -71.58
N PHE A 83 -23.77 -22.43 -71.12
CA PHE A 83 -22.69 -21.90 -71.96
C PHE A 83 -22.15 -22.97 -72.89
N ALA A 84 -21.98 -24.18 -72.37
CA ALA A 84 -21.44 -25.27 -73.20
C ALA A 84 -22.38 -25.63 -74.33
N GLU A 85 -23.66 -25.41 -74.08
CA GLU A 85 -24.67 -25.66 -75.08
C GLU A 85 -24.54 -24.59 -76.12
N ARG A 86 -24.31 -23.35 -75.69
CA ARG A 86 -24.10 -22.30 -76.66
C ARG A 86 -22.84 -22.54 -77.46
N LEU A 87 -22.05 -23.53 -77.11
CA LEU A 87 -20.86 -23.86 -77.91
C LEU A 87 -21.00 -25.17 -78.68
N GLY A 88 -22.10 -25.88 -78.44
CA GLY A 88 -22.32 -27.19 -79.03
C GLY A 88 -21.26 -28.22 -78.69
N VAL A 89 -20.88 -28.25 -77.41
CA VAL A 89 -19.90 -29.20 -76.88
C VAL A 89 -20.42 -29.83 -75.60
N GLU A 90 -19.80 -30.94 -75.18
CA GLU A 90 -20.10 -31.53 -73.87
C GLU A 90 -19.37 -30.84 -72.72
N LEU A 91 -20.11 -30.56 -71.64
CA LEU A 91 -19.53 -29.99 -70.43
C LEU A 91 -18.91 -31.07 -69.57
N LYS A 92 -17.62 -30.99 -69.26
CA LYS A 92 -17.00 -31.89 -68.29
C LYS A 92 -16.58 -31.11 -67.08
N ILE A 93 -17.17 -31.41 -65.93
CA ILE A 93 -16.81 -30.71 -64.70
C ILE A 93 -15.57 -31.34 -64.12
N GLU A 94 -14.68 -30.52 -63.62
CA GLU A 94 -13.62 -31.04 -62.77
C GLU A 94 -13.65 -30.19 -61.54
N THR A 95 -13.39 -30.78 -60.38
CA THR A 95 -13.47 -29.95 -59.20
C THR A 95 -12.07 -29.83 -58.58
N ALA A 96 -11.78 -28.67 -58.00
CA ALA A 96 -10.54 -28.43 -57.29
C ALA A 96 -10.73 -28.73 -55.80
N ASP A 97 -9.64 -29.07 -55.11
CA ASP A 97 -9.67 -29.41 -53.67
C ASP A 97 -9.81 -28.21 -52.76
N ASN A 98 -9.27 -27.09 -53.22
CA ASN A 98 -9.20 -25.82 -52.50
C ASN A 98 -8.85 -24.75 -53.48
N LEU A 99 -8.82 -23.49 -53.06
CA LEU A 99 -8.64 -22.42 -54.05
C LEU A 99 -7.23 -22.39 -54.64
N ASP A 100 -6.23 -22.73 -53.82
CA ASP A 100 -4.87 -22.75 -54.29
C ASP A 100 -4.79 -23.80 -55.38
N ASP A 101 -5.42 -24.94 -55.17
CA ASP A 101 -5.28 -25.98 -56.16
C ASP A 101 -6.03 -25.65 -57.45
N LEU A 102 -7.15 -24.96 -57.32
CA LEU A 102 -7.91 -24.57 -58.50
C LEU A 102 -7.04 -23.78 -59.43
N TYR A 103 -6.40 -22.73 -58.91
CA TYR A 103 -5.59 -21.87 -59.77
C TYR A 103 -4.34 -22.62 -60.29
N ALA A 104 -3.85 -23.60 -59.54
CA ALA A 104 -2.71 -24.39 -59.99
C ALA A 104 -3.12 -25.11 -61.26
N GLN A 105 -4.28 -25.74 -61.16
CA GLN A 105 -4.83 -26.52 -62.22
C GLN A 105 -5.11 -25.69 -63.46
N LEU A 106 -5.55 -24.45 -63.26
CA LEU A 106 -5.91 -23.54 -64.34
C LEU A 106 -4.69 -23.09 -65.14
N SER A 107 -3.52 -23.23 -64.55
CA SER A 107 -2.33 -22.58 -65.09
C SER A 107 -1.28 -23.56 -65.64
N ARG A 108 -1.59 -24.85 -65.55
CA ARG A 108 -0.73 -25.86 -66.15
C ARG A 108 -1.18 -25.94 -67.59
N GLU A 109 -0.35 -26.49 -68.46
CA GLU A 109 -0.85 -26.75 -69.79
C GLU A 109 -1.59 -28.09 -69.73
N GLY A 110 -2.61 -28.19 -70.58
CA GLY A 110 -3.50 -29.35 -70.62
C GLY A 110 -4.57 -29.30 -69.56
N GLY A 111 -4.76 -28.14 -68.96
CA GLY A 111 -5.73 -28.08 -67.91
C GLY A 111 -7.04 -27.59 -68.43
N PRO A 112 -7.94 -27.30 -67.52
CA PRO A 112 -9.27 -26.88 -67.87
C PRO A 112 -9.33 -25.56 -68.64
N ALA A 113 -10.41 -25.43 -69.39
CA ALA A 113 -10.73 -24.28 -70.21
C ALA A 113 -10.80 -23.04 -69.42
N LEU A 114 -11.60 -23.09 -68.38
CA LEU A 114 -11.85 -21.92 -67.58
C LEU A 114 -12.17 -22.39 -66.21
N ALA A 115 -12.11 -21.48 -65.25
CA ALA A 115 -12.51 -21.77 -63.88
C ALA A 115 -13.78 -20.98 -63.54
N ALA A 116 -14.83 -21.66 -63.09
CA ALA A 116 -16.03 -20.96 -62.65
C ALA A 116 -16.31 -21.35 -61.21
N ALA A 117 -16.20 -20.42 -60.28
CA ALA A 117 -16.19 -20.81 -58.86
C ALA A 117 -16.47 -19.65 -57.92
N GLY A 118 -17.28 -18.71 -58.40
CA GLY A 118 -17.61 -17.49 -57.70
C GLY A 118 -16.32 -16.77 -57.40
N LEU A 119 -15.45 -16.68 -58.38
CA LEU A 119 -14.13 -16.14 -58.13
C LEU A 119 -14.19 -14.63 -58.17
N THR A 120 -13.46 -14.03 -57.23
CA THR A 120 -13.32 -12.59 -57.20
C THR A 120 -12.10 -12.21 -57.98
N PRO A 121 -12.28 -11.37 -58.99
CA PRO A 121 -11.13 -11.04 -59.82
C PRO A 121 -10.03 -10.43 -59.01
N GLY A 122 -10.35 -9.45 -58.18
CA GLY A 122 -9.34 -8.57 -57.60
C GLY A 122 -8.25 -8.14 -58.57
N ARG A 123 -7.50 -9.17 -58.97
CA ARG A 123 -6.46 -9.15 -59.95
C ARG A 123 -5.81 -7.78 -60.17
N GLU A 124 -5.66 -7.42 -61.44
CA GLU A 124 -5.11 -6.17 -61.89
C GLU A 124 -4.61 -6.41 -63.30
N ASP A 125 -3.40 -6.95 -63.40
CA ASP A 125 -2.79 -7.21 -64.70
C ASP A 125 -1.72 -8.29 -64.67
N ASP A 126 -2.01 -9.41 -64.03
CA ASP A 126 -1.09 -10.53 -63.96
C ASP A 126 -1.31 -11.31 -65.22
N ALA A 127 -1.68 -10.62 -66.29
CA ALA A 127 -1.99 -11.41 -67.50
C ALA A 127 -1.98 -12.96 -67.44
N SER A 128 -1.22 -13.55 -66.51
CA SER A 128 -1.17 -15.00 -66.25
C SER A 128 -2.52 -15.64 -65.91
N VAL A 129 -3.40 -14.85 -65.35
CA VAL A 129 -4.75 -15.29 -65.14
C VAL A 129 -5.58 -14.11 -65.49
N ARG A 130 -6.54 -14.34 -66.38
CA ARG A 130 -7.45 -13.32 -66.89
C ARG A 130 -8.94 -13.54 -66.66
N TYR A 131 -9.65 -12.46 -66.33
CA TYR A 131 -11.08 -12.54 -65.95
C TYR A 131 -12.10 -12.03 -66.99
N SER A 132 -13.22 -12.74 -67.08
CA SER A 132 -14.35 -12.36 -67.92
C SER A 132 -15.08 -11.15 -67.38
N HIS A 133 -16.15 -10.75 -68.06
CA HIS A 133 -17.05 -9.77 -67.50
C HIS A 133 -17.68 -10.41 -66.28
N THR A 134 -18.22 -9.58 -65.39
CA THR A 134 -18.85 -10.09 -64.17
C THR A 134 -20.29 -10.49 -64.44
N TYR A 135 -20.75 -11.48 -63.67
CA TYR A 135 -22.09 -12.02 -63.81
C TYR A 135 -22.80 -11.95 -62.47
N LEU A 136 -22.13 -11.42 -61.46
CA LEU A 136 -22.79 -11.32 -60.17
C LEU A 136 -22.01 -10.45 -59.22
N ASP A 137 -22.75 -9.53 -58.60
CA ASP A 137 -22.14 -8.53 -57.77
C ASP A 137 -22.32 -8.88 -56.33
N VAL A 138 -21.26 -8.74 -55.56
CA VAL A 138 -21.27 -9.14 -54.17
C VAL A 138 -20.49 -8.20 -53.28
N THR A 139 -20.70 -8.39 -52.00
CA THR A 139 -20.02 -7.64 -50.97
C THR A 139 -19.51 -8.56 -49.91
N PRO A 140 -18.24 -8.41 -49.52
CA PRO A 140 -17.67 -9.15 -48.40
C PRO A 140 -18.31 -8.69 -47.09
N GLN A 141 -18.60 -9.60 -46.19
CA GLN A 141 -19.27 -9.19 -44.95
C GLN A 141 -18.64 -9.88 -43.73
N ILE A 142 -18.40 -9.14 -42.66
CA ILE A 142 -18.03 -9.76 -41.42
C ILE A 142 -19.20 -10.44 -40.78
N ILE A 143 -19.02 -11.68 -40.37
CA ILE A 143 -20.10 -12.48 -39.80
C ILE A 143 -19.78 -12.84 -38.32
N TYR A 144 -20.73 -12.61 -37.41
CA TYR A 144 -20.52 -12.99 -36.01
C TYR A 144 -21.67 -13.84 -35.49
N ARG A 145 -21.54 -14.34 -34.26
CA ARG A 145 -22.57 -15.23 -33.70
C ARG A 145 -23.51 -14.44 -32.81
N ASN A 146 -24.80 -14.72 -32.95
CA ASN A 146 -25.79 -13.97 -32.22
C ASN A 146 -25.69 -14.15 -30.73
N GLY A 147 -25.70 -13.02 -30.01
CA GLY A 147 -25.60 -12.98 -28.57
C GLY A 147 -24.16 -12.90 -28.09
N GLN A 148 -23.28 -12.44 -28.96
CA GLN A 148 -21.87 -12.25 -28.60
C GLN A 148 -21.54 -10.86 -29.11
N GLN A 149 -20.39 -10.32 -28.74
CA GLN A 149 -20.09 -8.90 -28.99
C GLN A 149 -20.04 -8.53 -30.47
N ARG A 150 -21.09 -7.88 -30.96
CA ARG A 150 -21.12 -7.50 -32.37
C ARG A 150 -20.06 -6.48 -32.76
N PRO A 151 -19.02 -6.90 -33.52
CA PRO A 151 -18.05 -5.88 -33.93
C PRO A 151 -18.61 -4.84 -34.93
N THR A 152 -18.19 -3.60 -34.70
CA THR A 152 -18.64 -2.43 -35.46
C THR A 152 -17.58 -2.01 -36.47
N ARG A 153 -16.30 -2.28 -36.14
CA ARG A 153 -15.18 -1.76 -36.92
C ARG A 153 -13.99 -2.73 -37.08
N PRO A 154 -13.27 -2.65 -38.22
CA PRO A 154 -12.09 -3.49 -38.49
C PRO A 154 -11.22 -3.72 -37.27
N GLU A 155 -11.06 -2.71 -36.43
CA GLU A 155 -10.21 -2.85 -35.25
C GLU A 155 -10.78 -3.90 -34.29
N ASP A 156 -12.10 -4.17 -34.38
CA ASP A 156 -12.75 -5.07 -33.41
C ASP A 156 -12.58 -6.51 -33.84
N LEU A 157 -11.76 -6.75 -34.88
CA LEU A 157 -11.45 -8.10 -35.32
C LEU A 157 -10.26 -8.62 -34.52
N VAL A 158 -9.58 -7.71 -33.85
CA VAL A 158 -8.52 -8.11 -32.96
C VAL A 158 -9.19 -8.75 -31.76
N GLY A 159 -8.58 -9.82 -31.26
CA GLY A 159 -9.03 -10.53 -30.07
C GLY A 159 -9.97 -11.67 -30.34
N LYS A 160 -10.50 -11.71 -31.55
CA LYS A 160 -11.43 -12.76 -31.95
C LYS A 160 -10.64 -13.85 -32.61
N ARG A 161 -11.22 -15.05 -32.63
CA ARG A 161 -10.74 -16.17 -33.44
C ARG A 161 -11.35 -16.05 -34.83
N ILE A 162 -10.55 -16.05 -35.87
CA ILE A 162 -11.16 -15.84 -37.18
C ILE A 162 -10.73 -16.95 -38.11
N MET A 163 -11.63 -17.43 -38.96
CA MET A 163 -11.20 -18.42 -39.95
C MET A 163 -11.74 -18.07 -41.31
N VAL A 164 -10.91 -18.29 -42.32
CA VAL A 164 -11.21 -17.91 -43.69
C VAL A 164 -10.67 -18.96 -44.63
N LEU A 165 -11.09 -18.91 -45.88
CA LEU A 165 -10.55 -19.87 -46.81
C LEU A 165 -9.09 -19.51 -47.03
N LYS A 166 -8.22 -20.51 -46.97
CA LYS A 166 -6.82 -20.34 -47.32
C LYS A 166 -6.69 -20.09 -48.81
N GLY A 167 -5.92 -19.08 -49.19
CA GLY A 167 -5.74 -18.85 -50.59
C GLY A 167 -6.90 -18.09 -51.21
N SER A 168 -7.75 -17.48 -50.39
CA SER A 168 -8.92 -16.79 -50.93
C SER A 168 -8.64 -15.31 -50.95
N SER A 169 -9.40 -14.58 -51.76
CA SER A 169 -9.35 -13.12 -51.71
C SER A 169 -9.44 -12.63 -50.27
N HIS A 170 -10.31 -13.24 -49.45
CA HIS A 170 -10.62 -12.66 -48.13
C HIS A 170 -9.47 -12.83 -47.17
N ALA A 171 -8.74 -13.92 -47.32
CA ALA A 171 -7.56 -14.12 -46.54
C ALA A 171 -6.61 -12.98 -46.90
N GLU A 172 -6.61 -12.60 -48.17
CA GLU A 172 -5.75 -11.52 -48.61
C GLU A 172 -6.29 -10.18 -48.14
N GLN A 173 -7.60 -10.02 -48.11
CA GLN A 173 -8.23 -8.83 -47.54
C GLN A 173 -7.83 -8.62 -46.06
N LEU A 174 -7.76 -9.71 -45.29
CA LEU A 174 -7.30 -9.70 -43.88
C LEU A 174 -5.79 -9.56 -43.73
N ALA A 175 -5.02 -10.22 -44.58
CA ALA A 175 -3.57 -10.09 -44.59
C ALA A 175 -3.08 -8.62 -44.53
N GLU A 176 -3.66 -7.79 -45.41
CA GLU A 176 -3.40 -6.35 -45.48
C GLU A 176 -3.90 -5.53 -44.33
N LEU A 177 -5.08 -5.88 -43.82
CA LEU A 177 -5.62 -5.25 -42.62
C LEU A 177 -4.67 -5.49 -41.43
N LYS A 178 -3.85 -6.54 -41.49
CA LYS A 178 -2.93 -6.87 -40.40
C LYS A 178 -1.70 -5.94 -40.35
N LYS A 179 -1.43 -5.26 -41.45
CA LYS A 179 -0.36 -4.27 -41.47
C LYS A 179 -0.81 -3.07 -40.65
N GLN A 180 -2.04 -2.65 -40.93
CA GLN A 180 -2.65 -1.55 -40.20
C GLN A 180 -2.89 -1.86 -38.73
N TYR A 181 -3.04 -3.14 -38.38
CA TYR A 181 -3.20 -3.47 -36.98
C TYR A 181 -2.49 -4.75 -36.67
N PRO A 182 -1.18 -4.68 -36.43
CA PRO A 182 -0.43 -5.94 -36.29
C PRO A 182 -0.95 -6.91 -35.19
N GLU A 183 -1.92 -6.50 -34.37
CA GLU A 183 -2.55 -7.41 -33.39
C GLU A 183 -3.69 -8.31 -33.94
N LEU A 184 -4.22 -7.98 -35.12
CA LEU A 184 -5.22 -8.84 -35.73
C LEU A 184 -4.60 -10.24 -35.93
N LYS A 185 -5.29 -11.28 -35.52
CA LYS A 185 -4.80 -12.61 -35.83
C LYS A 185 -5.90 -13.45 -36.44
N TYR A 186 -5.54 -14.31 -37.38
CA TYR A 186 -6.54 -15.13 -38.03
C TYR A 186 -5.97 -16.40 -38.61
N GLU A 187 -6.79 -17.43 -38.72
CA GLU A 187 -6.33 -18.67 -39.31
C GLU A 187 -6.98 -18.90 -40.67
N GLU A 188 -6.30 -19.65 -41.50
CA GLU A 188 -6.83 -19.96 -42.79
C GLU A 188 -6.58 -21.45 -43.03
N SER A 189 -7.44 -22.10 -43.78
CA SER A 189 -7.40 -23.54 -43.96
C SER A 189 -7.74 -23.97 -45.39
N ASP A 190 -7.07 -25.00 -45.90
CA ASP A 190 -7.48 -25.61 -47.18
C ASP A 190 -8.57 -26.71 -47.00
N ALA A 191 -8.85 -27.12 -45.77
CA ALA A 191 -9.72 -28.27 -45.60
C ALA A 191 -11.12 -27.79 -45.23
N VAL A 192 -11.40 -26.54 -45.53
CA VAL A 192 -12.73 -26.08 -45.30
C VAL A 192 -13.26 -25.26 -46.46
N GLU A 193 -14.58 -25.29 -46.60
CA GLU A 193 -15.28 -24.48 -47.56
C GLU A 193 -16.11 -23.49 -46.78
N VAL A 194 -16.75 -22.53 -47.45
CA VAL A 194 -17.55 -21.51 -46.75
C VAL A 194 -18.68 -22.09 -45.92
N VAL A 195 -19.31 -23.14 -46.40
CA VAL A 195 -20.33 -23.77 -45.59
C VAL A 195 -19.80 -24.19 -44.24
N ASP A 196 -18.56 -24.68 -44.16
CA ASP A 196 -17.93 -24.98 -42.87
C ASP A 196 -17.77 -23.75 -41.95
N LEU A 197 -17.34 -22.64 -42.55
CA LEU A 197 -17.08 -21.42 -41.79
C LEU A 197 -18.32 -20.92 -41.08
N LEU A 198 -19.44 -20.94 -41.80
CA LEU A 198 -20.70 -20.48 -41.21
C LEU A 198 -21.19 -21.39 -40.08
N ARG A 199 -21.07 -22.71 -40.26
CA ARG A 199 -21.42 -23.69 -39.21
C ARG A 199 -20.61 -23.38 -37.97
N MET A 200 -19.31 -23.19 -38.19
CA MET A 200 -18.38 -22.93 -37.11
C MET A 200 -18.74 -21.68 -36.27
N VAL A 201 -19.16 -20.60 -36.93
CA VAL A 201 -19.73 -19.41 -36.24
C VAL A 201 -21.08 -19.72 -35.56
N ASP A 202 -22.02 -20.23 -36.34
CA ASP A 202 -23.32 -20.67 -35.85
C ASP A 202 -23.14 -21.46 -34.55
N VAL A 203 -22.25 -22.43 -34.56
CA VAL A 203 -22.11 -23.28 -33.39
C VAL A 203 -21.08 -22.72 -32.41
N GLY A 204 -20.40 -21.63 -32.77
CA GLY A 204 -19.50 -20.98 -31.82
C GLY A 204 -18.10 -21.54 -31.63
N ASP A 205 -17.65 -22.36 -32.58
CA ASP A 205 -16.28 -22.87 -32.57
C ASP A 205 -15.30 -21.77 -33.00
N ILE A 206 -15.83 -20.73 -33.69
CA ILE A 206 -15.08 -19.51 -34.00
C ILE A 206 -16.00 -18.29 -33.90
N ASP A 207 -15.38 -17.16 -33.54
CA ASP A 207 -16.04 -15.88 -33.33
C ASP A 207 -16.47 -15.17 -34.61
N LEU A 208 -15.54 -15.06 -35.56
CA LEU A 208 -15.77 -14.32 -36.80
C LEU A 208 -15.31 -15.01 -38.08
N THR A 209 -15.96 -14.72 -39.18
CA THR A 209 -15.41 -15.09 -40.46
C THR A 209 -15.69 -13.99 -41.48
N LEU A 210 -15.11 -14.17 -42.67
CA LEU A 210 -15.22 -13.17 -43.70
C LEU A 210 -15.59 -13.81 -45.02
N VAL A 211 -16.78 -13.51 -45.54
CA VAL A 211 -17.28 -14.17 -46.77
C VAL A 211 -18.06 -13.25 -47.72
N ASP A 212 -18.15 -13.66 -48.99
CA ASP A 212 -18.93 -12.94 -50.01
C ASP A 212 -20.42 -13.02 -49.70
N SER A 213 -21.18 -11.94 -49.90
CA SER A 213 -22.55 -11.86 -49.41
C SER A 213 -23.45 -12.93 -49.99
N ASN A 214 -23.13 -13.37 -51.20
CA ASN A 214 -23.97 -14.36 -51.83
C ASN A 214 -23.94 -15.67 -51.06
N GLU A 215 -22.79 -15.99 -50.48
CA GLU A 215 -22.59 -17.27 -49.81
C GLU A 215 -23.45 -17.20 -48.60
N LEU A 216 -23.48 -16.03 -48.00
CA LEU A 216 -24.37 -15.79 -46.87
C LEU A 216 -25.87 -15.84 -47.23
N ALA A 217 -26.27 -15.24 -48.36
CA ALA A 217 -27.69 -15.20 -48.75
C ALA A 217 -28.28 -16.61 -48.94
N MET A 218 -27.51 -17.48 -49.57
CA MET A 218 -27.86 -18.88 -49.71
C MET A 218 -27.91 -19.66 -48.40
N ASN A 219 -27.06 -19.37 -47.43
CA ASN A 219 -26.95 -20.30 -46.32
C ASN A 219 -27.53 -19.77 -45.03
N GLN A 220 -27.66 -18.45 -44.94
CA GLN A 220 -28.09 -17.81 -43.70
C GLN A 220 -29.17 -18.58 -43.03
N VAL A 221 -30.13 -19.00 -43.84
CA VAL A 221 -31.29 -19.69 -43.35
C VAL A 221 -30.94 -21.02 -42.69
N TYR A 222 -29.82 -21.63 -43.03
CA TYR A 222 -29.50 -22.92 -42.40
C TYR A 222 -28.65 -22.73 -41.15
N PHE A 223 -28.36 -21.46 -40.87
CA PHE A 223 -27.62 -21.09 -39.71
C PHE A 223 -28.28 -19.95 -38.97
N PRO A 224 -29.18 -20.31 -38.04
CA PRO A 224 -30.05 -19.39 -37.31
C PRO A 224 -29.27 -18.39 -36.46
N ASN A 225 -28.12 -18.80 -35.96
CA ASN A 225 -27.40 -17.97 -34.99
C ASN A 225 -26.50 -16.94 -35.63
N VAL A 226 -26.26 -17.04 -36.94
CA VAL A 226 -25.29 -16.13 -37.50
C VAL A 226 -25.97 -14.86 -37.98
N ARG A 227 -25.17 -13.80 -38.00
CA ARG A 227 -25.63 -12.43 -38.25
C ARG A 227 -24.51 -11.70 -38.97
N VAL A 228 -24.87 -10.82 -39.91
CA VAL A 228 -23.89 -9.96 -40.53
C VAL A 228 -23.50 -8.86 -39.56
N ALA A 229 -22.21 -8.64 -39.34
CA ALA A 229 -21.83 -7.50 -38.50
C ALA A 229 -21.76 -6.22 -39.37
N PHE A 230 -20.90 -6.22 -40.39
CA PHE A 230 -20.84 -5.11 -41.33
C PHE A 230 -20.18 -5.44 -42.65
N ASP A 231 -20.49 -4.66 -43.68
CA ASP A 231 -19.80 -4.82 -44.94
C ASP A 231 -18.37 -4.35 -44.76
N PHE A 232 -17.46 -5.02 -45.44
CA PHE A 232 -16.05 -4.81 -45.30
C PHE A 232 -15.49 -4.82 -46.71
N GLY A 233 -15.41 -3.67 -47.36
CA GLY A 233 -14.90 -3.59 -48.73
C GLY A 233 -15.96 -3.09 -49.67
N GLU A 234 -15.56 -2.59 -50.84
CA GLU A 234 -16.55 -2.06 -51.77
C GLU A 234 -17.19 -3.21 -52.47
N ALA A 235 -18.43 -3.03 -52.92
CA ALA A 235 -19.07 -4.00 -53.81
C ALA A 235 -18.14 -4.34 -54.98
N ARG A 236 -18.22 -5.57 -55.46
CA ARG A 236 -17.41 -6.00 -56.59
C ARG A 236 -18.15 -7.10 -57.37
N GLY A 237 -17.61 -7.43 -58.54
CA GLY A 237 -18.28 -8.36 -59.43
C GLY A 237 -17.52 -9.65 -59.41
N LEU A 238 -18.25 -10.78 -59.46
CA LEU A 238 -17.63 -12.09 -59.63
C LEU A 238 -17.37 -12.39 -61.11
N ALA A 239 -16.43 -13.29 -61.42
CA ALA A 239 -16.11 -13.53 -62.82
C ALA A 239 -15.48 -14.87 -63.11
N TRP A 240 -15.58 -15.31 -64.36
CA TRP A 240 -14.88 -16.54 -64.72
C TRP A 240 -13.39 -16.34 -64.94
N ALA A 241 -12.63 -17.40 -64.66
CA ALA A 241 -11.19 -17.33 -64.77
C ALA A 241 -10.65 -18.26 -65.87
N LEU A 242 -9.86 -17.67 -66.78
CA LEU A 242 -9.18 -18.40 -67.85
C LEU A 242 -7.70 -18.19 -67.70
N PRO A 243 -6.91 -19.18 -68.12
CA PRO A 243 -5.47 -18.93 -68.13
C PRO A 243 -5.10 -17.89 -69.21
N GLY A 244 -4.04 -17.13 -68.96
CA GLY A 244 -3.50 -16.29 -70.00
C GLY A 244 -2.62 -17.22 -70.82
N GLY A 245 -2.60 -17.02 -72.14
CA GLY A 245 -3.37 -15.94 -72.70
C GLY A 245 -2.62 -15.25 -73.80
N ASP A 246 -2.94 -15.56 -75.04
CA ASP A 246 -2.32 -14.93 -76.21
C ASP A 246 -3.36 -15.09 -77.34
N ASP A 247 -4.18 -16.11 -77.18
CA ASP A 247 -5.34 -16.31 -78.05
C ASP A 247 -6.63 -15.87 -77.32
N ASP A 248 -7.35 -14.91 -77.89
CA ASP A 248 -8.57 -14.44 -77.25
C ASP A 248 -9.71 -15.26 -77.82
N SER A 249 -9.33 -16.38 -78.45
CA SER A 249 -10.29 -17.32 -79.00
C SER A 249 -11.36 -17.58 -77.97
N LEU A 250 -10.99 -18.26 -76.88
CA LEU A 250 -11.90 -18.69 -75.82
C LEU A 250 -12.49 -17.56 -74.98
N MET A 251 -11.66 -16.61 -74.57
CA MET A 251 -12.18 -15.54 -73.72
C MET A 251 -13.37 -14.77 -74.36
N ASN A 252 -13.28 -14.37 -75.63
CA ASN A 252 -14.27 -13.45 -76.21
C ASN A 252 -15.73 -13.91 -76.25
N GLU A 253 -15.94 -15.18 -76.56
CA GLU A 253 -17.27 -15.77 -76.50
C GLU A 253 -17.78 -15.86 -75.06
N VAL A 254 -16.95 -16.29 -74.11
CA VAL A 254 -17.42 -16.28 -72.72
C VAL A 254 -18.03 -14.92 -72.42
N ASN A 255 -17.31 -13.88 -72.84
CA ASN A 255 -17.68 -12.49 -72.61
C ASN A 255 -18.87 -12.09 -73.45
N ALA A 256 -19.03 -12.75 -74.59
CA ALA A 256 -20.19 -12.57 -75.44
C ALA A 256 -21.44 -13.21 -74.78
N PHE A 257 -21.22 -14.45 -74.30
CA PHE A 257 -22.18 -15.22 -73.54
C PHE A 257 -22.68 -14.46 -72.31
N LEU A 258 -21.76 -14.01 -71.46
CA LEU A 258 -22.22 -13.36 -70.25
C LEU A 258 -22.94 -12.07 -70.49
N ASP A 259 -22.53 -11.32 -71.50
CA ASP A 259 -23.15 -10.02 -71.76
C ASP A 259 -24.58 -10.20 -72.22
N GLN A 260 -24.78 -11.19 -73.11
CA GLN A 260 -26.11 -11.52 -73.64
C GLN A 260 -27.05 -12.14 -72.59
N ALA A 261 -26.47 -13.00 -71.75
CA ALA A 261 -27.21 -13.71 -70.70
C ALA A 261 -27.58 -12.78 -69.54
N LYS A 262 -27.02 -11.57 -69.53
CA LYS A 262 -27.39 -10.54 -68.56
C LYS A 262 -28.63 -9.76 -68.98
N LYS A 263 -28.85 -9.61 -70.27
CA LYS A 263 -29.93 -8.73 -70.70
C LYS A 263 -31.15 -9.56 -71.01
N GLU A 264 -30.96 -10.86 -71.00
CA GLU A 264 -31.95 -11.81 -71.47
C GLU A 264 -32.66 -12.40 -70.25
N GLY A 265 -32.21 -11.92 -69.09
CA GLY A 265 -32.75 -12.27 -67.79
C GLY A 265 -32.10 -13.50 -67.15
N LEU A 266 -31.29 -14.23 -67.91
CA LEU A 266 -30.72 -15.49 -67.41
C LEU A 266 -29.98 -15.35 -66.08
N LEU A 267 -29.17 -14.32 -65.91
CA LEU A 267 -28.48 -14.17 -64.64
C LEU A 267 -29.42 -13.93 -63.48
N GLN A 268 -30.34 -12.99 -63.64
CA GLN A 268 -31.29 -12.69 -62.58
C GLN A 268 -32.22 -13.86 -62.32
N ARG A 269 -32.54 -14.62 -63.37
CA ARG A 269 -33.32 -15.84 -63.20
C ARG A 269 -32.61 -16.83 -62.29
N LEU A 270 -31.35 -17.14 -62.58
CA LEU A 270 -30.56 -18.07 -61.77
C LEU A 270 -30.49 -17.62 -60.33
N LYS A 271 -30.16 -16.34 -60.17
CA LYS A 271 -29.97 -15.71 -58.87
C LYS A 271 -31.20 -15.89 -58.00
N ASP A 272 -32.38 -15.97 -58.62
CA ASP A 272 -33.58 -16.08 -57.84
C ASP A 272 -33.82 -17.56 -57.60
N ARG A 273 -33.47 -18.38 -58.59
CA ARG A 273 -33.50 -19.83 -58.48
C ARG A 273 -32.74 -20.38 -57.28
N TYR A 274 -31.56 -19.84 -57.06
CA TYR A 274 -30.75 -20.31 -55.96
C TYR A 274 -30.86 -19.39 -54.76
N TYR A 275 -30.35 -18.16 -54.94
N TYR A 275 -30.29 -18.20 -54.92
CA TYR A 275 -30.17 -17.22 -53.84
CA TYR A 275 -30.13 -17.25 -53.82
C TYR A 275 -31.45 -16.47 -53.50
C TYR A 275 -31.44 -16.51 -53.50
N GLY A 276 -32.08 -16.88 -52.40
CA GLY A 276 -31.59 -17.96 -51.54
C GLY A 276 -32.85 -18.31 -50.79
N HIS A 277 -33.02 -19.57 -50.39
CA HIS A 277 -34.33 -20.00 -49.87
C HIS A 277 -34.42 -21.40 -49.26
N VAL A 278 -35.42 -21.54 -48.40
CA VAL A 278 -35.55 -22.61 -47.43
C VAL A 278 -36.38 -23.76 -47.98
N ASP A 279 -35.94 -24.45 -49.03
CA ASP A 279 -36.69 -25.65 -49.36
C ASP A 279 -36.35 -26.77 -48.38
N VAL A 280 -37.42 -27.45 -47.93
CA VAL A 280 -37.46 -28.50 -46.89
C VAL A 280 -38.19 -27.99 -45.63
N LEU A 281 -37.48 -27.14 -44.91
CA LEU A 281 -37.61 -27.01 -43.47
C LEU A 281 -39.05 -26.56 -43.07
N GLY A 282 -39.54 -26.99 -41.90
CA GLY A 282 -40.59 -26.24 -41.24
C GLY A 282 -41.54 -27.13 -40.49
N TYR A 283 -41.23 -27.54 -39.26
CA TYR A 283 -42.32 -28.18 -38.52
C TYR A 283 -43.32 -27.14 -38.05
N VAL A 284 -44.56 -27.36 -38.45
CA VAL A 284 -45.66 -26.49 -38.10
C VAL A 284 -46.13 -26.75 -36.66
N GLY A 285 -46.86 -25.80 -36.11
CA GLY A 285 -47.59 -26.04 -34.88
C GLY A 285 -48.28 -27.37 -34.80
N ALA A 286 -48.45 -27.91 -33.61
CA ALA A 286 -49.31 -29.07 -33.47
C ALA A 286 -50.69 -28.46 -33.75
N TYR A 287 -50.82 -27.16 -33.43
CA TYR A 287 -52.02 -26.38 -33.72
C TYR A 287 -52.42 -26.41 -35.19
N THR A 288 -51.45 -26.08 -36.04
CA THR A 288 -51.70 -25.91 -37.45
C THR A 288 -52.03 -27.24 -38.09
N PHE A 289 -51.38 -28.29 -37.61
CA PHE A 289 -51.53 -29.62 -38.20
C PHE A 289 -52.98 -30.09 -37.90
N ALA A 290 -53.43 -29.83 -36.69
CA ALA A 290 -54.77 -30.21 -36.26
C ALA A 290 -55.78 -29.46 -37.14
N GLN A 291 -55.65 -28.15 -37.24
CA GLN A 291 -56.33 -27.39 -38.28
C GLN A 291 -56.46 -28.04 -39.66
N HIS A 292 -55.32 -28.27 -40.29
CA HIS A 292 -55.26 -28.90 -41.60
C HIS A 292 -55.80 -30.33 -41.64
N LEU A 293 -55.73 -31.04 -40.52
CA LEU A 293 -56.41 -32.32 -40.46
C LEU A 293 -57.89 -32.16 -40.81
N GLN A 294 -58.49 -31.07 -40.38
CA GLN A 294 -59.91 -30.89 -40.63
C GLN A 294 -60.21 -30.17 -41.95
N GLN A 295 -59.37 -29.17 -42.28
CA GLN A 295 -59.56 -28.35 -43.48
C GLN A 295 -59.07 -29.03 -44.78
N ARG A 296 -57.98 -29.80 -44.71
CA ARG A 296 -57.33 -30.32 -45.91
C ARG A 296 -57.41 -31.83 -46.07
N LEU A 297 -56.87 -32.60 -45.11
CA LEU A 297 -56.76 -34.05 -45.25
C LEU A 297 -58.04 -34.74 -45.75
N PRO A 298 -59.25 -34.22 -45.41
CA PRO A 298 -60.48 -34.89 -45.86
C PRO A 298 -60.62 -34.93 -47.36
N ARG A 299 -60.06 -33.97 -48.04
CA ARG A 299 -60.08 -34.02 -49.49
C ARG A 299 -59.23 -35.18 -50.08
N TYR A 300 -58.18 -35.63 -49.40
CA TYR A 300 -57.12 -36.44 -50.07
C TYR A 300 -56.90 -37.82 -49.47
N GLU A 301 -57.49 -37.96 -48.30
CA GLU A 301 -57.39 -39.13 -47.47
C GLU A 301 -57.84 -40.30 -48.31
N SER A 302 -58.85 -40.04 -49.13
CA SER A 302 -59.31 -41.06 -50.01
C SER A 302 -58.19 -41.52 -50.91
N HIS A 303 -57.45 -40.58 -51.50
CA HIS A 303 -56.40 -40.96 -52.43
C HIS A 303 -55.22 -41.55 -51.73
N PHE A 304 -54.88 -41.00 -50.57
CA PHE A 304 -53.76 -41.57 -49.83
C PHE A 304 -54.10 -43.05 -49.46
N LYS A 305 -55.36 -43.29 -49.13
CA LYS A 305 -55.74 -44.63 -48.70
C LYS A 305 -55.60 -45.68 -49.78
N GLN A 306 -56.06 -45.35 -50.97
CA GLN A 306 -56.08 -46.25 -52.11
C GLN A 306 -54.68 -46.52 -52.63
N SER A 307 -53.84 -45.49 -52.66
CA SER A 307 -52.45 -45.66 -53.06
C SER A 307 -51.76 -46.51 -52.01
N GLY A 308 -52.11 -46.23 -50.77
CA GLY A 308 -51.66 -47.09 -49.70
C GLY A 308 -51.97 -48.56 -49.92
N LYS A 309 -53.24 -48.83 -50.22
CA LYS A 309 -53.68 -50.21 -50.49
C LYS A 309 -52.96 -50.78 -51.71
N GLN A 310 -52.99 -50.03 -52.79
CA GLN A 310 -52.47 -50.42 -54.09
C GLN A 310 -51.04 -50.86 -53.99
N LYS A 311 -50.34 -50.26 -53.04
CA LYS A 311 -48.93 -50.52 -52.97
C LYS A 311 -48.52 -51.14 -51.69
N ASP A 312 -49.46 -51.71 -50.97
CA ASP A 312 -49.13 -52.41 -49.75
C ASP A 312 -48.25 -51.59 -48.75
N THR A 313 -48.70 -50.42 -48.35
CA THR A 313 -47.91 -49.56 -47.48
C THR A 313 -48.87 -48.70 -46.67
N ASP A 314 -48.43 -48.28 -45.49
CA ASP A 314 -49.27 -47.56 -44.55
C ASP A 314 -49.71 -46.18 -45.15
N TRP A 315 -51.02 -45.95 -45.32
CA TRP A 315 -51.47 -44.70 -45.99
C TRP A 315 -51.09 -43.45 -45.24
N ARG A 316 -50.88 -43.58 -43.94
CA ARG A 316 -50.65 -42.42 -43.13
C ARG A 316 -49.26 -41.85 -43.33
N LEU A 317 -48.27 -42.71 -43.63
CA LEU A 317 -46.89 -42.28 -43.97
C LEU A 317 -46.87 -41.59 -45.33
N LEU A 318 -47.60 -42.17 -46.29
CA LEU A 318 -47.74 -41.51 -47.57
C LEU A 318 -48.34 -40.12 -47.31
N ALA A 319 -49.36 -40.06 -46.48
CA ALA A 319 -49.99 -38.77 -46.17
C ALA A 319 -49.03 -37.80 -45.44
N ALA A 320 -48.14 -38.34 -44.60
CA ALA A 320 -47.14 -37.52 -43.92
C ALA A 320 -46.12 -36.94 -44.88
N ILE A 321 -45.62 -37.77 -45.79
CA ILE A 321 -44.70 -37.29 -46.82
C ILE A 321 -45.27 -36.07 -47.53
N GLY A 322 -46.50 -36.21 -47.99
CA GLY A 322 -47.24 -35.11 -48.61
C GLY A 322 -47.41 -33.89 -47.73
N TYR A 323 -47.58 -34.07 -46.42
CA TYR A 323 -47.80 -32.89 -45.55
C TYR A 323 -46.50 -32.05 -45.43
N GLN A 324 -45.42 -32.74 -45.06
CA GLN A 324 -44.10 -32.18 -45.10
C GLN A 324 -43.79 -31.67 -46.48
N GLU A 325 -44.33 -32.33 -47.48
CA GLU A 325 -44.03 -31.91 -48.83
C GLU A 325 -44.61 -30.59 -49.21
N SER A 326 -45.94 -30.48 -49.14
CA SER A 326 -46.65 -29.31 -49.65
C SER A 326 -47.75 -28.80 -48.70
N LEU A 327 -47.82 -29.38 -47.50
CA LEU A 327 -48.92 -29.09 -46.59
C LEU A 327 -50.35 -29.41 -47.15
N TRP A 328 -50.42 -30.49 -47.93
CA TRP A 328 -51.65 -30.99 -48.57
C TRP A 328 -52.21 -29.89 -49.50
N GLN A 329 -51.32 -29.35 -50.32
CA GLN A 329 -51.74 -28.36 -51.29
C GLN A 329 -51.46 -28.75 -52.73
N PRO A 330 -52.51 -29.15 -53.48
CA PRO A 330 -52.22 -29.73 -54.78
C PRO A 330 -51.68 -28.72 -55.79
N GLY A 331 -51.80 -27.43 -55.52
CA GLY A 331 -51.16 -26.50 -56.42
C GLY A 331 -49.81 -26.01 -55.94
N ALA A 332 -49.25 -26.53 -54.87
CA ALA A 332 -47.99 -25.99 -54.40
C ALA A 332 -46.82 -26.20 -55.38
N THR A 333 -45.89 -25.25 -55.39
CA THR A 333 -44.79 -25.29 -56.32
C THR A 333 -43.57 -24.55 -55.75
N SER A 334 -42.39 -24.78 -56.34
CA SER A 334 -41.14 -24.19 -55.90
C SER A 334 -40.36 -23.74 -57.11
N LYS A 335 -39.52 -22.73 -56.93
CA LYS A 335 -38.56 -22.33 -57.95
C LYS A 335 -37.55 -23.45 -58.27
N THR A 336 -37.47 -24.44 -57.38
CA THR A 336 -36.64 -25.60 -57.64
C THR A 336 -37.18 -26.53 -58.71
N GLY A 337 -38.43 -26.32 -59.11
CA GLY A 337 -39.01 -27.10 -60.20
C GLY A 337 -39.78 -28.35 -59.81
N VAL A 338 -40.13 -28.45 -58.53
CA VAL A 338 -41.04 -29.48 -58.08
C VAL A 338 -42.47 -28.93 -57.98
N ARG A 339 -43.48 -29.79 -58.01
CA ARG A 339 -44.81 -29.23 -58.05
C ARG A 339 -45.91 -30.19 -57.70
N GLY A 340 -46.92 -29.65 -57.06
CA GLY A 340 -48.10 -30.43 -56.74
C GLY A 340 -48.05 -30.98 -55.32
N LEU A 341 -49.06 -31.75 -54.96
CA LEU A 341 -49.18 -32.19 -53.60
C LEU A 341 -47.95 -32.98 -53.12
N MET A 342 -47.34 -33.83 -53.96
CA MET A 342 -46.14 -34.59 -53.52
C MET A 342 -44.80 -34.05 -53.99
N MET A 343 -44.82 -32.82 -54.47
CA MET A 343 -43.65 -32.03 -54.91
C MET A 343 -42.63 -32.85 -55.71
N LEU A 344 -43.15 -33.45 -56.78
CA LEU A 344 -42.43 -34.26 -57.72
C LEU A 344 -41.80 -33.38 -58.76
N THR A 345 -40.60 -33.75 -59.22
CA THR A 345 -40.04 -33.17 -60.44
C THR A 345 -40.69 -33.68 -61.71
N ASN A 346 -40.60 -32.87 -62.76
CA ASN A 346 -41.03 -33.27 -64.08
C ASN A 346 -40.54 -34.58 -64.64
N ARG A 347 -39.23 -34.83 -64.56
CA ARG A 347 -38.71 -36.07 -65.05
C ARG A 347 -39.34 -37.17 -64.14
N THR A 348 -39.37 -36.93 -62.83
CA THR A 348 -39.84 -37.96 -61.90
C THR A 348 -41.33 -38.22 -62.09
N ALA A 349 -42.11 -37.17 -62.34
CA ALA A 349 -43.55 -37.34 -62.56
C ALA A 349 -43.86 -38.21 -63.77
N GLN A 350 -43.22 -37.90 -64.90
CA GLN A 350 -43.37 -38.68 -66.11
C GLN A 350 -42.99 -40.14 -65.88
N ALA A 351 -41.88 -40.32 -65.17
CA ALA A 351 -41.40 -41.64 -64.82
C ALA A 351 -42.39 -42.45 -63.95
N MET A 352 -43.28 -41.77 -63.24
CA MET A 352 -44.24 -42.48 -62.41
C MET A 352 -45.63 -42.53 -63.04
N GLY A 353 -45.77 -42.01 -64.24
CA GLY A 353 -47.05 -42.08 -64.93
C GLY A 353 -47.97 -40.90 -64.67
N VAL A 354 -47.41 -39.83 -64.10
CA VAL A 354 -48.16 -38.65 -63.73
C VAL A 354 -48.13 -37.75 -64.93
N SER A 355 -49.28 -37.49 -65.50
CA SER A 355 -49.34 -36.75 -66.75
C SER A 355 -49.81 -35.32 -66.46
N ASN A 356 -50.26 -35.11 -65.22
CA ASN A 356 -50.65 -33.81 -64.71
C ASN A 356 -50.19 -33.58 -63.25
N ARG A 357 -49.08 -32.85 -63.05
CA ARG A 357 -48.59 -32.74 -61.70
C ARG A 357 -49.53 -32.11 -60.71
N LEU A 358 -50.46 -31.33 -61.21
CA LEU A 358 -51.38 -30.61 -60.31
C LEU A 358 -52.63 -31.38 -59.89
N ASP A 359 -52.89 -32.53 -60.51
CA ASP A 359 -54.01 -33.40 -60.10
C ASP A 359 -53.67 -34.17 -58.83
N PRO A 360 -54.42 -33.86 -57.75
CA PRO A 360 -54.05 -34.40 -56.44
C PRO A 360 -53.94 -35.91 -56.47
N LYS A 361 -54.90 -36.56 -57.12
CA LYS A 361 -54.91 -38.02 -57.16
C LYS A 361 -53.65 -38.51 -57.86
N GLN A 362 -53.32 -37.92 -59.00
CA GLN A 362 -52.14 -38.40 -59.70
C GLN A 362 -50.88 -38.16 -58.93
N SER A 363 -50.73 -36.97 -58.39
CA SER A 363 -49.48 -36.64 -57.72
C SER A 363 -49.35 -37.58 -56.48
N ILE A 364 -50.44 -37.78 -55.75
CA ILE A 364 -50.41 -38.70 -54.62
C ILE A 364 -50.03 -40.13 -54.97
N GLN A 365 -50.59 -40.65 -56.06
CA GLN A 365 -50.25 -41.99 -56.56
C GLN A 365 -48.80 -42.09 -57.03
N GLY A 366 -48.34 -41.08 -57.77
CA GLY A 366 -47.00 -41.08 -58.32
C GLY A 366 -45.96 -40.87 -57.22
N GLY A 367 -46.26 -40.01 -56.25
CA GLY A 367 -45.33 -39.78 -55.15
C GLY A 367 -45.21 -41.01 -54.26
N SER A 368 -46.34 -41.70 -54.06
CA SER A 368 -46.37 -42.92 -53.25
C SER A 368 -45.58 -44.02 -53.93
N LYS A 369 -45.79 -44.13 -55.25
CA LYS A 369 -45.04 -45.05 -56.11
C LYS A 369 -43.53 -44.76 -56.00
N TYR A 370 -43.14 -43.49 -56.12
CA TYR A 370 -41.73 -43.14 -56.01
C TYR A 370 -41.19 -43.56 -54.65
N PHE A 371 -41.92 -43.27 -53.59
CA PHE A 371 -41.37 -43.58 -52.27
C PHE A 371 -41.18 -45.09 -52.07
N VAL A 372 -42.18 -45.88 -52.46
CA VAL A 372 -42.12 -47.32 -52.24
C VAL A 372 -41.00 -47.97 -53.04
N GLN A 373 -40.80 -47.54 -54.29
CA GLN A 373 -39.70 -48.07 -55.08
C GLN A 373 -38.36 -47.73 -54.42
N ILE A 374 -38.18 -46.50 -53.96
CA ILE A 374 -36.93 -46.15 -53.36
C ILE A 374 -36.69 -47.08 -52.18
N ARG A 375 -37.75 -47.32 -51.43
CA ARG A 375 -37.68 -48.19 -50.27
C ARG A 375 -37.45 -49.62 -50.70
N SER A 376 -37.95 -49.98 -51.87
CA SER A 376 -37.76 -51.32 -52.44
C SER A 376 -36.31 -51.57 -52.91
N GLU A 377 -35.63 -50.51 -53.34
CA GLU A 377 -34.30 -50.61 -53.90
C GLU A 377 -33.12 -50.54 -52.89
N LEU A 378 -33.38 -50.17 -51.64
CA LEU A 378 -32.33 -50.21 -50.62
C LEU A 378 -31.78 -51.61 -50.42
N PRO A 379 -30.50 -51.70 -50.01
CA PRO A 379 -29.82 -52.96 -49.66
C PRO A 379 -30.70 -53.90 -48.80
N GLU A 380 -30.77 -55.19 -49.09
CA GLU A 380 -31.67 -56.08 -48.29
C GLU A 380 -31.25 -56.14 -46.81
N SER A 381 -29.99 -55.83 -46.55
CA SER A 381 -29.45 -55.86 -45.22
C SER A 381 -30.11 -54.88 -44.25
N ILE A 382 -30.86 -53.90 -44.78
CA ILE A 382 -31.61 -52.90 -43.95
C ILE A 382 -33.03 -53.35 -43.65
N LYS A 383 -33.37 -53.57 -42.38
CA LYS A 383 -34.68 -54.14 -42.11
C LYS A 383 -35.66 -53.08 -41.64
N GLU A 384 -36.94 -53.42 -41.66
CA GLU A 384 -37.92 -52.51 -41.10
C GLU A 384 -37.78 -52.48 -39.54
N PRO A 385 -38.14 -51.36 -38.92
CA PRO A 385 -38.69 -50.17 -39.57
C PRO A 385 -37.64 -49.20 -40.12
N ASP A 386 -36.37 -49.39 -39.78
CA ASP A 386 -35.34 -48.45 -40.19
C ASP A 386 -35.41 -48.26 -41.69
N ARG A 387 -35.76 -49.34 -42.36
CA ARG A 387 -35.79 -49.35 -43.80
C ARG A 387 -36.69 -48.20 -44.31
N SER A 388 -37.82 -48.02 -43.66
CA SER A 388 -38.70 -46.94 -44.06
C SER A 388 -38.04 -45.60 -43.85
N TRP A 389 -37.29 -45.45 -42.75
CA TRP A 389 -36.63 -44.18 -42.46
C TRP A 389 -35.55 -43.89 -43.50
N PHE A 390 -34.78 -44.92 -43.88
CA PHE A 390 -33.74 -44.76 -44.91
C PHE A 390 -34.34 -44.30 -46.20
N ALA A 391 -35.51 -44.81 -46.51
CA ALA A 391 -36.17 -44.43 -47.73
C ALA A 391 -36.60 -42.94 -47.64
N LEU A 392 -37.15 -42.50 -46.51
CA LEU A 392 -37.44 -41.07 -46.36
C LEU A 392 -36.14 -40.25 -46.51
N ALA A 393 -35.05 -40.79 -45.99
CA ALA A 393 -33.76 -40.15 -46.07
C ALA A 393 -33.38 -40.11 -47.53
N ALA A 394 -33.58 -41.23 -48.22
CA ALA A 394 -33.22 -41.30 -49.63
C ALA A 394 -34.15 -40.46 -50.48
N TYR A 395 -35.46 -40.46 -50.19
CA TYR A 395 -36.41 -39.62 -50.93
C TYR A 395 -35.95 -38.16 -51.06
N ASN A 396 -35.27 -37.68 -50.04
CA ASN A 396 -34.87 -36.29 -49.98
C ASN A 396 -33.51 -36.01 -50.56
N ILE A 397 -32.54 -36.83 -50.16
CA ILE A 397 -31.14 -36.56 -50.43
C ILE A 397 -30.59 -37.37 -51.59
N GLY A 398 -31.38 -38.33 -52.05
CA GLY A 398 -30.95 -39.20 -53.11
C GLY A 398 -30.14 -40.36 -52.55
N GLY A 399 -30.37 -41.55 -53.11
CA GLY A 399 -29.74 -42.82 -52.72
C GLY A 399 -28.24 -42.82 -52.83
N ALA A 400 -27.70 -41.97 -53.71
CA ALA A 400 -26.27 -41.92 -53.97
C ALA A 400 -25.53 -41.48 -52.71
N HIS A 401 -25.91 -40.28 -52.29
CA HIS A 401 -25.52 -39.64 -51.04
C HIS A 401 -25.81 -40.46 -49.80
N LEU A 402 -26.99 -41.08 -49.75
CA LEU A 402 -27.35 -41.91 -48.60
C LEU A 402 -26.33 -43.05 -48.49
N GLU A 403 -25.87 -43.51 -49.65
CA GLU A 403 -24.87 -44.57 -49.74
C GLU A 403 -23.52 -44.13 -49.17
N ASP A 404 -23.09 -42.93 -49.53
CA ASP A 404 -21.91 -42.39 -48.96
C ASP A 404 -22.05 -42.43 -47.45
N ALA A 405 -23.24 -42.07 -46.97
CA ALA A 405 -23.45 -41.96 -45.52
C ALA A 405 -23.24 -43.29 -44.87
N ARG A 406 -23.72 -44.35 -45.50
CA ARG A 406 -23.59 -45.69 -44.91
C ARG A 406 -22.15 -46.20 -44.93
N LYS A 407 -21.42 -45.91 -46.01
CA LYS A 407 -20.03 -46.31 -46.06
C LYS A 407 -19.33 -45.59 -44.96
N MET A 408 -19.54 -44.28 -44.89
CA MET A 408 -18.94 -43.43 -43.85
C MET A 408 -19.31 -43.97 -42.47
N ALA A 409 -20.56 -44.43 -42.35
CA ALA A 409 -21.07 -45.01 -41.10
C ALA A 409 -20.31 -46.28 -40.68
N GLU A 410 -20.10 -47.15 -41.66
CA GLU A 410 -19.36 -48.40 -41.50
C GLU A 410 -17.96 -48.13 -41.03
N LYS A 411 -17.22 -47.34 -41.81
CA LYS A 411 -15.85 -46.97 -41.49
C LYS A 411 -15.73 -46.39 -40.11
N GLU A 412 -16.81 -45.83 -39.60
CA GLU A 412 -16.77 -45.24 -38.27
C GLU A 412 -17.05 -46.31 -37.19
N GLY A 413 -17.15 -47.56 -37.59
CA GLY A 413 -17.51 -48.66 -36.70
C GLY A 413 -18.97 -48.67 -36.26
N LEU A 414 -19.81 -47.94 -36.98
CA LEU A 414 -21.24 -47.94 -36.72
C LEU A 414 -22.00 -48.89 -37.63
N ASN A 415 -23.27 -49.01 -37.35
CA ASN A 415 -24.12 -49.91 -38.11
C ASN A 415 -24.76 -49.24 -39.35
N PRO A 416 -24.34 -49.69 -40.52
CA PRO A 416 -24.83 -49.07 -41.75
C PRO A 416 -26.28 -49.42 -41.97
N ASN A 417 -26.80 -50.25 -41.09
CA ASN A 417 -28.18 -50.64 -41.18
C ASN A 417 -29.05 -50.06 -40.10
N LYS A 418 -28.52 -49.19 -39.26
CA LYS A 418 -29.38 -48.62 -38.23
C LYS A 418 -29.59 -47.14 -38.40
N TRP A 419 -30.86 -46.75 -38.56
CA TRP A 419 -31.17 -45.35 -38.91
C TRP A 419 -30.61 -44.44 -37.84
N LEU A 420 -30.61 -44.88 -36.57
CA LEU A 420 -30.01 -44.07 -35.50
C LEU A 420 -28.53 -43.77 -35.75
N ASP A 421 -27.82 -44.62 -36.50
CA ASP A 421 -26.40 -44.39 -36.77
C ASP A 421 -26.08 -43.53 -38.01
N VAL A 422 -26.72 -43.89 -39.12
CA VAL A 422 -26.44 -43.28 -40.41
C VAL A 422 -26.87 -41.83 -40.33
N LYS A 423 -27.90 -41.65 -39.51
CA LYS A 423 -28.51 -40.37 -39.22
C LYS A 423 -27.50 -39.45 -38.57
N LYS A 424 -26.54 -40.03 -37.87
CA LYS A 424 -25.49 -39.27 -37.24
C LYS A 424 -24.47 -38.89 -38.29
N MET A 425 -24.36 -39.69 -39.35
CA MET A 425 -23.38 -39.39 -40.39
C MET A 425 -23.86 -38.37 -41.42
N LEU A 426 -25.18 -38.31 -41.71
CA LEU A 426 -25.74 -37.47 -42.80
C LEU A 426 -25.31 -35.99 -42.74
N PRO A 427 -25.26 -35.37 -41.53
CA PRO A 427 -24.79 -33.99 -41.33
C PRO A 427 -23.32 -33.80 -41.61
N ARG A 428 -22.55 -34.88 -41.72
CA ARG A 428 -21.14 -34.71 -41.95
C ARG A 428 -20.91 -34.36 -43.44
N LEU A 429 -21.87 -34.70 -44.27
CA LEU A 429 -21.77 -34.50 -45.70
C LEU A 429 -21.75 -33.06 -46.09
N ALA A 430 -21.97 -32.17 -45.13
CA ALA A 430 -21.90 -30.74 -45.37
C ALA A 430 -20.63 -30.18 -44.76
N GLN A 431 -19.75 -31.11 -44.36
CA GLN A 431 -18.43 -30.74 -43.82
C GLN A 431 -17.31 -31.30 -44.72
N LYS A 432 -16.58 -30.37 -45.34
CA LYS A 432 -15.59 -30.73 -46.36
C LYS A 432 -14.56 -31.73 -45.88
N GLN A 433 -14.05 -31.57 -44.66
CA GLN A 433 -13.10 -32.51 -44.13
C GLN A 433 -13.66 -33.88 -44.30
N TRP A 434 -15.00 -33.98 -44.28
CA TRP A 434 -15.62 -35.29 -44.43
C TRP A 434 -16.11 -35.60 -45.86
N TYR A 435 -16.84 -34.66 -46.47
CA TYR A 435 -17.49 -34.99 -47.74
C TYR A 435 -16.48 -35.03 -48.87
N ALA A 436 -15.34 -34.39 -48.63
CA ALA A 436 -14.29 -34.38 -49.63
C ALA A 436 -13.79 -35.81 -49.80
N LYS A 437 -13.94 -36.60 -48.74
CA LYS A 437 -13.55 -37.99 -48.79
C LYS A 437 -14.62 -38.90 -49.30
N THR A 438 -15.76 -38.37 -49.72
CA THR A 438 -16.81 -39.25 -50.23
C THR A 438 -16.86 -39.19 -51.76
N ARG A 439 -17.54 -40.16 -52.36
CA ARG A 439 -17.56 -40.26 -53.81
C ARG A 439 -18.31 -39.13 -54.46
N TYR A 440 -19.44 -38.74 -53.84
CA TYR A 440 -20.35 -37.81 -54.47
C TYR A 440 -20.31 -36.43 -53.86
N GLY A 441 -19.52 -36.30 -52.82
CA GLY A 441 -19.16 -35.00 -52.34
C GLY A 441 -20.25 -34.33 -51.55
N TYR A 442 -20.28 -33.00 -51.59
CA TYR A 442 -21.14 -32.27 -50.68
C TYR A 442 -22.65 -32.58 -50.77
N ALA A 443 -23.31 -32.65 -49.61
CA ALA A 443 -24.76 -32.69 -49.53
C ALA A 443 -25.22 -32.04 -48.24
N ARG A 444 -26.37 -31.38 -48.28
CA ARG A 444 -26.86 -30.68 -47.10
C ARG A 444 -27.55 -31.68 -46.15
N GLY A 445 -26.78 -32.61 -45.63
CA GLY A 445 -27.35 -33.73 -44.90
C GLY A 445 -28.11 -33.37 -43.64
N GLY A 446 -27.90 -32.16 -43.13
CA GLY A 446 -28.60 -31.82 -41.93
C GLY A 446 -30.08 -31.62 -42.30
N GLU A 447 -30.33 -31.15 -43.52
CA GLU A 447 -31.69 -30.89 -43.93
C GLU A 447 -32.41 -32.20 -44.27
N THR A 448 -31.65 -33.23 -44.67
CA THR A 448 -32.21 -34.57 -44.82
C THR A 448 -32.75 -35.12 -43.51
N VAL A 449 -31.98 -34.91 -42.46
CA VAL A 449 -32.37 -35.36 -41.15
C VAL A 449 -33.64 -34.70 -40.69
N HIS A 450 -33.75 -33.38 -40.92
CA HIS A 450 -34.96 -32.66 -40.57
C HIS A 450 -36.06 -33.21 -41.39
N PHE A 451 -35.78 -33.52 -42.64
CA PHE A 451 -36.84 -34.03 -43.47
C PHE A 451 -37.42 -35.30 -42.87
N VAL A 452 -36.54 -36.28 -42.64
CA VAL A 452 -37.02 -37.55 -42.12
C VAL A 452 -37.70 -37.37 -40.79
N GLN A 453 -37.12 -36.58 -39.89
N GLN A 453 -37.06 -36.67 -39.88
CA GLN A 453 -37.66 -36.52 -38.54
CA GLN A 453 -37.64 -36.43 -38.59
C GLN A 453 -38.88 -35.55 -38.40
C GLN A 453 -39.05 -35.89 -38.74
N ASN A 454 -39.15 -34.76 -39.43
CA ASN A 454 -40.43 -34.06 -39.52
C ASN A 454 -41.47 -35.00 -40.04
N VAL A 455 -41.10 -35.76 -41.06
CA VAL A 455 -42.08 -36.63 -41.67
C VAL A 455 -42.54 -37.67 -40.67
N ARG A 456 -41.63 -38.16 -39.85
CA ARG A 456 -42.01 -39.16 -38.88
C ARG A 456 -42.91 -38.60 -37.82
N ARG A 457 -42.70 -37.34 -37.51
CA ARG A 457 -43.47 -36.69 -36.47
C ARG A 457 -44.95 -36.54 -36.86
N TYR A 458 -45.20 -36.12 -38.10
CA TYR A 458 -46.55 -36.00 -38.61
C TYR A 458 -47.22 -37.37 -38.67
N TYR A 459 -46.39 -38.37 -38.98
CA TYR A 459 -46.78 -39.78 -39.06
C TYR A 459 -47.22 -40.24 -37.65
N ASP A 460 -46.49 -39.84 -36.62
CA ASP A 460 -46.92 -40.22 -35.26
C ASP A 460 -48.24 -39.60 -34.84
N ILE A 461 -48.40 -38.29 -35.07
CA ILE A 461 -49.67 -37.65 -34.76
C ILE A 461 -50.73 -38.33 -35.55
N LEU A 462 -50.55 -38.54 -36.84
CA LEU A 462 -51.58 -39.20 -37.60
C LEU A 462 -51.98 -40.57 -37.04
N THR A 463 -50.99 -41.39 -36.68
CA THR A 463 -51.29 -42.69 -36.12
C THR A 463 -52.10 -42.53 -34.89
N TRP A 464 -51.68 -41.62 -34.01
CA TRP A 464 -52.38 -41.40 -32.75
C TRP A 464 -53.82 -40.97 -33.02
N VAL A 465 -54.07 -40.20 -34.06
CA VAL A 465 -55.45 -39.86 -34.24
C VAL A 465 -56.16 -40.84 -35.16
N THR A 466 -55.53 -41.91 -35.65
CA THR A 466 -56.23 -42.77 -36.63
C THR A 466 -55.97 -44.25 -36.53
N GLN A 467 -56.20 -44.86 -35.37
CA GLN A 467 -56.93 -44.31 -34.29
C GLN A 467 -56.50 -45.32 -33.18
N PRO A 468 -57.03 -46.58 -33.18
CA PRO A 468 -57.89 -47.34 -34.10
C PRO A 468 -59.36 -47.44 -33.61
N GLU B 51 -10.44 -10.66 -15.87
CA GLU B 51 -11.68 -11.37 -15.58
C GLU B 51 -12.93 -10.50 -15.46
N GLY B 52 -14.09 -11.12 -15.72
CA GLY B 52 -15.39 -10.48 -15.51
C GLY B 52 -15.88 -10.71 -14.10
N VAL B 53 -15.03 -10.32 -13.16
CA VAL B 53 -15.22 -10.53 -11.73
C VAL B 53 -14.67 -9.34 -10.96
N LEU B 54 -15.50 -8.54 -10.33
CA LEU B 54 -15.00 -7.45 -9.48
C LEU B 54 -14.60 -7.85 -8.07
N ARG B 55 -13.32 -7.73 -7.71
CA ARG B 55 -12.97 -8.01 -6.32
C ARG B 55 -13.08 -6.78 -5.45
N VAL B 56 -13.97 -6.85 -4.47
CA VAL B 56 -14.15 -5.79 -3.48
C VAL B 56 -13.77 -6.27 -2.09
N ILE B 57 -12.87 -5.57 -1.44
CA ILE B 57 -12.52 -5.92 -0.08
C ILE B 57 -13.38 -5.00 0.81
N THR B 58 -13.91 -5.54 1.91
CA THR B 58 -14.66 -4.78 2.90
C THR B 58 -14.33 -5.35 4.27
N ARG B 59 -14.89 -4.77 5.32
CA ARG B 59 -14.80 -5.40 6.62
C ARG B 59 -16.14 -6.14 6.93
N ASN B 60 -16.00 -7.27 7.61
CA ASN B 60 -17.10 -8.01 8.16
C ASN B 60 -17.67 -7.32 9.40
N SER B 61 -18.78 -6.63 9.20
CA SER B 61 -19.43 -5.85 10.25
C SER B 61 -20.84 -5.39 9.84
N PRO B 62 -21.69 -5.04 10.83
CA PRO B 62 -23.08 -4.70 10.46
C PRO B 62 -23.19 -3.46 9.54
N ALA B 63 -22.18 -2.60 9.55
CA ALA B 63 -22.24 -1.41 8.73
C ALA B 63 -21.81 -1.71 7.34
N THR B 64 -21.18 -2.86 7.13
CA THR B 64 -20.53 -3.00 5.85
C THR B 64 -21.02 -4.23 5.16
N TYR B 65 -20.69 -5.39 5.72
CA TYR B 65 -21.02 -6.62 5.06
C TYR B 65 -21.17 -7.77 6.01
N PHE B 66 -22.21 -8.54 5.82
CA PHE B 66 -22.38 -9.76 6.58
C PHE B 66 -23.46 -10.63 5.95
N GLN B 67 -23.53 -11.83 6.47
CA GLN B 67 -24.46 -12.81 6.06
C GLN B 67 -25.51 -12.98 7.08
N ASP B 68 -26.73 -12.86 6.63
CA ASP B 68 -27.83 -13.25 7.44
C ASP B 68 -28.43 -14.47 6.79
N ARG B 69 -29.67 -14.73 7.18
CA ARG B 69 -30.37 -15.97 6.91
C ARG B 69 -30.69 -16.08 5.46
N ASN B 70 -30.68 -14.92 4.82
CA ASN B 70 -30.95 -14.78 3.40
C ASN B 70 -29.67 -14.68 2.58
N GLY B 71 -28.52 -14.76 3.25
CA GLY B 71 -27.24 -14.61 2.56
C GLY B 71 -26.57 -13.26 2.78
N GLU B 72 -25.76 -12.83 1.84
CA GLU B 72 -24.97 -11.62 1.99
C GLU B 72 -25.83 -10.40 1.93
N THR B 73 -25.48 -9.39 2.71
CA THR B 73 -26.25 -8.17 2.87
C THR B 73 -25.35 -7.07 3.42
N GLY B 74 -25.89 -5.87 3.60
CA GLY B 74 -25.13 -4.74 4.10
C GLY B 74 -25.01 -3.59 3.13
N PHE B 75 -24.89 -2.38 3.69
CA PHE B 75 -24.88 -1.16 2.92
C PHE B 75 -23.80 -1.23 1.87
N GLU B 76 -22.57 -1.47 2.29
CA GLU B 76 -21.47 -1.57 1.32
C GLU B 76 -21.71 -2.75 0.41
N TYR B 77 -22.28 -3.83 0.95
CA TYR B 77 -22.46 -4.99 0.11
C TYR B 77 -23.38 -4.67 -1.08
N GLU B 78 -24.46 -3.94 -0.79
CA GLU B 78 -25.50 -3.68 -1.78
C GLU B 78 -24.98 -2.73 -2.85
N LEU B 79 -24.43 -1.61 -2.40
CA LEU B 79 -23.82 -0.63 -3.27
C LEU B 79 -22.83 -1.28 -4.21
N ALA B 80 -22.01 -2.19 -3.67
CA ALA B 80 -20.98 -2.86 -4.46
C ALA B 80 -21.54 -3.79 -5.49
N LYS B 81 -22.72 -4.35 -5.20
CA LYS B 81 -23.32 -5.31 -6.13
C LYS B 81 -24.00 -4.49 -7.22
N ARG B 82 -24.74 -3.46 -6.82
CA ARG B 82 -25.37 -2.59 -7.81
C ARG B 82 -24.33 -1.93 -8.75
N PHE B 83 -23.09 -1.82 -8.29
CA PHE B 83 -22.02 -1.25 -9.11
C PHE B 83 -21.46 -2.29 -10.08
N ALA B 84 -21.31 -3.52 -9.61
CA ALA B 84 -20.86 -4.61 -10.46
C ALA B 84 -21.93 -5.00 -11.48
N GLU B 85 -23.19 -4.73 -11.19
CA GLU B 85 -24.26 -4.98 -12.16
C GLU B 85 -24.14 -3.91 -13.24
N ARG B 86 -23.90 -2.67 -12.83
CA ARG B 86 -23.68 -1.60 -13.79
C ARG B 86 -22.42 -1.83 -14.61
N LEU B 87 -21.63 -2.85 -14.25
CA LEU B 87 -20.41 -3.18 -14.99
C LEU B 87 -20.53 -4.48 -15.74
N GLY B 88 -21.67 -5.15 -15.55
CA GLY B 88 -21.90 -6.48 -16.10
C GLY B 88 -20.90 -7.57 -15.68
N VAL B 89 -20.60 -7.60 -14.39
CA VAL B 89 -19.68 -8.60 -13.84
C VAL B 89 -20.25 -9.21 -12.57
N GLU B 90 -19.65 -10.32 -12.13
CA GLU B 90 -19.95 -10.87 -10.79
C GLU B 90 -19.16 -10.20 -9.66
N LEU B 91 -19.85 -9.85 -8.58
CA LEU B 91 -19.22 -9.30 -7.39
C LEU B 91 -18.58 -10.41 -6.57
N LYS B 92 -17.29 -10.30 -6.27
CA LYS B 92 -16.62 -11.20 -5.31
C LYS B 92 -16.26 -10.42 -4.06
N ILE B 93 -16.87 -10.76 -2.94
CA ILE B 93 -16.49 -10.05 -1.73
C ILE B 93 -15.28 -10.72 -1.09
N GLU B 94 -14.40 -9.90 -0.56
CA GLU B 94 -13.31 -10.35 0.27
C GLU B 94 -13.33 -9.56 1.55
N THR B 95 -13.05 -10.19 2.67
CA THR B 95 -13.15 -9.43 3.89
C THR B 95 -11.78 -9.27 4.60
N ALA B 96 -11.47 -8.07 5.09
CA ALA B 96 -10.19 -7.85 5.77
C ALA B 96 -10.33 -8.09 7.26
N ASP B 97 -9.23 -8.50 7.89
CA ASP B 97 -9.21 -8.85 9.32
C ASP B 97 -9.17 -7.61 10.18
N ASN B 98 -8.67 -6.54 9.60
CA ASN B 98 -8.56 -5.22 10.25
C ASN B 98 -8.24 -4.12 9.24
N LEU B 99 -8.25 -2.89 9.67
CA LEU B 99 -8.05 -1.81 8.72
C LEU B 99 -6.63 -1.77 8.18
N ASP B 100 -5.66 -2.12 9.02
CA ASP B 100 -4.25 -2.13 8.64
C ASP B 100 -4.12 -3.10 7.50
N ASP B 101 -4.78 -4.24 7.67
CA ASP B 101 -4.76 -5.31 6.68
C ASP B 101 -5.66 -4.98 5.50
N LEU B 102 -6.77 -4.29 5.75
CA LEU B 102 -7.59 -3.91 4.61
C LEU B 102 -6.72 -3.14 3.67
N TYR B 103 -6.06 -2.12 4.20
CA TYR B 103 -5.23 -1.29 3.35
C TYR B 103 -3.98 -2.05 2.83
N ALA B 104 -3.49 -3.04 3.57
CA ALA B 104 -2.34 -3.79 3.09
C ALA B 104 -2.68 -4.51 1.79
N GLN B 105 -3.78 -5.23 1.82
CA GLN B 105 -4.20 -6.03 0.71
C GLN B 105 -4.47 -5.21 -0.53
N LEU B 106 -5.00 -4.00 -0.35
CA LEU B 106 -5.35 -3.11 -1.47
C LEU B 106 -4.11 -2.60 -2.26
N SER B 107 -2.96 -2.70 -1.60
CA SER B 107 -1.77 -2.06 -2.10
C SER B 107 -0.68 -3.09 -2.42
N ARG B 108 -1.01 -4.37 -2.24
CA ARG B 108 -0.16 -5.48 -2.68
C ARG B 108 -0.56 -5.63 -4.17
N GLU B 109 0.30 -6.19 -5.03
CA GLU B 109 -0.13 -6.45 -6.43
C GLU B 109 -0.95 -7.72 -6.47
N GLY B 110 -1.93 -7.79 -7.37
CA GLY B 110 -2.80 -8.95 -7.44
C GLY B 110 -3.85 -8.83 -6.37
N GLY B 111 -4.02 -7.62 -5.87
CA GLY B 111 -4.95 -7.44 -4.80
C GLY B 111 -6.27 -7.04 -5.39
N PRO B 112 -7.21 -6.75 -4.52
CA PRO B 112 -8.59 -6.42 -4.84
C PRO B 112 -8.70 -5.08 -5.61
N ALA B 113 -9.78 -4.96 -6.36
CA ALA B 113 -10.10 -3.79 -7.18
C ALA B 113 -10.26 -2.49 -6.44
N LEU B 114 -11.11 -2.50 -5.42
CA LEU B 114 -11.45 -1.31 -4.66
C LEU B 114 -11.83 -1.75 -3.26
N ALA B 115 -11.78 -0.82 -2.30
CA ALA B 115 -12.20 -1.14 -0.95
C ALA B 115 -13.41 -0.32 -0.57
N ALA B 116 -14.45 -1.02 -0.12
CA ALA B 116 -15.72 -0.43 0.35
C ALA B 116 -15.95 -0.81 1.85
N ALA B 117 -15.85 0.16 2.73
CA ALA B 117 -15.69 -0.23 4.11
C ALA B 117 -15.96 0.92 5.06
N GLY B 118 -16.82 1.83 4.61
CA GLY B 118 -17.11 3.00 5.38
C GLY B 118 -15.79 3.70 5.66
N LEU B 119 -15.02 3.96 4.63
CA LEU B 119 -13.73 4.57 4.90
C LEU B 119 -13.77 6.10 4.88
N THR B 120 -13.02 6.71 5.79
CA THR B 120 -12.84 8.15 5.78
C THR B 120 -11.53 8.45 5.00
N PRO B 121 -11.60 9.27 3.94
CA PRO B 121 -10.39 9.47 3.13
C PRO B 121 -9.23 10.07 3.88
N GLY B 122 -8.07 9.84 3.30
CA GLY B 122 -6.78 10.09 3.90
C GLY B 122 -6.23 11.34 3.25
N ARG B 123 -4.99 11.69 3.57
CA ARG B 123 -4.36 12.88 3.02
C ARG B 123 -4.61 13.03 1.50
N GLU B 124 -4.55 14.27 1.05
CA GLU B 124 -4.72 14.65 -0.35
C GLU B 124 -3.86 13.83 -1.28
N ASP B 125 -2.60 13.71 -0.90
CA ASP B 125 -1.53 13.47 -1.84
C ASP B 125 -0.59 12.34 -1.43
N ASP B 126 -1.14 11.32 -0.79
CA ASP B 126 -0.38 10.09 -0.55
C ASP B 126 -0.43 9.20 -1.80
N ALA B 127 -1.04 9.72 -2.87
CA ALA B 127 -1.55 8.96 -4.05
C ALA B 127 -1.23 7.44 -4.16
N SER B 128 -0.82 6.81 -3.05
CA SER B 128 -0.63 5.37 -3.01
C SER B 128 -1.99 4.76 -2.84
N VAL B 129 -2.89 5.62 -2.42
CA VAL B 129 -4.29 5.31 -2.30
C VAL B 129 -5.10 6.53 -2.73
N ARG B 130 -6.06 6.31 -3.63
CA ARG B 130 -6.97 7.33 -4.13
C ARG B 130 -8.50 7.08 -3.81
N TYR B 131 -9.25 8.15 -3.51
CA TYR B 131 -10.66 8.03 -3.11
C TYR B 131 -11.71 8.51 -4.16
N SER B 132 -12.82 7.79 -4.22
CA SER B 132 -13.95 8.21 -5.04
C SER B 132 -14.64 9.41 -4.43
N HIS B 133 -15.71 9.86 -5.09
CA HIS B 133 -16.56 10.89 -4.52
C HIS B 133 -17.22 10.30 -3.27
N THR B 134 -17.65 11.16 -2.36
CA THR B 134 -18.19 10.63 -1.14
C THR B 134 -19.64 10.21 -1.41
N TYR B 135 -20.15 9.25 -0.63
CA TYR B 135 -21.46 8.67 -0.85
C TYR B 135 -22.33 8.68 0.41
N LEU B 136 -21.80 9.27 1.47
CA LEU B 136 -22.52 9.31 2.75
C LEU B 136 -21.84 10.24 3.74
N ASP B 137 -22.62 11.15 4.36
CA ASP B 137 -21.99 12.14 5.21
C ASP B 137 -22.15 11.74 6.66
N VAL B 138 -21.05 11.85 7.40
CA VAL B 138 -20.97 11.40 8.80
C VAL B 138 -20.08 12.27 9.69
N THR B 139 -20.25 12.12 10.99
CA THR B 139 -19.48 12.92 11.92
C THR B 139 -18.91 12.09 13.04
N PRO B 140 -17.62 12.24 13.35
CA PRO B 140 -17.08 11.47 14.48
C PRO B 140 -17.72 11.92 15.76
N GLN B 141 -18.05 11.01 16.67
CA GLN B 141 -18.69 11.40 17.90
C GLN B 141 -18.10 10.73 19.11
N ILE B 142 -17.85 11.50 20.17
CA ILE B 142 -17.47 10.87 21.42
C ILE B 142 -18.68 10.20 22.07
N ILE B 143 -18.51 8.94 22.47
CA ILE B 143 -19.60 8.13 23.00
C ILE B 143 -19.29 7.76 24.44
N TYR B 144 -20.25 7.96 25.34
CA TYR B 144 -20.08 7.55 26.74
C TYR B 144 -21.23 6.72 27.24
N ARG B 145 -21.15 6.30 28.51
CA ARG B 145 -22.18 5.45 29.11
C ARG B 145 -23.12 6.25 30.01
N ASN B 146 -24.41 5.91 30.00
CA ASN B 146 -25.42 6.61 30.79
C ASN B 146 -25.16 6.42 32.28
N GLY B 147 -25.21 7.52 33.03
CA GLY B 147 -24.98 7.52 34.46
C GLY B 147 -23.53 7.67 34.86
N GLN B 148 -22.73 8.22 33.95
CA GLN B 148 -21.33 8.45 34.24
C GLN B 148 -21.09 9.89 33.73
N GLN B 149 -19.97 10.52 34.08
CA GLN B 149 -19.78 11.94 33.78
C GLN B 149 -19.64 12.28 32.29
N ARG B 150 -20.68 12.90 31.72
CA ARG B 150 -20.61 13.25 30.31
C ARG B 150 -19.47 14.20 30.02
N PRO B 151 -18.45 13.73 29.30
CA PRO B 151 -17.48 14.75 28.91
C PRO B 151 -18.04 15.78 27.91
N THR B 152 -17.68 17.04 28.17
CA THR B 152 -18.22 18.18 27.44
C THR B 152 -17.22 18.60 26.41
N ARG B 153 -15.96 18.41 26.72
CA ARG B 153 -14.92 18.91 25.85
C ARG B 153 -13.68 18.02 25.84
N PRO B 154 -12.96 18.02 24.71
CA PRO B 154 -11.74 17.23 24.52
C PRO B 154 -10.86 17.13 25.76
N GLU B 155 -10.77 18.16 26.59
CA GLU B 155 -9.91 18.11 27.78
C GLU B 155 -10.37 16.99 28.72
N ASP B 156 -11.66 16.64 28.68
CA ASP B 156 -12.19 15.73 29.69
C ASP B 156 -12.00 14.29 29.31
N LEU B 157 -11.23 14.04 28.25
CA LEU B 157 -10.92 12.67 27.84
C LEU B 157 -9.72 12.10 28.58
N VAL B 158 -9.02 12.98 29.29
CA VAL B 158 -7.92 12.54 30.12
C VAL B 158 -8.45 11.75 31.28
N GLY B 159 -7.75 10.68 31.63
CA GLY B 159 -8.12 9.89 32.79
C GLY B 159 -9.15 8.79 32.58
N LYS B 160 -9.80 8.75 31.42
CA LYS B 160 -10.79 7.70 31.12
C LYS B 160 -10.18 6.56 30.30
N ARG B 161 -10.81 5.38 30.37
CA ARG B 161 -10.39 4.30 29.49
C ARG B 161 -11.09 4.47 28.16
N ILE B 162 -10.30 4.54 27.11
CA ILE B 162 -10.84 4.88 25.81
C ILE B 162 -10.40 3.82 24.82
N MET B 163 -11.32 3.28 24.03
CA MET B 163 -10.91 2.28 23.07
C MET B 163 -11.32 2.60 21.64
N VAL B 164 -10.42 2.29 20.70
CA VAL B 164 -10.67 2.53 19.28
C VAL B 164 -10.11 1.49 18.36
N LEU B 165 -10.65 1.46 17.15
CA LEU B 165 -10.14 0.58 16.13
C LEU B 165 -8.71 1.01 15.77
N LYS B 166 -7.78 0.05 15.78
CA LYS B 166 -6.40 0.32 15.45
C LYS B 166 -6.17 0.70 14.01
N GLY B 167 -5.44 1.79 13.78
CA GLY B 167 -5.16 2.06 12.39
C GLY B 167 -6.33 2.67 11.69
N SER B 168 -7.24 3.24 12.47
CA SER B 168 -8.49 3.82 12.00
C SER B 168 -8.38 5.32 11.94
N SER B 169 -9.31 5.95 11.23
CA SER B 169 -9.48 7.40 11.29
C SER B 169 -9.49 7.93 12.73
N HIS B 170 -10.23 7.27 13.61
CA HIS B 170 -10.48 7.84 14.93
C HIS B 170 -9.31 7.70 15.88
N ALA B 171 -8.53 6.65 15.64
CA ALA B 171 -7.31 6.40 16.37
C ALA B 171 -6.35 7.57 16.17
N GLU B 172 -6.25 8.07 14.93
CA GLU B 172 -5.35 9.19 14.62
C GLU B 172 -5.81 10.50 15.20
N GLN B 173 -7.13 10.72 15.27
CA GLN B 173 -7.66 11.93 15.91
C GLN B 173 -7.15 12.03 17.35
N LEU B 174 -7.15 10.89 18.05
CA LEU B 174 -6.70 10.81 19.43
C LEU B 174 -5.18 10.98 19.50
N ALA B 175 -4.48 10.39 18.54
CA ALA B 175 -3.05 10.56 18.38
C ALA B 175 -2.62 12.02 18.47
N GLU B 176 -3.25 12.87 17.64
CA GLU B 176 -3.00 14.32 17.64
C GLU B 176 -3.62 15.11 18.80
N LEU B 177 -4.80 14.73 19.27
CA LEU B 177 -5.32 15.38 20.45
C LEU B 177 -4.33 15.12 21.60
N LYS B 178 -3.55 14.05 21.50
CA LYS B 178 -2.61 13.70 22.55
C LYS B 178 -1.41 14.62 22.57
N LYS B 179 -1.14 15.30 21.47
CA LYS B 179 -0.10 16.34 21.42
C LYS B 179 -0.57 17.58 22.20
N GLN B 180 -1.81 17.98 21.98
CA GLN B 180 -2.42 19.08 22.73
C GLN B 180 -2.66 18.72 24.21
N TYR B 181 -2.84 17.44 24.55
CA TYR B 181 -2.98 17.05 25.95
C TYR B 181 -2.23 15.77 26.21
N PRO B 182 -0.92 15.87 26.44
CA PRO B 182 -0.04 14.69 26.57
C PRO B 182 -0.48 13.79 27.70
N GLU B 183 -1.40 14.31 28.49
CA GLU B 183 -1.98 13.52 29.56
C GLU B 183 -3.02 12.51 28.98
N LEU B 184 -3.46 12.73 27.73
CA LEU B 184 -4.40 11.83 27.07
C LEU B 184 -3.87 10.42 26.91
N LYS B 185 -4.70 9.45 27.32
CA LYS B 185 -4.40 8.02 27.17
C LYS B 185 -5.60 7.34 26.51
N TYR B 186 -5.34 6.41 25.58
CA TYR B 186 -6.39 5.66 24.87
C TYR B 186 -5.81 4.32 24.37
N GLU B 187 -6.64 3.31 24.20
CA GLU B 187 -6.18 1.99 23.72
C GLU B 187 -6.63 1.68 22.29
N GLU B 188 -5.88 0.87 21.57
CA GLU B 188 -6.29 0.47 20.23
C GLU B 188 -6.09 -1.03 19.95
N SER B 189 -7.01 -1.61 19.20
CA SER B 189 -6.96 -3.03 18.95
C SER B 189 -7.34 -3.38 17.52
N ASP B 190 -6.67 -4.41 17.00
CA ASP B 190 -7.06 -4.99 15.73
C ASP B 190 -8.21 -5.99 15.91
N ALA B 191 -8.51 -6.35 17.15
CA ALA B 191 -9.47 -7.42 17.42
C ALA B 191 -10.87 -7.00 17.91
N VAL B 192 -11.30 -5.77 17.62
CA VAL B 192 -12.67 -5.38 17.92
C VAL B 192 -13.25 -4.72 16.67
N GLU B 193 -14.56 -4.77 16.53
CA GLU B 193 -15.16 -4.01 15.45
C GLU B 193 -15.89 -2.90 16.19
N VAL B 194 -16.50 -1.98 15.46
CA VAL B 194 -17.20 -0.90 16.14
C VAL B 194 -18.31 -1.45 17.03
N VAL B 195 -18.99 -2.50 16.61
CA VAL B 195 -20.05 -3.06 17.43
C VAL B 195 -19.57 -3.48 18.82
N ASP B 196 -18.34 -4.00 18.89
CA ASP B 196 -17.65 -4.35 20.15
C ASP B 196 -17.41 -3.14 21.08
N LEU B 197 -16.91 -2.04 20.51
CA LEU B 197 -16.65 -0.86 21.31
C LEU B 197 -17.92 -0.34 21.96
N LEU B 198 -19.03 -0.34 21.21
CA LEU B 198 -20.28 0.16 21.74
C LEU B 198 -20.67 -0.77 22.86
N ARG B 199 -20.50 -2.08 22.65
CA ARG B 199 -20.73 -3.02 23.75
C ARG B 199 -19.88 -2.69 24.97
N MET B 200 -18.61 -2.45 24.76
CA MET B 200 -17.75 -2.17 25.89
C MET B 200 -18.24 -0.95 26.67
N VAL B 201 -18.64 0.11 25.96
CA VAL B 201 -19.21 1.27 26.64
C VAL B 201 -20.51 0.97 27.36
N ASP B 202 -21.46 0.38 26.62
CA ASP B 202 -22.73 -0.12 27.15
C ASP B 202 -22.67 -0.91 28.47
N VAL B 203 -21.78 -1.89 28.50
CA VAL B 203 -21.63 -2.79 29.65
C VAL B 203 -20.57 -2.25 30.64
N GLY B 204 -19.91 -1.16 30.27
CA GLY B 204 -18.98 -0.46 31.14
C GLY B 204 -17.55 -0.92 31.27
N ASP B 205 -17.11 -1.75 30.33
CA ASP B 205 -15.73 -2.20 30.27
C ASP B 205 -14.74 -1.12 29.78
N ILE B 206 -15.25 -0.08 29.11
CA ILE B 206 -14.44 1.10 28.88
C ILE B 206 -15.31 2.36 29.01
N ASP B 207 -14.68 3.46 29.43
CA ASP B 207 -15.30 4.76 29.69
C ASP B 207 -15.95 5.49 28.51
N LEU B 208 -15.15 5.66 27.46
CA LEU B 208 -15.54 6.41 26.28
C LEU B 208 -15.10 5.72 25.01
N THR B 209 -15.75 6.02 23.90
CA THR B 209 -15.21 5.61 22.59
C THR B 209 -15.36 6.70 21.47
N LEU B 210 -14.84 6.44 20.29
CA LEU B 210 -14.92 7.43 19.24
C LEU B 210 -15.36 6.71 17.97
N VAL B 211 -16.55 7.02 17.47
CA VAL B 211 -17.04 6.32 16.27
C VAL B 211 -17.78 7.25 15.35
N ASP B 212 -17.82 6.90 14.07
CA ASP B 212 -18.52 7.70 13.07
C ASP B 212 -20.02 7.57 13.39
N SER B 213 -20.78 8.65 13.19
CA SER B 213 -22.18 8.79 13.62
C SER B 213 -23.10 7.76 12.99
N ASN B 214 -22.76 7.35 11.78
CA ASN B 214 -23.57 6.37 11.10
C ASN B 214 -23.51 5.08 11.90
N GLU B 215 -22.36 4.87 12.54
CA GLU B 215 -22.11 3.61 13.23
C GLU B 215 -23.06 3.60 14.41
N LEU B 216 -23.15 4.74 15.09
CA LEU B 216 -24.08 4.87 16.18
C LEU B 216 -25.48 4.77 15.66
N ALA B 217 -25.73 5.39 14.51
CA ALA B 217 -27.07 5.43 13.94
C ALA B 217 -27.59 4.02 13.68
N MET B 218 -26.74 3.16 13.18
CA MET B 218 -27.10 1.79 13.00
C MET B 218 -27.26 0.99 14.30
N ASN B 219 -26.45 1.27 15.33
CA ASN B 219 -26.35 0.37 16.50
C ASN B 219 -26.97 0.83 17.81
N GLN B 220 -27.19 2.13 17.94
CA GLN B 220 -27.73 2.70 19.17
C GLN B 220 -28.82 1.88 19.76
N VAL B 221 -29.76 1.42 18.95
CA VAL B 221 -30.93 0.73 19.53
C VAL B 221 -30.59 -0.57 20.27
N TYR B 222 -29.46 -1.20 19.98
CA TYR B 222 -29.08 -2.46 20.62
C TYR B 222 -28.24 -2.24 21.88
N PHE B 223 -28.03 -0.97 22.21
CA PHE B 223 -27.31 -0.64 23.42
C PHE B 223 -27.98 0.48 24.21
N PRO B 224 -28.90 0.15 25.11
CA PRO B 224 -29.70 1.20 25.72
C PRO B 224 -28.88 2.25 26.46
N ASN B 225 -27.69 1.85 26.91
CA ASN B 225 -26.89 2.70 27.78
C ASN B 225 -25.94 3.70 27.11
N VAL B 226 -25.70 3.65 25.79
CA VAL B 226 -24.69 4.58 25.24
C VAL B 226 -25.33 5.89 24.87
N ARG B 227 -24.50 6.92 24.84
CA ARG B 227 -24.96 8.28 24.61
C ARG B 227 -23.87 9.01 23.83
N VAL B 228 -24.29 9.85 22.91
CA VAL B 228 -23.33 10.70 22.23
C VAL B 228 -23.00 11.74 23.28
N ALA B 229 -21.73 11.95 23.58
CA ALA B 229 -21.41 13.03 24.51
C ALA B 229 -21.25 14.30 23.72
N PHE B 230 -20.38 14.34 22.72
CA PHE B 230 -20.28 15.51 21.83
C PHE B 230 -19.64 15.17 20.50
N ASP B 231 -19.89 15.99 19.48
CA ASP B 231 -19.19 15.79 18.20
C ASP B 231 -17.71 16.18 18.34
N PHE B 232 -16.84 15.44 17.68
CA PHE B 232 -15.41 15.63 17.82
C PHE B 232 -14.77 15.62 16.42
N GLY B 233 -14.74 16.76 15.77
CA GLY B 233 -14.27 16.82 14.40
C GLY B 233 -15.32 17.40 13.45
N GLU B 234 -14.89 17.78 12.25
CA GLU B 234 -15.82 18.35 11.29
C GLU B 234 -16.66 17.24 10.71
N ALA B 235 -17.89 17.55 10.30
CA ALA B 235 -18.69 16.61 9.49
C ALA B 235 -17.94 16.20 8.18
N ARG B 236 -18.09 14.96 7.77
CA ARG B 236 -17.36 14.51 6.59
C ARG B 236 -18.01 13.36 5.79
N GLY B 237 -17.50 13.07 4.59
CA GLY B 237 -18.11 12.06 3.74
C GLY B 237 -17.32 10.77 3.61
N LEU B 238 -17.97 9.62 3.62
CA LEU B 238 -17.24 8.38 3.43
C LEU B 238 -16.98 8.10 1.97
N ALA B 239 -16.00 7.27 1.68
CA ALA B 239 -15.60 7.05 0.30
C ALA B 239 -15.02 5.67 0.06
N TRP B 240 -15.05 5.22 -1.20
CA TRP B 240 -14.34 4.01 -1.61
C TRP B 240 -12.83 4.31 -1.91
N ALA B 241 -11.99 3.30 -1.67
CA ALA B 241 -10.56 3.45 -1.84
C ALA B 241 -10.10 2.50 -2.94
N LEU B 242 -9.31 3.02 -3.88
CA LEU B 242 -8.74 2.19 -4.94
C LEU B 242 -7.24 2.29 -4.85
N PRO B 243 -6.52 1.24 -5.27
CA PRO B 243 -5.07 1.46 -5.26
C PRO B 243 -4.63 2.47 -6.31
N GLY B 244 -3.62 3.27 -5.97
CA GLY B 244 -2.99 4.07 -6.98
C GLY B 244 -1.86 3.27 -7.62
N GLY B 245 -1.71 3.41 -8.94
CA GLY B 245 -2.71 4.08 -9.75
C GLY B 245 -2.31 5.09 -10.81
N ASP B 246 -2.11 4.67 -12.06
CA ASP B 246 -1.86 5.64 -13.15
C ASP B 246 -2.91 5.42 -14.25
N ASP B 247 -3.70 4.36 -14.07
CA ASP B 247 -4.84 4.09 -14.95
C ASP B 247 -6.11 4.56 -14.24
N ASP B 248 -6.86 5.46 -14.86
CA ASP B 248 -8.09 6.01 -14.27
C ASP B 248 -9.39 5.34 -14.73
N SER B 249 -9.25 4.20 -15.40
CA SER B 249 -10.41 3.46 -15.90
C SER B 249 -11.52 3.26 -14.86
N LEU B 250 -11.18 2.48 -13.84
CA LEU B 250 -12.15 2.05 -12.87
C LEU B 250 -12.65 3.21 -12.09
N MET B 251 -11.71 4.01 -11.58
CA MET B 251 -12.04 5.12 -10.70
C MET B 251 -13.14 5.96 -11.32
N ASN B 252 -13.00 6.21 -12.63
CA ASN B 252 -13.97 7.04 -13.38
C ASN B 252 -15.35 6.39 -13.44
N GLU B 253 -15.41 5.08 -13.61
CA GLU B 253 -16.71 4.42 -13.47
C GLU B 253 -17.20 4.43 -12.05
N VAL B 254 -16.33 4.09 -11.11
CA VAL B 254 -16.67 4.13 -9.69
C VAL B 254 -17.34 5.43 -9.31
N ASN B 255 -16.78 6.53 -9.84
CA ASN B 255 -17.29 7.86 -9.57
C ASN B 255 -18.55 8.18 -10.39
N ALA B 256 -18.64 7.58 -11.56
CA ALA B 256 -19.80 7.78 -12.44
C ALA B 256 -21.02 7.16 -11.82
N PHE B 257 -20.88 5.91 -11.38
CA PHE B 257 -21.88 5.16 -10.63
C PHE B 257 -22.34 5.89 -9.36
N LEU B 258 -21.38 6.34 -8.55
CA LEU B 258 -21.74 6.94 -7.29
C LEU B 258 -22.50 8.23 -7.47
N ASP B 259 -22.16 8.97 -8.52
CA ASP B 259 -22.82 10.25 -8.76
C ASP B 259 -24.30 10.07 -9.15
N GLN B 260 -24.58 9.10 -10.05
CA GLN B 260 -25.94 8.84 -10.53
C GLN B 260 -26.80 8.35 -9.40
N ALA B 261 -26.23 7.52 -8.53
CA ALA B 261 -26.96 6.93 -7.44
C ALA B 261 -27.27 7.97 -6.37
N LYS B 262 -26.67 9.14 -6.48
CA LYS B 262 -27.00 10.22 -5.57
C LYS B 262 -28.29 10.94 -5.94
N LYS B 263 -28.58 11.07 -7.23
CA LYS B 263 -29.77 11.82 -7.65
C LYS B 263 -30.97 10.90 -7.86
N GLU B 264 -30.68 9.61 -7.81
CA GLU B 264 -31.57 8.55 -8.22
C GLU B 264 -32.18 7.98 -6.95
N GLY B 265 -31.74 8.56 -5.82
CA GLY B 265 -32.33 8.29 -4.52
C GLY B 265 -31.76 7.06 -3.83
N LEU B 266 -30.98 6.28 -4.58
CA LEU B 266 -30.43 4.98 -4.15
C LEU B 266 -29.70 5.10 -2.83
N LEU B 267 -28.87 6.12 -2.75
CA LEU B 267 -28.14 6.31 -1.53
C LEU B 267 -29.13 6.64 -0.42
N GLN B 268 -30.07 7.56 -0.64
CA GLN B 268 -30.99 7.86 0.46
C GLN B 268 -31.86 6.64 0.72
N ARG B 269 -32.18 5.88 -0.34
CA ARG B 269 -32.90 4.62 -0.11
C ARG B 269 -32.05 3.73 0.80
N LEU B 270 -30.80 3.48 0.42
CA LEU B 270 -29.94 2.61 1.21
C LEU B 270 -29.81 3.12 2.62
N LYS B 271 -29.54 4.40 2.74
CA LYS B 271 -29.34 5.03 4.04
C LYS B 271 -30.52 4.83 4.96
N ASP B 272 -31.71 4.74 4.38
CA ASP B 272 -32.96 4.68 5.14
C ASP B 272 -33.31 3.25 5.49
N ARG B 273 -33.01 2.35 4.54
CA ARG B 273 -33.15 0.93 4.79
C ARG B 273 -32.44 0.41 6.06
N TYR B 274 -31.16 0.78 6.24
CA TYR B 274 -30.32 0.29 7.33
C TYR B 274 -30.24 1.24 8.53
N TYR B 275 -29.72 2.42 8.24
CA TYR B 275 -29.42 3.48 9.20
C TYR B 275 -30.67 4.35 9.45
N GLY B 276 -31.34 4.23 10.61
CA GLY B 276 -31.09 3.20 11.60
C GLY B 276 -32.41 2.48 11.84
N HIS B 277 -32.82 2.34 13.11
CA HIS B 277 -34.00 1.55 13.56
C HIS B 277 -33.86 0.00 13.59
N VAL B 278 -34.67 -0.64 14.44
CA VAL B 278 -34.45 -1.99 15.03
C VAL B 278 -35.09 -3.20 14.30
N ASP B 279 -34.25 -4.22 14.06
CA ASP B 279 -34.61 -5.55 13.54
C ASP B 279 -35.76 -6.34 14.17
N VAL B 280 -35.82 -6.33 15.49
CA VAL B 280 -36.61 -7.29 16.29
C VAL B 280 -37.19 -6.73 17.59
N LEU B 281 -38.52 -6.52 17.60
CA LEU B 281 -39.29 -6.01 18.77
C LEU B 281 -39.24 -7.03 19.89
N GLY B 282 -39.17 -6.65 21.16
CA GLY B 282 -39.71 -5.44 21.69
C GLY B 282 -40.84 -6.00 22.55
N TYR B 283 -40.55 -6.83 23.56
CA TYR B 283 -41.62 -7.60 24.20
C TYR B 283 -42.67 -6.67 24.79
N VAL B 284 -43.94 -6.89 24.43
CA VAL B 284 -45.01 -6.03 24.88
C VAL B 284 -45.39 -6.29 26.33
N GLY B 285 -46.10 -5.34 26.91
CA GLY B 285 -46.84 -5.59 28.14
C GLY B 285 -47.63 -6.87 28.17
N ALA B 286 -47.81 -7.44 29.35
CA ALA B 286 -48.72 -8.57 29.45
C ALA B 286 -50.07 -7.93 29.20
N TYR B 287 -50.15 -6.65 29.58
CA TYR B 287 -51.36 -5.86 29.37
C TYR B 287 -51.72 -5.84 27.90
N THR B 288 -50.86 -5.33 27.04
CA THR B 288 -51.29 -5.17 25.66
C THR B 288 -51.45 -6.56 24.96
N PHE B 289 -50.82 -7.60 25.50
CA PHE B 289 -50.96 -8.92 24.89
C PHE B 289 -52.37 -9.43 25.15
N ALA B 290 -52.83 -9.31 26.38
CA ALA B 290 -54.14 -9.81 26.74
C ALA B 290 -55.17 -9.06 25.88
N GLN B 291 -55.08 -7.74 25.90
CA GLN B 291 -55.80 -6.92 24.93
C GLN B 291 -55.94 -7.49 23.54
N HIS B 292 -54.81 -7.71 22.86
CA HIS B 292 -54.79 -8.31 21.53
C HIS B 292 -55.32 -9.75 21.47
N LEU B 293 -55.23 -10.49 22.58
CA LEU B 293 -55.85 -11.83 22.65
C LEU B 293 -57.28 -11.76 22.24
N GLN B 294 -57.93 -10.69 22.68
CA GLN B 294 -59.34 -10.46 22.40
C GLN B 294 -59.58 -9.71 21.11
N GLN B 295 -58.80 -8.67 20.91
CA GLN B 295 -59.03 -7.75 19.87
C GLN B 295 -58.56 -8.31 18.47
N ARG B 296 -57.51 -9.12 18.45
CA ARG B 296 -56.95 -9.59 17.17
C ARG B 296 -57.03 -11.11 16.94
N LEU B 297 -56.61 -11.92 17.91
CA LEU B 297 -56.46 -13.36 17.67
C LEU B 297 -57.71 -14.01 17.05
N PRO B 298 -58.92 -13.60 17.48
CA PRO B 298 -60.08 -14.34 16.97
C PRO B 298 -60.22 -14.32 15.44
N ARG B 299 -59.68 -13.31 14.77
CA ARG B 299 -59.63 -13.28 13.30
C ARG B 299 -58.71 -14.34 12.68
N TYR B 300 -57.71 -14.81 13.42
CA TYR B 300 -56.65 -15.58 12.76
C TYR B 300 -56.46 -16.98 13.38
N GLU B 301 -57.13 -17.20 14.51
CA GLU B 301 -57.04 -18.45 15.25
C GLU B 301 -57.50 -19.71 14.49
N SER B 302 -58.60 -19.58 13.73
CA SER B 302 -59.06 -20.67 12.90
C SER B 302 -57.89 -21.07 12.00
N HIS B 303 -57.17 -20.06 11.50
CA HIS B 303 -55.99 -20.27 10.66
C HIS B 303 -54.77 -20.89 11.34
N PHE B 304 -54.43 -20.40 12.54
CA PHE B 304 -53.31 -20.97 13.24
C PHE B 304 -53.59 -22.42 13.58
N LYS B 305 -54.82 -22.66 14.00
CA LYS B 305 -55.22 -23.97 14.43
C LYS B 305 -55.15 -24.98 13.29
N GLN B 306 -55.57 -24.56 12.10
CA GLN B 306 -55.58 -25.45 10.94
C GLN B 306 -54.22 -25.72 10.37
N SER B 307 -53.33 -24.75 10.46
CA SER B 307 -51.96 -25.00 10.03
C SER B 307 -51.32 -25.97 10.99
N GLY B 308 -51.62 -25.81 12.26
CA GLY B 308 -51.20 -26.76 13.27
C GLY B 308 -51.56 -28.18 12.87
N LYS B 309 -52.81 -28.39 12.47
CA LYS B 309 -53.27 -29.72 12.07
C LYS B 309 -52.45 -30.25 10.91
N GLN B 310 -52.39 -29.46 9.84
CA GLN B 310 -51.76 -29.82 8.60
C GLN B 310 -50.34 -30.26 8.83
N LYS B 311 -49.73 -29.69 9.86
CA LYS B 311 -48.34 -29.93 10.06
C LYS B 311 -48.00 -30.60 11.37
N ASP B 312 -49.00 -31.19 12.01
CA ASP B 312 -48.75 -31.92 13.27
C ASP B 312 -47.90 -31.09 14.26
N THR B 313 -48.41 -29.93 14.63
CA THR B 313 -47.65 -29.09 15.52
C THR B 313 -48.58 -28.18 16.30
N ASP B 314 -48.10 -27.81 17.48
CA ASP B 314 -48.86 -27.04 18.42
C ASP B 314 -49.19 -25.73 17.78
N TRP B 315 -50.49 -25.46 17.64
CA TRP B 315 -50.86 -24.22 17.01
C TRP B 315 -50.43 -23.01 17.81
N ARG B 316 -50.31 -23.13 19.13
CA ARG B 316 -50.09 -21.95 19.96
C ARG B 316 -48.67 -21.41 19.79
N LEU B 317 -47.74 -22.29 19.43
CA LEU B 317 -46.39 -21.84 19.13
C LEU B 317 -46.49 -21.07 17.79
N LEU B 318 -47.30 -21.56 16.86
CA LEU B 318 -47.47 -20.81 15.63
C LEU B 318 -48.03 -19.39 15.87
N ALA B 319 -49.02 -19.26 16.74
CA ALA B 319 -49.61 -17.97 16.94
C ALA B 319 -48.60 -17.04 17.61
N ALA B 320 -47.74 -17.60 18.46
CA ALA B 320 -46.71 -16.79 19.09
C ALA B 320 -45.60 -16.32 18.10
N ILE B 321 -45.08 -17.23 17.29
CA ILE B 321 -44.20 -16.82 16.21
C ILE B 321 -44.90 -15.68 15.47
N GLY B 322 -46.17 -15.89 15.11
CA GLY B 322 -46.91 -14.84 14.47
C GLY B 322 -47.04 -13.53 15.27
N TYR B 323 -47.15 -13.64 16.59
CA TYR B 323 -47.35 -12.45 17.42
C TYR B 323 -46.07 -11.60 17.44
N GLN B 324 -44.95 -12.26 17.67
CA GLN B 324 -43.64 -11.63 17.62
C GLN B 324 -43.31 -10.97 16.30
N GLU B 325 -43.82 -11.55 15.23
CA GLU B 325 -43.51 -11.06 13.91
C GLU B 325 -44.23 -9.79 13.50
N SER B 326 -45.55 -9.85 13.65
CA SER B 326 -46.47 -8.84 13.13
C SER B 326 -47.47 -8.39 14.17
N LEU B 327 -47.41 -8.96 15.36
CA LEU B 327 -48.46 -8.73 16.32
C LEU B 327 -49.85 -9.06 15.82
N TRP B 328 -49.93 -10.07 14.95
CA TRP B 328 -51.21 -10.51 14.38
C TRP B 328 -51.83 -9.36 13.51
N GLN B 329 -50.97 -8.78 12.66
CA GLN B 329 -51.36 -7.78 11.70
C GLN B 329 -50.95 -8.19 10.29
N PRO B 330 -51.90 -8.59 9.45
CA PRO B 330 -51.58 -9.20 8.16
C PRO B 330 -51.06 -8.18 7.13
N GLY B 331 -51.19 -6.91 7.39
CA GLY B 331 -50.58 -6.00 6.45
C GLY B 331 -49.25 -5.41 6.84
N ALA B 332 -48.65 -5.87 7.92
CA ALA B 332 -47.43 -5.27 8.42
C ALA B 332 -46.32 -5.55 7.44
N THR B 333 -45.37 -4.63 7.40
CA THR B 333 -44.27 -4.69 6.48
C THR B 333 -43.04 -3.96 7.07
N SER B 334 -41.86 -4.24 6.56
CA SER B 334 -40.64 -3.63 7.06
C SER B 334 -39.72 -3.31 5.90
N LYS B 335 -38.92 -2.25 6.01
CA LYS B 335 -37.94 -1.89 4.97
C LYS B 335 -36.91 -3.01 4.61
N THR B 336 -36.78 -4.00 5.48
CA THR B 336 -35.94 -5.14 5.20
C THR B 336 -36.51 -6.09 4.14
N GLY B 337 -37.72 -5.79 3.71
CA GLY B 337 -38.30 -6.55 2.62
C GLY B 337 -39.13 -7.74 3.07
N VAL B 338 -39.54 -7.76 4.33
CA VAL B 338 -40.49 -8.77 4.77
C VAL B 338 -41.92 -8.21 4.78
N ARG B 339 -42.93 -9.08 4.74
CA ARG B 339 -44.29 -8.57 4.72
C ARG B 339 -45.39 -9.62 5.12
N GLY B 340 -46.42 -9.14 5.81
CA GLY B 340 -47.57 -9.96 6.13
C GLY B 340 -47.54 -10.44 7.57
N LEU B 341 -48.56 -11.25 7.94
CA LEU B 341 -48.82 -11.64 9.31
C LEU B 341 -47.64 -12.36 9.89
N MET B 342 -47.01 -13.22 9.09
CA MET B 342 -45.80 -13.92 9.51
C MET B 342 -44.52 -13.31 8.96
N MET B 343 -44.59 -12.10 8.42
CA MET B 343 -43.37 -11.37 8.00
C MET B 343 -42.30 -12.20 7.23
N LEU B 344 -42.75 -12.74 6.08
CA LEU B 344 -41.96 -13.48 5.10
C LEU B 344 -41.21 -12.59 4.12
N THR B 345 -40.05 -13.05 3.69
CA THR B 345 -39.41 -12.49 2.49
C THR B 345 -40.10 -12.90 1.19
N ASN B 346 -39.91 -12.11 0.15
CA ASN B 346 -40.42 -12.48 -1.17
C ASN B 346 -39.97 -13.84 -1.71
N ARG B 347 -38.67 -14.13 -1.63
CA ARG B 347 -38.12 -15.40 -2.10
C ARG B 347 -38.78 -16.54 -1.29
N THR B 348 -38.90 -16.36 0.03
CA THR B 348 -39.44 -17.40 0.92
C THR B 348 -40.94 -17.71 0.78
N ALA B 349 -41.72 -16.68 0.50
CA ALA B 349 -43.14 -16.84 0.26
C ALA B 349 -43.35 -17.78 -0.91
N GLN B 350 -42.67 -17.49 -2.00
CA GLN B 350 -42.77 -18.32 -3.19
C GLN B 350 -42.40 -19.78 -2.89
N ALA B 351 -41.29 -19.95 -2.18
CA ALA B 351 -40.80 -21.26 -1.80
C ALA B 351 -41.80 -22.02 -0.98
N MET B 352 -42.70 -21.30 -0.31
CA MET B 352 -43.65 -21.97 0.56
C MET B 352 -45.06 -22.02 -0.02
N GLY B 353 -45.23 -21.50 -1.24
CA GLY B 353 -46.51 -21.54 -1.89
C GLY B 353 -47.41 -20.33 -1.67
N VAL B 354 -46.84 -19.21 -1.23
CA VAL B 354 -47.67 -18.06 -0.90
C VAL B 354 -47.83 -17.18 -2.13
N SER B 355 -49.08 -17.02 -2.56
CA SER B 355 -49.32 -16.29 -3.79
C SER B 355 -49.65 -14.87 -3.40
N ASN B 356 -50.02 -14.64 -2.15
CA ASN B 356 -50.28 -13.29 -1.67
C ASN B 356 -49.82 -13.06 -0.22
N ARG B 357 -48.66 -12.43 -0.06
CA ARG B 357 -48.10 -12.28 1.27
C ARG B 357 -49.01 -11.53 2.21
N LEU B 358 -49.94 -10.73 1.67
CA LEU B 358 -50.86 -9.95 2.50
C LEU B 358 -52.06 -10.74 2.97
N ASP B 359 -52.25 -11.93 2.42
CA ASP B 359 -53.32 -12.81 2.87
C ASP B 359 -53.03 -13.53 4.20
N PRO B 360 -53.84 -13.27 5.22
CA PRO B 360 -53.54 -13.83 6.55
C PRO B 360 -53.49 -15.36 6.53
N LYS B 361 -54.44 -15.99 5.86
CA LYS B 361 -54.46 -17.45 5.84
C LYS B 361 -53.20 -18.00 5.18
N GLN B 362 -52.82 -17.40 4.06
CA GLN B 362 -51.67 -17.86 3.30
C GLN B 362 -50.36 -17.58 4.01
N SER B 363 -50.24 -16.38 4.56
CA SER B 363 -49.02 -15.97 5.18
C SER B 363 -48.83 -16.89 6.35
N ILE B 364 -49.90 -17.09 7.10
CA ILE B 364 -49.86 -17.99 8.23
C ILE B 364 -49.45 -19.40 7.90
N GLN B 365 -50.03 -20.00 6.85
CA GLN B 365 -49.68 -21.38 6.47
C GLN B 365 -48.25 -21.55 5.97
N GLY B 366 -47.77 -20.61 5.18
CA GLY B 366 -46.43 -20.64 4.61
C GLY B 366 -45.38 -20.34 5.66
N GLY B 367 -45.70 -19.43 6.57
CA GLY B 367 -44.81 -19.14 7.66
C GLY B 367 -44.73 -20.32 8.62
N SER B 368 -45.83 -21.02 8.81
CA SER B 368 -45.86 -22.18 9.68
C SER B 368 -45.00 -23.30 9.10
N LYS B 369 -45.24 -23.57 7.82
CA LYS B 369 -44.50 -24.52 7.00
C LYS B 369 -42.97 -24.27 7.04
N TYR B 370 -42.57 -23.02 6.88
CA TYR B 370 -41.17 -22.61 6.95
C TYR B 370 -40.61 -22.99 8.32
N PHE B 371 -41.35 -22.67 9.37
CA PHE B 371 -40.86 -22.97 10.68
C PHE B 371 -40.74 -24.49 10.81
N VAL B 372 -41.77 -25.21 10.38
CA VAL B 372 -41.73 -26.66 10.56
C VAL B 372 -40.60 -27.32 9.74
N GLN B 373 -40.35 -26.87 8.51
CA GLN B 373 -39.26 -27.47 7.74
C GLN B 373 -37.93 -27.20 8.43
N ILE B 374 -37.76 -25.97 8.89
CA ILE B 374 -36.53 -25.58 9.54
C ILE B 374 -36.30 -26.47 10.75
N ARG B 375 -37.35 -26.73 11.50
CA ARG B 375 -37.20 -27.57 12.66
C ARG B 375 -36.84 -28.99 12.24
N SER B 376 -37.41 -29.45 11.12
CA SER B 376 -37.19 -30.81 10.60
C SER B 376 -35.75 -31.06 10.19
N GLU B 377 -35.11 -30.01 9.68
CA GLU B 377 -33.76 -30.09 9.17
C GLU B 377 -32.75 -29.96 10.28
N LEU B 378 -33.17 -29.71 11.51
CA LEU B 378 -32.17 -29.72 12.58
C LEU B 378 -31.50 -31.12 12.71
N PRO B 379 -30.19 -31.14 13.03
CA PRO B 379 -29.43 -32.35 13.33
C PRO B 379 -30.20 -33.24 14.30
N GLU B 380 -30.25 -34.54 14.01
CA GLU B 380 -31.05 -35.47 14.81
C GLU B 380 -30.68 -35.52 16.27
N SER B 381 -29.49 -35.04 16.61
CA SER B 381 -29.00 -35.05 18.00
C SER B 381 -29.79 -34.12 18.91
N ILE B 382 -30.47 -33.15 18.32
CA ILE B 382 -31.21 -32.16 19.10
C ILE B 382 -32.63 -32.65 19.32
N LYS B 383 -32.99 -32.88 20.57
CA LYS B 383 -34.26 -33.50 20.90
C LYS B 383 -35.23 -32.44 21.43
N GLU B 384 -36.52 -32.78 21.55
CA GLU B 384 -37.49 -31.84 22.13
C GLU B 384 -37.32 -31.73 23.65
N PRO B 385 -37.71 -30.57 24.23
CA PRO B 385 -38.25 -29.38 23.58
C PRO B 385 -37.10 -28.47 23.06
N ASP B 386 -35.86 -28.82 23.37
CA ASP B 386 -34.78 -28.00 22.87
C ASP B 386 -34.97 -27.82 21.36
N ARG B 387 -35.43 -28.85 20.68
CA ARG B 387 -35.49 -28.79 19.21
C ARG B 387 -36.29 -27.60 18.71
N SER B 388 -37.44 -27.38 19.34
CA SER B 388 -38.27 -26.30 18.93
C SER B 388 -37.61 -24.96 19.14
N TRP B 389 -36.87 -24.82 20.25
CA TRP B 389 -36.18 -23.55 20.50
C TRP B 389 -35.07 -23.33 19.45
N PHE B 390 -34.35 -24.39 19.10
CA PHE B 390 -33.34 -24.32 18.06
C PHE B 390 -33.94 -23.91 16.73
N ALA B 391 -35.18 -24.36 16.46
CA ALA B 391 -35.90 -23.94 15.24
C ALA B 391 -36.29 -22.43 15.35
N LEU B 392 -36.77 -21.98 16.51
CA LEU B 392 -37.03 -20.55 16.63
C LEU B 392 -35.76 -19.74 16.33
N ALA B 393 -34.60 -20.20 16.77
CA ALA B 393 -33.34 -19.49 16.54
C ALA B 393 -33.01 -19.49 15.06
N ALA B 394 -33.15 -20.61 14.38
CA ALA B 394 -32.80 -20.66 12.97
C ALA B 394 -33.73 -19.82 12.12
N TYR B 395 -35.02 -19.84 12.47
CA TYR B 395 -36.02 -19.01 11.83
C TYR B 395 -35.57 -17.54 11.72
N ASN B 396 -34.88 -17.07 12.76
CA ASN B 396 -34.40 -15.69 12.92
C ASN B 396 -32.95 -15.47 12.48
N ILE B 397 -32.02 -16.34 12.89
CA ILE B 397 -30.61 -16.05 12.60
C ILE B 397 -30.06 -16.80 11.38
N GLY B 398 -30.78 -17.85 10.96
CA GLY B 398 -30.33 -18.77 9.94
C GLY B 398 -29.50 -19.96 10.45
N GLY B 399 -29.80 -21.15 9.91
CA GLY B 399 -29.18 -22.38 10.34
C GLY B 399 -27.70 -22.28 10.15
N ALA B 400 -27.28 -21.43 9.23
CA ALA B 400 -25.88 -21.30 8.92
C ALA B 400 -25.17 -20.73 10.15
N HIS B 401 -25.61 -19.57 10.60
CA HIS B 401 -25.13 -19.02 11.87
C HIS B 401 -25.32 -19.88 13.09
N LEU B 402 -26.51 -20.47 13.21
CA LEU B 402 -26.87 -21.30 14.34
C LEU B 402 -25.94 -22.49 14.43
N GLU B 403 -25.55 -23.00 13.26
CA GLU B 403 -24.67 -24.15 13.24
C GLU B 403 -23.31 -23.72 13.78
N ASP B 404 -22.84 -22.52 13.40
CA ASP B 404 -21.67 -21.94 14.06
C ASP B 404 -21.83 -21.85 15.57
N ALA B 405 -23.04 -21.46 15.99
CA ALA B 405 -23.36 -21.31 17.41
C ALA B 405 -23.12 -22.65 18.08
N ARG B 406 -23.42 -23.73 17.37
CA ARG B 406 -23.25 -25.05 17.94
C ARG B 406 -21.79 -25.54 18.04
N LYS B 407 -20.99 -25.30 17.00
CA LYS B 407 -19.59 -25.72 16.99
C LYS B 407 -18.86 -25.02 18.13
N MET B 408 -19.04 -23.72 18.18
CA MET B 408 -18.44 -22.87 19.20
C MET B 408 -18.81 -23.38 20.59
N ALA B 409 -20.07 -23.75 20.74
CA ALA B 409 -20.58 -24.28 21.99
C ALA B 409 -19.89 -25.58 22.37
N GLU B 410 -19.75 -26.47 21.39
CA GLU B 410 -19.07 -27.74 21.58
C GLU B 410 -17.61 -27.59 22.01
N LYS B 411 -16.84 -26.91 21.15
CA LYS B 411 -15.41 -26.68 21.38
C LYS B 411 -15.22 -26.05 22.77
N GLU B 412 -16.25 -25.40 23.28
CA GLU B 412 -16.22 -24.80 24.60
C GLU B 412 -16.49 -25.82 25.71
N GLY B 413 -16.59 -27.09 25.34
CA GLY B 413 -16.94 -28.15 26.29
C GLY B 413 -18.38 -28.14 26.77
N LEU B 414 -19.25 -27.47 26.01
CA LEU B 414 -20.67 -27.43 26.29
C LEU B 414 -21.48 -28.40 25.45
N ASN B 415 -22.76 -28.53 25.76
CA ASN B 415 -23.58 -29.43 24.98
C ASN B 415 -24.19 -28.69 23.82
N PRO B 416 -23.83 -29.09 22.60
CA PRO B 416 -24.29 -28.42 21.39
C PRO B 416 -25.74 -28.76 21.09
N ASN B 417 -26.35 -29.61 21.93
CA ASN B 417 -27.75 -30.00 21.76
C ASN B 417 -28.70 -29.41 22.80
N LYS B 418 -28.19 -28.56 23.65
CA LYS B 418 -29.05 -27.99 24.66
C LYS B 418 -29.19 -26.52 24.46
N TRP B 419 -30.43 -26.10 24.29
CA TRP B 419 -30.68 -24.70 24.02
C TRP B 419 -30.13 -23.90 25.22
N LEU B 420 -30.20 -24.45 26.43
CA LEU B 420 -29.67 -23.71 27.56
C LEU B 420 -28.15 -23.37 27.46
N ASP B 421 -27.38 -24.16 26.71
CA ASP B 421 -25.93 -23.90 26.55
C ASP B 421 -25.59 -23.01 25.36
N VAL B 422 -26.18 -23.32 24.20
CA VAL B 422 -25.88 -22.67 22.92
C VAL B 422 -26.37 -21.22 22.93
N LYS B 423 -27.44 -21.00 23.66
CA LYS B 423 -28.07 -19.72 23.81
C LYS B 423 -27.08 -18.78 24.46
N LYS B 424 -26.13 -19.36 25.17
CA LYS B 424 -25.06 -18.60 25.78
C LYS B 424 -24.03 -18.26 24.71
N MET B 425 -23.92 -19.11 23.69
CA MET B 425 -22.95 -18.89 22.63
C MET B 425 -23.38 -17.87 21.57
N LEU B 426 -24.67 -17.78 21.25
CA LEU B 426 -25.13 -16.93 20.15
C LEU B 426 -24.67 -15.47 20.22
N PRO B 427 -24.72 -14.88 21.44
CA PRO B 427 -24.34 -13.47 21.63
C PRO B 427 -22.90 -13.17 21.29
N ARG B 428 -22.06 -14.17 21.13
CA ARG B 428 -20.67 -13.91 20.82
C ARG B 428 -20.52 -13.67 19.36
N LEU B 429 -21.54 -14.04 18.58
CA LEU B 429 -21.39 -13.88 17.13
C LEU B 429 -21.28 -12.38 16.75
N ALA B 430 -21.47 -11.51 17.75
CA ALA B 430 -21.33 -10.07 17.63
C ALA B 430 -20.01 -9.56 18.25
N GLN B 431 -19.10 -10.47 18.58
CA GLN B 431 -17.81 -10.11 19.17
C GLN B 431 -16.70 -10.64 18.26
N LYS B 432 -15.97 -9.69 17.67
CA LYS B 432 -15.00 -10.01 16.61
C LYS B 432 -14.06 -11.05 17.06
N GLN B 433 -13.59 -10.88 18.30
CA GLN B 433 -12.65 -11.80 18.92
C GLN B 433 -13.14 -13.19 18.75
N TRP B 434 -14.48 -13.32 18.72
CA TRP B 434 -15.09 -14.61 18.53
C TRP B 434 -15.58 -14.86 17.09
N TYR B 435 -16.26 -13.89 16.51
CA TYR B 435 -16.98 -14.25 15.31
C TYR B 435 -16.02 -14.45 14.17
N ALA B 436 -14.84 -13.87 14.32
CA ALA B 436 -13.78 -13.93 13.31
C ALA B 436 -13.22 -15.33 13.11
N LYS B 437 -13.36 -16.13 14.17
CA LYS B 437 -12.93 -17.52 14.19
C LYS B 437 -13.99 -18.44 13.70
N THR B 438 -15.14 -17.89 13.31
CA THR B 438 -16.26 -18.74 12.90
C THR B 438 -16.38 -18.76 11.42
N ARG B 439 -17.16 -19.70 10.93
CA ARG B 439 -17.23 -19.83 9.52
C ARG B 439 -17.98 -18.68 8.83
N TYR B 440 -19.09 -18.22 9.40
CA TYR B 440 -19.90 -17.24 8.66
C TYR B 440 -19.81 -15.86 9.24
N GLY B 441 -18.97 -15.68 10.24
CA GLY B 441 -18.61 -14.35 10.70
C GLY B 441 -19.67 -13.65 11.51
N TYR B 442 -19.74 -12.32 11.41
CA TYR B 442 -20.62 -11.55 12.28
C TYR B 442 -22.10 -11.91 12.15
N ALA B 443 -22.80 -11.92 13.31
CA ALA B 443 -24.27 -11.99 13.41
C ALA B 443 -24.76 -11.31 14.70
N ARG B 444 -25.93 -10.66 14.65
CA ARG B 444 -26.39 -9.97 15.82
C ARG B 444 -27.06 -11.00 16.71
N GLY B 445 -26.29 -11.99 17.14
CA GLY B 445 -26.87 -13.13 17.82
C GLY B 445 -27.60 -12.80 19.11
N GLY B 446 -27.35 -11.62 19.69
CA GLY B 446 -28.02 -11.34 20.94
C GLY B 446 -29.51 -11.14 20.70
N GLU B 447 -29.85 -10.67 19.49
CA GLU B 447 -31.23 -10.40 19.08
C GLU B 447 -31.95 -11.69 18.72
N THR B 448 -31.19 -12.71 18.30
CA THR B 448 -31.75 -14.05 18.12
C THR B 448 -32.25 -14.56 19.47
N VAL B 449 -31.41 -14.35 20.48
CA VAL B 449 -31.78 -14.75 21.83
C VAL B 449 -33.01 -14.00 22.31
N HIS B 450 -33.10 -12.70 22.02
CA HIS B 450 -34.31 -11.96 22.33
C HIS B 450 -35.52 -12.50 21.59
N PHE B 451 -35.31 -12.91 20.34
CA PHE B 451 -36.42 -13.42 19.57
C PHE B 451 -36.93 -14.63 20.24
N VAL B 452 -36.06 -15.60 20.46
CA VAL B 452 -36.55 -16.90 20.95
C VAL B 452 -37.26 -16.77 22.28
N GLN B 453 -36.71 -15.98 23.18
N GLN B 453 -36.69 -15.98 23.16
CA GLN B 453 -37.28 -15.94 24.51
CA GLN B 453 -37.25 -15.81 24.48
C GLN B 453 -38.52 -14.99 24.58
C GLN B 453 -38.63 -15.19 24.43
N ASN B 454 -38.81 -14.26 23.50
CA ASN B 454 -40.10 -13.55 23.39
C ASN B 454 -41.18 -14.50 22.92
N VAL B 455 -40.86 -15.30 21.91
CA VAL B 455 -41.82 -16.16 21.27
C VAL B 455 -42.24 -17.09 22.30
N ARG B 456 -41.29 -17.52 23.11
CA ARG B 456 -41.61 -18.45 24.18
C ARG B 456 -42.46 -17.84 25.27
N ARG B 457 -42.23 -16.57 25.58
CA ARG B 457 -43.05 -15.94 26.59
C ARG B 457 -44.50 -15.85 26.09
N TYR B 458 -44.68 -15.45 24.83
CA TYR B 458 -46.01 -15.38 24.27
C TYR B 458 -46.64 -16.76 24.18
N TYR B 459 -45.80 -17.76 23.90
CA TYR B 459 -46.25 -19.15 23.82
C TYR B 459 -46.78 -19.61 25.20
N ASP B 460 -46.03 -19.25 26.23
CA ASP B 460 -46.36 -19.61 27.59
C ASP B 460 -47.63 -19.00 28.07
N ILE B 461 -47.84 -17.73 27.77
CA ILE B 461 -49.13 -17.11 28.08
C ILE B 461 -50.24 -17.86 27.34
N LEU B 462 -50.06 -18.10 26.04
CA LEU B 462 -51.10 -18.81 25.32
C LEU B 462 -51.41 -20.21 25.82
N THR B 463 -50.42 -21.02 26.17
CA THR B 463 -50.78 -22.32 26.74
C THR B 463 -51.56 -22.08 28.02
N TRP B 464 -51.22 -21.02 28.78
CA TRP B 464 -51.87 -20.78 30.09
C TRP B 464 -53.39 -20.55 30.00
N VAL B 465 -53.87 -19.94 28.90
CA VAL B 465 -55.31 -19.73 28.69
C VAL B 465 -55.88 -21.00 28.00
N THR B 466 -55.78 -22.13 28.71
CA THR B 466 -56.16 -23.52 28.29
C THR B 466 -55.51 -24.58 29.23
N GLN B 467 -56.22 -25.26 30.14
CA GLN B 467 -57.68 -25.31 30.31
C GLN B 467 -58.27 -26.33 29.37
N GLU C 51 55.17 0.07 59.63
CA GLU C 51 55.37 1.19 60.55
C GLU C 51 55.72 2.47 59.77
N GLY C 52 54.77 3.07 59.08
CA GLY C 52 53.40 2.59 58.93
C GLY C 52 52.88 2.91 57.53
N VAL C 53 53.56 2.37 56.53
CA VAL C 53 53.29 2.66 55.12
C VAL C 53 53.48 1.38 54.33
N LEU C 54 52.41 0.85 53.75
CA LEU C 54 52.57 -0.33 52.92
C LEU C 54 53.10 -0.01 51.51
N ARG C 55 54.31 -0.51 51.19
CA ARG C 55 54.84 -0.38 49.82
C ARG C 55 54.45 -1.58 48.95
N VAL C 56 53.73 -1.29 47.87
CA VAL C 56 53.34 -2.29 46.90
C VAL C 56 54.01 -1.92 45.56
N ILE C 57 54.76 -2.85 44.99
CA ILE C 57 55.40 -2.59 43.72
C ILE C 57 54.44 -3.16 42.69
N THR C 58 54.22 -2.44 41.60
CA THR C 58 53.28 -2.95 40.61
C THR C 58 53.73 -2.60 39.22
N ARG C 59 52.89 -2.95 38.26
CA ARG C 59 53.17 -2.61 36.88
C ARG C 59 52.42 -1.34 36.53
N ASN C 60 53.09 -0.41 35.84
CA ASN C 60 52.32 0.67 35.26
C ASN C 60 51.62 0.14 33.99
N SER C 61 50.34 -0.21 34.14
CA SER C 61 49.57 -0.87 33.10
C SER C 61 48.10 -0.68 33.39
N PRO C 62 47.24 -0.71 32.34
CA PRO C 62 45.80 -0.47 32.53
C PRO C 62 45.15 -1.60 33.33
N ALA C 63 45.75 -2.78 33.27
CA ALA C 63 45.18 -3.91 33.97
C ALA C 63 45.60 -3.93 35.43
N THR C 64 46.51 -3.06 35.82
CA THR C 64 47.06 -3.09 37.17
C THR C 64 46.94 -1.78 37.90
N TYR C 65 47.68 -0.80 37.45
CA TYR C 65 47.71 0.43 38.17
C TYR C 65 48.00 1.56 37.23
N PHE C 66 47.22 2.64 37.32
CA PHE C 66 47.53 3.85 36.54
C PHE C 66 46.84 5.06 37.07
N GLN C 67 47.22 6.21 36.51
CA GLN C 67 46.63 7.50 36.83
C GLN C 67 45.76 8.01 35.67
N ASP C 68 44.49 8.29 35.98
CA ASP C 68 43.60 9.01 35.07
C ASP C 68 43.32 10.42 35.60
N ARG C 69 42.23 11.03 35.13
CA ARG C 69 41.90 12.43 35.49
C ARG C 69 41.42 12.58 36.91
N ASN C 70 41.04 11.46 37.50
CA ASN C 70 40.62 11.50 38.89
C ASN C 70 41.67 11.12 39.92
N GLY C 71 42.87 10.86 39.46
CA GLY C 71 43.96 10.37 40.29
C GLY C 71 44.20 8.90 40.02
N GLU C 72 44.81 8.20 40.97
CA GLU C 72 45.27 6.83 40.75
C GLU C 72 44.09 5.89 40.68
N THR C 73 44.27 4.81 39.95
CA THR C 73 43.21 3.84 39.72
C THR C 73 43.75 2.53 39.18
N GLY C 74 42.83 1.58 38.94
CA GLY C 74 43.21 0.26 38.51
C GLY C 74 42.83 -0.89 39.45
N PHE C 75 42.68 -2.07 38.88
CA PHE C 75 42.30 -3.22 39.64
C PHE C 75 43.22 -3.51 40.82
N GLU C 76 44.51 -3.69 40.59
CA GLU C 76 45.39 -4.03 41.70
C GLU C 76 45.44 -2.91 42.69
N TYR C 77 45.51 -1.69 42.18
CA TYR C 77 45.72 -0.54 43.02
C TYR C 77 44.62 -0.47 44.04
N GLU C 78 43.39 -0.73 43.58
CA GLU C 78 42.23 -0.64 44.46
C GLU C 78 42.29 -1.75 45.48
N LEU C 79 42.48 -2.98 45.00
CA LEU C 79 42.63 -4.08 45.91
C LEU C 79 43.72 -3.74 46.95
N ALA C 80 44.85 -3.18 46.49
CA ALA C 80 45.97 -2.87 47.40
C ALA C 80 45.62 -1.77 48.36
N LYS C 81 44.71 -0.89 47.95
CA LYS C 81 44.28 0.21 48.78
C LYS C 81 43.26 -0.29 49.78
N ARG C 82 42.30 -1.07 49.32
CA ARG C 82 41.34 -1.60 50.28
C ARG C 82 42.03 -2.47 51.31
N PHE C 83 43.20 -3.01 50.96
CA PHE C 83 44.00 -3.87 51.85
C PHE C 83 44.81 -3.05 52.84
N ALA C 84 45.34 -1.93 52.37
CA ALA C 84 46.06 -1.00 53.24
C ALA C 84 45.10 -0.32 54.22
N GLU C 85 43.81 -0.25 53.87
CA GLU C 85 42.79 0.28 54.77
C GLU C 85 42.51 -0.71 55.91
N ARG C 86 42.39 -1.97 55.57
CA ARG C 86 42.23 -3.04 56.56
C ARG C 86 43.51 -3.22 57.41
N LEU C 87 44.58 -2.51 57.08
CA LEU C 87 45.79 -2.60 57.89
C LEU C 87 45.97 -1.33 58.66
N GLY C 88 45.10 -0.36 58.40
CA GLY C 88 45.19 0.98 58.98
C GLY C 88 46.50 1.68 58.73
N VAL C 89 47.00 1.60 57.49
CA VAL C 89 48.25 2.26 57.08
C VAL C 89 48.15 3.04 55.75
N GLU C 90 49.10 3.95 55.50
CA GLU C 90 49.17 4.62 54.20
C GLU C 90 49.90 3.75 53.12
N LEU C 91 49.22 3.59 51.98
CA LEU C 91 49.74 2.88 50.81
C LEU C 91 50.65 3.69 49.90
N LYS C 92 51.86 3.21 49.66
CA LYS C 92 52.71 3.90 48.71
C LYS C 92 52.89 3.03 47.54
N ILE C 93 52.52 3.50 46.35
CA ILE C 93 52.76 2.66 45.19
C ILE C 93 54.17 2.86 44.63
N GLU C 94 54.80 1.77 44.23
CA GLU C 94 56.01 1.89 43.43
C GLU C 94 55.82 1.05 42.18
N THR C 95 56.31 1.56 41.05
CA THR C 95 56.10 0.86 39.80
C THR C 95 57.44 0.34 39.27
N ALA C 96 57.47 -0.88 38.74
CA ALA C 96 58.72 -1.42 38.18
C ALA C 96 58.76 -1.22 36.70
N ASP C 97 59.97 -1.17 36.14
CA ASP C 97 60.15 -0.91 34.72
C ASP C 97 59.72 -2.10 33.86
N ASN C 98 59.80 -3.29 34.44
CA ASN C 98 59.47 -4.53 33.76
C ASN C 98 59.48 -5.65 34.75
N LEU C 99 59.09 -6.84 34.32
CA LEU C 99 58.93 -7.91 35.29
C LEU C 99 60.21 -8.42 35.87
N ASP C 100 61.32 -8.41 35.13
CA ASP C 100 62.55 -8.84 35.80
C ASP C 100 62.86 -7.86 36.94
N ASP C 101 62.64 -6.58 36.68
CA ASP C 101 62.92 -5.61 37.72
C ASP C 101 61.95 -5.68 38.84
N LEU C 102 60.69 -6.00 38.54
CA LEU C 102 59.71 -6.14 39.61
C LEU C 102 60.22 -7.15 40.63
N TYR C 103 60.61 -8.32 40.13
CA TYR C 103 61.11 -9.34 41.02
C TYR C 103 62.47 -8.96 41.64
N ALA C 104 63.26 -8.17 40.91
CA ALA C 104 64.55 -7.75 41.43
C ALA C 104 64.35 -6.94 42.69
N GLN C 105 63.47 -5.95 42.59
CA GLN C 105 63.14 -5.06 43.68
C GLN C 105 62.48 -5.80 44.84
N LEU C 106 61.65 -6.79 44.54
CA LEU C 106 60.93 -7.52 45.57
C LEU C 106 61.81 -8.34 46.50
N SER C 107 63.03 -8.69 46.04
CA SER C 107 63.80 -9.70 46.75
C SER C 107 65.08 -9.12 47.39
N ARG C 108 65.31 -7.82 47.22
CA ARG C 108 66.42 -7.21 47.94
C ARG C 108 65.96 -6.81 49.32
N GLU C 109 66.93 -6.63 50.22
CA GLU C 109 66.57 -6.16 51.52
C GLU C 109 66.32 -4.67 51.40
N GLY C 110 65.35 -4.19 52.17
CA GLY C 110 64.91 -2.80 52.07
C GLY C 110 63.97 -2.55 50.91
N GLY C 111 63.41 -3.61 50.34
CA GLY C 111 62.56 -3.40 49.19
C GLY C 111 61.14 -3.32 49.65
N PRO C 112 60.21 -3.35 48.71
CA PRO C 112 58.77 -3.27 48.98
C PRO C 112 58.18 -4.51 49.64
N ALA C 113 57.10 -4.30 50.37
CA ALA C 113 56.40 -5.33 51.13
C ALA C 113 55.90 -6.47 50.30
N LEU C 114 55.15 -6.15 49.24
CA LEU C 114 54.51 -7.13 48.34
C LEU C 114 54.32 -6.55 46.93
N ALA C 115 54.17 -7.43 45.95
CA ALA C 115 53.87 -7.01 44.58
C ALA C 115 52.47 -7.47 44.13
N ALA C 116 51.68 -6.49 43.65
CA ALA C 116 50.33 -6.72 43.14
C ALA C 116 50.32 -6.27 41.69
N ALA C 117 50.25 -7.24 40.78
CA ALA C 117 50.63 -6.94 39.41
C ALA C 117 50.16 -8.03 38.44
N GLY C 118 49.08 -8.67 38.85
CA GLY C 118 48.51 -9.73 38.06
C GLY C 118 49.54 -10.78 37.80
N LEU C 119 50.22 -11.21 38.84
CA LEU C 119 51.29 -12.18 38.65
C LEU C 119 50.77 -13.62 38.73
N THR C 120 51.36 -14.48 37.91
CA THR C 120 51.06 -15.90 37.95
C THR C 120 51.98 -16.61 38.91
N PRO C 121 51.43 -17.33 39.90
CA PRO C 121 52.34 -17.89 40.88
C PRO C 121 53.38 -18.81 40.27
N GLY C 122 54.41 -19.11 41.04
CA GLY C 122 55.65 -19.71 40.56
C GLY C 122 55.70 -21.03 41.27
N ARG C 123 56.80 -21.77 41.10
CA ARG C 123 56.85 -23.17 41.52
C ARG C 123 56.21 -23.50 42.90
N GLU C 124 56.18 -22.53 43.82
CA GLU C 124 55.66 -22.70 45.21
C GLU C 124 56.66 -23.45 46.08
N ASP C 125 57.42 -24.30 45.41
CA ASP C 125 58.47 -25.09 46.03
C ASP C 125 59.73 -24.24 46.23
N ASP C 126 59.86 -23.17 45.44
CA ASP C 126 60.86 -22.11 45.68
C ASP C 126 60.31 -21.08 46.69
N ALA C 127 60.90 -21.07 47.89
CA ALA C 127 60.50 -20.21 49.01
C ALA C 127 61.04 -18.78 48.81
N SER C 128 62.06 -18.63 47.96
CA SER C 128 62.65 -17.32 47.59
C SER C 128 61.70 -16.23 47.09
N VAL C 129 60.45 -16.62 46.85
CA VAL C 129 59.35 -15.72 46.55
C VAL C 129 58.13 -16.55 46.92
N ARG C 130 57.25 -16.01 47.73
CA ARG C 130 56.07 -16.76 48.18
C ARG C 130 54.75 -16.11 47.75
N TYR C 131 53.78 -16.93 47.31
CA TYR C 131 52.52 -16.39 46.78
C TYR C 131 51.24 -16.53 47.64
N SER C 132 50.45 -15.46 47.62
CA SER C 132 49.18 -15.38 48.33
C SER C 132 48.10 -16.33 47.79
N HIS C 133 46.92 -16.41 48.40
CA HIS C 133 45.83 -17.21 47.81
C HIS C 133 45.41 -16.49 46.54
N THR C 134 44.78 -17.15 45.58
CA THR C 134 44.51 -16.46 44.30
C THR C 134 43.28 -15.60 44.41
N TYR C 135 43.23 -14.55 43.60
CA TYR C 135 42.13 -13.62 43.68
C TYR C 135 41.41 -13.40 42.34
N LEU C 136 41.85 -14.09 41.30
CA LEU C 136 41.23 -13.96 39.98
C LEU C 136 41.76 -15.04 39.07
N ASP C 137 40.86 -15.80 38.45
CA ASP C 137 41.30 -16.97 37.68
C ASP C 137 41.39 -16.57 36.25
N VAL C 138 42.46 -17.00 35.58
CA VAL C 138 42.70 -16.62 34.20
C VAL C 138 43.29 -17.73 33.36
N THR C 139 43.21 -17.53 32.06
CA THR C 139 43.77 -18.45 31.08
C THR C 139 44.61 -17.76 29.99
N PRO C 140 45.78 -18.33 29.72
CA PRO C 140 46.57 -17.83 28.61
C PRO C 140 45.88 -18.08 27.29
N GLN C 141 45.97 -17.12 26.39
CA GLN C 141 45.38 -17.22 25.07
C GLN C 141 46.38 -16.77 24.00
N ILE C 142 46.50 -17.56 22.93
CA ILE C 142 47.18 -17.11 21.72
C ILE C 142 46.28 -16.17 20.96
N ILE C 143 46.85 -15.03 20.57
CA ILE C 143 46.09 -13.97 19.94
C ILE C 143 46.63 -13.74 18.50
N TYR C 144 45.70 -13.68 17.53
CA TYR C 144 46.08 -13.37 16.15
C TYR C 144 45.23 -12.25 15.60
N ARG C 145 45.52 -11.93 14.35
CA ARG C 145 44.91 -10.83 13.66
C ARG C 145 43.82 -11.35 12.72
N ASN C 146 42.72 -10.61 12.66
CA ASN C 146 41.60 -10.98 11.81
C ASN C 146 41.95 -10.94 10.35
N GLY C 147 41.67 -12.03 9.63
CA GLY C 147 42.05 -12.09 8.23
C GLY C 147 43.45 -12.61 7.97
N GLN C 148 43.97 -13.39 8.92
CA GLN C 148 45.23 -14.08 8.72
C GLN C 148 44.94 -15.47 9.19
N GLN C 149 45.85 -16.38 8.93
CA GLN C 149 45.61 -17.79 9.19
C GLN C 149 45.49 -18.09 10.67
N ARG C 150 44.27 -18.32 11.14
CA ARG C 150 44.08 -18.65 12.55
C ARG C 150 44.76 -19.98 12.88
N PRO C 151 45.84 -19.93 13.67
CA PRO C 151 46.44 -21.21 14.02
C PRO C 151 45.50 -21.96 14.96
N THR C 152 45.46 -23.28 14.77
CA THR C 152 44.56 -24.19 15.48
C THR C 152 45.25 -24.92 16.67
N ARG C 153 46.56 -25.14 16.56
CA ARG C 153 47.31 -25.90 17.54
C ARG C 153 48.75 -25.39 17.70
N PRO C 154 49.35 -25.62 18.87
CA PRO C 154 50.72 -25.23 19.24
C PRO C 154 51.76 -25.30 18.12
N GLU C 155 51.65 -26.31 17.26
CA GLU C 155 52.58 -26.53 16.17
C GLU C 155 52.64 -25.35 15.23
N ASP C 156 51.55 -24.58 15.22
CA ASP C 156 51.43 -23.59 14.17
C ASP C 156 52.16 -22.29 14.53
N LEU C 157 52.90 -22.28 15.64
CA LEU C 157 53.56 -21.04 16.02
C LEU C 157 54.85 -20.92 15.27
N VAL C 158 55.26 -22.02 14.65
CA VAL C 158 56.44 -21.94 13.80
C VAL C 158 56.12 -21.09 12.55
N GLY C 159 57.11 -20.31 12.16
CA GLY C 159 57.07 -19.48 10.97
C GLY C 159 56.40 -18.13 11.11
N LYS C 160 55.65 -17.95 12.19
CA LYS C 160 54.94 -16.71 12.46
C LYS C 160 55.79 -15.85 13.41
N ARG C 161 55.62 -14.53 13.41
CA ARG C 161 56.31 -13.64 14.36
C ARG C 161 55.54 -13.44 15.70
N ILE C 162 56.19 -13.77 16.82
CA ILE C 162 55.55 -13.82 18.14
C ILE C 162 56.32 -12.90 19.08
N MET C 163 55.60 -12.18 19.94
CA MET C 163 56.22 -11.35 20.95
C MET C 163 55.48 -11.47 22.26
N VAL C 164 56.23 -11.46 23.36
CA VAL C 164 55.73 -11.64 24.71
C VAL C 164 56.53 -10.77 25.68
N LEU C 165 56.06 -10.52 26.89
CA LEU C 165 56.95 -9.81 27.83
C LEU C 165 58.16 -10.59 28.26
N LYS C 166 59.31 -9.96 28.27
CA LYS C 166 60.53 -10.59 28.78
C LYS C 166 60.40 -10.82 30.27
N GLY C 167 60.83 -12.01 30.71
CA GLY C 167 60.80 -12.32 32.12
C GLY C 167 59.43 -12.74 32.60
N SER C 168 58.56 -13.07 31.66
CA SER C 168 57.19 -13.30 32.02
C SER C 168 56.85 -14.74 32.16
N SER C 169 55.78 -14.99 32.90
CA SER C 169 55.16 -16.27 33.01
C SER C 169 55.03 -16.93 31.65
N HIS C 170 54.59 -16.15 30.67
CA HIS C 170 54.21 -16.65 29.34
C HIS C 170 55.42 -17.00 28.44
N ALA C 171 56.51 -16.25 28.54
CA ALA C 171 57.72 -16.57 27.79
C ALA C 171 58.26 -17.92 28.24
N GLU C 172 58.07 -18.23 29.52
CA GLU C 172 58.56 -19.48 30.04
C GLU C 172 57.78 -20.57 29.38
N GLN C 173 56.52 -20.26 29.17
CA GLN C 173 55.62 -21.13 28.45
C GLN C 173 56.07 -21.43 27.03
N LEU C 174 56.40 -20.40 26.27
CA LEU C 174 56.85 -20.63 24.89
C LEU C 174 58.24 -21.26 24.84
N ALA C 175 59.09 -20.91 25.80
CA ALA C 175 60.38 -21.57 25.95
C ALA C 175 60.29 -23.12 25.94
N GLU C 176 59.39 -23.67 26.75
CA GLU C 176 59.27 -25.12 26.79
C GLU C 176 58.75 -25.72 25.52
N LEU C 177 57.78 -25.05 24.92
CA LEU C 177 57.25 -25.50 23.67
C LEU C 177 58.38 -25.56 22.69
N LYS C 178 59.38 -24.69 22.85
CA LYS C 178 60.44 -24.56 21.85
C LYS C 178 61.30 -25.80 21.83
N LYS C 179 61.19 -26.58 22.91
CA LYS C 179 61.77 -27.91 22.96
C LYS C 179 60.91 -28.90 22.15
N GLN C 180 59.60 -28.84 22.36
CA GLN C 180 58.73 -29.75 21.63
C GLN C 180 58.76 -29.42 20.14
N TYR C 181 59.12 -28.21 19.77
CA TYR C 181 59.26 -27.86 18.35
C TYR C 181 60.42 -26.88 18.13
N PRO C 182 61.66 -27.38 18.08
CA PRO C 182 62.89 -26.56 18.00
C PRO C 182 62.88 -25.56 16.84
N GLU C 183 61.87 -25.68 16.01
CA GLU C 183 61.69 -24.79 14.88
C GLU C 183 61.05 -23.47 15.30
N LEU C 184 60.42 -23.49 16.46
CA LEU C 184 59.84 -22.29 17.02
C LEU C 184 60.80 -21.15 17.36
N LYS C 185 60.44 -19.93 16.94
CA LYS C 185 61.16 -18.73 17.37
C LYS C 185 60.12 -17.67 17.80
N TYR C 186 60.45 -16.92 18.84
CA TYR C 186 59.57 -15.93 19.44
C TYR C 186 60.47 -14.89 20.04
N GLU C 187 60.00 -13.65 20.13
CA GLU C 187 60.75 -12.52 20.70
C GLU C 187 60.26 -12.04 22.08
N GLU C 188 61.20 -11.58 22.91
CA GLU C 188 60.81 -11.06 24.21
C GLU C 188 61.49 -9.71 24.52
N SER C 189 60.70 -8.87 25.17
CA SER C 189 61.03 -7.47 25.36
C SER C 189 60.67 -6.87 26.72
N ASP C 190 61.53 -5.99 27.21
CA ASP C 190 61.23 -5.21 28.39
C ASP C 190 60.55 -3.88 28.07
N ALA C 191 60.57 -3.51 26.81
CA ALA C 191 60.15 -2.18 26.43
C ALA C 191 58.75 -2.24 25.88
N VAL C 192 57.99 -3.25 26.28
CA VAL C 192 56.56 -3.27 25.96
C VAL C 192 55.67 -3.68 27.09
N GLU C 193 54.43 -3.23 27.08
CA GLU C 193 53.48 -3.77 28.05
C GLU C 193 52.47 -4.57 27.28
N VAL C 194 51.59 -5.25 27.97
CA VAL C 194 50.66 -6.05 27.22
C VAL C 194 49.82 -5.21 26.30
N VAL C 195 49.38 -4.04 26.75
CA VAL C 195 48.56 -3.21 25.86
C VAL C 195 49.32 -2.97 24.55
N ASP C 196 50.67 -2.91 24.59
CA ASP C 196 51.48 -2.91 23.37
C ASP C 196 51.40 -4.18 22.49
N LEU C 197 51.44 -5.35 23.11
CA LEU C 197 51.41 -6.58 22.32
C LEU C 197 50.13 -6.65 21.53
N LEU C 198 49.02 -6.31 22.14
CA LEU C 198 47.74 -6.35 21.46
C LEU C 198 47.70 -5.35 20.29
N ARG C 199 48.24 -4.14 20.49
CA ARG C 199 48.34 -3.10 19.43
C ARG C 199 49.13 -3.63 18.25
N MET C 200 50.27 -4.26 18.56
CA MET C 200 51.19 -4.82 17.54
C MET C 200 50.55 -5.91 16.69
N VAL C 201 49.80 -6.82 17.31
CA VAL C 201 49.01 -7.77 16.54
C VAL C 201 47.92 -7.03 15.77
N ASP C 202 47.11 -6.26 16.49
CA ASP C 202 46.12 -5.41 15.88
C ASP C 202 46.56 -4.66 14.62
N VAL C 203 47.69 -3.97 14.66
CA VAL C 203 48.09 -3.16 13.51
C VAL C 203 48.93 -3.97 12.53
N GLY C 204 49.23 -5.21 12.88
CA GLY C 204 49.95 -6.09 11.98
C GLY C 204 51.47 -6.03 11.95
N ASP C 205 52.03 -5.38 12.96
CA ASP C 205 53.46 -5.33 13.19
C ASP C 205 54.04 -6.65 13.72
N ILE C 206 53.20 -7.50 14.30
CA ILE C 206 53.54 -8.91 14.60
C ILE C 206 52.31 -9.83 14.49
N ASP C 207 52.57 -11.10 14.18
CA ASP C 207 51.57 -12.14 13.94
C ASP C 207 50.77 -12.64 15.15
N LEU C 208 51.48 -13.10 16.16
CA LEU C 208 50.84 -13.74 17.30
C LEU C 208 51.42 -13.22 18.64
N THR C 209 50.62 -13.18 19.67
CA THR C 209 51.17 -12.95 20.99
C THR C 209 50.42 -13.84 21.96
N LEU C 210 50.88 -13.85 23.21
CA LEU C 210 50.32 -14.72 24.26
C LEU C 210 50.02 -13.89 25.53
N VAL C 211 48.76 -13.81 25.95
CA VAL C 211 48.43 -12.93 27.07
C VAL C 211 47.42 -13.54 28.00
N ASP C 212 47.40 -13.15 29.28
CA ASP C 212 46.40 -13.70 30.22
C ASP C 212 45.03 -13.17 29.82
N SER C 213 44.01 -14.03 29.94
CA SER C 213 42.69 -13.74 29.37
C SER C 213 42.07 -12.49 29.95
N ASN C 214 42.45 -12.23 31.19
CA ASN C 214 41.90 -11.11 31.92
C ASN C 214 42.28 -9.82 31.25
N GLU C 215 43.50 -9.73 30.76
CA GLU C 215 43.87 -8.48 30.13
C GLU C 215 43.39 -8.46 28.70
N LEU C 216 43.12 -9.62 28.11
CA LEU C 216 42.45 -9.53 26.83
C LEU C 216 41.07 -8.89 26.94
N ALA C 217 40.29 -9.28 27.96
CA ALA C 217 38.91 -8.76 28.10
C ALA C 217 38.87 -7.25 28.32
N MET C 218 39.81 -6.75 29.13
CA MET C 218 39.91 -5.32 29.38
C MET C 218 40.20 -4.59 28.09
N ASN C 219 41.04 -5.16 27.25
CA ASN C 219 41.56 -4.42 26.10
C ASN C 219 40.90 -4.82 24.79
N GLN C 220 40.15 -5.92 24.81
CA GLN C 220 39.49 -6.41 23.60
C GLN C 220 38.82 -5.32 22.81
N VAL C 221 38.09 -4.48 23.51
CA VAL C 221 37.29 -3.44 22.88
C VAL C 221 38.05 -2.35 22.11
N TYR C 222 39.28 -2.09 22.50
CA TYR C 222 40.07 -1.02 21.90
C TYR C 222 40.97 -1.48 20.75
N PHE C 223 40.91 -2.79 20.46
CA PHE C 223 41.65 -3.38 19.36
C PHE C 223 40.81 -4.28 18.48
N PRO C 224 40.06 -3.68 17.54
CA PRO C 224 38.96 -4.35 16.83
C PRO C 224 39.43 -5.57 16.05
N ASN C 225 40.68 -5.56 15.61
CA ASN C 225 41.16 -6.61 14.72
C ASN C 225 41.68 -7.86 15.42
N VAL C 226 41.93 -7.82 16.73
CA VAL C 226 42.55 -9.01 17.30
C VAL C 226 41.48 -10.03 17.70
N ARG C 227 41.87 -11.30 17.69
CA ARG C 227 40.98 -12.44 17.87
C ARG C 227 41.75 -13.49 18.64
N VAL C 228 41.05 -14.21 19.51
CA VAL C 228 41.63 -15.34 20.24
C VAL C 228 41.81 -16.54 19.32
N ALA C 229 43.01 -17.12 19.25
CA ALA C 229 43.17 -18.33 18.44
C ALA C 229 42.83 -19.59 19.27
N PHE C 230 43.58 -19.82 20.35
CA PHE C 230 43.23 -20.91 21.26
C PHE C 230 43.83 -20.69 22.64
N ASP C 231 43.21 -21.31 23.64
CA ASP C 231 43.73 -21.30 25.00
C ASP C 231 45.00 -22.12 24.93
N PHE C 232 46.01 -21.70 25.65
CA PHE C 232 47.27 -22.40 25.59
C PHE C 232 47.74 -22.58 27.00
N GLY C 233 47.32 -23.66 27.64
CA GLY C 233 47.68 -23.93 29.03
C GLY C 233 46.42 -23.97 29.83
N GLU C 234 46.42 -24.60 30.99
CA GLU C 234 45.19 -24.69 31.77
C GLU C 234 44.94 -23.42 32.58
N ALA C 235 43.68 -23.16 32.90
CA ALA C 235 43.28 -22.06 33.78
C ALA C 235 44.10 -22.01 35.07
N ARG C 236 44.33 -20.81 35.60
CA ARG C 236 45.08 -20.59 36.86
C ARG C 236 44.60 -19.39 37.65
N GLY C 237 45.13 -19.24 38.85
CA GLY C 237 44.72 -18.13 39.68
C GLY C 237 45.92 -17.24 39.77
N LEU C 238 45.71 -15.93 39.69
CA LEU C 238 46.75 -14.93 39.95
C LEU C 238 46.88 -14.65 41.45
N ALA C 239 48.04 -14.14 41.86
CA ALA C 239 48.27 -13.95 43.27
C ALA C 239 49.35 -12.91 43.57
N TRP C 240 49.30 -12.37 44.78
CA TRP C 240 50.35 -11.47 45.22
C TRP C 240 51.68 -12.13 45.57
N ALA C 241 52.77 -11.42 45.35
CA ALA C 241 54.07 -11.98 45.65
C ALA C 241 54.76 -11.22 46.78
N LEU C 242 55.25 -11.95 47.76
CA LEU C 242 56.03 -11.37 48.88
C LEU C 242 57.39 -12.00 48.82
N PRO C 243 58.42 -11.30 49.30
CA PRO C 243 59.68 -12.03 49.41
C PRO C 243 59.62 -13.10 50.51
N GLY C 244 60.42 -14.15 50.35
CA GLY C 244 60.61 -15.11 51.41
C GLY C 244 61.65 -14.44 52.31
N GLY C 245 61.47 -14.63 53.61
CA GLY C 245 60.38 -15.49 54.01
C GLY C 245 60.69 -16.30 55.23
N ASP C 246 60.17 -15.88 56.37
CA ASP C 246 60.37 -16.58 57.64
C ASP C 246 59.37 -16.08 58.70
N ASP C 247 58.96 -14.82 58.57
CA ASP C 247 57.92 -14.29 59.43
C ASP C 247 56.62 -14.27 58.60
N ASP C 248 55.59 -15.00 59.04
CA ASP C 248 54.36 -15.09 58.24
C ASP C 248 53.30 -14.07 58.66
N SER C 249 53.69 -13.12 59.52
CA SER C 249 52.79 -12.06 59.98
C SER C 249 52.08 -11.42 58.79
N LEU C 250 52.86 -10.89 57.85
CA LEU C 250 52.28 -10.22 56.70
C LEU C 250 51.49 -11.16 55.83
N MET C 251 52.11 -12.29 55.47
CA MET C 251 51.47 -13.25 54.59
C MET C 251 50.10 -13.64 55.12
N ASN C 252 50.01 -14.00 56.41
CA ASN C 252 48.74 -14.47 56.99
C ASN C 252 47.63 -13.42 56.95
N GLU C 253 47.96 -12.17 57.23
CA GLU C 253 46.98 -11.13 57.08
C GLU C 253 46.60 -10.95 55.63
N VAL C 254 47.58 -10.90 54.74
CA VAL C 254 47.24 -10.84 53.31
C VAL C 254 46.22 -11.91 52.96
N ASN C 255 46.40 -13.13 53.44
CA ASN C 255 45.47 -14.19 53.13
C ASN C 255 44.15 -14.04 53.88
N ALA C 256 44.17 -13.31 54.99
CA ALA C 256 42.93 -13.06 55.71
C ALA C 256 42.00 -12.21 54.84
N PHE C 257 42.59 -11.13 54.30
CA PHE C 257 41.98 -10.19 53.34
C PHE C 257 41.49 -10.81 52.02
N LEU C 258 42.37 -11.50 51.30
CA LEU C 258 41.95 -12.01 50.02
C LEU C 258 40.86 -13.02 50.21
N ASP C 259 40.91 -13.80 51.28
CA ASP C 259 39.86 -14.78 51.45
C ASP C 259 38.56 -14.09 51.74
N GLN C 260 38.58 -13.08 52.61
CA GLN C 260 37.34 -12.37 52.98
C GLN C 260 36.74 -11.61 51.81
N ALA C 261 37.61 -11.01 51.00
CA ALA C 261 37.14 -10.19 49.90
C ALA C 261 36.55 -11.02 48.76
N LYS C 262 36.80 -12.32 48.79
CA LYS C 262 36.21 -13.22 47.82
C LYS C 262 34.79 -13.63 48.16
N LYS C 263 34.41 -13.64 49.43
CA LYS C 263 33.09 -14.14 49.75
C LYS C 263 32.15 -12.95 49.90
N GLU C 264 32.72 -11.77 50.08
CA GLU C 264 31.90 -10.64 50.48
C GLU C 264 31.60 -9.88 49.21
N GLY C 265 32.01 -10.49 48.10
CA GLY C 265 31.73 -10.01 46.75
C GLY C 265 32.71 -9.02 46.13
N LEU C 266 33.65 -8.55 46.96
CA LEU C 266 34.59 -7.51 46.57
C LEU C 266 35.35 -7.82 45.30
N LEU C 267 35.87 -9.05 45.19
CA LEU C 267 36.63 -9.35 43.99
C LEU C 267 35.71 -9.31 42.77
N GLN C 268 34.51 -9.91 42.86
CA GLN C 268 33.58 -9.91 41.70
C GLN C 268 33.05 -8.53 41.32
N ARG C 269 32.84 -7.65 42.31
CA ARG C 269 32.52 -6.26 42.02
C ARG C 269 33.65 -5.65 41.19
N LEU C 270 34.90 -5.79 41.70
CA LEU C 270 36.07 -5.26 41.00
C LEU C 270 36.17 -5.82 39.61
N LYS C 271 35.99 -7.13 39.49
CA LYS C 271 36.10 -7.77 38.20
C LYS C 271 35.07 -7.21 37.20
N ASP C 272 33.91 -6.75 37.68
CA ASP C 272 32.85 -6.32 36.76
C ASP C 272 33.06 -4.86 36.40
N ARG C 273 33.48 -4.07 37.39
CA ARG C 273 33.90 -2.70 37.14
C ARG C 273 34.96 -2.50 36.04
N TYR C 274 36.05 -3.27 36.10
CA TYR C 274 37.20 -3.13 35.19
C TYR C 274 37.14 -4.01 33.96
N TYR C 275 37.18 -5.32 34.20
N TYR C 275 37.18 -5.32 34.20
CA TYR C 275 37.24 -6.33 33.13
CA TYR C 275 37.25 -6.30 33.13
C TYR C 275 35.85 -6.69 32.58
C TYR C 275 35.84 -6.62 32.61
N GLY C 276 35.44 -6.08 31.47
CA GLY C 276 36.24 -5.18 30.67
C GLY C 276 35.13 -4.50 29.88
N HIS C 277 35.32 -3.25 29.45
CA HIS C 277 34.25 -2.42 28.86
C HIS C 277 34.84 -1.13 28.22
N VAL C 278 33.98 -0.27 27.67
CA VAL C 278 34.44 0.86 26.83
C VAL C 278 34.58 2.24 27.55
N ASP C 279 35.79 2.83 27.48
CA ASP C 279 36.09 4.24 27.83
C ASP C 279 35.09 5.28 27.18
N VAL C 280 35.36 5.70 25.92
CA VAL C 280 34.52 6.70 25.22
C VAL C 280 33.70 6.05 24.11
N LEU C 281 32.42 6.43 23.98
CA LEU C 281 31.46 5.76 23.07
C LEU C 281 31.68 6.03 21.57
N GLY C 282 31.53 4.98 20.75
CA GLY C 282 31.49 5.10 19.31
C GLY C 282 30.62 6.20 18.77
N TYR C 283 31.04 6.84 17.69
CA TYR C 283 30.15 7.77 17.02
C TYR C 283 28.90 7.10 16.46
N VAL C 284 27.74 7.64 16.86
CA VAL C 284 26.44 7.13 16.46
C VAL C 284 26.16 7.47 14.98
N GLY C 285 25.19 6.79 14.39
CA GLY C 285 24.69 7.23 13.11
C GLY C 285 24.47 8.73 12.95
N ALA C 286 24.66 9.20 11.71
CA ALA C 286 24.30 10.57 11.42
C ALA C 286 22.75 10.58 11.54
N TYR C 287 22.15 9.43 11.23
CA TYR C 287 20.72 9.18 11.42
C TYR C 287 20.31 9.29 12.90
N THR C 288 21.04 8.59 13.78
CA THR C 288 20.59 8.45 15.17
C THR C 288 20.69 9.81 15.83
N PHE C 289 21.61 10.62 15.32
CA PHE C 289 21.79 11.90 15.93
C PHE C 289 20.53 12.75 15.65
N ALA C 290 20.12 12.74 14.40
CA ALA C 290 19.00 13.53 13.94
C ALA C 290 17.75 13.15 14.71
N GLN C 291 17.52 11.85 14.80
CA GLN C 291 16.53 11.30 15.73
C GLN C 291 16.47 11.92 17.09
N HIS C 292 17.57 11.80 17.83
CA HIS C 292 17.67 12.39 19.16
C HIS C 292 17.65 13.92 19.07
N LEU C 293 18.18 14.45 17.97
CA LEU C 293 18.08 15.89 17.70
C LEU C 293 16.64 16.37 17.83
N GLN C 294 15.69 15.52 17.43
CA GLN C 294 14.23 15.76 17.56
C GLN C 294 13.59 15.18 18.83
N GLN C 295 13.95 13.96 19.23
CA GLN C 295 13.33 13.32 20.42
C GLN C 295 13.89 13.82 21.77
N ARG C 296 15.17 14.22 21.80
CA ARG C 296 15.89 14.54 23.04
C ARG C 296 16.33 16.01 23.23
N LEU C 297 17.01 16.62 22.26
CA LEU C 297 17.56 17.98 22.49
C LEU C 297 16.51 19.00 22.99
N PRO C 298 15.24 18.85 22.57
CA PRO C 298 14.28 19.91 22.97
C PRO C 298 14.03 20.00 24.46
N ARG C 299 14.10 18.87 25.14
CA ARG C 299 13.94 18.90 26.59
C ARG C 299 15.08 19.66 27.29
N TYR C 300 16.23 19.73 26.63
CA TYR C 300 17.42 20.11 27.37
C TYR C 300 18.05 21.34 26.77
N GLU C 301 17.58 21.71 25.59
CA GLU C 301 18.21 22.78 24.88
C GLU C 301 18.24 24.05 25.73
N SER C 302 17.13 24.32 26.37
CA SER C 302 16.97 25.45 27.25
C SER C 302 18.04 25.55 28.34
N HIS C 303 18.39 24.42 28.93
CA HIS C 303 19.43 24.38 29.94
C HIS C 303 20.81 24.57 29.33
N PHE C 304 21.02 23.96 28.18
CA PHE C 304 22.27 24.14 27.45
C PHE C 304 22.47 25.58 27.09
N LYS C 305 21.38 26.21 26.67
CA LYS C 305 21.45 27.60 26.27
C LYS C 305 21.74 28.54 27.47
N GLN C 306 21.09 28.34 28.62
CA GLN C 306 21.31 29.22 29.74
C GLN C 306 22.64 29.00 30.45
N SER C 307 23.13 27.76 30.45
CA SER C 307 24.46 27.53 31.00
C SER C 307 25.45 28.17 30.07
N GLY C 308 25.16 28.05 28.78
CA GLY C 308 25.93 28.75 27.77
C GLY C 308 26.09 30.26 27.97
N LYS C 309 24.98 30.97 28.12
CA LYS C 309 25.03 32.41 28.37
C LYS C 309 25.77 32.65 29.68
N GLN C 310 25.40 31.91 30.72
CA GLN C 310 25.96 32.04 32.06
C GLN C 310 27.46 32.09 32.09
N LYS C 311 28.05 31.37 31.14
CA LYS C 311 29.47 31.18 31.15
C LYS C 311 30.11 31.64 29.89
N ASP C 312 29.39 32.46 29.15
CA ASP C 312 29.98 33.03 27.95
C ASP C 312 30.59 31.96 27.05
N THR C 313 29.77 31.02 26.58
CA THR C 313 30.36 29.98 25.77
C THR C 313 29.31 29.46 24.82
N ASP C 314 29.76 28.93 23.69
CA ASP C 314 28.85 28.47 22.66
C ASP C 314 28.11 27.28 23.24
N TRP C 315 26.78 27.39 23.29
CA TRP C 315 25.95 26.35 23.91
C TRP C 315 25.95 25.06 23.21
N ARG C 316 26.20 25.08 21.93
CA ARG C 316 26.14 23.82 21.22
C ARG C 316 27.38 22.96 21.54
N LEU C 317 28.49 23.58 21.88
CA LEU C 317 29.61 22.78 22.25
C LEU C 317 29.19 22.19 23.55
N LEU C 318 28.50 22.93 24.39
CA LEU C 318 28.04 22.29 25.63
C LEU C 318 27.15 21.07 25.31
N ALA C 319 26.28 21.25 24.34
CA ALA C 319 25.29 20.26 23.98
C ALA C 319 25.94 19.01 23.39
N ALA C 320 27.07 19.19 22.70
CA ALA C 320 27.80 18.05 22.11
C ALA C 320 28.49 17.18 23.18
N ILE C 321 29.22 17.87 24.07
CA ILE C 321 29.80 17.27 25.25
C ILE C 321 28.73 16.49 25.96
N GLY C 322 27.56 17.10 26.14
CA GLY C 322 26.44 16.38 26.73
C GLY C 322 26.06 15.14 25.93
N TYR C 323 26.09 15.18 24.59
CA TYR C 323 25.66 14.03 23.78
C TYR C 323 26.66 12.88 23.83
N GLN C 324 27.93 13.19 23.60
CA GLN C 324 28.97 12.21 23.69
C GLN C 324 28.93 11.54 25.04
N GLU C 325 28.56 12.28 26.06
CA GLU C 325 28.52 11.72 27.39
C GLU C 325 27.34 10.76 27.74
N SER C 326 26.10 11.18 27.51
CA SER C 326 24.94 10.43 27.97
C SER C 326 23.91 10.25 26.86
N LEU C 327 24.22 10.76 25.68
CA LEU C 327 23.22 10.82 24.62
C LEU C 327 22.01 11.56 25.09
N TRP C 328 22.22 12.57 25.93
CA TRP C 328 21.16 13.44 26.45
C TRP C 328 20.13 12.58 27.22
N GLN C 329 20.64 11.73 28.08
CA GLN C 329 19.78 10.93 28.94
C GLN C 329 20.10 11.23 30.39
N PRO C 330 19.18 11.90 31.08
CA PRO C 330 19.59 12.43 32.36
C PRO C 330 19.85 11.32 33.39
N GLY C 331 19.37 10.10 33.12
CA GLY C 331 19.62 9.01 34.05
C GLY C 331 20.80 8.14 33.74
N ALA C 332 21.64 8.57 32.81
CA ALA C 332 22.73 7.75 32.35
C ALA C 332 23.73 7.43 33.46
N THR C 333 24.30 6.25 33.42
CA THR C 333 25.19 5.94 34.49
C THR C 333 26.20 4.86 34.11
N SER C 334 27.26 4.75 34.90
CA SER C 334 28.36 3.81 34.68
C SER C 334 28.92 3.21 35.96
N LYS C 335 29.38 1.97 35.87
CA LYS C 335 30.16 1.33 36.94
C LYS C 335 31.49 2.08 37.22
N THR C 336 31.97 2.89 36.28
CA THR C 336 33.14 3.74 36.54
C THR C 336 32.80 4.88 37.46
N GLY C 337 31.49 5.04 37.76
CA GLY C 337 30.98 5.99 38.76
C GLY C 337 30.66 7.43 38.33
N VAL C 338 30.56 7.64 37.04
CA VAL C 338 30.19 8.93 36.52
C VAL C 338 28.71 8.81 36.34
N ARG C 339 27.98 9.93 36.23
CA ARG C 339 26.50 9.83 36.24
C ARG C 339 25.74 11.06 35.78
N GLY C 340 24.61 10.81 35.12
CA GLY C 340 23.71 11.88 34.79
C GLY C 340 24.05 12.31 33.39
N LEU C 341 23.40 13.36 32.96
CA LEU C 341 23.51 13.80 31.60
C LEU C 341 24.93 14.12 31.21
N MET C 342 25.72 14.71 32.10
CA MET C 342 27.10 14.99 31.71
C MET C 342 28.08 14.01 32.33
N MET C 343 27.53 12.93 32.92
CA MET C 343 28.34 11.85 33.52
C MET C 343 29.46 12.40 34.48
N LEU C 344 28.97 13.02 35.56
CA LEU C 344 29.82 13.61 36.57
C LEU C 344 30.26 12.62 37.60
N THR C 345 31.51 12.71 38.07
CA THR C 345 31.88 11.98 39.26
C THR C 345 31.29 12.66 40.48
N ASN C 346 31.03 11.89 41.54
CA ASN C 346 30.56 12.49 42.78
C ASN C 346 31.42 13.64 43.21
N ARG C 347 32.72 13.40 43.20
CA ARG C 347 33.66 14.43 43.62
C ARG C 347 33.50 15.68 42.72
N THR C 348 33.44 15.51 41.40
CA THR C 348 33.40 16.67 40.51
C THR C 348 32.04 17.36 40.59
N ALA C 349 30.96 16.59 40.69
CA ALA C 349 29.61 17.17 40.80
C ALA C 349 29.51 18.06 42.06
N GLN C 350 30.01 17.60 43.20
CA GLN C 350 30.00 18.44 44.38
C GLN C 350 30.76 19.77 44.21
N ALA C 351 31.99 19.67 43.72
CA ALA C 351 32.87 20.81 43.50
C ALA C 351 32.28 21.83 42.56
N MET C 352 31.31 21.42 41.75
CA MET C 352 30.69 22.34 40.81
C MET C 352 29.31 22.81 41.32
N GLY C 353 28.94 22.38 42.53
CA GLY C 353 27.69 22.86 43.10
C GLY C 353 26.49 22.01 42.76
N VAL C 354 26.74 20.79 42.29
CA VAL C 354 25.67 19.90 41.87
C VAL C 354 25.32 19.02 43.04
N SER C 355 24.08 19.13 43.48
CA SER C 355 23.64 18.47 44.69
C SER C 355 22.84 17.20 44.37
N ASN C 356 22.40 17.12 43.12
CA ASN C 356 21.69 15.98 42.56
C ASN C 356 22.11 15.67 41.14
N ARG C 357 23.03 14.72 40.96
CA ARG C 357 23.61 14.42 39.66
C ARG C 357 22.60 14.09 38.58
N LEU C 358 21.41 13.66 39.00
CA LEU C 358 20.32 13.25 38.14
C LEU C 358 19.42 14.35 37.65
N ASP C 359 19.57 15.56 38.18
CA ASP C 359 18.80 16.69 37.64
C ASP C 359 19.37 17.18 36.27
N PRO C 360 18.55 17.10 35.20
CA PRO C 360 19.18 17.46 33.92
C PRO C 360 19.78 18.85 34.01
N LYS C 361 19.03 19.77 34.61
CA LYS C 361 19.46 21.14 34.67
C LYS C 361 20.77 21.28 35.41
N GLN C 362 20.86 20.72 36.62
CA GLN C 362 22.10 20.87 37.38
C GLN C 362 23.28 20.17 36.78
N SER C 363 23.09 18.96 36.28
CA SER C 363 24.23 18.24 35.75
C SER C 363 24.79 19.05 34.55
N ILE C 364 23.90 19.54 33.67
CA ILE C 364 24.35 20.34 32.54
C ILE C 364 25.08 21.56 33.06
N GLN C 365 24.53 22.20 34.08
CA GLN C 365 25.19 23.37 34.64
C GLN C 365 26.59 23.03 35.16
N GLY C 366 26.73 21.93 35.89
CA GLY C 366 27.99 21.61 36.53
C GLY C 366 29.09 21.18 35.57
N GLY C 367 28.70 20.38 34.57
CA GLY C 367 29.64 19.93 33.57
C GLY C 367 30.10 21.04 32.66
N SER C 368 29.19 21.96 32.35
CA SER C 368 29.53 23.10 31.49
C SER C 368 30.56 23.90 32.24
N LYS C 369 30.24 24.13 33.51
CA LYS C 369 31.15 24.77 34.43
C LYS C 369 32.55 24.06 34.49
N TYR C 370 32.55 22.74 34.65
CA TYR C 370 33.79 21.98 34.66
C TYR C 370 34.56 22.20 33.34
N PHE C 371 33.87 22.08 32.20
CA PHE C 371 34.59 22.22 30.93
C PHE C 371 35.09 23.63 30.74
N VAL C 372 34.23 24.60 31.01
CA VAL C 372 34.54 26.02 30.76
C VAL C 372 35.72 26.45 31.63
N GLN C 373 35.70 25.97 32.87
CA GLN C 373 36.75 26.20 33.82
C GLN C 373 38.09 25.49 33.48
N ILE C 374 38.04 24.24 33.03
CA ILE C 374 39.27 23.53 32.63
C ILE C 374 40.00 24.31 31.51
N ARG C 375 39.19 24.87 30.61
CA ARG C 375 39.68 25.64 29.48
C ARG C 375 40.34 26.91 29.94
N SER C 376 39.86 27.49 31.05
CA SER C 376 40.50 28.71 31.57
C SER C 376 41.90 28.46 32.13
N GLU C 377 42.13 27.26 32.67
CA GLU C 377 43.36 26.91 33.31
C GLU C 377 44.45 26.45 32.33
N LEU C 378 44.12 26.28 31.05
CA LEU C 378 45.18 25.92 30.09
C LEU C 378 46.21 27.05 29.91
N PRO C 379 47.51 26.71 29.67
CA PRO C 379 48.55 27.70 29.43
C PRO C 379 48.09 28.79 28.51
N GLU C 380 48.44 30.03 28.83
CA GLU C 380 47.96 31.17 28.06
C GLU C 380 48.38 31.05 26.62
N SER C 381 49.46 30.31 26.38
CA SER C 381 50.05 30.18 25.05
C SER C 381 49.21 29.46 23.99
N ILE C 382 48.21 28.70 24.43
CA ILE C 382 47.30 27.98 23.55
C ILE C 382 46.12 28.83 23.19
N LYS C 383 45.94 29.14 21.92
CA LYS C 383 44.89 30.07 21.46
C LYS C 383 43.66 29.33 20.95
N GLU C 384 42.56 30.04 20.82
CA GLU C 384 41.40 29.44 20.20
C GLU C 384 41.66 29.33 18.69
N PRO C 385 41.05 28.34 18.03
CA PRO C 385 40.13 27.36 18.60
C PRO C 385 40.84 26.18 19.24
N ASP C 386 42.14 26.06 18.99
CA ASP C 386 42.91 24.95 19.54
C ASP C 386 42.64 24.84 21.00
N ARG C 387 42.43 25.97 21.67
CA ARG C 387 42.18 25.95 23.10
C ARG C 387 40.91 25.14 23.43
N SER C 388 39.85 25.28 22.65
CA SER C 388 38.69 24.49 22.99
C SER C 388 38.99 23.00 22.88
N TRP C 389 39.72 22.60 21.86
CA TRP C 389 39.98 21.18 21.62
C TRP C 389 40.90 20.59 22.71
N PHE C 390 41.99 21.31 23.05
CA PHE C 390 42.91 20.92 24.13
C PHE C 390 42.11 20.78 25.41
N ALA C 391 41.09 21.61 25.53
CA ALA C 391 40.24 21.56 26.69
C ALA C 391 39.35 20.28 26.68
N LEU C 392 38.80 19.91 25.54
CA LEU C 392 38.05 18.66 25.43
C LEU C 392 38.96 17.50 25.80
N ALA C 393 40.25 17.64 25.48
CA ALA C 393 41.18 16.54 25.72
C ALA C 393 41.26 16.27 27.21
N ALA C 394 41.40 17.36 27.98
CA ALA C 394 41.52 17.35 29.42
C ALA C 394 40.23 16.99 30.09
N TYR C 395 39.10 17.42 29.54
CA TYR C 395 37.85 16.99 30.10
C TYR C 395 37.86 15.46 30.23
N ASN C 396 38.55 14.80 29.31
CA ASN C 396 38.62 13.31 29.29
C ASN C 396 39.92 12.66 29.88
N ILE C 397 41.09 13.17 29.53
CA ILE C 397 42.29 12.47 29.92
C ILE C 397 42.89 13.09 31.16
N GLY C 398 42.44 14.29 31.49
CA GLY C 398 42.98 15.04 32.60
C GLY C 398 44.20 15.82 32.18
N GLY C 399 44.34 17.05 32.68
CA GLY C 399 45.43 17.93 32.32
C GLY C 399 46.84 17.43 32.57
N ALA C 400 47.01 16.48 33.50
CA ALA C 400 48.35 16.05 33.84
C ALA C 400 48.98 15.41 32.64
N HIS C 401 48.32 14.37 32.18
CA HIS C 401 48.66 13.64 30.97
C HIS C 401 48.77 14.52 29.72
N LEU C 402 47.79 15.42 29.57
CA LEU C 402 47.76 16.35 28.46
C LEU C 402 48.99 17.27 28.45
N GLU C 403 49.50 17.54 29.66
CA GLU C 403 50.74 18.29 29.81
C GLU C 403 51.87 17.43 29.32
N ASP C 404 51.83 16.18 29.73
CA ASP C 404 52.79 15.22 29.26
C ASP C 404 52.77 15.22 27.75
N ALA C 405 51.57 15.23 27.18
CA ALA C 405 51.44 15.23 25.72
C ALA C 405 52.04 16.46 25.06
N ARG C 406 51.78 17.62 25.66
CA ARG C 406 52.24 18.86 25.07
C ARG C 406 53.75 18.89 25.15
N LYS C 407 54.32 18.40 26.25
CA LYS C 407 55.76 18.33 26.39
C LYS C 407 56.37 17.41 25.36
N MET C 408 55.75 16.24 25.22
CA MET C 408 56.23 15.21 24.28
C MET C 408 56.26 15.80 22.87
N ALA C 409 55.20 16.54 22.54
CA ALA C 409 55.10 17.22 21.26
C ALA C 409 56.27 18.19 21.09
N GLU C 410 56.58 18.91 22.15
CA GLU C 410 57.68 19.86 22.12
C GLU C 410 59.00 19.23 21.77
N LYS C 411 59.41 18.23 22.57
CA LYS C 411 60.67 17.54 22.31
C LYS C 411 60.76 16.96 20.91
N GLU C 412 59.59 16.62 20.36
CA GLU C 412 59.51 16.01 19.04
C GLU C 412 59.52 17.07 17.96
N GLY C 413 59.75 18.31 18.36
CA GLY C 413 59.76 19.45 17.45
C GLY C 413 58.44 19.92 16.88
N LEU C 414 57.35 19.59 17.54
CA LEU C 414 56.06 20.08 17.13
C LEU C 414 55.59 21.31 17.93
N ASN C 415 54.50 21.92 17.49
CA ASN C 415 53.97 23.08 18.18
C ASN C 415 53.09 22.59 19.30
N PRO C 416 53.51 22.81 20.55
CA PRO C 416 52.74 22.24 21.66
C PRO C 416 51.40 22.94 21.89
N ASN C 417 51.16 23.93 21.04
CA ASN C 417 49.97 24.76 21.12
C ASN C 417 48.92 24.59 20.00
N LYS C 418 49.14 23.59 19.16
CA LYS C 418 48.27 23.26 18.04
C LYS C 418 47.63 21.87 18.23
N TRP C 419 46.33 21.80 18.13
CA TRP C 419 45.69 20.54 18.42
C TRP C 419 46.21 19.49 17.44
N LEU C 420 46.38 19.86 16.16
CA LEU C 420 46.78 18.87 15.15
C LEU C 420 48.07 18.16 15.47
N ASP C 421 48.95 18.83 16.20
CA ASP C 421 50.25 18.28 16.58
C ASP C 421 50.21 17.47 17.83
N VAL C 422 49.55 18.02 18.84
CA VAL C 422 49.51 17.38 20.16
C VAL C 422 48.66 16.10 20.08
N LYS C 423 47.70 16.17 19.17
CA LYS C 423 46.75 15.14 18.88
C LYS C 423 47.46 13.90 18.35
N LYS C 424 48.64 14.10 17.79
CA LYS C 424 49.45 12.99 17.27
C LYS C 424 50.17 12.28 18.38
N MET C 425 50.51 13.05 19.43
CA MET C 425 51.22 12.50 20.55
C MET C 425 50.36 11.73 21.52
N LEU C 426 49.09 12.11 21.65
CA LEU C 426 48.22 11.56 22.72
C LEU C 426 48.16 10.05 22.71
N PRO C 427 48.03 9.40 21.53
CA PRO C 427 48.00 7.93 21.47
C PRO C 427 49.31 7.26 21.85
N ARG C 428 50.39 8.02 21.94
CA ARG C 428 51.62 7.37 22.33
C ARG C 428 51.59 7.12 23.84
N LEU C 429 50.62 7.68 24.55
CA LEU C 429 50.60 7.51 25.98
C LEU C 429 50.19 6.13 26.35
N ALA C 430 49.75 5.31 25.38
CA ALA C 430 49.40 3.89 25.65
C ALA C 430 50.46 2.99 25.13
N GLN C 431 51.55 3.62 24.73
CA GLN C 431 52.71 2.96 24.20
C GLN C 431 53.92 3.16 25.11
N LYS C 432 54.31 2.05 25.76
CA LYS C 432 55.32 2.05 26.82
C LYS C 432 56.65 2.59 26.48
N GLN C 433 57.23 2.27 25.33
CA GLN C 433 58.55 2.83 24.97
C GLN C 433 58.49 4.31 25.15
N TRP C 434 57.29 4.87 24.95
CA TRP C 434 57.09 6.31 25.08
C TRP C 434 56.57 6.74 26.45
N TYR C 435 55.52 6.10 26.97
CA TYR C 435 54.92 6.66 28.17
C TYR C 435 55.83 6.51 29.38
N ALA C 436 56.74 5.54 29.34
CA ALA C 436 57.63 5.30 30.47
C ALA C 436 58.56 6.46 30.65
N LYS C 437 58.76 7.21 29.59
CA LYS C 437 59.57 8.38 29.74
C LYS C 437 58.79 9.61 30.20
N THR C 438 57.52 9.45 30.51
CA THR C 438 56.73 10.58 30.99
C THR C 438 56.50 10.54 32.50
N ARG C 439 55.94 11.63 33.03
CA ARG C 439 55.73 11.77 34.47
C ARG C 439 54.64 10.90 35.03
N TYR C 440 53.52 10.86 34.32
CA TYR C 440 52.32 10.21 34.85
C TYR C 440 52.07 8.88 34.17
N GLY C 441 52.90 8.57 33.17
CA GLY C 441 52.93 7.25 32.57
C GLY C 441 51.73 6.95 31.70
N TYR C 442 51.33 5.70 31.70
CA TYR C 442 50.28 5.26 30.79
C TYR C 442 48.91 5.94 30.99
N ALA C 443 48.31 6.26 29.83
CA ALA C 443 46.92 6.63 29.71
C ALA C 443 46.47 6.20 28.30
N ARG C 444 45.19 5.85 28.17
CA ARG C 444 44.65 5.32 26.92
C ARG C 444 44.42 6.45 25.94
N GLY C 445 45.51 7.10 25.59
CA GLY C 445 45.36 8.35 24.92
C GLY C 445 44.66 8.30 23.59
N GLY C 446 44.57 7.13 22.98
CA GLY C 446 43.96 7.12 21.67
C GLY C 446 42.49 7.41 21.82
N GLU C 447 41.94 7.01 22.94
CA GLU C 447 40.53 7.17 23.18
C GLU C 447 40.23 8.63 23.50
N THR C 448 41.19 9.36 24.02
CA THR C 448 41.02 10.80 24.20
C THR C 448 40.77 11.47 22.88
N VAL C 449 41.61 11.11 21.91
CA VAL C 449 41.52 11.65 20.56
C VAL C 449 40.18 11.32 19.95
N HIS C 450 39.71 10.09 20.17
CA HIS C 450 38.39 9.67 19.68
C HIS C 450 37.32 10.50 20.35
N PHE C 451 37.54 10.83 21.61
CA PHE C 451 36.59 11.62 22.35
C PHE C 451 36.44 12.97 21.70
N VAL C 452 37.59 13.62 21.56
CA VAL C 452 37.64 14.95 21.01
C VAL C 452 37.00 14.98 19.65
N GLN C 453 37.33 14.05 18.79
N GLN C 453 37.41 14.08 18.78
CA GLN C 453 36.88 14.18 17.42
CA GLN C 453 36.90 14.04 17.41
C GLN C 453 35.44 13.69 17.20
C GLN C 453 35.39 13.99 17.45
N ASN C 454 34.85 13.05 18.21
CA ASN C 454 33.42 12.79 18.20
C ASN C 454 32.63 14.02 18.61
N VAL C 455 33.12 14.70 19.63
CA VAL C 455 32.35 15.81 20.17
C VAL C 455 32.25 16.88 19.13
N ARG C 456 33.34 17.09 18.40
CA ARG C 456 33.39 18.14 17.39
C ARG C 456 32.44 17.82 16.28
N ARG C 457 32.27 16.54 16.04
CA ARG C 457 31.39 16.15 15.00
C ARG C 457 29.96 16.49 15.35
N TYR C 458 29.54 16.19 16.57
CA TYR C 458 28.17 16.50 16.93
C TYR C 458 28.08 18.02 16.94
N TYR C 459 29.19 18.64 17.28
CA TYR C 459 29.24 20.09 17.37
C TYR C 459 28.98 20.72 16.01
N ASP C 460 29.67 20.19 15.01
CA ASP C 460 29.57 20.66 13.65
C ASP C 460 28.15 20.49 13.11
N ILE C 461 27.57 19.33 13.33
CA ILE C 461 26.14 19.10 13.00
C ILE C 461 25.15 20.05 13.76
N LEU C 462 25.34 20.24 15.06
CA LEU C 462 24.49 21.17 15.82
C LEU C 462 24.61 22.58 15.23
N THR C 463 25.83 22.94 14.88
CA THR C 463 26.10 24.20 14.24
C THR C 463 25.30 24.34 12.96
N TRP C 464 25.33 23.28 12.16
CA TRP C 464 24.67 23.27 10.90
C TRP C 464 23.17 23.35 11.06
N VAL C 465 22.55 22.69 12.03
CA VAL C 465 21.09 22.83 12.05
C VAL C 465 20.61 24.00 12.90
N THR C 466 21.53 24.82 13.37
CA THR C 466 21.23 25.99 14.21
C THR C 466 22.25 27.14 13.98
N GLN C 467 22.18 27.86 12.86
CA GLN C 467 21.22 27.58 11.79
C GLN C 467 21.24 28.53 10.57
N PRO C 468 21.91 29.70 10.64
CA PRO C 468 21.46 30.57 9.55
C PRO C 468 22.39 30.59 8.33
N GLY D 52 8.00 10.24 61.53
CA GLY D 52 8.40 8.85 61.71
C GLY D 52 7.44 7.92 60.99
N VAL D 53 7.36 8.06 59.66
CA VAL D 53 6.39 7.31 58.86
C VAL D 53 6.98 6.84 57.55
N LEU D 54 7.08 5.52 57.37
CA LEU D 54 7.49 4.97 56.08
C LEU D 54 6.31 4.86 55.07
N ARG D 55 6.39 5.63 53.98
CA ARG D 55 5.36 5.56 52.95
C ARG D 55 5.67 4.52 51.87
N VAL D 56 4.83 3.49 51.72
CA VAL D 56 5.12 2.49 50.70
C VAL D 56 4.08 2.57 49.59
N ILE D 57 4.52 2.64 48.35
CA ILE D 57 3.60 2.66 47.23
C ILE D 57 3.51 1.27 46.60
N THR D 58 2.32 0.84 46.27
CA THR D 58 2.23 -0.48 45.71
C THR D 58 1.08 -0.61 44.72
N ARG D 59 0.85 -1.83 44.26
CA ARG D 59 -0.26 -2.14 43.37
C ARG D 59 -1.39 -2.66 44.23
N ASN D 60 -2.61 -2.25 43.90
CA ASN D 60 -3.77 -2.89 44.51
C ASN D 60 -4.05 -4.18 43.78
N SER D 61 -3.58 -5.30 44.31
CA SER D 61 -3.72 -6.53 43.55
C SER D 61 -3.57 -7.71 44.49
N PRO D 62 -4.08 -8.88 44.07
CA PRO D 62 -4.10 -10.00 45.01
C PRO D 62 -2.70 -10.43 45.45
N ALA D 63 -1.72 -10.16 44.59
CA ALA D 63 -0.38 -10.57 44.88
C ALA D 63 0.38 -9.57 45.76
N THR D 64 -0.15 -8.37 45.98
CA THR D 64 0.66 -7.34 46.63
C THR D 64 0.01 -6.77 47.90
N TYR D 65 -1.12 -6.10 47.71
CA TYR D 65 -1.84 -5.40 48.76
C TYR D 65 -3.35 -5.29 48.46
N PHE D 66 -4.19 -5.62 49.43
CA PHE D 66 -5.62 -5.44 49.31
C PHE D 66 -6.27 -5.59 50.68
N GLN D 67 -7.58 -5.37 50.71
CA GLN D 67 -8.35 -5.54 51.93
C GLN D 67 -9.11 -6.86 51.87
N ASP D 68 -8.96 -7.68 52.90
CA ASP D 68 -9.90 -8.76 53.01
C ASP D 68 -10.80 -8.44 54.21
N ARG D 69 -11.45 -9.47 54.73
CA ARG D 69 -12.40 -9.29 55.80
C ARG D 69 -11.72 -8.90 57.09
N ASN D 70 -10.42 -9.14 57.19
CA ASN D 70 -9.63 -8.78 58.37
C ASN D 70 -8.87 -7.46 58.30
N GLY D 71 -8.98 -6.76 57.18
CA GLY D 71 -8.18 -5.57 56.92
C GLY D 71 -7.10 -5.82 55.89
N GLU D 72 -5.98 -5.14 56.00
CA GLU D 72 -4.91 -5.21 55.02
C GLU D 72 -4.11 -6.51 54.96
N THR D 73 -3.66 -6.90 53.76
CA THR D 73 -2.93 -8.16 53.48
C THR D 73 -2.12 -8.09 52.25
N GLY D 74 -1.44 -9.19 52.00
CA GLY D 74 -0.66 -9.33 50.80
C GLY D 74 0.79 -9.47 51.11
N PHE D 75 1.44 -10.21 50.25
CA PHE D 75 2.83 -10.48 50.40
C PHE D 75 3.64 -9.18 50.60
N GLU D 76 3.48 -8.24 49.66
CA GLU D 76 4.26 -7.01 49.73
C GLU D 76 3.88 -6.26 50.97
N TYR D 77 2.57 -6.21 51.27
CA TYR D 77 2.14 -5.41 52.41
C TYR D 77 2.76 -5.93 53.71
N GLU D 78 2.83 -7.24 53.83
CA GLU D 78 3.33 -7.81 55.06
C GLU D 78 4.82 -7.58 55.14
N LEU D 79 5.57 -7.92 54.10
CA LEU D 79 7.00 -7.61 54.10
C LEU D 79 7.24 -6.12 54.39
N ALA D 80 6.44 -5.23 53.80
CA ALA D 80 6.62 -3.79 54.03
C ALA D 80 6.27 -3.43 55.47
N LYS D 81 5.44 -4.22 56.11
CA LYS D 81 5.10 -3.88 57.49
C LYS D 81 6.25 -4.29 58.41
N ARG D 82 6.75 -5.51 58.25
CA ARG D 82 7.82 -6.03 59.09
C ARG D 82 9.09 -5.20 58.95
N PHE D 83 9.21 -4.46 57.86
CA PHE D 83 10.36 -3.60 57.67
C PHE D 83 10.15 -2.29 58.45
N ALA D 84 8.94 -1.77 58.42
CA ALA D 84 8.62 -0.55 59.15
C ALA D 84 8.67 -0.82 60.63
N GLU D 85 8.41 -2.06 61.00
CA GLU D 85 8.45 -2.39 62.41
C GLU D 85 9.89 -2.35 62.84
N ARG D 86 10.75 -2.88 61.98
CA ARG D 86 12.19 -2.84 62.22
C ARG D 86 12.79 -1.45 62.21
N LEU D 87 12.06 -0.44 61.75
CA LEU D 87 12.60 0.93 61.75
C LEU D 87 11.89 1.64 62.85
N GLY D 88 10.96 0.92 63.46
CA GLY D 88 10.11 1.48 64.48
C GLY D 88 9.33 2.70 64.00
N VAL D 89 8.75 2.63 62.80
CA VAL D 89 7.90 3.72 62.32
C VAL D 89 6.57 3.16 61.86
N GLU D 90 5.54 3.99 61.81
CA GLU D 90 4.25 3.49 61.35
C GLU D 90 4.24 3.43 59.83
N LEU D 91 3.71 2.32 59.29
CA LEU D 91 3.59 2.08 57.84
C LEU D 91 2.42 2.75 57.11
N LYS D 92 2.70 3.61 56.14
CA LYS D 92 1.60 4.14 55.36
C LYS D 92 1.56 3.72 53.86
N ILE D 93 0.58 2.91 53.49
CA ILE D 93 0.43 2.47 52.10
C ILE D 93 -0.30 3.44 51.16
N GLU D 94 0.19 3.52 49.92
CA GLU D 94 -0.44 4.24 48.82
C GLU D 94 -0.59 3.36 47.54
N THR D 95 -1.68 3.50 46.78
CA THR D 95 -1.79 2.66 45.60
C THR D 95 -1.70 3.48 44.33
N ALA D 96 -0.90 2.97 43.42
CA ALA D 96 -0.69 3.62 42.17
C ALA D 96 -1.72 3.06 41.22
N ASP D 97 -2.15 3.87 40.25
CA ASP D 97 -3.21 3.45 39.34
C ASP D 97 -2.70 2.51 38.28
N ASN D 98 -1.41 2.64 37.99
CA ASN D 98 -0.75 1.81 36.99
C ASN D 98 0.77 1.87 37.17
N LEU D 99 1.48 1.08 36.38
CA LEU D 99 2.87 0.99 36.63
C LEU D 99 3.49 2.30 36.36
N ASP D 100 3.02 2.98 35.32
CA ASP D 100 3.61 4.26 34.98
C ASP D 100 3.47 5.27 36.11
N ASP D 101 2.31 5.25 36.78
CA ASP D 101 2.04 6.21 37.83
C ASP D 101 2.88 5.86 39.03
N LEU D 102 3.07 4.56 39.23
CA LEU D 102 3.91 4.09 40.28
C LEU D 102 5.28 4.67 40.16
N TYR D 103 5.87 4.43 39.00
CA TYR D 103 7.24 4.86 38.77
C TYR D 103 7.31 6.40 38.70
N ALA D 104 6.24 7.04 38.23
CA ALA D 104 6.16 8.52 38.16
C ALA D 104 6.16 9.14 39.54
N GLN D 105 5.30 8.60 40.40
CA GLN D 105 5.12 9.00 41.81
C GLN D 105 6.37 8.77 42.61
N LEU D 106 7.06 7.68 42.30
CA LEU D 106 8.26 7.30 43.01
C LEU D 106 9.34 8.31 42.73
N SER D 107 9.17 9.09 41.67
CA SER D 107 10.26 9.88 41.16
C SER D 107 10.00 11.37 41.31
N ARG D 108 8.84 11.71 41.86
CA ARG D 108 8.52 13.09 42.20
C ARG D 108 9.13 13.26 43.58
N GLU D 109 9.80 14.40 43.74
CA GLU D 109 10.43 14.68 45.00
C GLU D 109 9.33 14.95 46.00
N GLY D 110 9.54 14.52 47.23
CA GLY D 110 8.49 14.60 48.21
C GLY D 110 7.54 13.44 48.06
N GLY D 111 7.99 12.38 47.40
CA GLY D 111 7.11 11.25 47.15
C GLY D 111 7.18 10.11 48.15
N PRO D 112 6.65 8.95 47.77
CA PRO D 112 6.72 7.84 48.72
C PRO D 112 8.16 7.40 48.91
N ALA D 113 8.41 6.88 50.10
CA ALA D 113 9.72 6.42 50.43
C ALA D 113 10.16 5.33 49.45
N LEU D 114 9.33 4.31 49.24
CA LEU D 114 9.74 3.23 48.34
C LEU D 114 8.54 2.51 47.69
N ALA D 115 8.80 1.74 46.62
CA ALA D 115 7.77 0.92 45.97
C ALA D 115 8.01 -0.57 46.15
N ALA D 116 6.98 -1.27 46.66
CA ALA D 116 6.95 -2.73 46.83
C ALA D 116 5.74 -3.32 46.07
N ALA D 117 6.01 -4.01 44.97
CA ALA D 117 4.99 -4.31 43.96
C ALA D 117 5.42 -5.39 42.99
N GLY D 118 6.27 -6.28 43.45
CA GLY D 118 6.80 -7.31 42.56
C GLY D 118 7.50 -6.67 41.37
N LEU D 119 8.37 -5.72 41.63
CA LEU D 119 8.95 -5.05 40.50
C LEU D 119 10.20 -5.79 40.02
N THR D 120 10.41 -5.80 38.71
CA THR D 120 11.64 -6.31 38.07
C THR D 120 12.68 -5.19 37.93
N PRO D 121 13.89 -5.44 38.36
CA PRO D 121 14.81 -4.32 38.30
C PRO D 121 15.10 -3.79 36.90
N GLY D 122 15.11 -4.63 35.85
CA GLY D 122 15.70 -4.27 34.55
C GLY D 122 16.75 -3.15 34.34
N ARG D 123 17.62 -3.31 33.32
CA ARG D 123 18.80 -2.45 33.09
C ARG D 123 19.76 -2.61 34.27
N GLU D 124 20.78 -1.77 34.48
CA GLU D 124 20.87 -0.36 34.14
C GLU D 124 22.33 -0.16 34.46
N ASP D 125 23.02 0.91 34.04
CA ASP D 125 22.79 1.76 32.87
C ASP D 125 21.90 3.02 33.09
N ASP D 126 20.66 2.78 33.54
CA ASP D 126 19.73 3.77 34.12
C ASP D 126 19.83 3.99 35.64
N ALA D 127 20.10 5.20 36.11
CA ALA D 127 19.86 5.53 37.53
C ALA D 127 18.38 5.81 37.71
N SER D 128 18.03 6.99 38.18
CA SER D 128 16.63 7.44 38.22
C SER D 128 15.76 6.55 39.09
N VAL D 129 16.03 5.24 39.04
CA VAL D 129 15.37 4.26 39.89
C VAL D 129 16.39 3.21 40.40
N ARG D 130 16.40 3.02 41.74
CA ARG D 130 17.29 2.03 42.36
C ARG D 130 16.52 0.85 42.97
N TYR D 131 17.08 -0.33 42.78
CA TYR D 131 16.44 -1.52 43.23
C TYR D 131 17.16 -2.13 44.45
N SER D 132 16.39 -2.71 45.37
CA SER D 132 16.98 -3.48 46.47
C SER D 132 17.56 -4.85 46.04
N HIS D 133 18.07 -5.59 47.02
CA HIS D 133 18.43 -6.98 46.79
C HIS D 133 17.17 -7.79 46.47
N THR D 134 17.32 -8.96 45.88
CA THR D 134 16.18 -9.78 45.50
C THR D 134 15.48 -10.42 46.67
N TYR D 135 14.16 -10.61 46.62
CA TYR D 135 13.46 -11.24 47.75
C TYR D 135 12.55 -12.36 47.25
N LEU D 136 12.59 -12.61 45.94
CA LEU D 136 11.75 -13.64 45.37
C LEU D 136 12.04 -14.01 43.91
N ASP D 137 12.15 -15.30 43.62
CA ASP D 137 12.56 -15.70 42.29
C ASP D 137 11.33 -16.01 41.48
N VAL D 138 11.28 -15.50 40.27
CA VAL D 138 10.10 -15.71 39.45
C VAL D 138 10.51 -15.86 38.01
N THR D 139 9.57 -16.32 37.21
CA THR D 139 9.81 -16.54 35.81
C THR D 139 8.66 -16.04 34.91
N PRO D 140 8.99 -15.31 33.82
CA PRO D 140 7.94 -14.93 32.87
C PRO D 140 7.45 -16.14 32.08
N GLN D 141 6.15 -16.31 32.01
CA GLN D 141 5.63 -17.46 31.32
C GLN D 141 4.49 -17.05 30.43
N ILE D 142 4.54 -17.51 29.19
CA ILE D 142 3.43 -17.31 28.27
C ILE D 142 2.29 -18.17 28.72
N ILE D 143 1.11 -17.58 28.70
CA ILE D 143 -0.10 -18.23 29.18
C ILE D 143 -1.04 -18.36 28.01
N TYR D 144 -1.60 -19.55 27.82
CA TYR D 144 -2.62 -19.77 26.79
C TYR D 144 -3.80 -20.49 27.39
N ARG D 145 -4.80 -20.73 26.54
CA ARG D 145 -6.06 -21.33 26.98
C ARG D 145 -6.15 -22.82 26.63
N ASN D 146 -6.73 -23.59 27.52
CA ASN D 146 -6.88 -25.02 27.26
C ASN D 146 -7.85 -25.26 26.08
N GLY D 147 -7.44 -26.11 25.16
CA GLY D 147 -8.24 -26.41 24.00
C GLY D 147 -7.97 -25.47 22.86
N GLN D 148 -6.78 -24.88 22.87
CA GLN D 148 -6.33 -24.02 21.79
C GLN D 148 -4.90 -24.47 21.52
N GLN D 149 -4.28 -24.04 20.42
CA GLN D 149 -2.91 -24.50 20.12
C GLN D 149 -1.86 -23.95 21.07
N ARG D 150 -1.26 -24.82 21.88
CA ARG D 150 -0.15 -24.44 22.77
C ARG D 150 1.03 -23.98 21.93
N PRO D 151 1.37 -22.68 21.98
CA PRO D 151 2.56 -22.24 21.25
C PRO D 151 3.83 -22.78 21.91
N THR D 152 4.77 -23.18 21.06
CA THR D 152 5.97 -23.88 21.48
C THR D 152 7.18 -22.94 21.59
N ARG D 153 7.14 -21.90 20.77
CA ARG D 153 8.26 -20.99 20.61
C ARG D 153 7.83 -19.55 20.38
N PRO D 154 8.71 -18.60 20.75
CA PRO D 154 8.48 -17.17 20.58
C PRO D 154 7.82 -16.78 19.27
N GLU D 155 8.15 -17.43 18.15
CA GLU D 155 7.55 -17.05 16.88
C GLU D 155 6.02 -17.22 16.83
N ASP D 156 5.47 -18.11 17.66
CA ASP D 156 4.04 -18.50 17.55
C ASP D 156 3.11 -17.56 18.30
N LEU D 157 3.63 -16.44 18.77
CA LEU D 157 2.79 -15.44 19.40
C LEU D 157 2.24 -14.52 18.30
N VAL D 158 2.82 -14.64 17.11
CA VAL D 158 2.36 -13.86 15.97
C VAL D 158 0.99 -14.32 15.51
N GLY D 159 0.13 -13.36 15.18
CA GLY D 159 -1.21 -13.61 14.68
C GLY D 159 -2.24 -13.77 15.78
N LYS D 160 -1.71 -13.90 16.98
CA LYS D 160 -2.52 -14.14 18.16
C LYS D 160 -2.89 -12.82 18.89
N ARG D 161 -4.00 -12.79 19.61
CA ARG D 161 -4.29 -11.57 20.36
C ARG D 161 -3.63 -11.57 21.73
N ILE D 162 -2.82 -10.56 21.99
CA ILE D 162 -2.03 -10.63 23.20
C ILE D 162 -2.27 -9.36 24.00
N MET D 163 -2.38 -9.47 25.32
CA MET D 163 -2.45 -8.28 26.17
C MET D 163 -1.62 -8.45 27.40
N VAL D 164 -0.98 -7.38 27.85
CA VAL D 164 -0.11 -7.38 29.02
C VAL D 164 -0.25 -6.03 29.74
N LEU D 165 0.27 -5.89 30.95
CA LEU D 165 0.21 -4.59 31.58
C LEU D 165 1.11 -3.53 30.88
N LYS D 166 0.57 -2.35 30.58
CA LYS D 166 1.37 -1.23 30.03
C LYS D 166 2.45 -0.64 30.98
N GLY D 167 3.67 -0.44 30.45
CA GLY D 167 4.71 0.08 31.30
C GLY D 167 5.36 -1.00 32.13
N SER D 168 5.16 -2.25 31.71
CA SER D 168 5.61 -3.42 32.46
C SER D 168 6.86 -4.06 31.89
N SER D 169 7.54 -4.83 32.72
CA SER D 169 8.60 -5.73 32.29
C SER D 169 8.19 -6.53 31.04
N HIS D 170 6.98 -7.03 31.07
CA HIS D 170 6.57 -8.00 30.09
C HIS D 170 6.31 -7.29 28.79
N ALA D 171 5.82 -6.06 28.93
CA ALA D 171 5.56 -5.23 27.78
C ALA D 171 6.89 -4.95 27.05
N GLU D 172 7.98 -4.70 27.79
CA GLU D 172 9.29 -4.45 27.17
C GLU D 172 9.88 -5.71 26.52
N GLN D 173 9.68 -6.87 27.16
CA GLN D 173 10.08 -8.14 26.56
C GLN D 173 9.48 -8.37 25.17
N LEU D 174 8.18 -8.03 25.02
CA LEU D 174 7.41 -8.17 23.76
C LEU D 174 7.79 -7.11 22.73
N ALA D 175 8.01 -5.86 23.17
CA ALA D 175 8.59 -4.81 22.31
C ALA D 175 9.91 -5.25 21.60
N GLU D 176 10.90 -5.79 22.35
CA GLU D 176 12.14 -6.27 21.71
C GLU D 176 11.90 -7.48 20.83
N LEU D 177 11.05 -8.41 21.25
CA LEU D 177 10.75 -9.54 20.38
C LEU D 177 10.20 -9.10 19.02
N LYS D 178 9.58 -7.91 19.02
CA LYS D 178 8.95 -7.30 17.85
C LYS D 178 9.97 -6.73 16.84
N LYS D 179 11.22 -6.53 17.27
CA LYS D 179 12.31 -6.16 16.36
C LYS D 179 12.69 -7.38 15.52
N GLN D 180 12.78 -8.54 16.19
CA GLN D 180 13.05 -9.83 15.54
C GLN D 180 11.89 -10.40 14.68
N TYR D 181 10.64 -10.06 15.01
CA TYR D 181 9.48 -10.47 14.21
C TYR D 181 8.48 -9.31 14.14
N PRO D 182 8.75 -8.32 13.27
CA PRO D 182 8.00 -7.05 13.20
C PRO D 182 6.51 -7.19 12.87
N GLU D 183 6.10 -8.39 12.46
CA GLU D 183 4.70 -8.62 12.15
C GLU D 183 3.83 -8.82 13.41
N LEU D 184 4.50 -9.11 14.52
CA LEU D 184 3.91 -9.28 15.85
C LEU D 184 3.12 -8.08 16.38
N LYS D 185 1.95 -8.36 16.96
CA LYS D 185 1.12 -7.33 17.57
C LYS D 185 0.68 -7.71 18.99
N TYR D 186 0.60 -6.72 19.87
CA TYR D 186 0.16 -6.91 21.25
C TYR D 186 -0.41 -5.61 21.77
N GLU D 187 -1.31 -5.72 22.74
CA GLU D 187 -1.96 -4.57 23.34
C GLU D 187 -1.42 -4.28 24.74
N GLU D 188 -1.56 -3.03 25.19
CA GLU D 188 -1.14 -2.61 26.51
C GLU D 188 -2.34 -1.87 27.14
N SER D 189 -2.50 -1.99 28.44
CA SER D 189 -3.59 -1.30 29.10
C SER D 189 -3.10 -0.82 30.42
N ASP D 190 -3.64 0.32 30.81
CA ASP D 190 -3.49 0.81 32.17
C ASP D 190 -4.64 0.28 33.00
N ALA D 191 -5.62 -0.31 32.34
CA ALA D 191 -6.89 -0.64 32.98
C ALA D 191 -7.05 -2.09 33.35
N VAL D 192 -5.93 -2.78 33.45
CA VAL D 192 -5.98 -4.14 33.92
C VAL D 192 -4.89 -4.35 34.93
N GLU D 193 -5.10 -5.32 35.78
CA GLU D 193 -4.08 -5.86 36.61
C GLU D 193 -3.86 -7.28 36.06
N VAL D 194 -2.89 -8.02 36.59
CA VAL D 194 -2.58 -9.35 36.07
C VAL D 194 -3.79 -10.31 36.17
N VAL D 195 -4.54 -10.19 37.25
CA VAL D 195 -5.77 -10.98 37.41
C VAL D 195 -6.78 -10.86 36.24
N ASP D 196 -6.97 -9.64 35.72
CA ASP D 196 -7.78 -9.39 34.55
C ASP D 196 -7.16 -10.22 33.41
N LEU D 197 -5.85 -10.20 33.28
CA LEU D 197 -5.19 -10.93 32.21
C LEU D 197 -5.47 -12.45 32.26
N LEU D 198 -5.33 -13.06 33.42
CA LEU D 198 -5.52 -14.49 33.49
C LEU D 198 -6.98 -14.77 33.22
N ARG D 199 -7.87 -13.93 33.78
CA ARG D 199 -9.30 -14.04 33.53
C ARG D 199 -9.60 -13.96 32.04
N MET D 200 -9.03 -12.96 31.39
CA MET D 200 -9.27 -12.77 29.97
C MET D 200 -8.82 -13.98 29.10
N VAL D 201 -7.72 -14.63 29.47
CA VAL D 201 -7.33 -15.89 28.84
C VAL D 201 -8.32 -17.00 29.15
N ASP D 202 -8.59 -17.20 30.44
CA ASP D 202 -9.61 -18.13 30.91
C ASP D 202 -10.92 -18.11 30.11
N VAL D 203 -11.43 -16.91 29.86
CA VAL D 203 -12.71 -16.72 29.23
C VAL D 203 -12.65 -16.66 27.69
N GLY D 204 -11.46 -16.59 27.13
CA GLY D 204 -11.25 -16.57 25.68
C GLY D 204 -11.37 -15.21 25.00
N ASP D 205 -11.32 -14.13 25.80
CA ASP D 205 -11.35 -12.78 25.27
C ASP D 205 -10.05 -12.33 24.62
N ILE D 206 -8.96 -12.99 25.00
CA ILE D 206 -7.69 -12.77 24.33
C ILE D 206 -6.98 -14.08 24.25
N ASP D 207 -6.17 -14.29 23.22
CA ASP D 207 -5.44 -15.55 22.99
C ASP D 207 -4.36 -15.88 24.02
N LEU D 208 -3.50 -14.92 24.32
CA LEU D 208 -2.40 -15.12 25.22
C LEU D 208 -2.12 -13.94 26.13
N THR D 209 -1.51 -14.21 27.29
CA THR D 209 -0.91 -13.12 28.09
C THR D 209 0.52 -13.51 28.52
N LEU D 210 1.20 -12.58 29.17
CA LEU D 210 2.58 -12.77 29.61
C LEU D 210 2.72 -12.30 31.06
N VAL D 211 2.91 -13.21 32.02
CA VAL D 211 2.90 -12.79 33.43
C VAL D 211 3.95 -13.50 34.25
N ASP D 212 4.38 -12.86 35.36
CA ASP D 212 5.39 -13.51 36.20
C ASP D 212 4.76 -14.68 36.91
N SER D 213 5.59 -15.72 37.05
CA SER D 213 5.19 -17.05 37.48
C SER D 213 4.58 -17.11 38.87
N ASN D 214 4.99 -16.20 39.74
CA ASN D 214 4.49 -16.25 41.08
C ASN D 214 3.01 -15.95 41.01
N GLU D 215 2.62 -15.23 39.96
CA GLU D 215 1.25 -14.76 39.74
C GLU D 215 0.27 -15.91 39.35
N LEU D 216 0.75 -16.80 38.50
CA LEU D 216 0.04 -18.01 38.15
C LEU D 216 -0.10 -18.93 39.40
N ALA D 217 0.93 -18.99 40.21
CA ALA D 217 0.88 -19.82 41.40
C ALA D 217 -0.23 -19.26 42.27
N MET D 218 -0.25 -17.93 42.36
CA MET D 218 -1.23 -17.21 43.15
C MET D 218 -2.67 -17.45 42.72
N ASN D 219 -2.89 -17.47 41.40
CA ASN D 219 -4.24 -17.39 40.85
C ASN D 219 -4.73 -18.60 40.11
N GLN D 220 -3.81 -19.48 39.71
CA GLN D 220 -4.10 -20.60 38.82
C GLN D 220 -5.39 -21.32 39.06
N VAL D 221 -5.64 -21.64 40.33
CA VAL D 221 -6.77 -22.44 40.72
C VAL D 221 -8.13 -21.80 40.43
N TYR D 222 -8.17 -20.47 40.36
CA TYR D 222 -9.43 -19.76 40.14
C TYR D 222 -9.63 -19.56 38.60
N PHE D 223 -8.65 -20.02 37.83
CA PHE D 223 -8.78 -20.01 36.38
C PHE D 223 -8.39 -21.33 35.72
N PRO D 224 -9.37 -22.22 35.61
CA PRO D 224 -9.18 -23.58 35.15
C PRO D 224 -8.61 -23.69 33.75
N ASN D 225 -8.97 -22.79 32.87
CA ASN D 225 -8.61 -23.02 31.48
C ASN D 225 -7.22 -22.58 31.13
N VAL D 226 -6.54 -21.87 32.03
CA VAL D 226 -5.26 -21.29 31.64
C VAL D 226 -4.12 -22.28 31.86
N ARG D 227 -3.08 -22.18 31.02
CA ARG D 227 -1.94 -23.16 30.99
C ARG D 227 -0.62 -22.44 30.62
N VAL D 228 0.49 -22.85 31.23
CA VAL D 228 1.77 -22.31 30.82
C VAL D 228 2.16 -22.87 29.48
N ALA D 229 2.37 -22.00 28.51
CA ALA D 229 2.76 -22.46 27.22
C ALA D 229 4.26 -22.72 27.29
N PHE D 230 5.03 -21.71 27.67
CA PHE D 230 6.46 -21.92 27.96
C PHE D 230 7.02 -20.76 28.72
N ASP D 231 8.16 -21.00 29.34
CA ASP D 231 8.87 -19.91 29.97
C ASP D 231 9.49 -18.97 28.95
N PHE D 232 9.43 -17.67 29.21
CA PHE D 232 9.86 -16.66 28.25
C PHE D 232 10.75 -15.63 28.98
N GLY D 233 12.05 -15.93 29.07
CA GLY D 233 13.03 -15.14 29.82
C GLY D 233 13.77 -15.98 30.86
N GLU D 234 14.95 -15.55 31.31
CA GLU D 234 15.71 -16.36 32.25
C GLU D 234 15.03 -16.08 33.57
N ALA D 235 15.03 -17.01 34.53
CA ALA D 235 14.50 -16.72 35.89
C ALA D 235 15.11 -15.45 36.52
N ARG D 236 14.34 -14.73 37.30
CA ARG D 236 14.85 -13.49 37.92
C ARG D 236 14.22 -13.20 39.28
N GLY D 237 14.77 -12.22 39.98
CA GLY D 237 14.32 -11.89 41.31
C GLY D 237 13.64 -10.55 41.38
N LEU D 238 12.59 -10.46 42.15
CA LEU D 238 11.94 -9.19 42.35
C LEU D 238 12.67 -8.39 43.43
N ALA D 239 12.37 -7.09 43.46
CA ALA D 239 12.96 -6.06 44.31
C ALA D 239 12.02 -4.88 44.53
N TRP D 240 12.30 -4.17 45.62
CA TRP D 240 11.72 -2.86 45.87
C TRP D 240 12.45 -1.78 45.04
N ALA D 241 11.76 -0.71 44.74
CA ALA D 241 12.36 0.36 43.99
C ALA D 241 12.54 1.57 44.89
N LEU D 242 13.70 2.18 44.84
CA LEU D 242 13.84 3.43 45.52
C LEU D 242 14.16 4.46 44.47
N PRO D 243 13.72 5.67 44.79
CA PRO D 243 14.09 6.79 43.92
C PRO D 243 15.61 6.95 43.88
N GLY D 244 16.16 7.33 42.73
CA GLY D 244 17.58 7.62 42.68
C GLY D 244 17.85 9.04 43.18
N GLY D 245 18.90 9.23 43.99
CA GLY D 245 19.80 8.19 44.42
C GLY D 245 21.23 8.63 44.59
N ASP D 246 21.61 8.97 45.81
CA ASP D 246 22.99 9.36 46.15
C ASP D 246 23.15 9.18 47.66
N ASP D 247 22.03 9.18 48.35
CA ASP D 247 22.00 8.93 49.76
C ASP D 247 21.65 7.45 49.97
N ASP D 248 22.52 6.71 50.63
CA ASP D 248 22.22 5.29 50.82
C ASP D 248 21.64 4.91 52.16
N SER D 249 21.26 5.90 52.97
CA SER D 249 20.69 5.64 54.29
C SER D 249 19.59 4.58 54.26
N LEU D 250 18.50 4.86 53.53
CA LEU D 250 17.35 3.95 53.50
C LEU D 250 17.76 2.65 52.80
N MET D 251 18.40 2.76 51.64
CA MET D 251 18.78 1.59 50.86
C MET D 251 19.61 0.58 51.66
N ASN D 252 20.53 1.07 52.49
CA ASN D 252 21.37 0.16 53.27
C ASN D 252 20.51 -0.60 54.24
N GLU D 253 19.56 0.11 54.85
CA GLU D 253 18.58 -0.50 55.76
C GLU D 253 17.68 -1.52 55.06
N VAL D 254 17.06 -1.11 53.96
CA VAL D 254 16.25 -2.00 53.14
C VAL D 254 17.04 -3.29 52.80
N ASN D 255 18.33 -3.17 52.47
CA ASN D 255 19.08 -4.36 52.12
C ASN D 255 19.47 -5.19 53.34
N ALA D 256 19.61 -4.53 54.49
CA ALA D 256 19.88 -5.24 55.73
C ALA D 256 18.65 -6.09 56.12
N PHE D 257 17.49 -5.44 56.09
CA PHE D 257 16.20 -6.07 56.31
C PHE D 257 15.98 -7.24 55.40
N LEU D 258 16.13 -7.01 54.11
CA LEU D 258 15.83 -8.08 53.21
C LEU D 258 16.84 -9.18 53.40
N ASP D 259 18.07 -8.81 53.78
CA ASP D 259 19.12 -9.82 53.94
C ASP D 259 18.98 -10.77 55.12
N GLN D 260 18.63 -10.28 56.31
CA GLN D 260 18.40 -11.21 57.41
C GLN D 260 17.11 -12.01 57.11
N ALA D 261 16.15 -11.28 56.54
CA ALA D 261 14.84 -11.80 56.32
C ALA D 261 14.90 -12.94 55.33
N LYS D 262 16.02 -13.04 54.62
CA LYS D 262 16.26 -14.20 53.77
C LYS D 262 16.90 -15.38 54.52
N LYS D 263 17.70 -15.14 55.55
CA LYS D 263 18.41 -16.28 56.15
C LYS D 263 17.68 -16.77 57.40
N GLU D 264 16.69 -15.99 57.78
CA GLU D 264 15.99 -16.09 59.06
C GLU D 264 14.63 -16.76 58.86
N GLY D 265 14.36 -17.09 57.60
CA GLY D 265 13.20 -17.84 57.15
C GLY D 265 11.93 -17.05 56.83
N LEU D 266 11.92 -15.77 57.20
CA LEU D 266 10.76 -14.91 57.05
C LEU D 266 10.24 -14.92 55.63
N LEU D 267 11.15 -14.87 54.65
CA LEU D 267 10.78 -14.92 53.24
C LEU D 267 10.15 -16.24 52.81
N GLN D 268 10.71 -17.36 53.20
CA GLN D 268 10.14 -18.63 52.78
C GLN D 268 8.76 -18.84 53.40
N ARG D 269 8.59 -18.37 54.63
CA ARG D 269 7.29 -18.36 55.32
C ARG D 269 6.20 -17.55 54.60
N LEU D 270 6.52 -16.33 54.18
CA LEU D 270 5.60 -15.55 53.33
C LEU D 270 5.39 -16.28 52.00
N LYS D 271 6.46 -16.79 51.41
CA LYS D 271 6.33 -17.49 50.13
C LYS D 271 5.37 -18.69 50.26
N ASP D 272 5.27 -19.22 51.47
CA ASP D 272 4.46 -20.41 51.75
C ASP D 272 3.03 -20.02 52.19
N ARG D 273 2.89 -18.94 52.96
CA ARG D 273 1.59 -18.37 53.29
C ARG D 273 0.75 -18.02 52.06
N TYR D 274 1.39 -17.49 51.02
CA TYR D 274 0.70 -17.02 49.80
C TYR D 274 0.66 -17.95 48.57
N TYR D 275 1.72 -18.74 48.34
CA TYR D 275 1.78 -19.72 47.22
C TYR D 275 2.12 -21.11 47.85
N GLY D 276 1.18 -22.06 47.86
CA GLY D 276 0.04 -22.10 46.95
C GLY D 276 -1.09 -22.99 47.45
N HIS D 277 -2.29 -22.62 47.00
CA HIS D 277 -3.58 -23.07 47.54
C HIS D 277 -4.29 -24.15 46.71
N VAL D 278 -5.02 -25.03 47.40
CA VAL D 278 -5.85 -26.05 46.76
C VAL D 278 -7.34 -25.62 46.72
N ASP D 279 -8.12 -26.26 45.84
CA ASP D 279 -9.54 -25.95 45.61
C ASP D 279 -10.06 -26.61 44.30
N VAL D 280 -11.00 -27.56 44.35
CA VAL D 280 -11.51 -28.31 45.52
C VAL D 280 -12.27 -27.44 46.59
N LEU D 281 -11.67 -27.25 47.79
CA LEU D 281 -12.23 -26.47 48.94
C LEU D 281 -13.75 -26.62 49.16
N GLY D 282 -14.26 -27.83 48.95
CA GLY D 282 -15.66 -28.03 48.61
C GLY D 282 -15.62 -28.57 47.19
N TYR D 283 -15.13 -29.80 47.08
CA TYR D 283 -15.19 -30.61 45.85
C TYR D 283 -16.60 -30.93 45.36
N VAL D 284 -17.56 -30.93 46.28
CA VAL D 284 -18.97 -31.20 45.98
C VAL D 284 -19.11 -32.52 45.20
N GLY D 285 -19.55 -33.59 45.84
CA GLY D 285 -20.08 -34.70 45.07
C GLY D 285 -21.22 -35.35 45.82
N ALA D 286 -22.22 -35.87 45.13
CA ALA D 286 -23.37 -36.33 45.89
C ALA D 286 -23.19 -37.61 46.74
N TYR D 287 -22.43 -38.61 46.29
CA TYR D 287 -22.24 -39.84 47.08
C TYR D 287 -21.58 -39.47 48.41
N THR D 288 -20.55 -38.62 48.30
CA THR D 288 -19.70 -38.30 49.45
C THR D 288 -20.44 -37.50 50.49
N PHE D 289 -21.47 -36.79 50.05
CA PHE D 289 -22.19 -35.99 51.00
C PHE D 289 -22.93 -36.99 51.91
N ALA D 290 -23.53 -37.99 51.26
CA ALA D 290 -24.34 -38.99 51.92
C ALA D 290 -23.41 -39.70 52.87
N GLN D 291 -22.31 -40.20 52.30
CA GLN D 291 -21.15 -40.60 53.07
C GLN D 291 -20.89 -39.67 54.26
N HIS D 292 -20.63 -38.39 54.01
CA HIS D 292 -20.39 -37.47 55.11
C HIS D 292 -21.59 -37.27 56.04
N LEU D 293 -22.82 -37.40 55.54
CA LEU D 293 -23.98 -37.42 56.43
C LEU D 293 -23.87 -38.42 57.56
N GLN D 294 -23.29 -39.56 57.23
CA GLN D 294 -23.18 -40.72 58.12
C GLN D 294 -21.98 -40.68 59.04
N GLN D 295 -20.82 -40.36 58.47
CA GLN D 295 -19.57 -40.48 59.18
C GLN D 295 -19.32 -39.36 60.14
N ARG D 296 -19.75 -38.17 59.72
CA ARG D 296 -19.30 -36.94 60.35
C ARG D 296 -20.42 -36.20 61.08
N LEU D 297 -21.53 -35.98 60.39
CA LEU D 297 -22.59 -35.13 60.91
C LEU D 297 -23.10 -35.47 62.30
N PRO D 298 -23.23 -36.78 62.59
CA PRO D 298 -23.76 -37.26 63.87
C PRO D 298 -22.94 -36.88 65.12
N ARG D 299 -21.64 -36.66 64.96
CA ARG D 299 -20.81 -36.21 66.08
C ARG D 299 -21.28 -34.85 66.58
N TYR D 300 -21.88 -34.07 65.67
CA TYR D 300 -22.05 -32.62 65.90
C TYR D 300 -23.49 -32.09 65.81
N GLU D 301 -24.44 -32.94 65.41
CA GLU D 301 -25.80 -32.49 65.18
C GLU D 301 -26.46 -31.79 66.33
N SER D 302 -26.41 -32.37 67.51
CA SER D 302 -27.05 -31.73 68.66
C SER D 302 -26.46 -30.34 68.91
N HIS D 303 -25.14 -30.18 68.70
CA HIS D 303 -24.52 -28.86 68.86
C HIS D 303 -25.03 -27.85 67.82
N PHE D 304 -25.13 -28.27 66.56
CA PHE D 304 -25.71 -27.41 65.55
C PHE D 304 -27.14 -27.08 65.94
N LYS D 305 -27.84 -28.10 66.43
CA LYS D 305 -29.22 -27.95 66.82
C LYS D 305 -29.31 -27.03 68.02
N GLN D 306 -28.39 -27.19 68.98
CA GLN D 306 -28.46 -26.32 70.15
C GLN D 306 -28.03 -24.89 69.85
N SER D 307 -27.04 -24.69 68.98
CA SER D 307 -26.67 -23.30 68.63
C SER D 307 -27.78 -22.63 67.86
N GLY D 308 -28.38 -23.35 66.93
CA GLY D 308 -29.55 -22.88 66.22
C GLY D 308 -30.67 -22.37 67.10
N LYS D 309 -31.06 -23.18 68.08
CA LYS D 309 -32.14 -22.81 68.99
C LYS D 309 -31.71 -21.57 69.78
N GLN D 310 -30.49 -21.58 70.29
CA GLN D 310 -30.01 -20.46 71.10
C GLN D 310 -30.05 -19.13 70.35
N LYS D 311 -29.91 -19.18 69.04
CA LYS D 311 -29.77 -17.95 68.26
C LYS D 311 -30.83 -17.76 67.20
N ASP D 312 -31.93 -18.46 67.38
CA ASP D 312 -33.10 -18.30 66.54
C ASP D 312 -32.76 -18.38 65.05
N THR D 313 -32.16 -19.49 64.64
CA THR D 313 -31.84 -19.66 63.25
C THR D 313 -31.72 -21.16 62.93
N ASP D 314 -31.99 -21.49 61.67
CA ASP D 314 -32.06 -22.85 61.18
C ASP D 314 -30.70 -23.54 61.28
N TRP D 315 -30.63 -24.64 62.03
CA TRP D 315 -29.35 -25.34 62.22
C TRP D 315 -28.77 -25.88 60.91
N ARG D 316 -29.63 -26.15 59.93
CA ARG D 316 -29.17 -26.71 58.67
C ARG D 316 -28.40 -25.65 57.85
N LEU D 317 -28.75 -24.38 58.06
CA LEU D 317 -27.92 -23.35 57.49
C LEU D 317 -26.63 -23.34 58.25
N LEU D 318 -26.68 -23.41 59.59
CA LEU D 318 -25.43 -23.50 60.34
C LEU D 318 -24.68 -24.76 59.94
N ALA D 319 -25.42 -25.85 59.83
CA ALA D 319 -24.79 -27.13 59.58
C ALA D 319 -24.13 -27.10 58.21
N ALA D 320 -24.74 -26.40 57.26
CA ALA D 320 -24.16 -26.26 55.91
C ALA D 320 -22.93 -25.37 55.86
N ILE D 321 -23.01 -24.23 56.53
CA ILE D 321 -21.87 -23.33 56.68
C ILE D 321 -20.65 -24.06 57.15
N GLY D 322 -20.77 -24.77 58.27
CA GLY D 322 -19.66 -25.57 58.78
C GLY D 322 -19.13 -26.60 57.79
N TYR D 323 -20.00 -27.16 56.96
CA TYR D 323 -19.55 -28.16 56.02
C TYR D 323 -18.67 -27.52 54.95
N GLN D 324 -19.15 -26.42 54.35
CA GLN D 324 -18.36 -25.66 53.38
C GLN D 324 -16.95 -25.27 53.87
N GLU D 325 -16.83 -25.02 55.17
CA GLU D 325 -15.57 -24.58 55.74
C GLU D 325 -14.53 -25.70 55.83
N SER D 326 -14.94 -26.77 56.50
CA SER D 326 -14.04 -27.82 56.97
C SER D 326 -14.49 -29.27 56.69
N LEU D 327 -15.62 -29.39 55.98
CA LEU D 327 -16.28 -30.70 55.80
C LEU D 327 -16.55 -31.44 57.11
N TRP D 328 -16.96 -30.71 58.15
CA TRP D 328 -17.27 -31.33 59.42
C TRP D 328 -16.05 -32.07 59.99
N GLN D 329 -14.87 -31.43 59.94
CA GLN D 329 -13.61 -31.96 60.50
C GLN D 329 -12.97 -31.00 61.49
N PRO D 330 -13.06 -31.29 62.78
CA PRO D 330 -12.72 -30.34 63.85
C PRO D 330 -11.25 -30.08 63.97
N GLY D 331 -10.45 -30.89 63.28
CA GLY D 331 -9.01 -30.71 63.24
C GLY D 331 -8.52 -29.99 61.99
N ALA D 332 -9.44 -29.41 61.24
CA ALA D 332 -9.09 -28.75 59.98
C ALA D 332 -8.24 -27.48 60.15
N THR D 333 -7.42 -27.16 59.14
CA THR D 333 -6.53 -26.01 59.22
C THR D 333 -6.19 -25.41 57.85
N SER D 334 -5.68 -24.18 57.85
CA SER D 334 -5.23 -23.51 56.63
C SER D 334 -3.93 -22.74 56.88
N LYS D 335 -3.16 -22.59 55.80
CA LYS D 335 -1.98 -21.77 55.77
C LYS D 335 -2.30 -20.31 56.19
N THR D 336 -3.57 -19.95 56.01
CA THR D 336 -4.13 -18.62 56.32
C THR D 336 -4.40 -18.25 57.78
N GLY D 337 -4.31 -19.22 58.67
CA GLY D 337 -4.49 -18.92 60.08
C GLY D 337 -5.94 -19.06 60.50
N VAL D 338 -6.75 -19.70 59.65
CA VAL D 338 -8.10 -20.10 60.03
C VAL D 338 -8.06 -21.57 60.45
N ARG D 339 -8.99 -21.96 61.30
CA ARG D 339 -8.90 -23.30 61.84
C ARG D 339 -10.17 -23.70 62.61
N GLY D 340 -10.51 -24.98 62.55
CA GLY D 340 -11.64 -25.54 63.27
C GLY D 340 -12.87 -25.81 62.41
N LEU D 341 -13.95 -26.27 63.04
CA LEU D 341 -15.12 -26.71 62.28
C LEU D 341 -15.74 -25.60 61.45
N MET D 342 -15.81 -24.41 62.05
CA MET D 342 -16.31 -23.21 61.38
C MET D 342 -15.18 -22.32 60.91
N MET D 343 -13.95 -22.85 60.97
CA MET D 343 -12.75 -22.19 60.44
C MET D 343 -12.64 -20.70 60.80
N LEU D 344 -12.50 -20.41 62.09
CA LEU D 344 -12.34 -19.06 62.57
C LEU D 344 -10.89 -18.54 62.49
N THR D 345 -10.76 -17.25 62.18
CA THR D 345 -9.53 -16.52 62.43
C THR D 345 -9.39 -16.29 63.95
N ASN D 346 -8.14 -16.13 64.40
CA ASN D 346 -7.82 -15.89 65.80
C ASN D 346 -8.60 -14.78 66.47
N ARG D 347 -8.65 -13.63 65.79
CA ARG D 347 -9.28 -12.41 66.30
C ARG D 347 -10.74 -12.67 66.54
N THR D 348 -11.32 -13.34 65.54
CA THR D 348 -12.73 -13.62 65.44
C THR D 348 -13.17 -14.64 66.51
N ALA D 349 -12.28 -15.60 66.77
CA ALA D 349 -12.51 -16.58 67.82
C ALA D 349 -12.59 -15.86 69.17
N GLN D 350 -11.58 -15.06 69.47
CA GLN D 350 -11.57 -14.32 70.72
C GLN D 350 -12.80 -13.42 70.87
N ALA D 351 -13.15 -12.68 69.82
CA ALA D 351 -14.33 -11.84 69.89
C ALA D 351 -15.59 -12.63 70.12
N MET D 352 -15.60 -13.89 69.73
CA MET D 352 -16.83 -14.66 69.90
C MET D 352 -16.85 -15.48 71.17
N GLY D 353 -15.79 -15.39 71.97
CA GLY D 353 -15.71 -16.08 73.24
C GLY D 353 -15.08 -17.47 73.18
N VAL D 354 -14.41 -17.75 72.06
CA VAL D 354 -13.83 -19.07 71.82
C VAL D 354 -12.40 -19.10 72.34
N SER D 355 -12.19 -19.97 73.32
CA SER D 355 -10.94 -20.02 74.04
C SER D 355 -10.17 -21.19 73.49
N ASN D 356 -10.89 -22.10 72.84
CA ASN D 356 -10.21 -23.20 72.17
C ASN D 356 -10.82 -23.55 70.81
N ARG D 357 -10.18 -23.09 69.76
CA ARG D 357 -10.69 -23.30 68.40
C ARG D 357 -10.80 -24.75 67.99
N LEU D 358 -10.09 -25.65 68.66
CA LEU D 358 -10.09 -27.03 68.19
C LEU D 358 -11.23 -27.87 68.72
N ASP D 359 -11.88 -27.37 69.78
CA ASP D 359 -13.04 -28.01 70.36
C ASP D 359 -14.28 -27.72 69.55
N PRO D 360 -14.93 -28.77 69.05
CA PRO D 360 -16.06 -28.64 68.12
C PRO D 360 -17.20 -27.78 68.66
N LYS D 361 -17.57 -27.91 69.92
CA LYS D 361 -18.69 -27.11 70.43
C LYS D 361 -18.33 -25.62 70.42
N GLN D 362 -17.14 -25.23 70.86
CA GLN D 362 -16.83 -23.80 70.82
C GLN D 362 -16.70 -23.27 69.38
N SER D 363 -16.02 -24.00 68.51
CA SER D 363 -15.89 -23.51 67.15
C SER D 363 -17.29 -23.43 66.52
N ILE D 364 -18.10 -24.47 66.65
CA ILE D 364 -19.45 -24.41 66.12
C ILE D 364 -20.28 -23.30 66.75
N GLN D 365 -20.28 -23.20 68.08
CA GLN D 365 -21.08 -22.18 68.76
C GLN D 365 -20.60 -20.77 68.38
N GLY D 366 -19.29 -20.60 68.28
CA GLY D 366 -18.69 -19.31 67.96
C GLY D 366 -18.85 -18.88 66.51
N GLY D 367 -18.71 -19.85 65.61
CA GLY D 367 -18.85 -19.57 64.20
C GLY D 367 -20.29 -19.20 63.92
N SER D 368 -21.24 -19.80 64.66
CA SER D 368 -22.65 -19.48 64.49
C SER D 368 -23.02 -18.08 64.97
N LYS D 369 -22.52 -17.69 66.15
CA LYS D 369 -22.75 -16.32 66.63
C LYS D 369 -22.28 -15.28 65.61
N TYR D 370 -21.06 -15.49 65.12
CA TYR D 370 -20.44 -14.61 64.16
C TYR D 370 -21.34 -14.49 62.93
N PHE D 371 -21.90 -15.60 62.44
CA PHE D 371 -22.75 -15.51 61.26
C PHE D 371 -24.00 -14.73 61.59
N VAL D 372 -24.63 -15.05 62.72
CA VAL D 372 -25.91 -14.41 63.02
C VAL D 372 -25.73 -12.94 63.27
N GLN D 373 -24.65 -12.59 63.98
CA GLN D 373 -24.38 -11.19 64.25
C GLN D 373 -24.11 -10.36 63.01
N ILE D 374 -23.29 -10.86 62.09
CA ILE D 374 -23.05 -10.15 60.84
C ILE D 374 -24.37 -9.92 60.11
N ARG D 375 -25.21 -10.94 60.12
CA ARG D 375 -26.48 -10.82 59.47
C ARG D 375 -27.29 -9.75 60.17
N SER D 376 -27.10 -9.61 61.48
CA SER D 376 -27.87 -8.64 62.27
C SER D 376 -27.56 -7.18 61.88
N GLU D 377 -26.31 -6.93 61.52
CA GLU D 377 -25.89 -5.57 61.25
C GLU D 377 -26.12 -5.15 59.80
N LEU D 378 -26.50 -6.08 58.94
CA LEU D 378 -26.84 -5.68 57.57
C LEU D 378 -27.96 -4.63 57.54
N PRO D 379 -27.89 -3.68 56.58
CA PRO D 379 -28.92 -2.67 56.34
C PRO D 379 -30.36 -3.22 56.39
N GLU D 380 -31.28 -2.47 57.02
CA GLU D 380 -32.67 -2.93 57.21
C GLU D 380 -33.45 -3.20 55.93
N SER D 381 -33.04 -2.54 54.88
CA SER D 381 -33.70 -2.67 53.62
C SER D 381 -33.54 -4.08 53.03
N ILE D 382 -32.56 -4.83 53.55
CA ILE D 382 -32.33 -6.20 53.10
C ILE D 382 -33.18 -7.20 53.92
N LYS D 383 -34.18 -7.78 53.26
CA LYS D 383 -35.17 -8.61 53.91
C LYS D 383 -34.89 -10.11 53.63
N GLU D 384 -35.43 -11.04 54.45
CA GLU D 384 -35.27 -12.48 54.14
C GLU D 384 -36.11 -12.88 52.94
N PRO D 385 -35.68 -13.93 52.25
CA PRO D 385 -34.52 -14.74 52.60
C PRO D 385 -33.18 -14.16 52.09
N ASP D 386 -33.24 -13.16 51.22
CA ASP D 386 -32.02 -12.59 50.67
C ASP D 386 -31.10 -12.25 51.79
N ARG D 387 -31.69 -11.78 52.88
CA ARG D 387 -30.89 -11.30 53.95
C ARG D 387 -29.88 -12.38 54.41
N SER D 388 -30.33 -13.63 54.53
CA SER D 388 -29.38 -14.64 54.95
C SER D 388 -28.24 -14.81 53.95
N TRP D 389 -28.54 -14.70 52.66
CA TRP D 389 -27.53 -14.86 51.61
C TRP D 389 -26.53 -13.73 51.69
N PHE D 390 -27.00 -12.52 51.92
CA PHE D 390 -26.11 -11.40 52.12
C PHE D 390 -25.18 -11.64 53.30
N ALA D 391 -25.67 -12.32 54.32
CA ALA D 391 -24.84 -12.59 55.46
C ALA D 391 -23.75 -13.56 55.06
N LEU D 392 -24.11 -14.56 54.26
CA LEU D 392 -23.14 -15.56 53.81
C LEU D 392 -22.06 -14.87 53.05
N ALA D 393 -22.47 -13.84 52.31
CA ALA D 393 -21.55 -13.08 51.50
C ALA D 393 -20.57 -12.33 52.37
N ALA D 394 -21.05 -11.70 53.44
CA ALA D 394 -20.18 -10.93 54.33
C ALA D 394 -19.30 -11.85 55.14
N TYR D 395 -19.87 -12.95 55.59
CA TYR D 395 -19.08 -13.95 56.30
C TYR D 395 -17.81 -14.29 55.51
N ASN D 396 -17.88 -14.29 54.18
CA ASN D 396 -16.73 -14.67 53.36
C ASN D 396 -15.90 -13.48 52.87
N ILE D 397 -16.53 -12.42 52.39
CA ILE D 397 -15.76 -11.37 51.73
C ILE D 397 -15.56 -10.10 52.52
N GLY D 398 -16.25 -10.01 53.65
CA GLY D 398 -16.22 -8.80 54.45
C GLY D 398 -17.31 -7.79 54.16
N GLY D 399 -17.81 -7.15 55.21
CA GLY D 399 -18.90 -6.21 55.11
C GLY D 399 -18.50 -5.02 54.30
N ALA D 400 -17.21 -4.69 54.34
CA ALA D 400 -16.73 -3.50 53.67
C ALA D 400 -16.87 -3.73 52.18
N HIS D 401 -16.30 -4.83 51.70
CA HIS D 401 -16.50 -5.20 50.31
C HIS D 401 -17.94 -5.42 49.82
N LEU D 402 -18.78 -6.05 50.61
CA LEU D 402 -20.16 -6.33 50.22
C LEU D 402 -20.90 -5.02 49.98
N GLU D 403 -20.58 -4.01 50.77
CA GLU D 403 -21.18 -2.71 50.62
C GLU D 403 -20.83 -2.10 49.25
N ASP D 404 -19.56 -2.20 48.87
CA ASP D 404 -19.17 -1.82 47.53
C ASP D 404 -19.95 -2.55 46.45
N ALA D 405 -20.20 -3.84 46.64
CA ALA D 405 -21.00 -4.58 45.66
C ALA D 405 -22.40 -3.97 45.61
N ARG D 406 -22.91 -3.58 46.76
CA ARG D 406 -24.25 -3.03 46.80
C ARG D 406 -24.36 -1.62 46.18
N LYS D 407 -23.39 -0.77 46.43
CA LYS D 407 -23.40 0.58 45.86
C LYS D 407 -23.34 0.42 44.38
N MET D 408 -22.44 -0.43 43.94
CA MET D 408 -22.22 -0.65 42.52
C MET D 408 -23.55 -1.10 41.84
N ALA D 409 -24.31 -1.97 42.49
CA ALA D 409 -25.61 -2.36 41.94
C ALA D 409 -26.59 -1.19 41.86
N GLU D 410 -26.68 -0.37 42.91
CA GLU D 410 -27.60 0.77 42.88
C GLU D 410 -27.27 1.61 41.68
N LYS D 411 -26.02 2.02 41.59
CA LYS D 411 -25.56 2.77 40.45
C LYS D 411 -25.84 2.05 39.11
N GLU D 412 -26.00 0.74 39.11
CA GLU D 412 -26.29 0.04 37.85
C GLU D 412 -27.78 -0.02 37.58
N GLY D 413 -28.56 0.66 38.41
CA GLY D 413 -30.00 0.58 38.26
C GLY D 413 -30.56 -0.75 38.70
N LEU D 414 -29.80 -1.48 39.52
CA LEU D 414 -30.29 -2.71 40.14
C LEU D 414 -30.77 -2.49 41.57
N ASN D 415 -31.46 -3.50 42.09
CA ASN D 415 -31.95 -3.48 43.45
C ASN D 415 -30.85 -4.00 44.34
N PRO D 416 -30.30 -3.12 45.19
CA PRO D 416 -29.17 -3.36 46.09
C PRO D 416 -29.58 -4.20 47.26
N ASN D 417 -30.86 -4.54 47.33
CA ASN D 417 -31.42 -5.37 48.40
C ASN D 417 -31.77 -6.77 47.98
N LYS D 418 -31.44 -7.12 46.75
CA LYS D 418 -31.73 -8.44 46.22
C LYS D 418 -30.49 -9.22 45.93
N TRP D 419 -30.41 -10.42 46.49
CA TRP D 419 -29.19 -11.18 46.30
C TRP D 419 -29.05 -11.46 44.78
N LEU D 420 -30.14 -11.74 44.07
CA LEU D 420 -29.95 -12.02 42.64
C LEU D 420 -29.26 -10.91 41.85
N ASP D 421 -29.38 -9.67 42.31
CA ASP D 421 -28.78 -8.51 41.67
C ASP D 421 -27.38 -8.23 42.17
N VAL D 422 -27.20 -8.22 43.48
CA VAL D 422 -25.90 -7.88 44.10
C VAL D 422 -24.87 -8.97 43.79
N LYS D 423 -25.40 -10.16 43.52
CA LYS D 423 -24.63 -11.36 43.25
C LYS D 423 -23.85 -11.21 41.97
N LYS D 424 -24.42 -10.44 41.04
CA LYS D 424 -23.84 -10.11 39.72
C LYS D 424 -22.80 -9.03 39.81
N MET D 425 -22.90 -8.20 40.83
CA MET D 425 -21.89 -7.17 40.98
C MET D 425 -20.60 -7.74 41.61
N LEU D 426 -20.73 -8.78 42.43
CA LEU D 426 -19.59 -9.27 43.24
C LEU D 426 -18.31 -9.64 42.52
N PRO D 427 -18.42 -10.36 41.38
CA PRO D 427 -17.23 -10.76 40.63
C PRO D 427 -16.52 -9.57 40.01
N ARG D 428 -17.19 -8.44 40.03
CA ARG D 428 -16.60 -7.29 39.42
C ARG D 428 -15.51 -6.80 40.31
N LEU D 429 -15.57 -7.14 41.60
CA LEU D 429 -14.52 -6.67 42.47
C LEU D 429 -13.14 -7.27 42.15
N ALA D 430 -13.07 -8.29 41.31
CA ALA D 430 -11.78 -8.84 40.99
C ALA D 430 -11.32 -8.29 39.68
N GLN D 431 -12.06 -7.30 39.21
CA GLN D 431 -11.85 -6.74 37.87
C GLN D 431 -11.49 -5.27 37.97
N LYS D 432 -10.28 -4.93 37.50
CA LYS D 432 -9.74 -3.60 37.79
C LYS D 432 -10.59 -2.44 37.30
N GLN D 433 -11.09 -2.52 36.07
CA GLN D 433 -11.91 -1.46 35.51
C GLN D 433 -12.97 -1.05 36.49
N TRP D 434 -13.44 -2.03 37.27
CA TRP D 434 -14.53 -1.81 38.23
C TRP D 434 -14.03 -1.55 39.65
N TYR D 435 -13.07 -2.34 40.14
CA TYR D 435 -12.75 -2.16 41.55
C TYR D 435 -12.00 -0.85 41.80
N ALA D 436 -11.34 -0.33 40.77
CA ALA D 436 -10.59 0.91 40.93
C ALA D 436 -11.48 2.12 41.22
N LYS D 437 -12.74 2.06 40.83
CA LYS D 437 -13.71 3.09 41.13
C LYS D 437 -14.43 2.78 42.44
N THR D 438 -14.03 1.72 43.13
CA THR D 438 -14.73 1.34 44.37
C THR D 438 -13.94 1.85 45.54
N ARG D 439 -14.54 1.89 46.74
CA ARG D 439 -13.81 2.44 47.91
C ARG D 439 -12.71 1.52 48.38
N TYR D 440 -12.99 0.25 48.48
CA TYR D 440 -12.07 -0.65 49.17
C TYR D 440 -11.23 -1.53 48.25
N GLY D 441 -11.37 -1.30 46.95
CA GLY D 441 -10.50 -1.86 45.92
C GLY D 441 -10.71 -3.34 45.68
N TYR D 442 -9.69 -4.04 45.24
CA TYR D 442 -9.86 -5.44 44.79
C TYR D 442 -10.31 -6.40 45.86
N ALA D 443 -11.18 -7.32 45.44
CA ALA D 443 -11.57 -8.50 46.21
C ALA D 443 -11.88 -9.69 45.29
N ARG D 444 -11.59 -10.89 45.77
CA ARG D 444 -11.82 -12.04 44.93
C ARG D 444 -13.30 -12.38 44.96
N GLY D 445 -14.11 -11.47 44.44
CA GLY D 445 -15.55 -11.58 44.62
C GLY D 445 -16.12 -12.82 43.97
N GLY D 446 -15.38 -13.41 43.05
CA GLY D 446 -15.94 -14.54 42.39
C GLY D 446 -16.03 -15.70 43.34
N GLU D 447 -15.14 -15.79 44.31
CA GLU D 447 -15.14 -16.94 45.20
C GLU D 447 -16.19 -16.79 46.23
N THR D 448 -16.49 -15.54 46.52
CA THR D 448 -17.55 -15.20 47.41
C THR D 448 -18.87 -15.66 46.83
N VAL D 449 -19.09 -15.43 45.54
CA VAL D 449 -20.35 -15.93 44.97
C VAL D 449 -20.46 -17.46 45.05
N HIS D 450 -19.36 -18.19 44.75
CA HIS D 450 -19.35 -19.66 44.88
C HIS D 450 -19.65 -20.11 46.30
N PHE D 451 -19.08 -19.41 47.26
CA PHE D 451 -19.27 -19.78 48.64
C PHE D 451 -20.79 -19.72 49.01
N VAL D 452 -21.41 -18.59 48.72
CA VAL D 452 -22.78 -18.44 49.07
C VAL D 452 -23.59 -19.47 48.37
N GLN D 453 -23.28 -19.73 47.12
N GLN D 453 -23.24 -19.68 47.11
CA GLN D 453 -24.15 -20.65 46.41
CA GLN D 453 -23.91 -20.65 46.29
C GLN D 453 -23.82 -22.14 46.67
C GLN D 453 -23.89 -21.99 47.01
N ASN D 454 -22.67 -22.44 47.29
CA ASN D 454 -22.44 -23.79 47.80
C ASN D 454 -23.13 -24.04 49.13
N VAL D 455 -23.02 -23.08 50.02
CA VAL D 455 -23.54 -23.27 51.34
C VAL D 455 -25.04 -23.49 51.19
N ARG D 456 -25.66 -22.76 50.27
CA ARG D 456 -27.10 -22.92 50.01
C ARG D 456 -27.34 -24.29 49.42
N ARG D 457 -26.37 -24.80 48.67
CA ARG D 457 -26.54 -26.15 48.14
C ARG D 457 -26.66 -27.16 49.25
N TYR D 458 -25.75 -27.10 50.22
CA TYR D 458 -25.78 -28.05 51.34
C TYR D 458 -27.03 -27.87 52.20
N TYR D 459 -27.43 -26.61 52.36
CA TYR D 459 -28.58 -26.21 53.17
C TYR D 459 -29.81 -26.82 52.55
N ASP D 460 -29.87 -26.75 51.23
CA ASP D 460 -30.99 -27.38 50.53
C ASP D 460 -30.95 -28.90 50.68
N ILE D 461 -29.78 -29.51 50.49
CA ILE D 461 -29.70 -30.96 50.68
C ILE D 461 -30.04 -31.30 52.12
N LEU D 462 -29.40 -30.64 53.06
CA LEU D 462 -29.66 -30.88 54.48
C LEU D 462 -31.13 -30.67 54.81
N THR D 463 -31.74 -29.63 54.24
CA THR D 463 -33.15 -29.27 54.52
C THR D 463 -34.12 -30.46 54.28
N TRP D 464 -33.89 -31.22 53.21
CA TRP D 464 -34.68 -32.40 52.83
C TRP D 464 -35.34 -33.05 54.04
N VAL D 465 -34.58 -33.81 54.84
CA VAL D 465 -35.10 -34.48 56.08
C VAL D 465 -36.62 -34.90 55.98
N THR D 466 -37.59 -33.99 56.13
CA THR D 466 -38.99 -34.35 55.78
C THR D 466 -39.69 -33.19 55.08
N GLY E 52 -59.92 -3.03 -23.07
CA GLY E 52 -59.14 -2.65 -21.90
C GLY E 52 -59.73 -1.44 -21.17
N VAL E 53 -60.00 -1.62 -19.89
CA VAL E 53 -60.70 -0.59 -19.13
C VAL E 53 -60.16 -0.42 -17.72
N LEU E 54 -59.53 0.74 -17.50
CA LEU E 54 -59.07 1.16 -16.16
C LEU E 54 -60.18 1.70 -15.24
N ARG E 55 -60.50 0.98 -14.17
CA ARG E 55 -61.51 1.45 -13.22
C ARG E 55 -60.90 2.29 -12.10
N VAL E 56 -61.38 3.53 -11.95
CA VAL E 56 -60.92 4.39 -10.89
C VAL E 56 -61.98 4.71 -9.85
N ILE E 57 -61.71 4.47 -8.59
CA ILE E 57 -62.71 4.84 -7.63
C ILE E 57 -62.40 6.23 -7.01
N THR E 58 -63.45 7.01 -6.82
CA THR E 58 -63.27 8.35 -6.28
C THR E 58 -64.44 8.77 -5.39
N ARG E 59 -64.34 9.99 -4.88
CA ARG E 59 -65.36 10.61 -4.08
C ARG E 59 -66.18 11.51 -4.97
N ASN E 60 -67.50 11.54 -4.73
CA ASN E 60 -68.33 12.51 -5.43
C ASN E 60 -68.25 13.89 -4.78
N SER E 61 -67.37 14.75 -5.29
CA SER E 61 -67.17 16.08 -4.72
C SER E 61 -66.42 16.99 -5.66
N PRO E 62 -66.53 18.30 -5.41
CA PRO E 62 -65.98 19.34 -6.29
C PRO E 62 -64.47 19.29 -6.38
N ALA E 63 -63.78 18.73 -5.39
CA ALA E 63 -62.32 18.72 -5.46
C ALA E 63 -61.82 17.50 -6.24
N THR E 64 -62.75 16.61 -6.57
CA THR E 64 -62.36 15.32 -7.14
C THR E 64 -63.02 15.02 -8.48
N TYR E 65 -64.33 14.74 -8.41
CA TYR E 65 -65.14 14.30 -9.53
C TYR E 65 -66.62 14.64 -9.32
N PHE E 66 -67.25 15.22 -10.33
CA PHE E 66 -68.68 15.47 -10.29
C PHE E 66 -69.16 15.80 -11.68
N GLN E 67 -70.46 15.96 -11.80
CA GLN E 67 -71.00 16.38 -13.07
C GLN E 67 -71.50 17.82 -13.05
N ASP E 68 -71.03 18.60 -14.01
CA ASP E 68 -71.64 19.88 -14.25
C ASP E 68 -72.47 19.86 -15.51
N ARG E 69 -72.77 21.05 -16.04
CA ARG E 69 -73.70 21.16 -17.15
C ARG E 69 -73.06 20.61 -18.43
N ASN E 70 -71.74 20.43 -18.46
CA ASN E 70 -71.07 19.85 -19.63
C ASN E 70 -70.73 18.36 -19.56
N GLY E 71 -71.13 17.68 -18.49
CA GLY E 71 -70.74 16.29 -18.30
C GLY E 71 -69.71 16.13 -17.21
N GLU E 72 -68.86 15.13 -17.31
CA GLU E 72 -67.92 14.87 -16.24
C GLU E 72 -66.77 15.83 -16.14
N THR E 73 -66.35 16.11 -14.90
CA THR E 73 -65.33 17.12 -14.59
C THR E 73 -64.72 16.85 -13.21
N GLY E 74 -63.76 17.69 -12.84
CA GLY E 74 -63.09 17.60 -11.55
C GLY E 74 -61.62 17.29 -11.73
N PHE E 75 -60.82 17.74 -10.76
CA PHE E 75 -59.36 17.56 -10.74
C PHE E 75 -59.00 16.08 -10.88
N GLU E 76 -59.57 15.26 -10.01
CA GLU E 76 -59.20 13.88 -10.05
C GLU E 76 -59.64 13.31 -11.36
N TYR E 77 -60.82 13.73 -11.82
CA TYR E 77 -61.40 13.13 -13.02
C TYR E 77 -60.49 13.33 -14.23
N GLU E 78 -59.93 14.53 -14.37
CA GLU E 78 -59.14 14.81 -15.54
C GLU E 78 -57.80 14.05 -15.44
N LEU E 79 -57.06 14.23 -14.33
CA LEU E 79 -55.83 13.47 -14.12
C LEU E 79 -56.06 11.96 -14.36
N ALA E 80 -57.18 11.42 -13.88
CA ALA E 80 -57.48 10.00 -14.10
C ALA E 80 -57.74 9.71 -15.56
N LYS E 81 -58.23 10.71 -16.28
CA LYS E 81 -58.58 10.51 -17.68
C LYS E 81 -57.34 10.51 -18.57
N ARG E 82 -56.45 11.49 -18.36
CA ARG E 82 -55.23 11.61 -19.12
C ARG E 82 -54.30 10.41 -18.87
N PHE E 83 -54.51 9.74 -17.73
CA PHE E 83 -53.72 8.56 -17.43
C PHE E 83 -54.32 7.42 -18.21
N ALA E 84 -55.63 7.35 -18.27
CA ALA E 84 -56.28 6.30 -19.03
C ALA E 84 -56.01 6.49 -20.51
N GLU E 85 -55.74 7.72 -20.93
CA GLU E 85 -55.39 7.98 -22.32
C GLU E 85 -54.01 7.46 -22.63
N ARG E 86 -53.11 7.69 -21.69
CA ARG E 86 -51.73 7.23 -21.78
C ARG E 86 -51.59 5.72 -21.81
N LEU E 87 -52.66 5.02 -21.47
CA LEU E 87 -52.64 3.57 -21.46
C LEU E 87 -53.45 3.09 -22.64
N GLY E 88 -54.06 4.05 -23.33
CA GLY E 88 -54.96 3.75 -24.42
C GLY E 88 -56.12 2.89 -23.94
N VAL E 89 -56.71 3.29 -22.84
CA VAL E 89 -57.84 2.53 -22.31
C VAL E 89 -59.04 3.41 -22.04
N GLU E 90 -60.19 2.79 -21.95
CA GLU E 90 -61.41 3.47 -21.57
C GLU E 90 -61.38 3.67 -20.04
N LEU E 91 -61.69 4.89 -19.61
CA LEU E 91 -61.83 5.24 -18.18
C LEU E 91 -63.20 4.89 -17.63
N LYS E 92 -63.28 4.13 -16.56
CA LYS E 92 -64.58 4.00 -15.91
C LYS E 92 -64.62 4.59 -14.47
N ILE E 93 -65.34 5.69 -14.25
CA ILE E 93 -65.36 6.22 -12.89
C ILE E 93 -66.37 5.50 -12.00
N GLU E 94 -65.99 5.27 -10.75
CA GLU E 94 -66.94 4.79 -9.74
C GLU E 94 -66.95 5.67 -8.45
N THR E 95 -68.12 5.90 -7.86
CA THR E 95 -68.14 6.78 -6.71
C THR E 95 -68.45 5.91 -5.48
N ALA E 96 -67.66 6.14 -4.43
CA ALA E 96 -67.83 5.45 -3.17
C ALA E 96 -68.65 6.31 -2.23
N ASP E 97 -69.37 5.67 -1.32
CA ASP E 97 -70.28 6.39 -0.41
C ASP E 97 -69.58 7.15 0.71
N ASN E 98 -68.40 6.69 1.11
CA ASN E 98 -67.69 7.32 2.19
C ASN E 98 -66.30 6.82 2.03
N LEU E 99 -65.38 7.34 2.83
CA LEU E 99 -64.00 6.96 2.69
C LEU E 99 -63.80 5.52 3.15
N ASP E 100 -64.64 5.07 4.09
CA ASP E 100 -64.51 3.70 4.59
C ASP E 100 -64.77 2.78 3.45
N ASP E 101 -65.83 3.07 2.71
CA ASP E 101 -66.22 2.20 1.63
C ASP E 101 -65.22 2.20 0.51
N LEU E 102 -64.64 3.38 0.25
CA LEU E 102 -63.61 3.53 -0.77
C LEU E 102 -62.47 2.61 -0.51
N TYR E 103 -61.96 2.64 0.71
CA TYR E 103 -60.82 1.80 0.98
C TYR E 103 -61.18 0.33 0.93
N ALA E 104 -62.41 0.02 1.31
CA ALA E 104 -62.93 -1.34 1.28
C ALA E 104 -62.92 -1.87 -0.13
N GLN E 105 -63.52 -1.09 -1.03
CA GLN E 105 -63.69 -1.42 -2.45
C GLN E 105 -62.34 -1.61 -3.08
N LEU E 106 -61.40 -0.77 -2.69
CA LEU E 106 -60.08 -0.75 -3.30
C LEU E 106 -59.42 -2.05 -2.97
N SER E 107 -59.92 -2.70 -1.95
CA SER E 107 -59.17 -3.80 -1.40
C SER E 107 -59.83 -5.13 -1.62
N ARG E 108 -61.06 -5.18 -2.14
CA ARG E 108 -61.66 -6.48 -2.44
C ARG E 108 -61.10 -6.83 -3.80
N GLU E 109 -60.83 -8.12 -4.02
CA GLU E 109 -60.26 -8.49 -5.29
C GLU E 109 -61.39 -8.44 -6.32
N GLY E 110 -61.05 -8.04 -7.54
CA GLY E 110 -62.06 -7.79 -8.55
C GLY E 110 -62.63 -6.41 -8.37
N GLY E 111 -61.94 -5.58 -7.60
CA GLY E 111 -62.44 -4.23 -7.38
C GLY E 111 -61.73 -3.26 -8.31
N PRO E 112 -61.88 -1.96 -8.04
CA PRO E 112 -61.29 -0.93 -8.92
C PRO E 112 -59.77 -0.96 -8.91
N ALA E 113 -59.20 -0.57 -10.05
CA ALA E 113 -57.77 -0.54 -10.29
C ALA E 113 -57.05 0.37 -9.29
N LEU E 114 -57.58 1.57 -9.09
CA LEU E 114 -56.94 2.50 -8.19
C LEU E 114 -57.95 3.50 -7.63
N ALA E 115 -57.58 4.19 -6.55
CA ALA E 115 -58.43 5.25 -5.97
C ALA E 115 -57.81 6.60 -6.21
N ALA E 116 -58.61 7.53 -6.77
CA ALA E 116 -58.16 8.92 -6.96
C ALA E 116 -59.13 9.87 -6.25
N ALA E 117 -58.74 10.40 -5.09
CA ALA E 117 -59.75 10.92 -4.17
C ALA E 117 -59.17 11.87 -3.12
N GLY E 118 -58.07 12.51 -3.47
CA GLY E 118 -57.34 13.41 -2.59
C GLY E 118 -56.91 12.76 -1.31
N LEU E 119 -56.33 11.57 -1.47
CA LEU E 119 -55.99 10.70 -0.36
C LEU E 119 -54.62 11.03 0.25
N THR E 120 -54.54 11.01 1.58
CA THR E 120 -53.26 11.17 2.25
C THR E 120 -52.62 9.82 2.56
N PRO E 121 -51.38 9.62 2.10
CA PRO E 121 -50.77 8.30 2.33
C PRO E 121 -50.58 8.01 3.83
N GLY E 122 -50.83 6.79 4.27
CA GLY E 122 -50.88 6.44 5.67
C GLY E 122 -49.55 5.83 6.09
N ARG E 123 -49.46 5.37 7.34
CA ARG E 123 -48.19 4.90 7.90
C ARG E 123 -47.41 3.95 6.95
N GLU E 124 -46.11 4.21 6.83
CA GLU E 124 -45.15 3.44 6.04
C GLU E 124 -45.05 1.95 6.39
N ASP E 125 -46.05 1.37 6.99
CA ASP E 125 -45.84 0.01 7.42
C ASP E 125 -47.11 -0.84 7.23
N ASP E 126 -48.23 -0.18 6.98
CA ASP E 126 -49.40 -0.90 6.49
C ASP E 126 -49.18 -1.07 4.99
N ALA E 127 -49.44 -2.25 4.48
CA ALA E 127 -48.91 -2.67 3.20
C ALA E 127 -50.11 -3.03 2.39
N SER E 128 -51.17 -3.29 3.12
CA SER E 128 -52.49 -3.50 2.56
C SER E 128 -52.98 -2.35 1.66
N VAL E 129 -52.29 -1.20 1.68
CA VAL E 129 -52.62 -0.11 0.76
C VAL E 129 -51.36 0.61 0.23
N ARG E 130 -51.26 0.79 -1.07
CA ARG E 130 -50.09 1.47 -1.57
C ARG E 130 -50.34 2.78 -2.25
N TYR E 131 -49.49 3.74 -1.93
CA TYR E 131 -49.66 5.07 -2.49
C TYR E 131 -48.56 5.41 -3.55
N SER E 132 -48.99 6.10 -4.58
CA SER E 132 -48.16 6.65 -5.65
C SER E 132 -47.27 7.82 -5.27
N HIS E 133 -46.52 8.33 -6.24
CA HIS E 133 -45.81 9.56 -6.00
C HIS E 133 -46.86 10.65 -5.86
N THR E 134 -46.54 11.71 -5.13
CA THR E 134 -47.52 12.74 -4.85
C THR E 134 -47.68 13.74 -5.98
N TYR E 135 -48.87 14.29 -6.08
CA TYR E 135 -49.18 15.18 -7.16
C TYR E 135 -49.72 16.52 -6.68
N LEU E 136 -49.75 16.76 -5.37
CA LEU E 136 -50.27 18.05 -4.87
C LEU E 136 -49.98 18.28 -3.39
N ASP E 137 -49.53 19.47 -3.01
CA ASP E 137 -49.11 19.67 -1.63
C ASP E 137 -50.18 20.36 -0.81
N VAL E 138 -50.42 19.83 0.39
CA VAL E 138 -51.49 20.33 1.27
C VAL E 138 -51.10 20.29 2.76
N THR E 139 -51.78 21.12 3.54
CA THR E 139 -51.49 21.19 4.95
C THR E 139 -52.87 21.20 5.60
N PRO E 140 -53.13 20.36 6.64
CA PRO E 140 -54.46 20.40 7.32
C PRO E 140 -54.72 21.71 8.10
N GLN E 141 -55.94 22.22 8.09
CA GLN E 141 -56.19 23.49 8.76
C GLN E 141 -57.39 23.40 9.72
N ILE E 142 -57.23 23.95 10.92
CA ILE E 142 -58.39 24.12 11.77
C ILE E 142 -59.20 25.34 11.27
N ILE E 143 -60.51 25.17 11.11
CA ILE E 143 -61.34 26.21 10.50
C ILE E 143 -62.35 26.68 11.50
N TYR E 144 -62.53 27.99 11.63
CA TYR E 144 -63.53 28.54 12.56
C TYR E 144 -64.43 29.52 11.88
N ARG E 145 -65.38 30.07 12.62
CA ARG E 145 -66.32 30.99 12.01
C ARG E 145 -65.93 32.40 12.38
N ASN E 146 -65.95 33.31 11.43
CA ASN E 146 -65.60 34.69 11.76
C ASN E 146 -66.63 35.34 12.68
N GLY E 147 -66.10 36.03 13.68
CA GLY E 147 -66.89 36.65 14.73
C GLY E 147 -67.08 35.67 15.86
N GLN E 148 -66.18 34.68 15.94
CA GLN E 148 -66.17 33.71 17.05
C GLN E 148 -64.70 33.63 17.51
N GLN E 149 -64.41 33.04 18.65
CA GLN E 149 -63.01 33.05 19.09
C GLN E 149 -62.07 32.16 18.29
N ARG E 150 -61.16 32.80 17.58
CA ARG E 150 -60.15 32.09 16.84
C ARG E 150 -59.33 31.20 17.80
N PRO E 151 -59.41 29.86 17.67
CA PRO E 151 -58.54 29.01 18.51
C PRO E 151 -57.06 29.21 18.12
N THR E 152 -56.15 29.17 19.11
CA THR E 152 -54.74 29.55 18.87
C THR E 152 -53.77 28.37 18.74
N ARG E 153 -54.06 27.30 19.47
CA ARG E 153 -53.18 26.16 19.49
C ARG E 153 -54.02 24.94 19.73
N PRO E 154 -53.55 23.76 19.32
CA PRO E 154 -54.27 22.50 19.46
C PRO E 154 -55.11 22.41 20.70
N GLU E 155 -54.61 22.97 21.78
CA GLU E 155 -55.36 22.91 23.01
C GLU E 155 -56.73 23.63 22.95
N ASP E 156 -56.89 24.65 22.10
CA ASP E 156 -58.13 25.43 22.14
C ASP E 156 -59.28 24.76 21.41
N LEU E 157 -59.10 23.49 21.05
CA LEU E 157 -60.14 22.73 20.38
C LEU E 157 -61.00 21.97 21.39
N VAL E 158 -60.55 22.02 22.63
CA VAL E 158 -61.35 21.42 23.68
C VAL E 158 -62.61 22.26 23.87
N GLY E 159 -63.75 21.60 24.02
CA GLY E 159 -65.02 22.27 24.29
C GLY E 159 -65.91 22.77 23.17
N LYS E 160 -65.37 22.81 21.96
CA LYS E 160 -66.10 23.30 20.79
C LYS E 160 -66.72 22.13 20.00
N ARG E 161 -67.79 22.37 19.25
CA ARG E 161 -68.35 21.30 18.45
C ARG E 161 -67.55 21.15 17.19
N ILE E 162 -67.06 19.94 16.98
CA ILE E 162 -66.12 19.69 15.89
C ILE E 162 -66.70 18.60 15.02
N MET E 163 -66.56 18.75 13.72
CA MET E 163 -66.94 17.66 12.85
C MET E 163 -65.93 17.45 11.75
N VAL E 164 -65.63 16.20 11.46
CA VAL E 164 -64.67 15.81 10.43
C VAL E 164 -65.18 14.55 9.75
N LEU E 165 -64.73 14.28 8.53
CA LEU E 165 -65.18 13.08 7.85
C LEU E 165 -64.69 11.76 8.51
N LYS E 166 -65.62 10.84 8.74
CA LYS E 166 -65.28 9.53 9.33
C LYS E 166 -64.37 8.66 8.47
N GLY E 167 -63.32 8.15 9.10
CA GLY E 167 -62.42 7.29 8.39
C GLY E 167 -61.42 8.08 7.59
N SER E 168 -61.27 9.37 7.91
CA SER E 168 -60.38 10.24 7.15
C SER E 168 -59.07 10.46 7.86
N SER E 169 -58.06 10.90 7.09
CA SER E 169 -56.80 11.38 7.64
C SER E 169 -56.99 12.37 8.84
N HIS E 170 -57.91 13.29 8.71
CA HIS E 170 -58.00 14.34 9.68
C HIS E 170 -58.64 13.75 10.96
N ALA E 171 -59.48 12.74 10.76
CA ALA E 171 -60.11 12.05 11.87
C ALA E 171 -59.05 11.40 12.75
N GLU E 172 -58.03 10.80 12.12
CA GLU E 172 -56.95 10.11 12.86
C GLU E 172 -56.12 11.11 13.61
N GLN E 173 -55.90 12.26 13.00
CA GLN E 173 -55.24 13.37 13.69
C GLN E 173 -55.91 13.81 15.01
N LEU E 174 -57.23 13.91 15.03
CA LEU E 174 -57.89 14.36 16.25
C LEU E 174 -57.82 13.24 17.25
N ALA E 175 -58.04 12.03 16.76
CA ALA E 175 -57.91 10.83 17.57
C ALA E 175 -56.59 10.87 18.36
N GLU E 176 -55.51 11.20 17.66
CA GLU E 176 -54.21 11.35 18.32
C GLU E 176 -54.16 12.51 19.29
N LEU E 177 -54.73 13.63 18.85
CA LEU E 177 -54.79 14.84 19.63
C LEU E 177 -55.57 14.58 20.90
N LYS E 178 -56.45 13.57 20.85
CA LYS E 178 -57.32 13.17 21.98
C LYS E 178 -56.58 12.41 23.09
N LYS E 179 -55.41 11.84 22.78
CA LYS E 179 -54.58 11.21 23.80
C LYS E 179 -53.91 12.26 24.69
N GLN E 180 -53.35 13.28 24.05
CA GLN E 180 -52.75 14.39 24.78
C GLN E 180 -53.76 15.29 25.58
N TYR E 181 -55.03 15.33 25.17
CA TYR E 181 -56.06 16.01 25.97
C TYR E 181 -57.33 15.18 25.88
N PRO E 182 -57.42 14.09 26.64
CA PRO E 182 -58.54 13.16 26.48
C PRO E 182 -59.96 13.75 26.69
N GLU E 183 -60.08 14.97 27.19
CA GLU E 183 -61.41 15.59 27.26
C GLU E 183 -61.87 16.25 25.91
N LEU E 184 -60.97 16.38 24.94
CA LEU E 184 -61.32 16.80 23.58
C LEU E 184 -62.42 15.86 23.01
N LYS E 185 -63.46 16.43 22.40
CA LYS E 185 -64.48 15.58 21.77
C LYS E 185 -64.77 16.05 20.36
N TYR E 186 -65.02 15.12 19.45
CA TYR E 186 -65.30 15.49 18.06
C TYR E 186 -66.23 14.44 17.47
N GLU E 187 -67.07 14.85 16.51
CA GLU E 187 -68.04 13.95 15.91
C GLU E 187 -67.55 13.58 14.57
N GLU E 188 -67.88 12.39 14.10
CA GLU E 188 -67.49 12.07 12.74
C GLU E 188 -68.61 11.36 12.02
N SER E 189 -68.75 11.68 10.74
CA SER E 189 -69.90 11.25 9.96
C SER E 189 -69.55 10.77 8.56
N ASP E 190 -70.29 9.77 8.13
CA ASP E 190 -70.22 9.28 6.77
C ASP E 190 -71.13 10.08 5.87
N ALA E 191 -71.95 10.94 6.46
CA ALA E 191 -73.00 11.61 5.69
C ALA E 191 -72.58 13.02 5.31
N VAL E 192 -71.29 13.29 5.40
CA VAL E 192 -70.90 14.59 4.95
C VAL E 192 -69.68 14.46 4.11
N GLU E 193 -69.54 15.40 3.19
CA GLU E 193 -68.34 15.57 2.43
C GLU E 193 -67.84 16.89 2.93
N VAL E 194 -66.64 17.27 2.50
CA VAL E 194 -66.03 18.50 3.00
C VAL E 194 -66.86 19.77 2.77
N VAL E 195 -67.52 19.88 1.63
CA VAL E 195 -68.37 21.05 1.39
C VAL E 195 -69.43 21.20 2.52
N ASP E 196 -69.95 20.08 2.99
CA ASP E 196 -70.83 20.07 4.14
C ASP E 196 -70.09 20.59 5.38
N LEU E 197 -68.84 20.21 5.54
CA LEU E 197 -68.12 20.66 6.71
C LEU E 197 -67.99 22.17 6.71
N LEU E 198 -67.61 22.70 5.54
CA LEU E 198 -67.42 24.14 5.43
C LEU E 198 -68.75 24.87 5.56
N ARG E 199 -69.84 24.32 4.97
CA ARG E 199 -71.14 24.97 5.13
C ARG E 199 -71.46 24.99 6.59
N MET E 200 -71.28 23.83 7.21
CA MET E 200 -71.70 23.62 8.60
C MET E 200 -71.06 24.68 9.53
N VAL E 201 -69.80 24.98 9.29
CA VAL E 201 -69.12 26.04 9.99
C VAL E 201 -69.70 27.42 9.63
N ASP E 202 -69.77 27.73 8.34
CA ASP E 202 -70.31 28.97 7.81
C ASP E 202 -71.55 29.46 8.51
N VAL E 203 -72.49 28.53 8.67
CA VAL E 203 -73.79 28.86 9.19
C VAL E 203 -73.86 28.77 10.72
N GLY E 204 -72.80 28.25 11.33
CA GLY E 204 -72.75 28.12 12.77
C GLY E 204 -73.40 26.86 13.34
N ASP E 205 -73.66 25.86 12.52
CA ASP E 205 -74.13 24.60 13.07
C ASP E 205 -73.01 23.85 13.77
N ILE E 206 -71.78 24.14 13.43
CA ILE E 206 -70.71 23.58 14.24
C ILE E 206 -69.58 24.59 14.35
N ASP E 207 -68.86 24.53 15.47
CA ASP E 207 -67.76 25.45 15.79
C ASP E 207 -66.50 25.40 14.88
N LEU E 208 -65.87 24.23 14.81
CA LEU E 208 -64.61 24.08 14.09
C LEU E 208 -64.59 22.83 13.25
N THR E 209 -63.85 22.84 12.16
CA THR E 209 -63.58 21.59 11.47
C THR E 209 -62.13 21.54 11.02
N LEU E 210 -61.73 20.42 10.47
CA LEU E 210 -60.35 20.26 10.09
C LEU E 210 -60.27 19.69 8.71
N VAL E 211 -59.72 20.43 7.77
CA VAL E 211 -59.73 19.93 6.41
C VAL E 211 -58.43 20.25 5.71
N ASP E 212 -58.13 19.47 4.66
CA ASP E 212 -56.93 19.72 3.86
C ASP E 212 -57.15 21.06 3.15
N SER E 213 -56.09 21.83 3.11
CA SER E 213 -56.13 23.20 2.72
C SER E 213 -56.64 23.44 1.31
N ASN E 214 -56.42 22.49 0.40
CA ASN E 214 -56.76 22.73 -1.00
C ASN E 214 -58.24 22.94 -1.18
N GLU E 215 -59.00 22.30 -0.32
CA GLU E 215 -60.45 22.37 -0.40
C GLU E 215 -60.96 23.74 0.12
N LEU E 216 -60.30 24.29 1.13
CA LEU E 216 -60.63 25.62 1.62
C LEU E 216 -60.48 26.61 0.49
N ALA E 217 -59.43 26.43 -0.31
CA ALA E 217 -59.17 27.29 -1.46
C ALA E 217 -60.32 27.18 -2.47
N MET E 218 -60.74 25.94 -2.72
CA MET E 218 -61.79 25.66 -3.68
C MET E 218 -63.09 26.32 -3.33
N ASN E 219 -63.40 26.30 -2.04
CA ASN E 219 -64.77 26.58 -1.61
C ASN E 219 -64.97 27.88 -0.89
N GLN E 220 -63.90 28.42 -0.31
CA GLN E 220 -64.00 29.59 0.55
C GLN E 220 -64.87 30.72 -0.01
N VAL E 221 -64.73 30.96 -1.29
CA VAL E 221 -65.46 32.02 -1.93
C VAL E 221 -66.98 31.79 -1.81
N TYR E 222 -67.37 30.54 -1.60
CA TYR E 222 -68.78 30.18 -1.45
C TYR E 222 -69.21 30.14 0.01
N PHE E 223 -68.24 30.32 0.90
CA PHE E 223 -68.47 30.34 2.34
C PHE E 223 -67.81 31.56 2.93
N PRO E 224 -68.57 32.66 3.01
CA PRO E 224 -68.03 33.95 3.47
C PRO E 224 -67.49 33.98 4.91
N ASN E 225 -68.14 33.27 5.83
CA ASN E 225 -67.83 33.41 7.26
C ASN E 225 -66.66 32.54 7.74
N VAL E 226 -66.17 31.64 6.89
CA VAL E 226 -65.18 30.72 7.38
C VAL E 226 -63.79 31.34 7.26
N ARG E 227 -62.88 30.90 8.13
CA ARG E 227 -61.53 31.47 8.27
C ARG E 227 -60.54 30.40 8.74
N VAL E 228 -59.31 30.45 8.25
CA VAL E 228 -58.24 29.60 8.79
C VAL E 228 -57.76 30.11 10.13
N ALA E 229 -57.80 29.27 11.15
CA ALA E 229 -57.27 29.62 12.46
C ALA E 229 -55.77 29.33 12.53
N PHE E 230 -55.39 28.08 12.27
CA PHE E 230 -53.97 27.68 12.15
C PHE E 230 -53.75 26.36 11.38
N ASP E 231 -52.55 26.20 10.81
CA ASP E 231 -52.13 24.97 10.13
C ASP E 231 -51.95 23.87 11.19
N PHE E 232 -52.34 22.64 10.89
CA PHE E 232 -52.28 21.58 11.88
C PHE E 232 -51.68 20.29 11.28
N GLY E 233 -50.36 20.23 11.31
CA GLY E 233 -49.56 19.17 10.71
C GLY E 233 -48.60 19.77 9.68
N GLU E 234 -47.53 19.06 9.38
CA GLU E 234 -46.62 19.60 8.39
C GLU E 234 -47.22 19.34 7.05
N ALA E 235 -46.85 20.14 6.07
CA ALA E 235 -47.30 19.89 4.70
C ALA E 235 -47.13 18.42 4.29
N ARG E 236 -48.08 17.96 3.50
CA ARG E 236 -48.13 16.59 3.00
C ARG E 236 -48.67 16.50 1.60
N GLY E 237 -48.44 15.36 0.97
CA GLY E 237 -48.81 15.21 -0.41
C GLY E 237 -49.91 14.21 -0.61
N LEU E 238 -50.85 14.54 -1.49
CA LEU E 238 -51.90 13.61 -1.85
C LEU E 238 -51.32 12.62 -2.84
N ALA E 239 -51.91 11.43 -2.96
CA ALA E 239 -51.36 10.38 -3.81
C ALA E 239 -52.48 9.52 -4.25
N TRP E 240 -52.35 8.83 -5.39
CA TRP E 240 -53.36 7.86 -5.74
C TRP E 240 -53.12 6.62 -4.92
N ALA E 241 -54.17 5.85 -4.66
CA ALA E 241 -54.04 4.63 -3.86
C ALA E 241 -54.33 3.39 -4.71
N LEU E 242 -53.43 2.41 -4.63
CA LEU E 242 -53.59 1.11 -5.27
C LEU E 242 -53.72 0.06 -4.20
N PRO E 243 -54.44 -1.02 -4.52
CA PRO E 243 -54.48 -2.16 -3.59
C PRO E 243 -53.07 -2.75 -3.47
N GLY E 244 -52.74 -3.33 -2.32
CA GLY E 244 -51.45 -4.03 -2.21
C GLY E 244 -51.58 -5.43 -2.77
N GLY E 245 -50.55 -5.94 -3.44
CA GLY E 245 -49.31 -5.21 -3.60
C GLY E 245 -48.07 -6.08 -3.60
N ASP E 246 -47.56 -6.40 -4.78
CA ASP E 246 -46.33 -7.21 -4.95
C ASP E 246 -45.93 -7.22 -6.39
N ASP E 247 -46.94 -6.98 -7.22
CA ASP E 247 -46.79 -6.83 -8.65
C ASP E 247 -46.80 -5.36 -8.89
N ASP E 248 -45.74 -4.84 -9.48
CA ASP E 248 -45.63 -3.40 -9.70
C ASP E 248 -46.04 -2.96 -11.08
N SER E 249 -46.70 -3.84 -11.83
CA SER E 249 -47.12 -3.49 -13.18
C SER E 249 -47.88 -2.17 -13.24
N LEU E 250 -49.05 -2.08 -12.62
CA LEU E 250 -49.84 -0.85 -12.69
C LEU E 250 -49.15 0.28 -11.97
N MET E 251 -48.65 0.03 -10.76
CA MET E 251 -47.99 1.07 -9.96
C MET E 251 -46.86 1.86 -10.72
N ASN E 252 -46.05 1.15 -11.50
CA ASN E 252 -44.94 1.79 -12.21
C ASN E 252 -45.41 2.73 -13.28
N GLU E 253 -46.50 2.35 -13.96
CA GLU E 253 -47.12 3.20 -14.98
C GLU E 253 -47.68 4.49 -14.39
N VAL E 254 -48.43 4.35 -13.30
CA VAL E 254 -48.99 5.47 -12.58
C VAL E 254 -47.88 6.45 -12.21
N ASN E 255 -46.77 5.94 -11.72
CA ASN E 255 -45.77 6.90 -11.28
C ASN E 255 -45.00 7.54 -12.45
N ALA E 256 -44.88 6.81 -13.54
CA ALA E 256 -44.25 7.38 -14.72
C ALA E 256 -45.18 8.47 -15.22
N PHE E 257 -46.45 8.12 -15.34
CA PHE E 257 -47.47 9.09 -15.69
C PHE E 257 -47.37 10.32 -14.80
N LEU E 258 -47.38 10.11 -13.47
CA LEU E 258 -47.40 11.25 -12.55
C LEU E 258 -46.18 12.08 -12.53
N ASP E 259 -45.05 11.40 -12.70
CA ASP E 259 -43.78 12.10 -12.73
C ASP E 259 -43.64 12.93 -13.99
N GLN E 260 -44.09 12.47 -15.16
CA GLN E 260 -43.96 13.35 -16.34
C GLN E 260 -44.87 14.58 -16.21
N ALA E 261 -46.04 14.37 -15.67
CA ALA E 261 -46.96 15.46 -15.66
C ALA E 261 -46.52 16.56 -14.71
N LYS E 262 -45.57 16.27 -13.82
CA LYS E 262 -45.02 17.30 -12.94
C LYS E 262 -43.94 18.11 -13.65
N LYS E 263 -43.31 17.54 -14.67
CA LYS E 263 -42.21 18.27 -15.33
C LYS E 263 -42.73 18.94 -16.58
N GLU E 264 -43.85 18.44 -17.09
CA GLU E 264 -44.30 18.92 -18.38
C GLU E 264 -45.44 19.92 -18.13
N GLY E 265 -45.67 20.20 -16.85
CA GLY E 265 -46.56 21.24 -16.38
C GLY E 265 -48.03 20.90 -16.14
N LEU E 266 -48.44 19.70 -16.55
CA LEU E 266 -49.83 19.28 -16.49
C LEU E 266 -50.46 19.53 -15.10
N LEU E 267 -49.73 19.17 -14.05
CA LEU E 267 -50.21 19.29 -12.69
C LEU E 267 -50.44 20.70 -12.25
N GLN E 268 -49.45 21.55 -12.46
CA GLN E 268 -49.62 22.92 -12.03
C GLN E 268 -50.72 23.55 -12.88
N ARG E 269 -50.81 23.12 -14.14
CA ARG E 269 -51.87 23.59 -15.03
C ARG E 269 -53.24 23.26 -14.41
N LEU E 270 -53.43 22.01 -14.03
CA LEU E 270 -54.64 21.56 -13.32
C LEU E 270 -54.80 22.29 -11.99
N LYS E 271 -53.69 22.40 -11.25
CA LYS E 271 -53.72 23.04 -9.93
C LYS E 271 -54.36 24.40 -10.07
N ASP E 272 -54.21 25.03 -11.23
CA ASP E 272 -54.63 26.39 -11.39
C ASP E 272 -56.04 26.53 -11.95
N ARG E 273 -56.44 25.67 -12.89
CA ARG E 273 -57.84 25.66 -13.36
C ARG E 273 -58.86 25.55 -12.26
N TYR E 274 -58.59 24.63 -11.36
CA TYR E 274 -59.52 24.24 -10.32
C TYR E 274 -59.29 24.94 -8.96
N TYR E 275 -58.13 24.65 -8.35
CA TYR E 275 -57.72 25.09 -7.02
C TYR E 275 -57.07 26.49 -7.10
N GLY E 276 -57.74 27.57 -6.73
CA GLY E 276 -58.96 27.54 -5.95
C GLY E 276 -59.43 28.97 -6.00
N HIS E 277 -60.44 29.28 -6.82
CA HIS E 277 -60.74 30.68 -7.09
C HIS E 277 -62.14 31.25 -6.80
N VAL E 278 -62.12 32.56 -6.55
CA VAL E 278 -63.26 33.41 -6.26
C VAL E 278 -63.75 33.99 -7.59
N ASP E 279 -64.85 34.76 -7.55
CA ASP E 279 -65.29 35.67 -8.62
C ASP E 279 -66.64 35.29 -9.22
N VAL E 280 -67.53 34.76 -8.40
CA VAL E 280 -68.91 34.50 -8.83
C VAL E 280 -69.75 35.69 -8.33
N LEU E 281 -69.03 36.74 -7.91
CA LEU E 281 -69.57 37.85 -7.13
C LEU E 281 -70.60 38.76 -7.87
N GLY E 282 -71.81 38.25 -8.12
CA GLY E 282 -72.94 39.10 -8.48
C GLY E 282 -73.35 40.02 -7.35
N TYR E 283 -73.93 41.19 -7.69
CA TYR E 283 -74.33 42.27 -6.74
C TYR E 283 -73.47 43.52 -6.98
N VAL E 284 -73.49 44.06 -8.20
CA VAL E 284 -72.67 45.24 -8.42
C VAL E 284 -73.39 46.36 -7.70
N GLY E 285 -72.68 47.43 -7.35
CA GLY E 285 -73.31 48.65 -6.86
C GLY E 285 -74.52 49.13 -7.65
N ALA E 286 -75.49 49.73 -6.98
CA ALA E 286 -76.61 50.21 -7.75
C ALA E 286 -76.01 51.32 -8.53
N TYR E 287 -75.11 52.04 -7.88
CA TYR E 287 -74.43 53.11 -8.57
C TYR E 287 -73.69 52.54 -9.77
N THR E 288 -72.91 51.50 -9.53
CA THR E 288 -72.01 51.00 -10.55
C THR E 288 -72.79 50.42 -11.75
N PHE E 289 -74.03 50.02 -11.53
CA PHE E 289 -74.79 49.43 -12.60
C PHE E 289 -75.24 50.42 -13.65
N ALA E 290 -75.66 51.59 -13.19
CA ALA E 290 -76.17 52.64 -14.06
C ALA E 290 -75.08 53.01 -15.05
N GLN E 291 -73.95 53.35 -14.46
CA GLN E 291 -72.66 53.53 -15.09
C GLN E 291 -72.45 52.66 -16.30
N HIS E 292 -72.47 51.35 -16.11
CA HIS E 292 -72.30 50.47 -17.25
C HIS E 292 -73.41 50.57 -18.30
N LEU E 293 -74.65 50.88 -17.88
CA LEU E 293 -75.73 51.20 -18.83
C LEU E 293 -75.34 52.29 -19.80
N GLN E 294 -74.59 53.24 -19.30
CA GLN E 294 -74.22 54.34 -20.11
C GLN E 294 -72.95 53.98 -20.89
N GLN E 295 -71.95 53.41 -20.21
CA GLN E 295 -70.64 53.18 -20.84
C GLN E 295 -70.62 51.98 -21.78
N ARG E 296 -71.39 50.95 -21.41
CA ARG E 296 -71.30 49.62 -22.05
C ARG E 296 -72.53 49.17 -22.82
N LEU E 297 -73.70 49.23 -22.17
CA LEU E 297 -74.89 48.66 -22.77
C LEU E 297 -75.19 49.13 -24.19
N PRO E 298 -74.94 50.41 -24.48
CA PRO E 298 -75.43 50.86 -25.79
C PRO E 298 -74.72 50.27 -27.00
N ARG E 299 -73.42 49.99 -26.91
CA ARG E 299 -72.70 49.39 -28.03
C ARG E 299 -73.28 48.03 -28.42
N TYR E 300 -74.14 47.45 -27.57
CA TYR E 300 -74.60 46.07 -27.75
C TYR E 300 -76.11 45.97 -27.78
N GLU E 301 -76.80 47.05 -27.41
CA GLU E 301 -78.28 47.05 -27.31
C GLU E 301 -79.01 46.67 -28.57
N SER E 302 -78.50 47.18 -29.69
CA SER E 302 -79.03 46.91 -31.00
C SER E 302 -79.12 45.41 -31.26
N HIS E 303 -78.04 44.71 -30.89
CA HIS E 303 -77.94 43.27 -31.06
C HIS E 303 -78.89 42.51 -30.18
N PHE E 304 -78.99 42.92 -28.92
CA PHE E 304 -79.91 42.24 -28.02
C PHE E 304 -81.30 42.36 -28.59
N LYS E 305 -81.61 43.55 -29.09
CA LYS E 305 -82.94 43.84 -29.61
C LYS E 305 -83.24 43.00 -30.82
N GLN E 306 -82.27 42.87 -31.73
CA GLN E 306 -82.52 42.11 -32.94
C GLN E 306 -82.56 40.59 -32.73
N SER E 307 -81.65 40.08 -31.92
CA SER E 307 -81.69 38.66 -31.61
C SER E 307 -82.94 38.42 -30.75
N GLY E 308 -83.21 39.34 -29.83
CA GLY E 308 -84.46 39.34 -29.07
C GLY E 308 -85.73 39.28 -29.90
N LYS E 309 -85.84 40.17 -30.89
CA LYS E 309 -87.00 40.15 -31.77
C LYS E 309 -87.04 38.82 -32.51
N GLN E 310 -85.91 38.44 -33.08
CA GLN E 310 -85.85 37.21 -33.87
C GLN E 310 -86.39 35.98 -33.13
N LYS E 311 -86.27 36.00 -31.80
CA LYS E 311 -86.57 34.80 -31.05
C LYS E 311 -87.65 34.85 -30.00
N ASP E 312 -88.78 35.49 -30.28
CA ASP E 312 -89.94 35.34 -29.40
C ASP E 312 -89.64 35.63 -27.92
N THR E 313 -88.71 36.53 -27.63
CA THR E 313 -88.38 36.73 -26.22
C THR E 313 -87.83 38.12 -25.90
N ASP E 314 -88.09 38.58 -24.67
CA ASP E 314 -87.80 39.93 -24.22
C ASP E 314 -86.29 40.22 -24.30
N TRP E 315 -85.89 41.24 -25.06
CA TRP E 315 -84.46 41.51 -25.22
C TRP E 315 -83.79 41.91 -23.91
N ARG E 316 -84.55 42.44 -22.96
CA ARG E 316 -83.93 42.89 -21.73
C ARG E 316 -83.53 41.67 -20.88
N LEU E 317 -84.26 40.56 -20.96
CA LEU E 317 -83.85 39.35 -20.22
C LEU E 317 -82.54 38.82 -20.79
N LEU E 318 -82.44 38.84 -22.12
CA LEU E 318 -81.20 38.48 -22.77
C LEU E 318 -80.13 39.42 -22.26
N ALA E 319 -80.48 40.69 -22.10
CA ALA E 319 -79.47 41.65 -21.68
C ALA E 319 -78.98 41.41 -20.25
N ALA E 320 -79.91 40.98 -19.39
CA ALA E 320 -79.61 40.67 -17.99
C ALA E 320 -78.75 39.42 -17.86
N ILE E 321 -79.08 38.38 -18.62
CA ILE E 321 -78.23 37.20 -18.69
C ILE E 321 -76.80 37.63 -18.97
N GLY E 322 -76.64 38.38 -20.05
CA GLY E 322 -75.35 38.89 -20.42
C GLY E 322 -74.66 39.76 -19.38
N TYR E 323 -75.40 40.55 -18.60
CA TYR E 323 -74.73 41.40 -17.63
C TYR E 323 -74.14 40.50 -16.52
N GLN E 324 -74.97 39.60 -15.98
CA GLN E 324 -74.53 38.64 -14.98
C GLN E 324 -73.39 37.77 -15.45
N GLU E 325 -73.37 37.44 -16.73
CA GLU E 325 -72.32 36.57 -17.30
C GLU E 325 -70.95 37.27 -17.44
N SER E 326 -70.91 38.48 -18.02
CA SER E 326 -69.63 39.12 -18.31
C SER E 326 -69.54 40.60 -17.95
N LEU E 327 -70.59 41.17 -17.35
CA LEU E 327 -70.68 42.62 -17.21
C LEU E 327 -70.52 43.36 -18.53
N TRP E 328 -71.00 42.76 -19.62
CA TRP E 328 -71.01 43.36 -20.97
C TRP E 328 -69.60 43.70 -21.46
N GLN E 329 -68.71 42.74 -21.31
CA GLN E 329 -67.33 42.85 -21.77
C GLN E 329 -67.02 41.70 -22.71
N PRO E 330 -66.98 41.96 -24.01
CA PRO E 330 -66.92 40.89 -25.00
C PRO E 330 -65.59 40.15 -25.05
N GLY E 331 -64.58 40.73 -24.39
CA GLY E 331 -63.28 40.11 -24.30
C GLY E 331 -63.05 39.36 -22.99
N ALA E 332 -64.11 39.22 -22.21
CA ALA E 332 -64.06 38.56 -20.91
C ALA E 332 -63.76 37.05 -21.03
N THR E 333 -63.14 36.47 -20.02
CA THR E 333 -62.72 35.09 -20.13
C THR E 333 -62.69 34.43 -18.77
N SER E 334 -62.56 33.10 -18.73
CA SER E 334 -62.48 32.40 -17.46
C SER E 334 -61.48 31.22 -17.59
N LYS E 335 -60.93 30.77 -16.46
CA LYS E 335 -60.10 29.55 -16.33
C LYS E 335 -60.80 28.27 -16.76
N THR E 336 -62.11 28.33 -16.57
CA THR E 336 -63.03 27.24 -16.82
C THR E 336 -63.26 26.95 -18.28
N GLY E 337 -62.76 27.85 -19.12
CA GLY E 337 -62.84 27.70 -20.57
C GLY E 337 -64.06 28.37 -21.18
N VAL E 338 -64.72 29.27 -20.45
CA VAL E 338 -65.80 30.08 -21.04
C VAL E 338 -65.20 31.40 -21.49
N ARG E 339 -65.91 32.08 -22.39
CA ARG E 339 -65.35 33.26 -23.01
C ARG E 339 -66.43 34.04 -23.75
N GLY E 340 -66.26 35.36 -23.84
CA GLY E 340 -67.12 36.18 -24.69
C GLY E 340 -68.22 36.88 -23.91
N LEU E 341 -69.07 37.61 -24.62
CA LEU E 341 -70.04 38.44 -23.92
C LEU E 341 -70.98 37.59 -23.10
N MET E 342 -71.45 36.49 -23.68
CA MET E 342 -72.37 35.55 -23.00
C MET E 342 -71.68 34.30 -22.42
N MET E 343 -70.34 34.34 -22.33
CA MET E 343 -69.55 33.28 -21.65
C MET E 343 -69.95 31.85 -22.01
N LEU E 344 -69.74 31.51 -23.27
CA LEU E 344 -69.97 30.18 -23.80
C LEU E 344 -68.77 29.26 -23.63
N THR E 345 -69.05 27.98 -23.40
CA THR E 345 -68.12 26.87 -23.58
C THR E 345 -67.89 26.66 -25.07
N ASN E 346 -66.74 26.12 -25.48
CA ASN E 346 -66.56 25.83 -26.91
C ASN E 346 -67.60 24.98 -27.63
N ARG E 347 -67.98 23.86 -27.01
CA ARG E 347 -68.93 22.93 -27.62
C ARG E 347 -70.23 23.65 -27.87
N THR E 348 -70.62 24.46 -26.90
CA THR E 348 -71.88 25.18 -26.98
C THR E 348 -71.84 26.23 -28.08
N ALA E 349 -70.69 26.88 -28.24
CA ALA E 349 -70.58 27.88 -29.28
C ALA E 349 -70.82 27.24 -30.66
N GLN E 350 -70.12 26.15 -30.93
CA GLN E 350 -70.28 25.46 -32.20
C GLN E 350 -71.69 24.95 -32.45
N ALA E 351 -72.28 24.31 -31.45
CA ALA E 351 -73.64 23.85 -31.56
C ALA E 351 -74.61 25.02 -31.81
N MET E 352 -74.22 26.24 -31.43
CA MET E 352 -75.10 27.39 -31.65
C MET E 352 -74.70 28.22 -32.86
N GLY E 353 -73.65 27.80 -33.57
CA GLY E 353 -73.26 28.49 -34.78
C GLY E 353 -72.26 29.61 -34.60
N VAL E 354 -71.57 29.62 -33.46
CA VAL E 354 -70.62 30.69 -33.14
C VAL E 354 -69.23 30.27 -33.61
N SER E 355 -68.69 31.07 -34.51
CA SER E 355 -67.43 30.74 -35.14
C SER E 355 -66.37 31.60 -34.51
N ASN E 356 -66.79 32.69 -33.88
CA ASN E 356 -65.85 33.51 -33.16
C ASN E 356 -66.42 34.00 -31.86
N ARG E 357 -66.01 33.31 -30.80
CA ARG E 357 -66.56 33.55 -29.47
C ARG E 357 -66.34 34.96 -28.97
N LEU E 358 -65.35 35.63 -29.55
CA LEU E 358 -65.05 36.95 -29.05
C LEU E 358 -65.84 38.12 -29.69
N ASP E 359 -66.52 37.90 -30.82
CA ASP E 359 -67.35 38.97 -31.41
C ASP E 359 -68.78 39.04 -30.82
N PRO E 360 -69.14 40.19 -30.25
CA PRO E 360 -70.38 40.41 -29.50
C PRO E 360 -71.66 40.05 -30.26
N LYS E 361 -71.77 40.34 -31.55
CA LYS E 361 -73.01 39.98 -32.23
C LYS E 361 -73.24 38.46 -32.25
N GLN E 362 -72.26 37.62 -32.62
CA GLN E 362 -72.56 36.18 -32.64
C GLN E 362 -72.67 35.65 -31.22
N SER E 363 -71.83 36.13 -30.33
CA SER E 363 -71.86 35.59 -28.98
C SER E 363 -73.21 35.87 -28.35
N ILE E 364 -73.66 37.12 -28.39
CA ILE E 364 -74.94 37.51 -27.81
C ILE E 364 -76.06 36.71 -28.42
N GLN E 365 -76.08 36.58 -29.73
CA GLN E 365 -77.13 35.76 -30.31
C GLN E 365 -76.94 34.32 -29.91
N GLY E 366 -75.70 33.85 -29.87
CA GLY E 366 -75.50 32.44 -29.64
C GLY E 366 -75.91 32.08 -28.22
N GLY E 367 -75.58 32.94 -27.25
CA GLY E 367 -76.00 32.66 -25.89
C GLY E 367 -77.50 32.73 -25.76
N SER E 368 -78.10 33.67 -26.50
CA SER E 368 -79.53 33.85 -26.50
C SER E 368 -80.18 32.63 -27.10
N LYS E 369 -79.62 32.17 -28.20
CA LYS E 369 -80.13 30.96 -28.81
C LYS E 369 -80.10 29.80 -27.83
N TYR E 370 -78.98 29.63 -27.14
CA TYR E 370 -78.83 28.55 -26.17
C TYR E 370 -79.88 28.66 -25.05
N PHE E 371 -80.06 29.86 -24.52
CA PHE E 371 -80.99 30.03 -23.43
C PHE E 371 -82.42 29.73 -23.85
N VAL E 372 -82.82 30.18 -25.04
CA VAL E 372 -84.20 29.93 -25.50
C VAL E 372 -84.44 28.47 -25.83
N GLN E 373 -83.46 27.83 -26.46
CA GLN E 373 -83.60 26.42 -26.81
C GLN E 373 -83.77 25.61 -25.53
N ILE E 374 -82.96 25.94 -24.51
CA ILE E 374 -83.09 25.26 -23.23
C ILE E 374 -84.52 25.42 -22.68
N ARG E 375 -85.10 26.62 -22.81
CA ARG E 375 -86.46 26.86 -22.31
C ARG E 375 -87.52 26.02 -23.01
N SER E 376 -87.26 25.78 -24.30
CA SER E 376 -88.17 25.02 -25.15
C SER E 376 -88.21 23.59 -24.69
N GLU E 377 -87.06 23.13 -24.21
CA GLU E 377 -86.89 21.72 -23.92
C GLU E 377 -87.43 21.39 -22.54
N LEU E 378 -87.72 22.42 -21.74
CA LEU E 378 -88.29 22.17 -20.42
C LEU E 378 -89.57 21.44 -20.57
N PRO E 379 -89.89 20.56 -19.63
CA PRO E 379 -91.19 19.87 -19.55
C PRO E 379 -92.40 20.80 -19.84
N GLU E 380 -93.43 20.32 -20.52
CA GLU E 380 -94.56 21.20 -20.81
C GLU E 380 -95.28 21.70 -19.54
N SER E 381 -95.22 20.96 -18.45
CA SER E 381 -95.91 21.38 -17.24
C SER E 381 -95.32 22.67 -16.62
N ILE E 382 -94.14 23.08 -17.05
CA ILE E 382 -93.64 24.32 -16.50
C ILE E 382 -94.05 25.52 -17.34
N LYS E 383 -94.89 26.37 -16.74
CA LYS E 383 -95.53 27.50 -17.45
C LYS E 383 -94.77 28.79 -17.15
N GLU E 384 -94.95 29.83 -17.95
CA GLU E 384 -94.37 31.13 -17.62
C GLU E 384 -95.16 31.69 -16.44
N PRO E 385 -94.53 32.58 -15.66
CA PRO E 385 -93.17 33.06 -15.92
C PRO E 385 -92.09 32.13 -15.32
N ASP E 386 -92.51 31.22 -14.44
CA ASP E 386 -91.56 30.35 -13.77
C ASP E 386 -90.64 29.71 -14.78
N ARG E 387 -91.25 29.40 -15.92
CA ARG E 387 -90.60 28.64 -16.96
C ARG E 387 -89.30 29.30 -17.34
N SER E 388 -89.33 30.61 -17.49
CA SER E 388 -88.11 31.35 -17.83
C SER E 388 -87.07 31.23 -16.73
N TRP E 389 -87.54 31.21 -15.49
CA TRP E 389 -86.61 31.10 -14.40
C TRP E 389 -85.92 29.73 -14.40
N PHE E 390 -86.69 28.64 -14.61
CA PHE E 390 -86.13 27.29 -14.72
C PHE E 390 -85.11 27.24 -15.82
N ALA E 391 -85.36 28.02 -16.85
CA ALA E 391 -84.44 28.04 -17.96
C ALA E 391 -83.12 28.69 -17.54
N LEU E 392 -83.18 29.78 -16.78
CA LEU E 392 -81.93 30.40 -16.30
C LEU E 392 -81.20 29.43 -15.40
N ALA E 393 -81.95 28.63 -14.62
CA ALA E 393 -81.33 27.66 -13.69
C ALA E 393 -80.59 26.56 -14.46
N ALA E 394 -81.22 26.06 -15.52
CA ALA E 394 -80.64 25.03 -16.35
C ALA E 394 -79.53 25.66 -17.12
N TYR E 395 -79.74 26.87 -17.61
CA TYR E 395 -78.67 27.57 -18.31
C TYR E 395 -77.39 27.52 -17.50
N ASN E 396 -77.55 27.52 -16.18
CA ASN E 396 -76.38 27.60 -15.32
C ASN E 396 -75.90 26.23 -14.81
N ILE E 397 -76.81 25.43 -14.27
CA ILE E 397 -76.43 24.19 -13.53
C ILE E 397 -76.54 22.94 -14.40
N GLY E 398 -77.19 23.08 -15.55
CA GLY E 398 -77.49 21.97 -16.44
C GLY E 398 -78.82 21.30 -16.20
N GLY E 399 -79.45 20.91 -17.29
CA GLY E 399 -80.77 20.32 -17.26
C GLY E 399 -80.87 19.05 -16.46
N ALA E 400 -79.77 18.29 -16.34
CA ALA E 400 -79.80 17.00 -15.63
C ALA E 400 -80.07 17.23 -14.15
N HIS E 401 -79.21 18.07 -13.57
CA HIS E 401 -79.33 18.58 -12.20
C HIS E 401 -80.64 19.29 -11.85
N LEU E 402 -81.14 20.12 -12.75
CA LEU E 402 -82.40 20.81 -12.52
C LEU E 402 -83.50 19.78 -12.42
N GLU E 403 -83.37 18.69 -13.15
CA GLU E 403 -84.37 17.64 -13.07
C GLU E 403 -84.39 16.98 -11.67
N ASP E 404 -83.20 16.71 -11.16
CA ASP E 404 -83.03 16.21 -9.80
C ASP E 404 -83.58 17.15 -8.77
N ALA E 405 -83.37 18.43 -9.02
CA ALA E 405 -83.95 19.45 -8.16
C ALA E 405 -85.49 19.33 -8.22
N ARG E 406 -86.06 19.05 -9.39
CA ARG E 406 -87.51 18.87 -9.46
C ARG E 406 -88.07 17.54 -8.86
N LYS E 407 -87.44 16.39 -9.07
CA LYS E 407 -87.99 15.16 -8.49
C LYS E 407 -88.00 15.32 -6.98
N MET E 408 -86.89 15.82 -6.48
CA MET E 408 -86.71 16.04 -5.05
C MET E 408 -87.81 16.94 -4.49
N ALA E 409 -88.20 17.96 -5.23
CA ALA E 409 -89.29 18.81 -4.78
C ALA E 409 -90.59 18.04 -4.68
N GLU E 410 -90.89 17.25 -5.70
CA GLU E 410 -92.11 16.48 -5.70
C GLU E 410 -92.12 15.55 -4.52
N LYS E 411 -91.03 14.81 -4.32
CA LYS E 411 -90.93 13.93 -3.15
C LYS E 411 -91.19 14.69 -1.83
N GLU E 412 -90.95 16.01 -1.81
CA GLU E 412 -91.18 16.80 -0.61
C GLU E 412 -92.60 17.28 -0.49
N GLY E 413 -93.43 16.87 -1.44
CA GLY E 413 -94.80 17.35 -1.51
C GLY E 413 -94.91 18.78 -1.99
N LEU E 414 -93.88 19.27 -2.66
CA LEU E 414 -93.96 20.58 -3.24
C LEU E 414 -94.35 20.48 -4.70
N ASN E 415 -94.59 21.64 -5.31
CA ASN E 415 -94.92 21.67 -6.72
C ASN E 415 -93.67 21.70 -7.59
N PRO E 416 -93.45 20.64 -8.40
CA PRO E 416 -92.21 20.61 -9.17
C PRO E 416 -92.18 21.61 -10.32
N ASN E 417 -93.30 22.33 -10.51
CA ASN E 417 -93.41 23.29 -11.59
C ASN E 417 -93.36 24.72 -11.11
N LYS E 418 -93.12 24.91 -9.82
CA LYS E 418 -93.06 26.26 -9.28
C LYS E 418 -91.68 26.63 -8.83
N TRP E 419 -91.16 27.73 -9.37
CA TRP E 419 -89.79 28.11 -9.09
C TRP E 419 -89.62 28.35 -7.58
N LEU E 420 -90.63 28.93 -6.92
CA LEU E 420 -90.52 29.16 -5.49
C LEU E 420 -90.29 27.91 -4.70
N ASP E 421 -90.83 26.79 -5.15
CA ASP E 421 -90.62 25.53 -4.45
C ASP E 421 -89.30 24.91 -4.94
N VAL E 422 -89.12 24.81 -6.24
CA VAL E 422 -87.97 24.09 -6.71
C VAL E 422 -86.70 24.82 -6.33
N LYS E 423 -86.76 26.15 -6.17
CA LYS E 423 -85.52 26.89 -5.83
C LYS E 423 -85.04 26.53 -4.40
N LYS E 424 -85.97 26.05 -3.56
CA LYS E 424 -85.59 25.62 -2.22
C LYS E 424 -84.84 24.31 -2.25
N MET E 425 -85.15 23.49 -3.23
CA MET E 425 -84.45 22.23 -3.33
C MET E 425 -83.07 22.43 -3.94
N LEU E 426 -82.89 23.43 -4.80
CA LEU E 426 -81.62 23.49 -5.53
C LEU E 426 -80.37 23.47 -4.66
N PRO E 427 -80.37 24.19 -3.53
CA PRO E 427 -79.16 24.20 -2.69
C PRO E 427 -78.84 22.88 -2.03
N ARG E 428 -79.79 21.95 -2.03
CA ARG E 428 -79.55 20.73 -1.30
C ARG E 428 -78.63 19.90 -2.13
N LEU E 429 -78.50 20.23 -3.40
CA LEU E 429 -77.62 19.43 -4.26
C LEU E 429 -76.17 19.57 -3.89
N ALA E 430 -75.86 20.47 -2.96
CA ALA E 430 -74.47 20.65 -2.53
C ALA E 430 -74.25 20.05 -1.18
N GLN E 431 -75.23 19.31 -0.76
CA GLN E 431 -75.22 18.69 0.54
C GLN E 431 -75.32 17.15 0.38
N LYS E 432 -74.26 16.43 0.73
CA LYS E 432 -74.27 14.98 0.50
C LYS E 432 -75.49 14.22 1.05
N GLN E 433 -75.93 14.50 2.27
CA GLN E 433 -77.09 13.79 2.80
C GLN E 433 -78.20 13.79 1.81
N TRP E 434 -78.26 14.83 0.99
CA TRP E 434 -79.32 14.91 -0.03
C TRP E 434 -78.78 14.40 -1.39
N TYR E 435 -77.62 14.87 -1.85
CA TYR E 435 -77.32 14.54 -3.23
C TYR E 435 -76.94 13.08 -3.45
N ALA E 436 -76.49 12.40 -2.42
CA ALA E 436 -76.14 11.00 -2.58
C ALA E 436 -77.36 10.18 -2.95
N LYS E 437 -78.54 10.68 -2.59
CA LYS E 437 -79.77 10.02 -2.96
C LYS E 437 -80.29 10.44 -4.35
N THR E 438 -79.55 11.29 -5.08
CA THR E 438 -80.05 11.74 -6.37
C THR E 438 -79.29 11.08 -7.49
N ARG E 439 -79.83 11.19 -8.70
CA ARG E 439 -79.25 10.54 -9.87
C ARG E 439 -77.91 11.12 -10.34
N TYR E 440 -77.77 12.43 -10.40
CA TYR E 440 -76.57 13.00 -10.92
C TYR E 440 -75.72 13.60 -9.85
N GLY E 441 -76.19 13.55 -8.61
CA GLY E 441 -75.33 13.87 -7.49
C GLY E 441 -74.96 15.32 -7.28
N TYR E 442 -73.74 15.52 -6.79
CA TYR E 442 -73.34 16.84 -6.34
C TYR E 442 -73.37 17.92 -7.44
N ALA E 443 -73.95 19.07 -7.06
CA ALA E 443 -73.86 20.29 -7.84
C ALA E 443 -73.87 21.50 -6.91
N ARG E 444 -73.19 22.55 -7.35
CA ARG E 444 -73.13 23.73 -6.51
C ARG E 444 -74.42 24.50 -6.74
N GLY E 445 -75.51 23.87 -6.33
CA GLY E 445 -76.81 24.36 -6.66
C GLY E 445 -77.07 25.70 -6.03
N GLY E 446 -76.32 26.06 -5.01
CA GLY E 446 -76.64 27.31 -4.37
C GLY E 446 -76.27 28.47 -5.25
N GLU E 447 -75.23 28.29 -6.07
CA GLU E 447 -74.75 29.35 -6.91
C GLU E 447 -75.69 29.53 -8.04
N THR E 448 -76.48 28.49 -8.30
CA THR E 448 -77.57 28.54 -9.26
C THR E 448 -78.68 29.49 -8.85
N VAL E 449 -79.04 29.43 -7.59
CA VAL E 449 -80.10 30.29 -7.12
C VAL E 449 -79.68 31.73 -7.20
N HIS E 450 -78.44 32.02 -6.83
CA HIS E 450 -77.89 33.37 -6.94
C HIS E 450 -77.80 33.80 -8.39
N PHE E 451 -77.46 32.89 -9.27
CA PHE E 451 -77.41 33.21 -10.68
C PHE E 451 -78.81 33.66 -11.09
N VAL E 452 -79.81 32.83 -10.80
CA VAL E 452 -81.16 33.18 -11.20
C VAL E 452 -81.57 34.51 -10.60
N GLN E 453 -81.28 34.69 -9.32
N GLN E 453 -81.40 34.61 -9.29
CA GLN E 453 -81.84 35.82 -8.60
CA GLN E 453 -81.76 35.81 -8.55
C GLN E 453 -81.10 37.14 -8.85
C GLN E 453 -81.21 37.06 -9.21
N ASN E 454 -79.92 37.07 -9.48
CA ASN E 454 -79.29 38.27 -9.98
C ASN E 454 -79.83 38.61 -11.32
N VAL E 455 -79.96 37.61 -12.16
CA VAL E 455 -80.32 37.87 -13.54
C VAL E 455 -81.67 38.53 -13.53
N ARG E 456 -82.56 38.07 -12.67
CA ARG E 456 -83.85 38.68 -12.58
C ARG E 456 -83.77 40.06 -11.97
N ARG E 457 -82.83 40.22 -11.06
CA ARG E 457 -82.64 41.51 -10.42
C ARG E 457 -82.23 42.56 -11.49
N TYR E 458 -81.26 42.23 -12.35
CA TYR E 458 -80.82 43.10 -13.44
C TYR E 458 -81.95 43.27 -14.43
N TYR E 459 -82.71 42.20 -14.62
CA TYR E 459 -83.83 42.22 -15.54
C TYR E 459 -84.84 43.24 -15.03
N ASP E 460 -85.18 43.16 -13.75
CA ASP E 460 -86.13 44.11 -13.18
C ASP E 460 -85.65 45.56 -13.23
N ILE E 461 -84.39 45.80 -12.94
CA ILE E 461 -83.86 47.14 -13.17
C ILE E 461 -83.98 47.60 -14.62
N LEU E 462 -83.58 46.78 -15.60
CA LEU E 462 -83.66 47.22 -17.00
C LEU E 462 -85.08 47.57 -17.43
N THR E 463 -86.07 46.73 -17.10
CA THR E 463 -87.47 47.05 -17.42
C THR E 463 -87.92 48.34 -16.72
N TRP E 464 -87.55 48.52 -15.44
CA TRP E 464 -87.84 49.74 -14.68
C TRP E 464 -87.15 51.01 -15.21
N VAL E 465 -85.92 50.91 -15.71
CA VAL E 465 -85.22 52.07 -16.23
C VAL E 465 -85.48 52.20 -17.71
N THR E 466 -85.80 51.09 -18.38
CA THR E 466 -86.09 51.16 -19.81
C THR E 466 -87.50 51.73 -19.99
N GLN E 467 -87.70 52.88 -19.34
CA GLN E 467 -88.78 53.81 -19.60
C GLN E 467 -90.13 53.16 -19.92
N PRO E 468 -90.89 52.76 -18.90
CA PRO E 468 -92.21 52.34 -19.37
C PRO E 468 -93.22 53.49 -19.26
N GLN E 469 -93.01 54.41 -18.31
CA GLN E 469 -93.81 55.65 -18.19
C GLN E 469 -92.99 56.92 -18.49
N GLY F 52 6.55 -10.87 -0.25
CA GLY F 52 7.37 -11.48 -1.29
C GLY F 52 6.57 -12.51 -2.08
N VAL F 53 6.60 -12.40 -3.41
CA VAL F 53 5.77 -13.24 -4.26
C VAL F 53 6.45 -13.65 -5.55
N LEU F 54 6.68 -14.96 -5.69
CA LEU F 54 7.14 -15.52 -6.96
C LEU F 54 6.01 -15.63 -7.97
N ARG F 55 6.05 -14.85 -9.06
CA ARG F 55 5.01 -14.99 -10.07
C ARG F 55 5.40 -16.00 -11.15
N VAL F 56 4.62 -17.06 -11.27
CA VAL F 56 4.93 -18.04 -12.30
C VAL F 56 3.78 -18.06 -13.28
N ILE F 57 4.11 -17.92 -14.56
CA ILE F 57 3.12 -17.95 -15.63
C ILE F 57 3.07 -19.33 -16.29
N THR F 58 1.86 -19.79 -16.58
CA THR F 58 1.71 -21.09 -17.19
C THR F 58 0.55 -21.11 -18.16
N ARG F 59 0.30 -22.27 -18.76
CA ARG F 59 -0.89 -22.46 -19.57
C ARG F 59 -1.95 -23.21 -18.76
N ASN F 60 -3.20 -22.82 -18.95
CA ASN F 60 -4.36 -23.50 -18.37
C ASN F 60 -4.62 -24.74 -19.16
N SER F 61 -4.08 -25.85 -18.69
CA SER F 61 -4.22 -27.12 -19.39
C SER F 61 -3.90 -28.23 -18.43
N PRO F 62 -4.41 -29.43 -18.71
CA PRO F 62 -4.34 -30.55 -17.75
C PRO F 62 -2.94 -30.98 -17.44
N ALA F 63 -2.01 -30.70 -18.36
CA ALA F 63 -0.62 -31.11 -18.22
C ALA F 63 0.20 -30.17 -17.39
N THR F 64 -0.33 -28.99 -17.12
CA THR F 64 0.45 -27.95 -16.52
C THR F 64 -0.21 -27.43 -15.26
N TYR F 65 -1.35 -26.77 -15.46
CA TYR F 65 -2.09 -26.11 -14.38
C TYR F 65 -3.58 -25.93 -14.62
N PHE F 66 -4.39 -26.29 -13.63
CA PHE F 66 -5.85 -26.08 -13.70
C PHE F 66 -6.58 -26.27 -12.35
N GLN F 67 -7.88 -26.07 -12.36
CA GLN F 67 -8.68 -26.33 -11.16
C GLN F 67 -9.63 -27.52 -11.20
N ASP F 68 -9.50 -28.38 -10.21
CA ASP F 68 -10.50 -29.38 -10.00
C ASP F 68 -11.32 -29.06 -8.76
N ARG F 69 -12.00 -30.09 -8.25
CA ARG F 69 -12.94 -29.93 -7.16
C ARG F 69 -12.23 -29.62 -5.86
N ASN F 70 -10.94 -29.86 -5.82
CA ASN F 70 -10.13 -29.54 -4.65
C ASN F 70 -9.37 -28.21 -4.70
N GLY F 71 -9.54 -27.45 -5.77
CA GLY F 71 -8.77 -26.22 -5.93
C GLY F 71 -7.69 -26.41 -6.96
N GLU F 72 -6.59 -25.68 -6.83
CA GLU F 72 -5.55 -25.74 -7.83
C GLU F 72 -4.71 -26.99 -7.85
N THR F 73 -4.29 -27.39 -9.05
CA THR F 73 -3.60 -28.65 -9.28
C THR F 73 -2.86 -28.66 -10.63
N GLY F 74 -2.17 -29.77 -10.89
CA GLY F 74 -1.37 -29.94 -12.09
C GLY F 74 0.13 -30.11 -11.82
N PHE F 75 0.81 -30.82 -12.72
CA PHE F 75 2.25 -31.03 -12.61
C PHE F 75 2.97 -29.68 -12.47
N GLU F 76 2.72 -28.75 -13.38
CA GLU F 76 3.46 -27.51 -13.29
C GLU F 76 3.10 -26.76 -12.02
N TYR F 77 1.82 -26.74 -11.65
CA TYR F 77 1.43 -25.98 -10.47
C TYR F 77 2.10 -26.48 -9.20
N GLU F 78 2.18 -27.80 -9.03
CA GLU F 78 2.73 -28.40 -7.82
C GLU F 78 4.25 -28.18 -7.77
N LEU F 79 4.93 -28.49 -8.87
CA LEU F 79 6.36 -28.22 -8.97
C LEU F 79 6.71 -26.78 -8.61
N ALA F 80 5.92 -25.84 -9.11
CA ALA F 80 6.11 -24.40 -8.89
C ALA F 80 5.84 -23.98 -7.48
N LYS F 81 4.99 -24.75 -6.83
CA LYS F 81 4.57 -24.40 -5.47
C LYS F 81 5.70 -24.84 -4.53
N ARG F 82 6.22 -26.06 -4.74
CA ARG F 82 7.32 -26.54 -3.92
C ARG F 82 8.52 -25.64 -4.14
N PHE F 83 8.59 -24.95 -5.27
CA PHE F 83 9.73 -24.07 -5.46
C PHE F 83 9.47 -22.79 -4.70
N ALA F 84 8.24 -22.31 -4.71
CA ALA F 84 7.95 -21.11 -3.96
C ALA F 84 8.11 -21.39 -2.50
N GLU F 85 7.92 -22.65 -2.12
CA GLU F 85 8.07 -23.01 -0.73
C GLU F 85 9.55 -23.01 -0.31
N ARG F 86 10.42 -23.53 -1.17
CA ARG F 86 11.85 -23.51 -0.88
C ARG F 86 12.39 -22.10 -0.76
N LEU F 87 11.62 -21.14 -1.23
CA LEU F 87 12.07 -19.76 -1.22
C LEU F 87 11.33 -19.04 -0.14
N GLY F 88 10.38 -19.73 0.46
CA GLY F 88 9.51 -19.12 1.45
C GLY F 88 8.81 -17.90 0.90
N VAL F 89 8.26 -18.03 -0.29
CA VAL F 89 7.53 -16.91 -0.85
C VAL F 89 6.17 -17.35 -1.31
N GLU F 90 5.26 -16.40 -1.46
CA GLU F 90 3.95 -16.72 -1.98
C GLU F 90 3.98 -16.99 -3.46
N LEU F 91 3.35 -18.08 -3.86
CA LEU F 91 3.17 -18.39 -5.26
C LEU F 91 1.97 -17.66 -5.83
N LYS F 92 2.20 -16.89 -6.86
CA LYS F 92 1.09 -16.36 -7.63
C LYS F 92 1.08 -16.86 -9.09
N ILE F 93 0.08 -17.68 -9.45
CA ILE F 93 -0.05 -18.18 -10.82
C ILE F 93 -0.78 -17.22 -11.78
N GLU F 94 -0.24 -17.10 -12.98
CA GLU F 94 -0.86 -16.38 -14.11
C GLU F 94 -1.00 -17.25 -15.36
N THR F 95 -2.08 -17.03 -16.09
CA THR F 95 -2.34 -17.87 -17.21
C THR F 95 -2.09 -17.13 -18.52
N ALA F 96 -1.34 -17.75 -19.41
CA ALA F 96 -1.09 -17.11 -20.67
C ALA F 96 -2.16 -17.57 -21.65
N ASP F 97 -2.56 -16.71 -22.59
CA ASP F 97 -3.63 -17.09 -23.53
C ASP F 97 -3.20 -18.07 -24.58
N ASN F 98 -1.92 -18.05 -24.89
CA ASN F 98 -1.35 -18.88 -25.91
C ASN F 98 0.14 -18.82 -25.74
N LEU F 99 0.88 -19.60 -26.52
CA LEU F 99 2.29 -19.65 -26.25
C LEU F 99 2.99 -18.37 -26.62
N ASP F 100 2.55 -17.69 -27.69
CA ASP F 100 3.24 -16.47 -28.05
C ASP F 100 3.09 -15.40 -26.97
N ASP F 101 1.90 -15.39 -26.36
CA ASP F 101 1.57 -14.42 -25.33
C ASP F 101 2.35 -14.80 -24.09
N LEU F 102 2.53 -16.10 -23.87
CA LEU F 102 3.32 -16.57 -22.76
C LEU F 102 4.71 -15.98 -22.84
N TYR F 103 5.36 -16.19 -23.98
CA TYR F 103 6.72 -15.71 -24.11
C TYR F 103 6.74 -14.18 -24.16
N ALA F 104 5.66 -13.58 -24.65
CA ALA F 104 5.55 -12.13 -24.72
C ALA F 104 5.53 -11.50 -23.36
N GLN F 105 4.68 -12.01 -22.51
CA GLN F 105 4.55 -11.53 -21.15
C GLN F 105 5.82 -11.75 -20.34
N LEU F 106 6.49 -12.86 -20.59
CA LEU F 106 7.72 -13.21 -19.91
C LEU F 106 8.81 -12.26 -20.24
N SER F 107 8.65 -11.52 -21.32
CA SER F 107 9.79 -10.85 -21.93
C SER F 107 9.66 -9.38 -21.74
N ARG F 108 8.56 -9.02 -21.11
CA ARG F 108 8.32 -7.65 -20.76
C ARG F 108 8.94 -7.37 -19.40
N GLU F 109 9.51 -6.17 -19.26
CA GLU F 109 10.08 -5.81 -17.97
C GLU F 109 8.92 -5.60 -17.03
N GLY F 110 9.07 -6.05 -15.79
CA GLY F 110 7.95 -5.99 -14.88
C GLY F 110 6.94 -7.11 -15.05
N GLY F 111 7.31 -8.18 -15.75
CA GLY F 111 6.39 -9.30 -15.96
C GLY F 111 6.65 -10.37 -14.90
N PRO F 112 6.17 -11.60 -15.13
CA PRO F 112 6.33 -12.75 -14.21
C PRO F 112 7.78 -13.27 -14.08
N ALA F 113 8.11 -13.86 -12.92
CA ALA F 113 9.45 -14.36 -12.68
C ALA F 113 9.90 -15.41 -13.67
N LEU F 114 9.10 -16.43 -13.87
CA LEU F 114 9.50 -17.52 -14.73
C LEU F 114 8.29 -18.21 -15.35
N ALA F 115 8.51 -18.96 -16.44
CA ALA F 115 7.41 -19.75 -17.03
C ALA F 115 7.64 -21.23 -16.83
N ALA F 116 6.66 -21.89 -16.21
CA ALA F 116 6.69 -23.33 -16.00
C ALA F 116 5.49 -23.92 -16.70
N ALA F 117 5.71 -24.57 -17.84
CA ALA F 117 4.61 -24.86 -18.78
C ALA F 117 5.00 -25.93 -19.78
N GLY F 118 5.90 -26.81 -19.34
CA GLY F 118 6.41 -27.85 -20.22
C GLY F 118 7.07 -27.28 -21.44
N LEU F 119 7.98 -26.35 -21.24
CA LEU F 119 8.58 -25.74 -22.40
C LEU F 119 9.87 -26.45 -22.86
N THR F 120 10.07 -26.48 -24.16
CA THR F 120 11.30 -26.93 -24.77
C THR F 120 12.31 -25.81 -25.10
N PRO F 121 13.52 -25.85 -24.56
CA PRO F 121 14.40 -24.78 -25.05
C PRO F 121 14.68 -25.10 -26.52
N GLY F 122 15.07 -24.16 -27.37
CA GLY F 122 15.43 -22.86 -26.92
C GLY F 122 16.72 -22.47 -27.60
N ARG F 123 16.94 -22.99 -28.80
CA ARG F 123 18.17 -22.67 -29.54
C ARG F 123 19.42 -22.78 -28.70
N GLU F 124 20.19 -21.69 -28.64
CA GLU F 124 21.45 -21.74 -27.92
C GLU F 124 22.14 -20.47 -28.26
N ASP F 125 21.59 -19.84 -29.29
CA ASP F 125 22.13 -18.61 -29.79
C ASP F 125 21.01 -17.57 -29.67
N ASP F 126 20.14 -17.79 -28.68
CA ASP F 126 19.19 -16.75 -28.37
C ASP F 126 19.46 -16.08 -27.02
N ALA F 127 19.41 -16.75 -25.89
CA ALA F 127 19.71 -15.95 -24.67
C ALA F 127 18.70 -14.84 -24.24
N SER F 128 17.91 -14.30 -25.18
CA SER F 128 16.77 -13.40 -24.85
C SER F 128 15.74 -14.17 -24.06
N VAL F 129 15.92 -15.48 -24.00
CA VAL F 129 15.06 -16.32 -23.17
C VAL F 129 15.94 -17.38 -22.56
N ARG F 130 15.86 -17.60 -21.24
CA ARG F 130 16.72 -18.66 -20.63
C ARG F 130 15.96 -19.83 -20.00
N TYR F 131 16.52 -21.01 -20.24
CA TYR F 131 15.91 -22.24 -19.80
C TYR F 131 16.68 -22.86 -18.65
N SER F 132 15.95 -23.32 -17.65
CA SER F 132 16.55 -24.05 -16.56
C SER F 132 16.98 -25.41 -16.99
N HIS F 133 17.47 -26.15 -16.02
CA HIS F 133 17.74 -27.56 -16.22
C HIS F 133 16.39 -28.22 -16.53
N THR F 134 16.42 -29.30 -17.29
CA THR F 134 15.22 -29.98 -17.70
C THR F 134 14.74 -30.88 -16.57
N TYR F 135 13.43 -31.10 -16.48
CA TYR F 135 12.87 -31.84 -15.35
C TYR F 135 11.99 -32.98 -15.81
N LEU F 136 11.96 -33.19 -17.11
CA LEU F 136 11.12 -34.24 -17.65
C LEU F 136 11.58 -34.54 -19.07
N ASP F 137 11.73 -35.82 -19.40
CA ASP F 137 12.23 -36.21 -20.72
C ASP F 137 11.04 -36.55 -21.60
N VAL F 138 10.98 -36.01 -22.80
CA VAL F 138 9.83 -36.38 -23.60
C VAL F 138 10.22 -36.43 -25.05
N THR F 139 9.33 -36.99 -25.85
CA THR F 139 9.59 -37.11 -27.26
C THR F 139 8.46 -36.57 -28.12
N PRO F 140 8.84 -35.84 -29.17
CA PRO F 140 7.77 -35.41 -30.03
C PRO F 140 7.17 -36.65 -30.73
N GLN F 141 5.85 -36.72 -30.88
CA GLN F 141 5.22 -37.87 -31.53
C GLN F 141 4.19 -37.40 -32.57
N ILE F 142 4.19 -38.00 -33.75
CA ILE F 142 3.09 -37.83 -34.69
C ILE F 142 1.85 -38.66 -34.28
N ILE F 143 0.66 -38.07 -34.29
CA ILE F 143 -0.51 -38.76 -33.81
C ILE F 143 -1.49 -38.96 -34.93
N TYR F 144 -2.01 -40.18 -35.08
CA TYR F 144 -3.03 -40.41 -36.12
C TYR F 144 -4.31 -41.07 -35.61
N ARG F 145 -5.26 -41.25 -36.53
CA ARG F 145 -6.51 -41.84 -36.11
C ARG F 145 -6.60 -43.30 -36.55
N ASN F 146 -7.08 -44.17 -35.66
CA ASN F 146 -7.26 -45.58 -35.98
C ASN F 146 -8.29 -45.89 -37.06
N GLY F 147 -7.94 -46.76 -38.00
CA GLY F 147 -8.82 -47.08 -39.09
C GLY F 147 -8.58 -46.09 -40.21
N GLN F 148 -7.37 -45.51 -40.21
CA GLN F 148 -6.89 -44.62 -41.26
C GLN F 148 -5.48 -45.04 -41.56
N GLN F 149 -4.90 -44.54 -42.63
CA GLN F 149 -3.57 -45.00 -43.00
C GLN F 149 -2.46 -44.49 -42.06
N ARG F 150 -1.87 -45.39 -41.28
CA ARG F 150 -0.74 -45.04 -40.41
C ARG F 150 0.49 -44.58 -41.21
N PRO F 151 0.85 -43.29 -41.11
CA PRO F 151 2.09 -42.90 -41.78
C PRO F 151 3.35 -43.50 -41.12
N THR F 152 4.35 -43.84 -41.95
CA THR F 152 5.58 -44.47 -41.47
C THR F 152 6.76 -43.49 -41.36
N ARG F 153 6.78 -42.49 -42.26
CA ARG F 153 7.91 -41.55 -42.40
C ARG F 153 7.44 -40.13 -42.71
N PRO F 154 8.26 -39.12 -42.31
CA PRO F 154 7.96 -37.69 -42.48
C PRO F 154 7.27 -37.31 -43.79
N GLU F 155 7.61 -37.98 -44.88
CA GLU F 155 7.04 -37.69 -46.20
C GLU F 155 5.53 -37.86 -46.25
N ASP F 156 4.99 -38.73 -45.40
CA ASP F 156 3.58 -39.06 -45.57
C ASP F 156 2.68 -38.07 -44.87
N LEU F 157 3.25 -36.97 -44.39
CA LEU F 157 2.39 -36.00 -43.73
C LEU F 157 1.82 -35.11 -44.78
N VAL F 158 2.39 -35.22 -45.98
CA VAL F 158 1.88 -34.40 -47.09
C VAL F 158 0.49 -34.86 -47.49
N GLY F 159 -0.38 -33.90 -47.71
CA GLY F 159 -1.74 -34.15 -48.13
C GLY F 159 -2.81 -34.41 -47.06
N LYS F 160 -2.39 -34.69 -45.82
CA LYS F 160 -3.32 -34.91 -44.73
C LYS F 160 -3.50 -33.60 -43.98
N ARG F 161 -4.63 -33.43 -43.33
CA ARG F 161 -4.85 -32.19 -42.60
C ARG F 161 -4.17 -32.22 -41.23
N ILE F 162 -3.27 -31.25 -40.97
CA ILE F 162 -2.49 -31.35 -39.76
C ILE F 162 -2.74 -30.07 -38.99
N MET F 163 -2.91 -30.16 -37.67
CA MET F 163 -3.01 -28.96 -36.85
C MET F 163 -2.16 -29.09 -35.61
N VAL F 164 -1.51 -27.99 -35.24
CA VAL F 164 -0.58 -27.90 -34.11
C VAL F 164 -0.72 -26.55 -33.36
N LEU F 165 -0.21 -26.45 -32.14
CA LEU F 165 -0.31 -25.18 -31.41
C LEU F 165 0.58 -24.10 -32.04
N LYS F 166 -0.03 -22.96 -32.32
CA LYS F 166 0.65 -21.78 -32.89
C LYS F 166 1.69 -21.17 -31.95
N GLY F 167 2.85 -20.90 -32.50
CA GLY F 167 3.85 -20.32 -31.64
C GLY F 167 4.50 -21.40 -30.81
N SER F 168 4.31 -22.67 -31.20
CA SER F 168 4.84 -23.78 -30.40
C SER F 168 6.12 -24.38 -31.01
N SER F 169 6.89 -25.06 -30.19
CA SER F 169 8.02 -25.83 -30.66
C SER F 169 7.66 -26.75 -31.81
N HIS F 170 6.52 -27.44 -31.75
CA HIS F 170 6.31 -28.49 -32.75
C HIS F 170 6.03 -27.82 -34.09
N ALA F 171 5.38 -26.66 -34.02
CA ALA F 171 5.03 -25.89 -35.19
C ALA F 171 6.32 -25.49 -35.91
N GLU F 172 7.35 -25.17 -35.14
CA GLU F 172 8.65 -24.83 -35.74
C GLU F 172 9.31 -26.07 -36.35
N GLN F 173 9.17 -27.20 -35.67
CA GLN F 173 9.66 -28.49 -36.14
C GLN F 173 9.07 -28.80 -37.52
N LEU F 174 7.77 -28.51 -37.71
CA LEU F 174 7.11 -28.72 -38.99
C LEU F 174 7.50 -27.71 -40.07
N ALA F 175 7.60 -26.45 -39.67
CA ALA F 175 8.11 -25.39 -40.53
C ALA F 175 9.42 -25.83 -41.22
N GLU F 176 10.34 -26.41 -40.46
CA GLU F 176 11.57 -26.92 -41.02
C GLU F 176 11.34 -28.12 -41.93
N LEU F 177 10.41 -29.01 -41.57
CA LEU F 177 10.08 -30.12 -42.45
C LEU F 177 9.61 -29.68 -43.82
N LYS F 178 8.97 -28.51 -43.87
CA LYS F 178 8.38 -27.90 -45.07
C LYS F 178 9.44 -27.29 -46.01
N LYS F 179 10.64 -27.08 -45.48
CA LYS F 179 11.73 -26.71 -46.34
C LYS F 179 12.13 -27.98 -47.10
N GLN F 180 12.26 -29.12 -46.41
CA GLN F 180 12.58 -30.36 -47.13
C GLN F 180 11.45 -30.88 -48.08
N TYR F 181 10.20 -30.54 -47.82
CA TYR F 181 9.10 -30.93 -48.72
C TYR F 181 8.08 -29.79 -48.88
N PRO F 182 8.40 -28.80 -49.73
CA PRO F 182 7.60 -27.58 -49.71
C PRO F 182 6.11 -27.78 -49.90
N GLU F 183 5.68 -28.98 -50.30
CA GLU F 183 4.26 -29.20 -50.48
C GLU F 183 3.51 -29.52 -49.18
N LEU F 184 4.26 -29.83 -48.13
CA LEU F 184 3.65 -30.05 -46.80
C LEU F 184 2.75 -28.89 -46.34
N LYS F 185 1.56 -29.21 -45.82
CA LYS F 185 0.68 -28.19 -45.28
C LYS F 185 0.18 -28.54 -43.87
N TYR F 186 0.10 -27.52 -43.01
CA TYR F 186 -0.38 -27.69 -41.62
C TYR F 186 -0.98 -26.38 -41.13
N GLU F 187 -1.91 -26.46 -40.20
CA GLU F 187 -2.51 -25.27 -39.68
C GLU F 187 -1.97 -25.05 -38.27
N GLU F 188 -1.95 -23.80 -37.85
CA GLU F 188 -1.54 -23.50 -36.51
C GLU F 188 -2.51 -22.53 -35.91
N SER F 189 -2.80 -22.72 -34.63
CA SER F 189 -3.86 -22.01 -33.94
C SER F 189 -3.50 -21.59 -32.54
N ASP F 190 -4.00 -20.42 -32.14
CA ASP F 190 -3.95 -19.98 -30.75
C ASP F 190 -5.13 -20.42 -29.91
N ALA F 191 -6.18 -20.95 -30.55
CA ALA F 191 -7.46 -21.20 -29.86
C ALA F 191 -7.60 -22.65 -29.46
N VAL F 192 -6.48 -23.34 -29.44
CA VAL F 192 -6.49 -24.70 -28.97
C VAL F 192 -5.36 -24.94 -28.00
N GLU F 193 -5.59 -25.91 -27.13
CA GLU F 193 -4.53 -26.46 -26.35
C GLU F 193 -4.41 -27.86 -26.88
N VAL F 194 -3.40 -28.59 -26.39
CA VAL F 194 -3.10 -29.95 -26.85
C VAL F 194 -4.30 -30.90 -26.67
N VAL F 195 -5.05 -30.74 -25.60
CA VAL F 195 -6.25 -31.56 -25.42
C VAL F 195 -7.24 -31.42 -26.61
N ASP F 196 -7.38 -30.21 -27.16
CA ASP F 196 -8.17 -30.00 -28.37
C ASP F 196 -7.63 -30.78 -29.56
N LEU F 197 -6.31 -30.77 -29.70
CA LEU F 197 -5.73 -31.48 -30.82
C LEU F 197 -6.08 -32.98 -30.73
N LEU F 198 -5.95 -33.58 -29.55
CA LEU F 198 -6.21 -35.00 -29.48
C LEU F 198 -7.68 -35.27 -29.76
N ARG F 199 -8.57 -34.44 -29.23
CA ARG F 199 -10.02 -34.59 -29.50
C ARG F 199 -10.26 -34.54 -30.97
N MET F 200 -9.65 -33.54 -31.59
CA MET F 200 -9.81 -33.32 -33.02
C MET F 200 -9.38 -34.51 -33.87
N VAL F 201 -8.27 -35.16 -33.54
CA VAL F 201 -7.94 -36.42 -34.22
C VAL F 201 -8.94 -37.52 -33.86
N ASP F 202 -9.16 -37.73 -32.56
CA ASP F 202 -10.13 -38.71 -32.08
C ASP F 202 -11.40 -38.72 -32.90
N VAL F 203 -11.94 -37.55 -33.14
CA VAL F 203 -13.21 -37.49 -33.83
C VAL F 203 -13.08 -37.41 -35.36
N GLY F 204 -11.86 -37.27 -35.88
CA GLY F 204 -11.69 -37.17 -37.32
C GLY F 204 -11.90 -35.77 -37.95
N ASP F 205 -11.82 -34.72 -37.14
CA ASP F 205 -11.89 -33.37 -37.69
C ASP F 205 -10.58 -32.94 -38.31
N ILE F 206 -9.50 -33.59 -37.89
CA ILE F 206 -8.18 -33.44 -38.51
C ILE F 206 -7.53 -34.77 -38.52
N ASP F 207 -6.59 -34.96 -39.43
CA ASP F 207 -5.91 -36.23 -39.66
C ASP F 207 -4.73 -36.54 -38.73
N LEU F 208 -3.85 -35.57 -38.57
CA LEU F 208 -2.60 -35.74 -37.84
C LEU F 208 -2.37 -34.55 -36.91
N THR F 209 -1.68 -34.76 -35.80
CA THR F 209 -1.14 -33.66 -35.01
C THR F 209 0.24 -34.00 -34.48
N LEU F 210 0.88 -33.05 -33.82
CA LEU F 210 2.23 -33.29 -33.35
C LEU F 210 2.41 -32.87 -31.90
N VAL F 211 2.67 -33.81 -30.99
CA VAL F 211 2.68 -33.43 -29.58
C VAL F 211 3.74 -34.15 -28.73
N ASP F 212 4.08 -33.58 -27.57
CA ASP F 212 5.06 -34.22 -26.71
C ASP F 212 4.46 -35.47 -26.18
N SER F 213 5.32 -36.45 -26.01
CA SER F 213 4.91 -37.78 -25.61
C SER F 213 4.22 -37.81 -24.25
N ASN F 214 4.58 -36.91 -23.34
CA ASN F 214 3.99 -36.90 -22.00
C ASN F 214 2.50 -36.52 -22.10
N GLU F 215 2.18 -35.71 -23.09
CA GLU F 215 0.83 -35.22 -23.29
C GLU F 215 0.01 -36.38 -23.79
N LEU F 216 0.61 -37.15 -24.70
CA LEU F 216 -0.05 -38.32 -25.22
C LEU F 216 -0.29 -39.36 -24.11
N ALA F 217 0.68 -39.53 -23.21
CA ALA F 217 0.63 -40.47 -22.08
C ALA F 217 -0.49 -40.15 -21.08
N MET F 218 -0.61 -38.85 -20.81
CA MET F 218 -1.63 -38.28 -19.95
C MET F 218 -3.09 -38.37 -20.38
N ASN F 219 -3.35 -38.25 -21.68
CA ASN F 219 -4.70 -38.01 -22.19
C ASN F 219 -5.41 -39.13 -22.95
N GLN F 220 -4.62 -40.05 -23.52
CA GLN F 220 -5.12 -41.09 -24.40
C GLN F 220 -6.37 -41.83 -23.92
N VAL F 221 -6.37 -42.21 -22.64
CA VAL F 221 -7.46 -43.02 -22.09
C VAL F 221 -8.77 -42.27 -22.31
N TYR F 222 -8.64 -40.97 -22.59
CA TYR F 222 -9.76 -40.10 -22.88
C TYR F 222 -10.01 -40.00 -24.41
N PHE F 223 -9.10 -40.59 -25.19
CA PHE F 223 -9.22 -40.64 -26.65
C PHE F 223 -8.90 -42.01 -27.25
N PRO F 224 -9.92 -42.83 -27.40
CA PRO F 224 -9.86 -44.23 -27.80
C PRO F 224 -9.26 -44.46 -29.17
N ASN F 225 -9.47 -43.49 -30.05
CA ASN F 225 -9.10 -43.67 -31.43
C ASN F 225 -7.69 -43.22 -31.73
N VAL F 226 -7.06 -42.53 -30.78
CA VAL F 226 -5.81 -41.88 -31.12
C VAL F 226 -4.63 -42.83 -31.05
N ARG F 227 -3.64 -42.58 -31.91
CA ARG F 227 -2.51 -43.50 -32.05
C ARG F 227 -1.17 -42.83 -32.39
N VAL F 228 -0.11 -43.38 -31.79
CA VAL F 228 1.24 -42.98 -32.10
C VAL F 228 1.63 -43.58 -33.43
N ALA F 229 2.01 -42.78 -34.40
CA ALA F 229 2.53 -43.34 -35.64
C ALA F 229 4.03 -43.58 -35.51
N PHE F 230 4.76 -42.51 -35.18
CA PHE F 230 6.20 -42.53 -34.88
C PHE F 230 6.69 -41.30 -34.15
N ASP F 231 7.85 -41.44 -33.51
CA ASP F 231 8.53 -40.33 -32.88
C ASP F 231 9.15 -39.42 -33.92
N PHE F 232 9.14 -38.12 -33.66
CA PHE F 232 9.68 -37.19 -34.63
C PHE F 232 10.57 -36.13 -33.95
N GLY F 233 11.84 -36.43 -33.83
CA GLY F 233 12.82 -35.56 -33.18
C GLY F 233 13.32 -36.43 -32.06
N GLU F 234 14.55 -36.25 -31.59
CA GLU F 234 15.08 -37.18 -30.56
C GLU F 234 14.60 -36.80 -29.18
N ALA F 235 14.58 -37.73 -28.24
CA ALA F 235 14.18 -37.33 -26.87
C ALA F 235 14.93 -36.05 -26.38
N ARG F 236 14.20 -35.27 -25.61
CA ARG F 236 14.66 -34.00 -25.11
C ARG F 236 14.05 -33.68 -23.73
N GLY F 237 14.62 -32.69 -23.04
CA GLY F 237 14.11 -32.38 -21.73
C GLY F 237 13.36 -31.06 -21.69
N LEU F 238 12.23 -31.03 -20.99
CA LEU F 238 11.53 -29.77 -20.76
C LEU F 238 12.14 -29.00 -19.58
N ALA F 239 11.90 -27.68 -19.58
CA ALA F 239 12.52 -26.75 -18.63
C ALA F 239 11.63 -25.56 -18.35
N TRP F 240 11.87 -24.95 -17.21
CA TRP F 240 11.25 -23.68 -16.91
C TRP F 240 11.88 -22.55 -17.70
N ALA F 241 11.10 -21.51 -17.99
CA ALA F 241 11.63 -20.38 -18.76
C ALA F 241 11.69 -19.07 -17.94
N LEU F 242 12.88 -18.45 -17.99
CA LEU F 242 13.15 -17.16 -17.34
C LEU F 242 13.50 -16.15 -18.41
N PRO F 243 13.15 -14.88 -18.15
CA PRO F 243 13.52 -13.82 -19.08
C PRO F 243 15.01 -13.68 -19.16
N GLY F 244 15.54 -13.34 -20.32
CA GLY F 244 16.95 -13.05 -20.36
C GLY F 244 17.13 -11.61 -19.96
N GLY F 245 18.15 -11.34 -19.15
CA GLY F 245 18.83 -12.39 -18.44
C GLY F 245 20.32 -12.21 -18.42
N ASP F 246 20.84 -11.50 -17.42
CA ASP F 246 22.29 -11.32 -17.25
C ASP F 246 22.62 -11.43 -15.77
N ASP F 247 21.58 -11.33 -14.96
CA ASP F 247 21.65 -11.55 -13.52
C ASP F 247 21.21 -12.98 -13.29
N ASP F 248 22.04 -13.79 -12.64
CA ASP F 248 21.75 -15.21 -12.43
C ASP F 248 21.15 -15.56 -11.06
N SER F 249 20.74 -14.55 -10.29
CA SER F 249 20.15 -14.78 -8.97
C SER F 249 19.06 -15.86 -8.89
N LEU F 250 17.97 -15.64 -9.63
CA LEU F 250 16.82 -16.56 -9.64
C LEU F 250 17.19 -17.90 -10.26
N MET F 251 17.83 -17.84 -11.44
CA MET F 251 18.19 -19.04 -12.22
C MET F 251 18.99 -20.04 -11.38
N ASN F 252 20.00 -19.57 -10.63
CA ASN F 252 20.83 -20.48 -9.81
C ASN F 252 20.03 -21.17 -8.74
N GLU F 253 19.14 -20.40 -8.14
CA GLU F 253 18.23 -20.92 -7.14
C GLU F 253 17.28 -21.97 -7.74
N VAL F 254 16.64 -21.66 -8.88
CA VAL F 254 15.88 -22.68 -9.61
C VAL F 254 16.66 -23.96 -9.94
N ASN F 255 17.89 -23.83 -10.39
CA ASN F 255 18.58 -25.03 -10.79
C ASN F 255 19.00 -25.84 -9.61
N ALA F 256 19.25 -25.19 -8.49
CA ALA F 256 19.57 -25.95 -7.30
C ALA F 256 18.33 -26.75 -6.89
N PHE F 257 17.19 -26.06 -6.85
CA PHE F 257 15.91 -26.67 -6.60
C PHE F 257 15.65 -27.83 -7.55
N LEU F 258 15.84 -27.60 -8.84
CA LEU F 258 15.56 -28.70 -9.77
C LEU F 258 16.56 -29.81 -9.62
N ASP F 259 17.82 -29.48 -9.30
CA ASP F 259 18.80 -30.55 -9.22
C ASP F 259 18.55 -31.47 -8.04
N GLN F 260 18.25 -30.84 -6.91
CA GLN F 260 18.01 -31.58 -5.69
C GLN F 260 16.75 -32.38 -5.75
N ALA F 261 15.75 -31.84 -6.43
CA ALA F 261 14.45 -32.47 -6.50
C ALA F 261 14.52 -33.73 -7.35
N LYS F 262 15.60 -33.85 -8.14
CA LYS F 262 15.86 -35.06 -8.90
C LYS F 262 16.56 -36.10 -8.05
N LYS F 263 17.33 -35.69 -7.04
CA LYS F 263 18.09 -36.73 -6.37
C LYS F 263 17.29 -37.17 -5.18
N GLU F 264 16.25 -36.41 -4.90
CA GLU F 264 15.50 -36.56 -3.67
C GLU F 264 14.19 -37.26 -4.00
N GLY F 265 14.03 -37.53 -5.29
CA GLY F 265 12.90 -38.29 -5.82
C GLY F 265 11.66 -37.50 -6.23
N LEU F 266 11.62 -36.19 -5.92
CA LEU F 266 10.41 -35.37 -6.17
C LEU F 266 9.92 -35.42 -7.63
N LEU F 267 10.83 -35.35 -8.62
CA LEU F 267 10.42 -35.39 -10.02
C LEU F 267 9.76 -36.73 -10.35
N GLN F 268 10.36 -37.82 -9.90
CA GLN F 268 9.80 -39.14 -10.18
C GLN F 268 8.46 -39.36 -9.50
N ARG F 269 8.32 -38.84 -8.29
CA ARG F 269 7.06 -38.90 -7.54
C ARG F 269 5.92 -38.18 -8.30
N LEU F 270 6.19 -36.96 -8.76
CA LEU F 270 5.23 -36.22 -9.60
C LEU F 270 4.95 -36.91 -10.95
N LYS F 271 5.99 -37.44 -11.59
CA LYS F 271 5.88 -38.08 -12.91
C LYS F 271 4.83 -39.18 -12.82
N ASP F 272 4.71 -39.80 -11.65
CA ASP F 272 3.82 -40.93 -11.42
C ASP F 272 2.43 -40.52 -10.95
N ARG F 273 2.34 -39.49 -10.11
CA ARG F 273 1.03 -38.93 -9.77
C ARG F 273 0.25 -38.56 -11.02
N TYR F 274 0.91 -37.90 -11.98
CA TYR F 274 0.26 -37.34 -13.16
C TYR F 274 0.31 -38.21 -14.45
N TYR F 275 1.51 -38.49 -14.94
CA TYR F 275 1.71 -39.38 -16.10
C TYR F 275 1.90 -40.85 -15.65
N GLY F 276 0.99 -41.77 -15.98
CA GLY F 276 0.01 -41.64 -17.04
C GLY F 276 -0.89 -42.85 -16.86
N HIS F 277 -0.88 -43.40 -15.64
CA HIS F 277 -1.48 -44.69 -15.26
C HIS F 277 -2.75 -45.13 -16.02
N VAL F 278 -2.92 -46.45 -16.11
CA VAL F 278 -3.91 -47.11 -16.97
C VAL F 278 -5.25 -46.35 -17.10
N ASP F 279 -6.22 -46.67 -16.26
CA ASP F 279 -7.47 -45.90 -16.07
C ASP F 279 -8.37 -46.22 -17.28
N VAL F 280 -9.61 -46.61 -17.01
CA VAL F 280 -10.51 -46.96 -18.09
C VAL F 280 -11.94 -46.73 -17.63
N LEU F 281 -12.20 -47.30 -16.45
CA LEU F 281 -13.53 -47.51 -15.87
C LEU F 281 -14.47 -48.17 -16.86
N GLY F 282 -15.42 -47.37 -17.34
CA GLY F 282 -16.36 -47.82 -18.34
C GLY F 282 -17.44 -48.49 -17.53
N TYR F 283 -18.56 -48.80 -18.18
CA TYR F 283 -19.52 -49.76 -17.63
C TYR F 283 -18.98 -51.21 -17.76
N VAL F 284 -19.02 -51.94 -16.64
CA VAL F 284 -18.53 -53.30 -16.55
C VAL F 284 -19.51 -54.17 -17.37
N GLY F 285 -19.16 -55.42 -17.70
CA GLY F 285 -20.19 -56.38 -18.09
C GLY F 285 -21.43 -56.45 -17.20
N ALA F 286 -22.60 -56.75 -17.77
CA ALA F 286 -23.82 -56.91 -16.96
C ALA F 286 -23.70 -58.18 -16.12
N TYR F 287 -23.05 -59.20 -16.69
CA TYR F 287 -22.77 -60.42 -15.93
C TYR F 287 -21.92 -60.01 -14.73
N THR F 288 -20.91 -59.20 -14.99
CA THR F 288 -19.93 -58.90 -13.96
C THR F 288 -20.61 -58.13 -12.84
N PHE F 289 -21.69 -57.44 -13.18
CA PHE F 289 -22.39 -56.66 -12.18
C PHE F 289 -23.10 -57.63 -11.25
N ALA F 290 -23.70 -58.64 -11.86
CA ALA F 290 -24.46 -59.65 -11.13
C ALA F 290 -23.53 -60.45 -10.17
N GLN F 291 -22.45 -61.01 -10.71
CA GLN F 291 -21.32 -61.48 -9.88
C GLN F 291 -21.07 -60.63 -8.62
N HIS F 292 -20.74 -59.35 -8.79
CA HIS F 292 -20.49 -58.45 -7.66
C HIS F 292 -21.68 -58.20 -6.74
N LEU F 293 -22.89 -58.18 -7.31
CA LEU F 293 -24.11 -58.07 -6.50
C LEU F 293 -24.15 -59.12 -5.41
N GLN F 294 -23.68 -60.33 -5.73
N GLN F 294 -23.77 -60.35 -5.76
CA GLN F 294 -23.71 -61.42 -4.77
CA GLN F 294 -23.71 -61.46 -4.80
C GLN F 294 -22.43 -61.34 -3.95
C GLN F 294 -22.44 -61.30 -3.95
N GLN F 295 -21.32 -61.09 -4.63
CA GLN F 295 -20.02 -61.12 -3.99
C GLN F 295 -19.82 -59.90 -3.14
N ARG F 296 -20.37 -58.76 -3.55
CA ARG F 296 -19.94 -57.53 -2.91
C ARG F 296 -20.97 -56.80 -2.07
N LEU F 297 -22.09 -56.50 -2.69
CA LEU F 297 -23.06 -55.60 -2.10
C LEU F 297 -23.50 -55.97 -0.70
N PRO F 298 -23.62 -57.26 -0.40
CA PRO F 298 -24.16 -57.58 0.93
C PRO F 298 -23.30 -57.14 2.14
N ARG F 299 -21.97 -57.05 2.01
CA ARG F 299 -21.13 -56.61 3.14
C ARG F 299 -21.50 -55.20 3.57
N TYR F 300 -22.09 -54.47 2.63
CA TYR F 300 -22.23 -53.04 2.73
C TYR F 300 -23.69 -52.56 2.56
N GLU F 301 -24.58 -53.46 2.13
CA GLU F 301 -25.96 -53.07 1.82
C GLU F 301 -26.59 -52.48 3.04
N SER F 302 -26.40 -53.14 4.15
CA SER F 302 -26.89 -52.65 5.41
C SER F 302 -26.42 -51.23 5.75
N HIS F 303 -25.16 -50.97 5.48
CA HIS F 303 -24.64 -49.65 5.81
C HIS F 303 -25.34 -48.63 4.93
N PHE F 304 -25.47 -48.92 3.64
CA PHE F 304 -26.08 -47.99 2.70
C PHE F 304 -27.49 -47.62 3.12
N LYS F 305 -28.22 -48.60 3.62
CA LYS F 305 -29.60 -48.40 4.03
C LYS F 305 -29.68 -47.45 5.23
N GLN F 306 -28.74 -47.61 6.17
CA GLN F 306 -28.73 -46.75 7.37
C GLN F 306 -28.23 -45.34 7.10
N SER F 307 -27.25 -45.17 6.23
CA SER F 307 -26.85 -43.82 5.88
C SER F 307 -27.95 -43.22 5.02
N GLY F 308 -28.48 -44.04 4.12
CA GLY F 308 -29.64 -43.70 3.33
C GLY F 308 -30.78 -43.16 4.19
N LYS F 309 -31.11 -43.92 5.24
CA LYS F 309 -32.17 -43.50 6.17
C LYS F 309 -31.84 -42.17 6.81
N GLN F 310 -30.62 -42.10 7.34
CA GLN F 310 -30.15 -40.95 8.10
C GLN F 310 -30.28 -39.63 7.33
N LYS F 311 -30.18 -39.69 6.00
CA LYS F 311 -30.13 -38.48 5.18
C LYS F 311 -31.24 -38.34 4.21
N ASP F 312 -32.31 -39.09 4.45
CA ASP F 312 -33.51 -38.98 3.63
C ASP F 312 -33.17 -39.09 2.16
N THR F 313 -32.56 -40.20 1.78
CA THR F 313 -32.18 -40.31 0.39
C THR F 313 -32.10 -41.77 0.00
N ASP F 314 -32.31 -42.04 -1.28
CA ASP F 314 -32.36 -43.41 -1.74
C ASP F 314 -31.02 -44.08 -1.58
N TRP F 315 -31.00 -45.15 -0.80
CA TRP F 315 -29.76 -45.89 -0.59
C TRP F 315 -29.27 -46.51 -1.91
N ARG F 316 -30.16 -46.79 -2.84
CA ARG F 316 -29.69 -47.42 -4.06
C ARG F 316 -28.94 -46.41 -4.88
N LEU F 317 -29.30 -45.13 -4.76
CA LEU F 317 -28.53 -44.10 -5.44
C LEU F 317 -27.14 -43.98 -4.84
N LEU F 318 -27.08 -44.09 -3.51
CA LEU F 318 -25.81 -44.08 -2.80
C LEU F 318 -24.92 -45.27 -3.18
N ALA F 319 -25.54 -46.44 -3.25
CA ALA F 319 -24.82 -47.68 -3.54
C ALA F 319 -24.37 -47.63 -4.97
N ALA F 320 -25.15 -46.93 -5.78
CA ALA F 320 -24.85 -46.76 -7.19
C ALA F 320 -23.60 -45.90 -7.31
N ILE F 321 -23.54 -44.83 -6.52
CA ILE F 321 -22.34 -44.02 -6.40
C ILE F 321 -21.08 -44.83 -6.09
N GLY F 322 -21.09 -45.60 -5.00
CA GLY F 322 -19.97 -46.44 -4.62
C GLY F 322 -19.45 -47.48 -5.63
N TYR F 323 -20.33 -48.07 -6.43
CA TYR F 323 -19.87 -49.06 -7.39
C TYR F 323 -19.07 -48.35 -8.45
N GLN F 324 -19.62 -47.26 -8.99
CA GLN F 324 -18.92 -46.41 -9.93
C GLN F 324 -17.59 -45.91 -9.36
N GLU F 325 -17.50 -45.71 -8.04
CA GLU F 325 -16.24 -45.25 -7.44
C GLU F 325 -15.14 -46.34 -7.23
N SER F 326 -15.50 -47.45 -6.59
CA SER F 326 -14.53 -48.47 -6.19
C SER F 326 -14.94 -49.91 -6.56
N LEU F 327 -16.07 -50.05 -7.26
CA LEU F 327 -16.70 -51.37 -7.44
C LEU F 327 -16.95 -52.06 -6.12
N TRP F 328 -17.32 -51.31 -5.08
CA TRP F 328 -17.62 -51.88 -3.75
C TRP F 328 -16.40 -52.63 -3.18
N GLN F 329 -15.26 -51.96 -3.23
CA GLN F 329 -14.07 -52.53 -2.64
C GLN F 329 -13.55 -51.52 -1.61
N PRO F 330 -13.69 -51.84 -0.31
CA PRO F 330 -13.44 -50.86 0.76
C PRO F 330 -11.97 -50.52 1.02
N GLY F 331 -11.06 -51.34 0.49
CA GLY F 331 -9.64 -51.07 0.62
C GLY F 331 -9.00 -50.45 -0.63
N ALA F 332 -9.83 -50.05 -1.58
CA ALA F 332 -9.36 -49.49 -2.85
C ALA F 332 -8.68 -48.13 -2.66
N THR F 333 -7.71 -47.82 -3.49
CA THR F 333 -7.01 -46.56 -3.33
C THR F 333 -6.44 -46.11 -4.67
N SER F 334 -6.08 -44.83 -4.77
CA SER F 334 -5.54 -44.30 -6.02
C SER F 334 -4.36 -43.39 -5.76
N LYS F 335 -3.48 -43.31 -6.76
CA LYS F 335 -2.36 -42.41 -6.71
C LYS F 335 -2.80 -40.94 -6.54
N THR F 336 -4.03 -40.62 -6.92
CA THR F 336 -4.53 -39.24 -6.78
C THR F 336 -4.86 -38.78 -5.35
N GLY F 337 -4.89 -39.71 -4.38
CA GLY F 337 -5.17 -39.41 -2.99
C GLY F 337 -6.63 -39.57 -2.58
N VAL F 338 -7.40 -40.29 -3.40
CA VAL F 338 -8.77 -40.68 -3.03
C VAL F 338 -8.66 -42.10 -2.48
N ARG F 339 -9.64 -42.53 -1.68
CA ARG F 339 -9.52 -43.83 -1.05
C ARG F 339 -10.81 -44.32 -0.40
N GLY F 340 -10.98 -45.63 -0.37
CA GLY F 340 -12.06 -46.23 0.38
C GLY F 340 -13.21 -46.54 -0.53
N LEU F 341 -14.29 -47.03 0.08
CA LEU F 341 -15.42 -47.47 -0.71
C LEU F 341 -16.01 -46.31 -1.49
N MET F 342 -16.11 -45.14 -0.87
CA MET F 342 -16.61 -43.93 -1.54
C MET F 342 -15.46 -43.02 -2.01
N MET F 343 -14.23 -43.53 -1.99
CA MET F 343 -13.06 -42.84 -2.57
C MET F 343 -12.98 -41.36 -2.16
N LEU F 344 -12.81 -41.09 -0.87
CA LEU F 344 -12.68 -39.72 -0.38
C LEU F 344 -11.26 -39.13 -0.47
N THR F 345 -11.19 -37.81 -0.72
CA THR F 345 -9.96 -37.04 -0.48
C THR F 345 -9.66 -36.89 1.01
N ASN F 346 -8.39 -36.76 1.39
CA ASN F 346 -8.07 -36.56 2.80
C ASN F 346 -8.82 -35.41 3.47
N ARG F 347 -8.84 -34.26 2.81
CA ARG F 347 -9.48 -33.06 3.35
C ARG F 347 -10.99 -33.24 3.51
N THR F 348 -11.62 -33.85 2.52
CA THR F 348 -13.06 -34.03 2.54
C THR F 348 -13.51 -35.02 3.60
N ALA F 349 -12.71 -36.08 3.81
CA ALA F 349 -13.03 -37.08 4.82
C ALA F 349 -13.10 -36.42 6.20
N GLN F 350 -12.09 -35.61 6.52
CA GLN F 350 -12.08 -34.89 7.79
C GLN F 350 -13.28 -33.96 7.99
N ALA F 351 -13.61 -33.15 6.98
CA ALA F 351 -14.78 -32.27 7.07
C ALA F 351 -16.06 -33.08 7.26
N MET F 352 -16.06 -34.34 6.82
CA MET F 352 -17.25 -35.17 6.94
C MET F 352 -17.19 -36.08 8.16
N GLY F 353 -16.13 -36.00 8.95
CA GLY F 353 -16.06 -36.76 10.19
C GLY F 353 -15.49 -38.17 10.11
N VAL F 354 -14.78 -38.45 9.02
CA VAL F 354 -14.22 -39.79 8.79
C VAL F 354 -12.78 -39.85 9.32
N SER F 355 -12.54 -40.81 10.21
CA SER F 355 -11.28 -40.92 10.94
C SER F 355 -10.38 -42.00 10.29
N ASN F 356 -11.01 -42.89 9.52
CA ASN F 356 -10.28 -43.85 8.68
C ASN F 356 -10.98 -44.08 7.34
N ARG F 357 -10.42 -43.52 6.27
CA ARG F 357 -11.01 -43.63 4.93
C ARG F 357 -11.19 -45.08 4.50
N LEU F 358 -10.47 -45.98 5.18
CA LEU F 358 -10.46 -47.41 4.87
C LEU F 358 -11.55 -48.26 5.54
N ASP F 359 -12.20 -47.71 6.57
CA ASP F 359 -13.34 -48.39 7.20
C ASP F 359 -14.60 -48.21 6.41
N PRO F 360 -15.15 -49.31 5.94
CA PRO F 360 -16.28 -49.35 5.03
C PRO F 360 -17.53 -48.64 5.57
N LYS F 361 -17.88 -48.80 6.83
CA LYS F 361 -19.09 -48.13 7.31
C LYS F 361 -18.92 -46.61 7.33
N GLN F 362 -17.84 -46.09 7.90
CA GLN F 362 -17.67 -44.63 7.97
C GLN F 362 -17.41 -43.99 6.58
N SER F 363 -16.69 -44.68 5.70
CA SER F 363 -16.46 -44.11 4.37
C SER F 363 -17.79 -43.96 3.62
N ILE F 364 -18.60 -45.01 3.62
CA ILE F 364 -19.94 -44.97 3.01
C ILE F 364 -20.81 -43.92 3.61
N GLN F 365 -20.86 -43.89 4.93
CA GLN F 365 -21.67 -42.91 5.63
C GLN F 365 -21.18 -41.49 5.33
N GLY F 366 -19.86 -41.29 5.31
CA GLY F 366 -19.31 -39.97 5.05
C GLY F 366 -19.42 -39.51 3.59
N GLY F 367 -19.20 -40.43 2.66
CA GLY F 367 -19.29 -40.09 1.26
C GLY F 367 -20.72 -39.72 0.94
N SER F 368 -21.63 -40.39 1.63
CA SER F 368 -23.04 -40.11 1.45
C SER F 368 -23.33 -38.72 1.96
N LYS F 369 -22.75 -38.40 3.11
CA LYS F 369 -22.88 -37.07 3.69
C LYS F 369 -22.45 -35.97 2.71
N TYR F 370 -21.26 -36.15 2.12
CA TYR F 370 -20.73 -35.18 1.18
C TYR F 370 -21.67 -35.03 -0.01
N PHE F 371 -22.13 -36.15 -0.58
CA PHE F 371 -23.01 -36.06 -1.75
C PHE F 371 -24.31 -35.41 -1.43
N VAL F 372 -24.87 -35.74 -0.29
CA VAL F 372 -26.15 -35.18 0.05
C VAL F 372 -26.04 -33.69 0.30
N GLN F 373 -24.99 -33.31 1.02
CA GLN F 373 -24.81 -31.92 1.37
C GLN F 373 -24.66 -31.04 0.14
N ILE F 374 -23.92 -31.52 -0.85
CA ILE F 374 -23.74 -30.79 -2.10
C ILE F 374 -25.10 -30.51 -2.76
N ARG F 375 -25.98 -31.50 -2.74
CA ARG F 375 -27.31 -31.33 -3.34
C ARG F 375 -28.11 -30.30 -2.56
N SER F 376 -27.88 -30.20 -1.26
CA SER F 376 -28.61 -29.24 -0.46
C SER F 376 -28.26 -27.82 -0.87
N GLU F 377 -26.99 -27.62 -1.26
CA GLU F 377 -26.49 -26.29 -1.59
C GLU F 377 -26.64 -25.88 -3.04
N LEU F 378 -27.04 -26.78 -3.92
CA LEU F 378 -27.30 -26.36 -5.30
C LEU F 378 -28.35 -25.25 -5.33
N PRO F 379 -28.26 -24.33 -6.32
CA PRO F 379 -29.27 -23.29 -6.52
C PRO F 379 -30.72 -23.81 -6.36
N GLU F 380 -31.56 -22.99 -5.73
CA GLU F 380 -32.93 -23.36 -5.43
C GLU F 380 -33.76 -23.73 -6.64
N SER F 381 -33.38 -23.12 -7.76
CA SER F 381 -34.04 -23.27 -9.05
C SER F 381 -33.93 -24.65 -9.68
N ILE F 382 -33.02 -25.47 -9.20
CA ILE F 382 -32.88 -26.82 -9.72
C ILE F 382 -33.73 -27.80 -8.92
N LYS F 383 -34.73 -28.35 -9.59
CA LYS F 383 -35.72 -29.18 -8.95
C LYS F 383 -35.38 -30.65 -9.22
N GLU F 384 -35.83 -31.61 -8.38
CA GLU F 384 -35.57 -33.03 -8.68
C GLU F 384 -36.34 -33.44 -9.92
N PRO F 385 -35.90 -34.50 -10.60
CA PRO F 385 -34.74 -35.32 -10.22
C PRO F 385 -33.43 -34.73 -10.76
N ASP F 386 -33.55 -33.75 -11.64
CA ASP F 386 -32.38 -33.15 -12.25
C ASP F 386 -31.40 -32.79 -11.16
N ARG F 387 -31.95 -32.37 -10.03
CA ARG F 387 -31.16 -31.89 -8.93
C ARG F 387 -30.16 -32.97 -8.50
N SER F 388 -30.62 -34.20 -8.37
CA SER F 388 -29.70 -35.27 -7.97
C SER F 388 -28.58 -35.43 -9.01
N TRP F 389 -28.94 -35.29 -10.29
CA TRP F 389 -28.00 -35.43 -11.38
C TRP F 389 -26.97 -34.30 -11.32
N PHE F 390 -27.43 -33.08 -11.07
CA PHE F 390 -26.55 -31.94 -10.86
C PHE F 390 -25.65 -32.18 -9.68
N ALA F 391 -26.13 -32.89 -8.66
CA ALA F 391 -25.26 -33.15 -7.52
C ALA F 391 -24.14 -34.12 -7.88
N LEU F 392 -24.50 -35.17 -8.59
CA LEU F 392 -23.56 -36.17 -9.09
C LEU F 392 -22.60 -35.44 -10.00
N ALA F 393 -23.10 -34.42 -10.67
CA ALA F 393 -22.26 -33.65 -11.55
C ALA F 393 -21.21 -32.93 -10.71
N ALA F 394 -21.68 -32.30 -9.64
CA ALA F 394 -20.83 -31.51 -8.76
C ALA F 394 -19.89 -32.40 -7.98
N TYR F 395 -20.40 -33.52 -7.49
CA TYR F 395 -19.59 -34.48 -6.75
C TYR F 395 -18.30 -34.78 -7.48
N ASN F 396 -18.37 -34.77 -8.80
CA ASN F 396 -17.23 -35.19 -9.60
C ASN F 396 -16.33 -34.02 -10.04
N ILE F 397 -16.91 -32.99 -10.61
CA ILE F 397 -16.12 -31.94 -11.23
C ILE F 397 -16.08 -30.71 -10.34
N GLY F 398 -16.84 -30.70 -9.25
CA GLY F 398 -16.88 -29.55 -8.38
C GLY F 398 -17.89 -28.45 -8.69
N GLY F 399 -18.42 -27.84 -7.64
CA GLY F 399 -19.47 -26.85 -7.79
C GLY F 399 -19.10 -25.67 -8.63
N ALA F 400 -17.81 -25.33 -8.68
CA ALA F 400 -17.35 -24.16 -9.40
C ALA F 400 -17.52 -24.34 -10.89
N HIS F 401 -16.94 -25.42 -11.40
CA HIS F 401 -17.13 -25.84 -12.78
C HIS F 401 -18.58 -26.07 -13.22
N LEU F 402 -19.38 -26.68 -12.35
CA LEU F 402 -20.77 -26.94 -12.66
C LEU F 402 -21.53 -25.64 -12.88
N GLU F 403 -21.17 -24.61 -12.12
CA GLU F 403 -21.80 -23.30 -12.24
C GLU F 403 -21.46 -22.74 -13.59
N ASP F 404 -20.19 -22.87 -13.95
CA ASP F 404 -19.74 -22.50 -15.27
C ASP F 404 -20.47 -23.21 -16.38
N ALA F 405 -20.74 -24.49 -16.18
CA ALA F 405 -21.53 -25.21 -17.16
C ALA F 405 -22.93 -24.61 -17.26
N ARG F 406 -23.49 -24.22 -16.12
CA ARG F 406 -24.84 -23.67 -16.10
C ARG F 406 -24.93 -22.27 -16.74
N LYS F 407 -23.95 -21.42 -16.46
CA LYS F 407 -23.93 -20.09 -17.07
C LYS F 407 -23.87 -20.24 -18.57
N MET F 408 -22.94 -21.09 -19.00
CA MET F 408 -22.70 -21.35 -20.41
C MET F 408 -24.01 -21.81 -21.08
N ALA F 409 -24.74 -22.67 -20.39
CA ALA F 409 -26.02 -23.14 -20.90
C ALA F 409 -27.02 -22.01 -21.05
N GLU F 410 -27.11 -21.13 -20.04
CA GLU F 410 -28.06 -20.06 -20.11
C GLU F 410 -27.78 -19.22 -21.32
N LYS F 411 -26.56 -18.72 -21.42
CA LYS F 411 -26.13 -17.90 -22.53
C LYS F 411 -26.42 -18.57 -23.90
N GLU F 412 -26.57 -19.88 -23.93
CA GLU F 412 -26.85 -20.54 -25.20
C GLU F 412 -28.34 -20.51 -25.52
N GLY F 413 -29.10 -19.85 -24.66
CA GLY F 413 -30.55 -19.91 -24.78
C GLY F 413 -31.08 -21.26 -24.33
N LEU F 414 -30.30 -21.95 -23.52
CA LEU F 414 -30.81 -23.18 -22.96
C LEU F 414 -31.29 -22.90 -21.55
N ASN F 415 -31.89 -23.94 -20.95
CA ASN F 415 -32.35 -23.94 -19.58
C ASN F 415 -31.24 -24.41 -18.63
N PRO F 416 -30.76 -23.54 -17.73
CA PRO F 416 -29.66 -23.89 -16.82
C PRO F 416 -30.09 -24.81 -15.70
N ASN F 417 -31.38 -25.15 -15.65
CA ASN F 417 -31.96 -26.01 -14.63
C ASN F 417 -32.33 -27.36 -15.11
N LYS F 418 -31.98 -27.67 -16.35
CA LYS F 418 -32.29 -28.98 -16.88
C LYS F 418 -31.03 -29.77 -17.14
N TRP F 419 -30.95 -30.97 -16.56
CA TRP F 419 -29.73 -31.75 -16.69
C TRP F 419 -29.49 -32.03 -18.16
N LEU F 420 -30.54 -32.29 -18.93
CA LEU F 420 -30.34 -32.57 -20.35
C LEU F 420 -29.64 -31.45 -21.10
N ASP F 421 -29.81 -30.21 -20.65
CA ASP F 421 -29.18 -29.07 -21.31
C ASP F 421 -27.79 -28.80 -20.80
N VAL F 422 -27.61 -28.75 -19.49
CA VAL F 422 -26.31 -28.39 -18.93
C VAL F 422 -25.30 -29.47 -19.29
N LYS F 423 -25.82 -30.68 -19.48
CA LYS F 423 -25.06 -31.87 -19.78
C LYS F 423 -24.43 -31.77 -21.16
N LYS F 424 -25.05 -30.98 -22.01
CA LYS F 424 -24.58 -30.72 -23.37
C LYS F 424 -23.42 -29.73 -23.33
N MET F 425 -23.39 -28.89 -22.30
CA MET F 425 -22.32 -27.92 -22.13
C MET F 425 -21.05 -28.47 -21.45
N LEU F 426 -21.23 -29.44 -20.54
CA LEU F 426 -20.13 -29.92 -19.71
C LEU F 426 -18.89 -30.36 -20.45
N PRO F 427 -19.09 -31.07 -21.57
CA PRO F 427 -17.95 -31.50 -22.38
C PRO F 427 -17.17 -30.34 -23.01
N ARG F 428 -17.72 -29.13 -22.97
CA ARG F 428 -17.04 -28.03 -23.64
C ARG F 428 -15.89 -27.57 -22.80
N LEU F 429 -15.87 -27.95 -21.55
CA LEU F 429 -14.81 -27.48 -20.66
C LEU F 429 -13.42 -28.06 -21.00
N ALA F 430 -13.33 -29.03 -21.91
CA ALA F 430 -12.00 -29.56 -22.28
C ALA F 430 -11.56 -28.99 -23.63
N GLN F 431 -12.25 -27.95 -24.04
CA GLN F 431 -12.06 -27.34 -25.32
C GLN F 431 -11.69 -25.87 -25.12
N LYS F 432 -10.48 -25.46 -25.48
CA LYS F 432 -10.05 -24.10 -25.15
C LYS F 432 -10.93 -22.98 -25.68
N GLN F 433 -11.38 -23.10 -26.93
CA GLN F 433 -12.26 -22.09 -27.52
C GLN F 433 -13.43 -21.72 -26.58
N TRP F 434 -13.88 -22.68 -25.76
CA TRP F 434 -14.96 -22.42 -24.83
C TRP F 434 -14.49 -22.10 -23.41
N TYR F 435 -13.64 -22.93 -22.84
CA TYR F 435 -13.34 -22.76 -21.43
C TYR F 435 -12.52 -21.50 -21.18
N ALA F 436 -11.80 -21.01 -22.18
CA ALA F 436 -10.98 -19.83 -21.95
C ALA F 436 -11.84 -18.62 -21.61
N LYS F 437 -13.09 -18.67 -22.07
CA LYS F 437 -14.09 -17.66 -21.79
C LYS F 437 -14.86 -17.93 -20.49
N THR F 438 -14.42 -18.91 -19.70
CA THR F 438 -15.10 -19.26 -18.46
C THR F 438 -14.34 -18.75 -17.26
N ARG F 439 -14.92 -18.83 -16.08
CA ARG F 439 -14.23 -18.29 -14.91
C ARG F 439 -13.11 -19.16 -14.50
N TYR F 440 -13.34 -20.47 -14.42
CA TYR F 440 -12.41 -21.42 -13.83
C TYR F 440 -11.66 -22.27 -14.83
N GLY F 441 -11.96 -22.02 -16.10
CA GLY F 441 -11.18 -22.56 -17.20
C GLY F 441 -11.36 -24.05 -17.38
N TYR F 442 -10.31 -24.67 -17.89
CA TYR F 442 -10.45 -26.04 -18.30
C TYR F 442 -10.87 -26.99 -17.18
N ALA F 443 -11.69 -27.96 -17.52
CA ALA F 443 -11.98 -29.13 -16.68
C ALA F 443 -12.34 -30.36 -17.57
N ARG F 444 -12.09 -31.59 -17.12
CA ARG F 444 -12.40 -32.67 -18.03
C ARG F 444 -13.90 -33.03 -17.94
N GLY F 445 -14.73 -32.08 -18.35
CA GLY F 445 -16.17 -32.15 -18.14
C GLY F 445 -16.85 -33.30 -18.84
N GLY F 446 -16.24 -33.82 -19.87
CA GLY F 446 -16.90 -34.93 -20.53
C GLY F 446 -16.82 -36.16 -19.63
N GLU F 447 -15.79 -36.26 -18.81
CA GLU F 447 -15.65 -37.46 -18.00
C GLU F 447 -16.58 -37.34 -16.88
N THR F 448 -16.87 -36.08 -16.57
CA THR F 448 -17.87 -35.79 -15.58
C THR F 448 -19.20 -36.27 -16.07
N VAL F 449 -19.49 -36.08 -17.34
CA VAL F 449 -20.76 -36.59 -17.87
C VAL F 449 -20.87 -38.14 -17.81
N HIS F 450 -19.79 -38.85 -18.17
CA HIS F 450 -19.82 -40.31 -18.12
C HIS F 450 -20.03 -40.74 -16.68
N PHE F 451 -19.48 -39.98 -15.75
CA PHE F 451 -19.59 -40.33 -14.35
C PHE F 451 -21.05 -40.36 -13.98
N VAL F 452 -21.73 -39.27 -14.26
CA VAL F 452 -23.12 -39.18 -13.94
C VAL F 452 -23.89 -40.28 -14.62
N GLN F 453 -23.61 -40.54 -15.88
N GLN F 453 -23.62 -40.47 -15.91
CA GLN F 453 -24.48 -41.46 -16.60
CA GLN F 453 -24.31 -41.49 -16.70
C GLN F 453 -24.16 -42.96 -16.35
C GLN F 453 -24.23 -42.87 -16.06
N ASN F 454 -23.01 -43.25 -15.72
CA ASN F 454 -22.73 -44.58 -15.18
C ASN F 454 -23.43 -44.77 -13.85
N VAL F 455 -23.33 -43.78 -12.97
CA VAL F 455 -23.88 -43.92 -11.64
C VAL F 455 -25.37 -44.11 -11.80
N ARG F 456 -25.94 -43.34 -12.73
CA ARG F 456 -27.35 -43.42 -12.97
C ARG F 456 -27.75 -44.76 -13.61
N ARG F 457 -26.87 -45.33 -14.44
CA ARG F 457 -27.17 -46.64 -14.99
C ARG F 457 -27.19 -47.71 -13.87
N TYR F 458 -26.21 -47.70 -12.95
CA TYR F 458 -26.14 -48.71 -11.88
C TYR F 458 -27.33 -48.55 -10.98
N TYR F 459 -27.77 -47.31 -10.83
CA TYR F 459 -28.93 -46.97 -10.01
C TYR F 459 -30.17 -47.61 -10.57
N ASP F 460 -30.39 -47.48 -11.87
CA ASP F 460 -31.55 -48.09 -12.48
C ASP F 460 -31.50 -49.63 -12.36
N ILE F 461 -30.31 -50.21 -12.55
CA ILE F 461 -30.17 -51.64 -12.32
C ILE F 461 -30.52 -52.04 -10.90
N LEU F 462 -29.98 -51.35 -9.89
CA LEU F 462 -30.29 -51.70 -8.49
C LEU F 462 -31.80 -51.64 -8.22
N THR F 463 -32.40 -50.58 -8.73
CA THR F 463 -33.80 -50.40 -8.60
C THR F 463 -34.53 -51.58 -9.22
N TRP F 464 -34.09 -51.95 -10.41
CA TRP F 464 -34.71 -53.03 -11.19
C TRP F 464 -34.56 -54.41 -10.59
N VAL F 465 -33.45 -54.71 -9.92
CA VAL F 465 -33.29 -56.03 -9.28
C VAL F 465 -33.81 -55.94 -7.83
N THR F 466 -34.58 -54.91 -7.51
CA THR F 466 -35.05 -54.71 -6.12
C THR F 466 -36.55 -54.33 -6.14
N GLN F 467 -37.37 -55.22 -6.68
CA GLN F 467 -38.82 -55.04 -6.66
C GLN F 467 -39.48 -55.37 -5.31
N GLY G 52 52.07 -48.14 27.38
CA GLY G 52 51.75 -47.62 26.06
C GLY G 52 52.57 -48.21 24.92
N VAL G 53 52.48 -49.54 24.78
CA VAL G 53 53.24 -50.33 23.80
C VAL G 53 52.35 -51.46 23.29
N LEU G 54 51.93 -51.41 22.02
CA LEU G 54 51.19 -52.54 21.41
C LEU G 54 52.16 -53.67 20.98
N ARG G 55 52.03 -54.81 21.63
CA ARG G 55 52.87 -55.96 21.32
C ARG G 55 52.24 -56.85 20.25
N VAL G 56 52.89 -57.01 19.10
CA VAL G 56 52.39 -57.87 18.03
C VAL G 56 53.29 -59.09 17.84
N ILE G 57 52.71 -60.28 17.84
CA ILE G 57 53.51 -61.49 17.58
C ILE G 57 53.34 -61.94 16.12
N THR G 58 54.44 -62.35 15.51
CA THR G 58 54.37 -62.81 14.12
C THR G 58 55.45 -63.86 13.89
N ARG G 59 55.51 -64.39 12.69
CA ARG G 59 56.59 -65.28 12.33
C ARG G 59 57.60 -64.51 11.49
N ASN G 60 58.87 -64.87 11.64
CA ASN G 60 59.96 -64.32 10.82
C ASN G 60 60.01 -64.93 9.42
N SER G 61 59.48 -64.23 8.43
CA SER G 61 59.46 -64.77 7.06
C SER G 61 59.21 -63.69 6.03
N PRO G 62 59.56 -63.97 4.77
CA PRO G 62 59.48 -62.94 3.73
C PRO G 62 58.04 -62.45 3.50
N ALA G 63 57.03 -63.24 3.83
CA ALA G 63 55.68 -62.79 3.58
C ALA G 63 55.10 -61.96 4.72
N THR G 64 55.82 -61.90 5.83
CA THR G 64 55.24 -61.34 7.05
C THR G 64 56.04 -60.23 7.73
N TYR G 65 57.20 -60.57 8.24
CA TYR G 65 58.04 -59.64 8.97
C TYR G 65 59.50 -60.11 8.89
N PHE G 66 60.40 -59.18 8.57
CA PHE G 66 61.81 -59.51 8.63
C PHE G 66 62.62 -58.23 8.54
N GLN G 67 63.95 -58.36 8.65
CA GLN G 67 64.81 -57.22 8.48
C GLN G 67 65.58 -57.23 7.19
N ASP G 68 65.52 -56.11 6.46
CA ASP G 68 66.43 -55.89 5.35
C ASP G 68 67.47 -54.80 5.65
N ARG G 69 68.03 -54.23 4.61
CA ARG G 69 69.07 -53.24 4.77
C ARG G 69 68.49 -51.91 5.24
N ASN G 70 67.19 -51.70 5.11
CA ASN G 70 66.60 -50.45 5.59
C ASN G 70 65.90 -50.57 6.94
N GLY G 71 66.03 -51.71 7.61
CA GLY G 71 65.33 -51.94 8.86
C GLY G 71 64.19 -52.93 8.79
N GLU G 72 63.20 -52.73 9.63
CA GLU G 72 62.13 -53.70 9.70
C GLU G 72 61.23 -53.55 8.50
N THR G 73 60.68 -54.66 8.02
CA THR G 73 59.83 -54.61 6.82
C THR G 73 58.92 -55.85 6.68
N GLY G 74 58.08 -55.85 5.65
CA GLY G 74 57.15 -56.94 5.44
C GLY G 74 55.70 -56.50 5.49
N PHE G 75 54.85 -57.23 4.75
CA PHE G 75 53.43 -56.94 4.65
C PHE G 75 52.73 -56.83 6.00
N GLU G 76 52.86 -57.87 6.81
CA GLU G 76 52.24 -57.90 8.12
C GLU G 76 52.78 -56.79 8.98
N TYR G 77 54.08 -56.54 8.86
CA TYR G 77 54.74 -55.56 9.68
C TYR G 77 54.16 -54.17 9.44
N GLU G 78 53.90 -53.87 8.16
CA GLU G 78 53.46 -52.53 7.83
C GLU G 78 52.04 -52.31 8.34
N LEU G 79 51.10 -53.23 8.04
CA LEU G 79 49.75 -53.15 8.58
C LEU G 79 49.76 -53.00 10.12
N ALA G 80 50.59 -53.78 10.83
CA ALA G 80 50.63 -53.67 12.29
C ALA G 80 51.21 -52.33 12.70
N LYS G 81 52.08 -51.77 11.87
CA LYS G 81 52.69 -50.50 12.24
C LYS G 81 51.65 -49.41 12.01
N ARG G 82 50.98 -49.42 10.85
CA ARG G 82 49.94 -48.43 10.57
C ARG G 82 48.80 -48.51 11.58
N PHE G 83 48.69 -49.65 12.27
CA PHE G 83 47.66 -49.82 13.30
C PHE G 83 48.20 -49.19 14.58
N ALA G 84 49.48 -49.36 14.85
CA ALA G 84 50.05 -48.77 16.05
C ALA G 84 50.05 -47.24 16.00
N GLU G 85 50.12 -46.69 14.79
CA GLU G 85 50.10 -45.24 14.56
C GLU G 85 48.69 -44.68 14.79
N ARG G 86 47.71 -45.42 14.29
CA ARG G 86 46.29 -45.15 14.48
C ARG G 86 45.81 -45.36 15.93
N LEU G 87 46.69 -45.87 16.80
CA LEU G 87 46.39 -45.97 18.25
C LEU G 87 47.30 -45.03 19.06
N GLY G 88 48.23 -44.36 18.36
CA GLY G 88 49.24 -43.51 18.95
C GLY G 88 50.11 -44.20 19.98
N VAL G 89 50.52 -45.43 19.69
CA VAL G 89 51.38 -46.22 20.59
C VAL G 89 52.58 -46.80 19.86
N GLU G 90 53.58 -47.24 20.63
CA GLU G 90 54.81 -47.84 20.08
C GLU G 90 54.58 -49.30 19.67
N LEU G 91 55.01 -49.67 18.45
CA LEU G 91 54.92 -51.06 18.00
C LEU G 91 56.09 -51.88 18.47
N LYS G 92 55.84 -52.96 19.19
CA LYS G 92 56.90 -53.92 19.53
C LYS G 92 56.64 -55.26 18.85
N ILE G 93 57.46 -55.63 17.88
CA ILE G 93 57.24 -56.92 17.21
C ILE G 93 57.86 -58.05 17.98
N GLU G 94 57.15 -59.17 18.05
CA GLU G 94 57.75 -60.36 18.63
C GLU G 94 57.67 -61.52 17.65
N THR G 95 58.72 -62.33 17.58
CA THR G 95 58.73 -63.42 16.62
C THR G 95 58.66 -64.78 17.33
N ALA G 96 57.74 -65.62 16.88
CA ALA G 96 57.58 -66.95 17.42
C ALA G 96 58.35 -67.94 16.57
N ASP G 97 58.78 -69.03 17.19
CA ASP G 97 59.66 -69.99 16.53
C ASP G 97 58.96 -70.83 15.48
N ASN G 98 57.65 -71.01 15.68
CA ASN G 98 56.82 -71.82 14.81
C ASN G 98 55.37 -71.50 15.10
N LEU G 99 54.46 -72.09 14.33
CA LEU G 99 53.06 -71.76 14.51
C LEU G 99 52.64 -72.32 15.85
N ASP G 100 53.22 -73.45 16.27
CA ASP G 100 52.80 -74.02 17.53
C ASP G 100 53.07 -73.02 18.62
N ASP G 101 54.25 -72.41 18.60
CA ASP G 101 54.65 -71.52 19.67
C ASP G 101 53.84 -70.25 19.59
N LEU G 102 53.45 -69.87 18.38
CA LEU G 102 52.65 -68.66 18.19
C LEU G 102 51.33 -68.66 18.94
N TYR G 103 50.52 -69.69 18.77
CA TYR G 103 49.21 -69.73 19.40
C TYR G 103 49.27 -69.90 20.91
N ALA G 104 50.30 -70.61 21.36
CA ALA G 104 50.51 -70.78 22.77
C ALA G 104 50.77 -69.42 23.40
N GLN G 105 51.69 -68.67 22.79
CA GLN G 105 52.09 -67.34 23.27
C GLN G 105 50.91 -66.36 23.26
N LEU G 106 50.05 -66.49 22.25
CA LEU G 106 48.92 -65.58 22.09
C LEU G 106 47.97 -65.79 23.24
N SER G 107 48.08 -66.94 23.87
CA SER G 107 47.09 -67.41 24.82
C SER G 107 47.62 -67.46 26.22
N ARG G 108 48.89 -67.14 26.41
CA ARG G 108 49.42 -67.14 27.76
C ARG G 108 49.16 -65.83 28.50
N GLU G 109 49.38 -65.87 29.81
CA GLU G 109 49.47 -64.71 30.70
C GLU G 109 49.87 -63.46 29.96
N GLY G 110 49.39 -62.30 30.38
CA GLY G 110 49.63 -61.02 29.70
C GLY G 110 50.68 -61.08 28.61
N GLY G 111 50.33 -61.78 27.54
CA GLY G 111 51.20 -62.02 26.41
C GLY G 111 50.95 -61.00 25.31
N PRO G 112 51.35 -61.33 24.07
CA PRO G 112 51.18 -60.29 23.04
C PRO G 112 49.71 -59.98 22.77
N ALA G 113 49.42 -58.74 22.39
CA ALA G 113 48.07 -58.28 22.12
C ALA G 113 47.40 -59.08 21.03
N LEU G 114 48.09 -59.23 19.90
CA LEU G 114 47.55 -59.93 18.73
C LEU G 114 48.67 -60.56 17.91
N ALA G 115 48.30 -61.51 17.04
CA ALA G 115 49.22 -62.11 16.09
C ALA G 115 48.89 -61.70 14.65
N ALA G 116 49.88 -61.20 13.91
CA ALA G 116 49.72 -60.88 12.48
C ALA G 116 50.75 -61.69 11.70
N ALA G 117 50.29 -62.65 10.91
CA ALA G 117 51.19 -63.68 10.44
C ALA G 117 50.61 -64.51 9.30
N GLY G 118 49.73 -63.91 8.53
CA GLY G 118 49.08 -64.62 7.43
C GLY G 118 48.34 -65.87 7.88
N LEU G 119 47.54 -65.71 8.92
CA LEU G 119 46.83 -66.83 9.50
C LEU G 119 45.42 -67.06 8.90
N THR G 120 45.08 -68.33 8.69
CA THR G 120 43.75 -68.78 8.27
C THR G 120 43.02 -69.11 9.56
N PRO G 121 41.84 -68.52 9.81
CA PRO G 121 41.18 -68.82 11.08
C PRO G 121 40.86 -70.31 11.27
N GLY G 122 39.69 -70.74 10.84
CA GLY G 122 39.27 -72.09 11.16
C GLY G 122 38.19 -72.24 12.19
N ARG G 123 37.83 -73.50 12.44
CA ARG G 123 36.72 -73.89 13.32
C ARG G 123 36.07 -72.75 14.10
N GLU G 124 35.07 -72.17 13.47
CA GLU G 124 34.35 -71.08 14.05
C GLU G 124 33.25 -71.71 14.86
N ASP G 125 33.65 -72.14 16.04
CA ASP G 125 32.78 -72.72 17.05
C ASP G 125 33.71 -73.07 18.22
N ASP G 126 34.98 -73.21 17.86
CA ASP G 126 36.06 -73.30 18.82
C ASP G 126 36.68 -71.91 19.01
N ALA G 127 36.60 -71.42 20.26
CA ALA G 127 36.72 -70.01 20.62
C ALA G 127 38.10 -69.60 21.08
N SER G 128 38.91 -70.59 21.49
CA SER G 128 40.35 -70.35 21.77
C SER G 128 40.89 -69.68 20.54
N VAL G 129 41.04 -68.36 20.62
CA VAL G 129 41.52 -67.55 19.52
C VAL G 129 40.32 -67.03 18.68
N ARG G 130 40.32 -65.71 18.50
CA ARG G 130 39.32 -64.98 17.73
C ARG G 130 39.99 -64.29 16.55
N TYR G 131 39.34 -64.31 15.40
CA TYR G 131 39.95 -63.70 14.24
C TYR G 131 39.20 -62.43 13.78
N SER G 132 39.95 -61.41 13.38
CA SER G 132 39.41 -60.17 12.81
C SER G 132 38.76 -60.32 11.42
N HIS G 133 38.34 -59.23 10.78
CA HIS G 133 37.88 -59.34 9.38
C HIS G 133 39.07 -59.79 8.56
N THR G 134 38.84 -60.33 7.37
CA THR G 134 39.95 -60.81 6.55
C THR G 134 40.63 -59.66 5.80
N TYR G 135 41.94 -59.72 5.58
CA TYR G 135 42.66 -58.59 4.95
C TYR G 135 43.49 -58.98 3.73
N LEU G 136 43.39 -60.23 3.30
CA LEU G 136 44.07 -60.69 2.10
C LEU G 136 43.50 -62.07 1.72
N ASP G 137 43.23 -62.24 0.43
CA ASP G 137 42.59 -63.44 -0.09
C ASP G 137 43.62 -64.34 -0.71
N VAL G 138 43.56 -65.63 -0.42
CA VAL G 138 44.59 -66.56 -0.87
C VAL G 138 44.02 -67.93 -1.27
N THR G 139 44.77 -68.71 -2.06
CA THR G 139 44.28 -70.03 -2.43
C THR G 139 45.43 -71.04 -2.20
N PRO G 140 45.15 -72.18 -1.51
CA PRO G 140 46.18 -73.22 -1.28
C PRO G 140 46.57 -73.97 -2.56
N GLN G 141 47.84 -74.22 -2.76
CA GLN G 141 48.21 -74.84 -4.00
C GLN G 141 49.25 -75.91 -3.84
N ILE G 142 48.95 -77.06 -4.43
CA ILE G 142 49.96 -78.08 -4.52
C ILE G 142 51.02 -77.64 -5.49
N ILE G 143 52.26 -77.82 -5.07
CA ILE G 143 53.40 -77.40 -5.85
C ILE G 143 54.22 -78.64 -6.18
N TYR G 144 54.55 -78.79 -7.45
CA TYR G 144 55.40 -79.88 -7.90
C TYR G 144 56.53 -79.25 -8.65
N ARG G 145 57.42 -80.11 -9.12
CA ARG G 145 58.64 -79.68 -9.78
C ARG G 145 58.60 -79.77 -11.31
N ASN G 146 59.10 -78.75 -12.00
CA ASN G 146 59.08 -78.78 -13.46
C ASN G 146 59.95 -79.90 -14.01
N GLY G 147 59.35 -80.67 -14.92
CA GLY G 147 60.01 -81.84 -15.46
C GLY G 147 59.75 -83.09 -14.66
N GLN G 148 58.66 -83.11 -13.89
CA GLN G 148 58.21 -84.30 -13.17
C GLN G 148 56.71 -84.44 -13.36
N GLN G 149 56.18 -85.58 -12.95
CA GLN G 149 54.78 -85.90 -13.20
C GLN G 149 53.85 -84.99 -12.44
N ARG G 150 53.19 -84.09 -13.18
CA ARG G 150 52.19 -83.19 -12.63
C ARG G 150 50.95 -83.88 -12.08
N PRO G 151 50.75 -83.82 -10.76
CA PRO G 151 49.52 -84.40 -10.21
C PRO G 151 48.29 -83.58 -10.66
N THR G 152 47.21 -84.29 -10.95
CA THR G 152 45.97 -83.67 -11.43
C THR G 152 44.88 -83.58 -10.34
N ARG G 153 44.90 -84.54 -9.41
CA ARG G 153 43.89 -84.62 -8.35
C ARG G 153 44.47 -85.22 -7.06
N PRO G 154 43.87 -84.89 -5.90
CA PRO G 154 44.19 -85.34 -4.54
C PRO G 154 44.66 -86.80 -4.45
N GLU G 155 44.14 -87.71 -5.27
CA GLU G 155 44.59 -89.10 -5.21
C GLU G 155 46.06 -89.26 -5.61
N ASP G 156 46.59 -88.35 -6.43
CA ASP G 156 47.93 -88.52 -7.01
C ASP G 156 49.03 -88.15 -6.05
N LEU G 157 48.67 -87.63 -4.89
CA LEU G 157 49.65 -87.24 -3.90
C LEU G 157 50.11 -88.39 -3.02
N VAL G 158 49.41 -89.51 -3.08
CA VAL G 158 49.85 -90.71 -2.37
C VAL G 158 51.15 -91.22 -3.03
N GLY G 159 52.07 -91.73 -2.21
CA GLY G 159 53.32 -92.34 -2.68
C GLY G 159 54.49 -91.37 -2.93
N LYS G 160 54.17 -90.09 -2.94
CA LYS G 160 55.14 -89.04 -3.15
C LYS G 160 55.54 -88.39 -1.82
N ARG G 161 56.76 -87.87 -1.74
CA ARG G 161 57.16 -87.21 -0.51
C ARG G 161 56.66 -85.76 -0.42
N ILE G 162 55.91 -85.50 0.66
CA ILE G 162 55.21 -84.23 0.84
C ILE G 162 55.64 -83.61 2.14
N MET G 163 55.88 -82.30 2.13
CA MET G 163 56.20 -81.65 3.39
C MET G 163 55.48 -80.35 3.52
N VAL G 164 55.03 -80.06 4.73
CA VAL G 164 54.33 -78.82 5.06
C VAL G 164 54.71 -78.41 6.47
N LEU G 165 54.44 -77.16 6.84
CA LEU G 165 54.68 -76.67 8.20
C LEU G 165 53.72 -77.29 9.23
N LYS G 166 54.27 -77.76 10.35
CA LYS G 166 53.50 -78.32 11.48
C LYS G 166 52.63 -77.26 12.16
N GLY G 167 51.38 -77.69 12.41
CA GLY G 167 50.39 -76.87 13.07
C GLY G 167 49.71 -75.91 12.13
N SER G 168 49.85 -76.14 10.84
CA SER G 168 49.39 -75.16 9.88
C SER G 168 48.01 -75.49 9.30
N SER G 169 47.39 -74.46 8.73
CA SER G 169 46.18 -74.63 7.92
C SER G 169 46.32 -75.81 6.95
N HIS G 170 47.43 -75.84 6.26
CA HIS G 170 47.60 -76.74 5.15
C HIS G 170 47.83 -78.16 5.68
N ALA G 171 48.40 -78.26 6.88
CA ALA G 171 48.65 -79.56 7.54
C ALA G 171 47.37 -80.35 7.80
N GLU G 172 46.33 -79.64 8.27
CA GLU G 172 45.03 -80.25 8.53
C GLU G 172 44.29 -80.66 7.26
N GLN G 173 44.42 -79.88 6.19
CA GLN G 173 43.84 -80.23 4.89
C GLN G 173 44.28 -81.64 4.47
N LEU G 174 45.56 -81.91 4.69
CA LEU G 174 46.13 -83.19 4.33
C LEU G 174 45.64 -84.21 5.34
N ALA G 175 45.61 -83.81 6.60
CA ALA G 175 45.06 -84.62 7.68
C ALA G 175 43.70 -85.21 7.34
N GLU G 176 42.79 -84.37 6.84
CA GLU G 176 41.46 -84.80 6.37
C GLU G 176 41.57 -85.66 5.13
N LEU G 177 42.47 -85.29 4.23
CA LEU G 177 42.72 -86.08 3.04
C LEU G 177 43.21 -87.51 3.35
N LYS G 178 43.86 -87.74 4.50
CA LYS G 178 44.32 -89.10 4.82
C LYS G 178 43.17 -89.99 5.29
N LYS G 179 42.06 -89.38 5.67
CA LYS G 179 40.87 -90.16 5.99
C LYS G 179 40.31 -90.81 4.73
N GLN G 180 40.14 -90.03 3.67
CA GLN G 180 39.70 -90.55 2.38
C GLN G 180 40.74 -91.44 1.69
N TYR G 181 42.01 -91.19 1.96
CA TYR G 181 43.08 -92.01 1.40
C TYR G 181 44.11 -92.27 2.48
N PRO G 182 43.82 -93.26 3.34
CA PRO G 182 44.70 -93.63 4.46
C PRO G 182 46.09 -94.11 3.99
N GLU G 183 46.26 -94.31 2.68
CA GLU G 183 47.57 -94.68 2.10
C GLU G 183 48.49 -93.46 1.91
N LEU G 184 47.88 -92.28 1.87
CA LEU G 184 48.60 -91.03 1.74
C LEU G 184 49.56 -90.86 2.90
N LYS G 185 50.78 -90.45 2.59
CA LYS G 185 51.75 -90.16 3.64
C LYS G 185 52.43 -88.79 3.46
N TYR G 186 52.68 -88.08 4.56
CA TYR G 186 53.32 -86.76 4.49
C TYR G 186 54.09 -86.39 5.76
N GLU G 187 55.09 -85.53 5.61
CA GLU G 187 55.91 -85.06 6.73
C GLU G 187 55.56 -83.64 7.11
N GLU G 188 55.79 -83.32 8.38
CA GLU G 188 55.61 -81.94 8.82
C GLU G 188 56.78 -81.55 9.74
N SER G 189 57.12 -80.27 9.76
CA SER G 189 58.26 -79.79 10.52
C SER G 189 58.03 -78.43 11.15
N ASP G 190 58.58 -78.22 12.34
CA ASP G 190 58.62 -76.87 12.92
C ASP G 190 59.86 -76.11 12.46
N ALA G 191 60.82 -76.81 11.85
CA ALA G 191 62.12 -76.22 11.56
C ALA G 191 62.28 -75.76 10.11
N VAL G 192 61.15 -75.60 9.42
CA VAL G 192 61.11 -75.06 8.07
C VAL G 192 60.11 -73.94 7.99
N GLU G 193 60.35 -73.04 7.06
CA GLU G 193 59.34 -72.05 6.69
C GLU G 193 58.89 -72.36 5.27
N VAL G 194 57.86 -71.63 4.85
CA VAL G 194 57.28 -71.80 3.54
C VAL G 194 58.33 -71.64 2.45
N VAL G 195 59.21 -70.67 2.66
CA VAL G 195 60.32 -70.46 1.73
C VAL G 195 61.15 -71.74 1.59
N ASP G 196 61.32 -72.48 2.68
CA ASP G 196 61.99 -73.76 2.63
C ASP G 196 61.30 -74.82 1.76
N LEU G 197 59.98 -74.91 1.91
CA LEU G 197 59.25 -75.93 1.20
C LEU G 197 59.48 -75.76 -0.29
N LEU G 198 59.42 -74.50 -0.74
CA LEU G 198 59.54 -74.26 -2.16
C LEU G 198 60.94 -74.64 -2.63
N ARG G 199 61.98 -74.28 -1.87
CA ARG G 199 63.34 -74.64 -2.26
C ARG G 199 63.48 -76.13 -2.35
N MET G 200 62.97 -76.82 -1.34
CA MET G 200 63.11 -78.26 -1.29
C MET G 200 62.50 -78.84 -2.55
N VAL G 201 61.36 -78.29 -2.94
CA VAL G 201 60.76 -78.71 -4.18
C VAL G 201 61.65 -78.33 -5.36
N ASP G 202 61.98 -77.04 -5.46
CA ASP G 202 62.91 -76.49 -6.46
C ASP G 202 64.13 -77.35 -6.66
N VAL G 203 64.76 -77.75 -5.58
CA VAL G 203 65.98 -78.53 -5.72
C VAL G 203 65.69 -80.05 -5.74
N GLY G 204 64.44 -80.43 -5.50
CA GLY G 204 64.04 -81.84 -5.60
C GLY G 204 64.27 -82.71 -4.38
N ASP G 205 64.46 -82.06 -3.23
CA ASP G 205 64.59 -82.80 -1.99
C ASP G 205 63.23 -83.36 -1.53
N ILE G 206 62.15 -82.76 -2.03
CA ILE G 206 60.80 -83.33 -1.85
C ILE G 206 59.98 -83.15 -3.13
N ASP G 207 59.11 -84.11 -3.37
CA ASP G 207 58.25 -84.18 -4.55
C ASP G 207 57.19 -83.05 -4.63
N LEU G 208 56.44 -82.83 -3.55
CA LEU G 208 55.38 -81.83 -3.58
C LEU G 208 55.31 -81.00 -2.32
N THR G 209 54.75 -79.81 -2.40
CA THR G 209 54.38 -79.11 -1.16
C THR G 209 52.95 -78.47 -1.22
N LEU G 210 52.44 -77.96 -0.10
CA LEU G 210 51.11 -77.33 -0.12
C LEU G 210 51.14 -75.96 0.61
N VAL G 211 50.94 -74.88 -0.16
CA VAL G 211 51.07 -73.54 0.38
C VAL G 211 50.05 -72.55 -0.20
N ASP G 212 49.59 -71.62 0.64
CA ASP G 212 48.62 -70.66 0.15
C ASP G 212 49.37 -69.78 -0.82
N SER G 213 48.68 -69.37 -1.86
CA SER G 213 49.29 -68.72 -3.01
C SER G 213 50.10 -67.45 -2.79
N ASN G 214 49.80 -66.70 -1.74
CA ASN G 214 50.45 -65.42 -1.57
C ASN G 214 51.91 -65.66 -1.45
N GLU G 215 52.24 -66.81 -0.86
CA GLU G 215 53.62 -67.16 -0.64
C GLU G 215 54.25 -67.67 -1.94
N LEU G 216 53.46 -68.36 -2.75
CA LEU G 216 53.90 -68.72 -4.09
C LEU G 216 54.16 -67.54 -5.02
N ALA G 217 53.28 -66.54 -4.98
CA ALA G 217 53.42 -65.36 -5.84
C ALA G 217 54.69 -64.59 -5.52
N MET G 218 54.88 -64.43 -4.23
CA MET G 218 56.00 -63.69 -3.69
C MET G 218 57.34 -64.30 -4.07
N ASN G 219 57.36 -65.62 -4.12
CA ASN G 219 58.62 -66.35 -4.19
C ASN G 219 58.90 -66.99 -5.53
N GLN G 220 57.87 -67.13 -6.36
CA GLN G 220 58.00 -67.87 -7.60
C GLN G 220 59.27 -67.63 -8.37
N VAL G 221 59.59 -66.35 -8.53
CA VAL G 221 60.72 -65.90 -9.35
C VAL G 221 62.13 -66.30 -8.85
N TYR G 222 62.26 -66.64 -7.56
CA TYR G 222 63.51 -67.11 -6.93
C TYR G 222 63.64 -68.63 -6.91
N PHE G 223 62.59 -69.30 -7.39
CA PHE G 223 62.58 -70.74 -7.52
C PHE G 223 62.02 -71.08 -8.88
N PRO G 224 62.90 -71.09 -9.89
CA PRO G 224 62.50 -71.24 -11.29
C PRO G 224 61.78 -72.56 -11.59
N ASN G 225 62.05 -73.63 -10.84
CA ASN G 225 61.49 -74.96 -11.14
C ASN G 225 60.09 -75.26 -10.59
N VAL G 226 59.55 -74.42 -9.72
CA VAL G 226 58.29 -74.80 -9.07
C VAL G 226 57.05 -74.36 -9.88
N ARG G 227 55.95 -75.12 -9.76
CA ARG G 227 54.73 -74.94 -10.55
C ARG G 227 53.51 -75.33 -9.71
N VAL G 228 52.41 -74.59 -9.88
CA VAL G 228 51.14 -75.02 -9.27
C VAL G 228 50.61 -76.18 -10.08
N ALA G 229 50.33 -77.26 -9.39
CA ALA G 229 49.75 -78.40 -10.05
C ALA G 229 48.24 -78.13 -10.19
N PHE G 230 47.62 -77.76 -9.08
CA PHE G 230 46.22 -77.34 -9.08
C PHE G 230 45.85 -76.62 -7.79
N ASP G 231 44.77 -75.83 -7.83
CA ASP G 231 44.23 -75.27 -6.60
C ASP G 231 43.57 -76.41 -5.80
N PHE G 232 43.76 -76.38 -4.47
CA PHE G 232 43.34 -77.46 -3.56
C PHE G 232 42.60 -76.84 -2.37
N GLY G 233 41.33 -76.59 -2.61
CA GLY G 233 40.53 -75.92 -1.61
C GLY G 233 40.04 -74.62 -2.21
N GLU G 234 38.99 -74.08 -1.61
CA GLU G 234 38.45 -72.83 -2.05
C GLU G 234 39.20 -71.64 -1.49
N ALA G 235 39.10 -70.52 -2.20
CA ALA G 235 39.66 -69.27 -1.74
C ALA G 235 39.29 -69.03 -0.30
N ARG G 236 40.20 -68.39 0.40
CA ARG G 236 39.95 -68.03 1.78
C ARG G 236 40.73 -66.78 2.12
N GLY G 237 40.35 -66.18 3.25
CA GLY G 237 40.90 -64.91 3.69
C GLY G 237 41.72 -65.03 4.96
N LEU G 238 42.80 -64.30 5.01
CA LEU G 238 43.59 -64.26 6.21
C LEU G 238 43.08 -63.18 7.17
N ALA G 239 43.35 -63.31 8.45
CA ALA G 239 42.88 -62.34 9.44
C ALA G 239 43.78 -62.38 10.65
N TRP G 240 43.83 -61.31 11.42
CA TRP G 240 44.62 -61.30 12.65
C TRP G 240 43.99 -62.14 13.73
N ALA G 241 44.79 -62.62 14.67
CA ALA G 241 44.27 -63.46 15.73
C ALA G 241 44.48 -62.80 17.09
N LEU G 242 43.42 -62.76 17.89
CA LEU G 242 43.50 -62.28 19.26
C LEU G 242 43.02 -63.36 20.21
N PRO G 243 43.57 -63.37 21.44
CA PRO G 243 43.13 -64.27 22.53
C PRO G 243 41.68 -64.02 22.98
N GLY G 244 40.93 -65.09 23.30
CA GLY G 244 39.54 -64.96 23.71
C GLY G 244 39.31 -64.64 25.17
N GLY G 245 38.32 -63.79 25.47
CA GLY G 245 37.45 -63.23 24.46
C GLY G 245 36.09 -62.77 24.96
N ASP G 246 36.09 -62.00 26.04
CA ASP G 246 34.83 -61.51 26.65
C ASP G 246 34.76 -60.01 26.49
N ASP G 247 35.93 -59.40 26.32
CA ASP G 247 36.07 -57.98 26.04
C ASP G 247 36.35 -57.75 24.55
N ASP G 248 35.45 -57.10 23.83
CA ASP G 248 35.63 -56.88 22.41
C ASP G 248 36.27 -55.52 22.16
N SER G 249 36.81 -54.93 23.23
CA SER G 249 37.45 -53.62 23.17
C SER G 249 38.47 -53.50 22.03
N LEU G 250 39.52 -54.33 22.05
CA LEU G 250 40.55 -54.28 21.00
C LEU G 250 39.98 -54.71 19.65
N MET G 251 39.33 -55.88 19.63
CA MET G 251 38.81 -56.52 18.41
C MET G 251 38.01 -55.54 17.53
N ASN G 252 37.16 -54.74 18.16
CA ASN G 252 36.32 -53.78 17.44
C ASN G 252 37.17 -52.66 16.85
N GLU G 253 38.17 -52.22 17.61
CA GLU G 253 39.16 -51.28 17.11
C GLU G 253 40.00 -51.88 15.96
N VAL G 254 40.57 -53.06 16.19
CA VAL G 254 41.31 -53.79 15.15
C VAL G 254 40.53 -53.91 13.85
N ASN G 255 39.24 -54.21 13.93
CA ASN G 255 38.41 -54.38 12.75
C ASN G 255 38.09 -53.06 12.07
N ALA G 256 38.15 -52.01 12.87
CA ALA G 256 37.98 -50.66 12.39
C ALA G 256 39.18 -50.26 11.52
N PHE G 257 40.39 -50.57 11.98
CA PHE G 257 41.58 -50.33 11.19
C PHE G 257 41.53 -51.02 9.81
N LEU G 258 41.22 -52.31 9.81
CA LEU G 258 41.28 -53.11 8.58
C LEU G 258 40.26 -52.73 7.53
N ASP G 259 39.08 -52.39 8.02
CA ASP G 259 37.98 -52.01 7.15
C ASP G 259 38.17 -50.59 6.54
N GLN G 260 38.64 -49.60 7.31
CA GLN G 260 38.89 -48.24 6.75
C GLN G 260 39.96 -48.41 5.68
N ALA G 261 40.90 -49.28 6.01
CA ALA G 261 42.02 -49.51 5.14
C ALA G 261 41.56 -50.31 3.93
N LYS G 262 40.38 -50.92 4.03
CA LYS G 262 39.77 -51.59 2.89
C LYS G 262 39.01 -50.62 1.96
N LYS G 263 38.54 -49.48 2.49
CA LYS G 263 37.84 -48.52 1.62
C LYS G 263 38.80 -47.40 1.20
N GLU G 264 40.01 -47.38 1.80
CA GLU G 264 40.98 -46.30 1.60
C GLU G 264 42.11 -46.73 0.67
N GLY G 265 42.04 -47.99 0.22
CA GLY G 265 42.96 -48.54 -0.78
C GLY G 265 44.27 -49.08 -0.23
N LEU G 266 44.52 -48.82 1.07
CA LEU G 266 45.78 -49.16 1.74
C LEU G 266 46.19 -50.61 1.58
N LEU G 267 45.23 -51.52 1.66
CA LEU G 267 45.50 -52.95 1.53
C LEU G 267 46.04 -53.21 0.15
N GLN G 268 45.35 -52.66 -0.83
CA GLN G 268 45.72 -52.95 -2.19
C GLN G 268 47.09 -52.41 -2.52
N ARG G 269 47.45 -51.23 -2.02
CA ARG G 269 48.83 -50.78 -2.22
C ARG G 269 49.78 -51.73 -1.46
N LEU G 270 49.49 -52.07 -0.21
CA LEU G 270 50.33 -53.09 0.46
C LEU G 270 50.36 -54.38 -0.31
N LYS G 271 49.18 -54.83 -0.74
CA LYS G 271 49.05 -56.08 -1.48
C LYS G 271 49.87 -55.99 -2.79
N ASP G 272 50.03 -54.77 -3.29
CA ASP G 272 50.69 -54.55 -4.57
C ASP G 272 52.21 -54.28 -4.44
N ARG G 273 52.64 -53.56 -3.40
CA ARG G 273 54.10 -53.43 -3.12
C ARG G 273 54.81 -54.77 -3.02
N TYR G 274 54.21 -55.71 -2.29
CA TYR G 274 54.84 -56.98 -1.95
C TYR G 274 54.53 -58.12 -2.93
N TYR G 275 53.25 -58.50 -3.06
CA TYR G 275 52.79 -59.55 -4.00
C TYR G 275 52.36 -58.96 -5.35
N GLY G 276 53.31 -58.50 -6.17
CA GLY G 276 54.69 -58.90 -6.02
C GLY G 276 55.37 -59.62 -7.16
N HIS G 277 55.68 -58.87 -8.22
CA HIS G 277 56.25 -59.44 -9.43
C HIS G 277 56.71 -58.30 -10.33
N VAL G 278 58.02 -58.18 -10.60
CA VAL G 278 59.13 -58.92 -9.97
C VAL G 278 60.46 -58.57 -10.70
N ASP G 279 61.59 -58.84 -10.05
CA ASP G 279 62.87 -58.21 -10.39
C ASP G 279 63.91 -59.12 -11.09
N VAL G 280 63.63 -59.51 -12.34
CA VAL G 280 64.50 -60.42 -13.11
C VAL G 280 64.39 -60.04 -14.60
N LEU G 281 65.25 -60.53 -15.49
CA LEU G 281 66.42 -61.38 -15.19
C LEU G 281 67.52 -60.68 -14.37
N GLY G 282 68.31 -61.48 -13.65
CA GLY G 282 69.59 -61.08 -13.11
C GLY G 282 70.67 -60.69 -14.13
N TYR G 283 70.97 -61.56 -15.10
CA TYR G 283 72.07 -61.30 -16.06
C TYR G 283 71.66 -61.25 -17.54
N VAL G 284 72.03 -60.13 -18.20
CA VAL G 284 71.75 -59.89 -19.62
C VAL G 284 72.77 -60.60 -20.52
N GLY G 285 72.31 -61.02 -21.68
CA GLY G 285 73.16 -61.39 -22.79
C GLY G 285 74.28 -60.44 -23.12
N ALA G 286 75.38 -60.97 -23.65
CA ALA G 286 76.52 -60.13 -24.01
C ALA G 286 76.23 -59.22 -25.21
N TYR G 287 75.44 -59.66 -26.19
CA TYR G 287 75.18 -58.69 -27.26
C TYR G 287 74.47 -57.47 -26.68
N THR G 288 73.40 -57.71 -25.94
CA THR G 288 72.50 -56.62 -25.54
C THR G 288 73.20 -55.69 -24.53
N PHE G 289 74.24 -56.23 -23.90
CA PHE G 289 75.08 -55.43 -23.04
C PHE G 289 75.91 -54.50 -23.93
N ALA G 290 76.47 -55.08 -24.97
CA ALA G 290 77.36 -54.37 -25.88
C ALA G 290 76.61 -53.22 -26.48
N GLN G 291 75.43 -53.55 -26.99
CA GLN G 291 74.45 -52.56 -27.30
C GLN G 291 74.45 -51.43 -26.26
N HIS G 292 74.06 -51.67 -25.02
CA HIS G 292 73.95 -50.55 -24.06
C HIS G 292 75.30 -49.85 -23.77
N LEU G 293 76.39 -50.58 -23.91
CA LEU G 293 77.72 -49.99 -23.75
C LEU G 293 77.83 -48.75 -24.65
N GLN G 294 77.26 -48.85 -25.83
CA GLN G 294 77.46 -47.79 -26.78
C GLN G 294 76.44 -46.67 -26.67
N GLN G 295 75.16 -46.96 -26.51
CA GLN G 295 74.18 -45.88 -26.39
C GLN G 295 74.12 -45.24 -24.95
N ARG G 296 74.39 -46.01 -23.89
CA ARG G 296 74.05 -45.52 -22.56
C ARG G 296 75.24 -45.14 -21.71
N LEU G 297 76.25 -46.00 -21.60
CA LEU G 297 77.37 -45.71 -20.71
C LEU G 297 77.95 -44.31 -20.95
N PRO G 298 77.98 -43.85 -22.24
CA PRO G 298 78.63 -42.58 -22.56
C PRO G 298 77.98 -41.36 -21.91
N ARG G 299 76.67 -41.43 -21.68
CA ARG G 299 75.99 -40.33 -21.01
C ARG G 299 76.52 -40.11 -19.62
N TYR G 300 77.12 -41.12 -19.04
CA TYR G 300 77.36 -41.08 -17.62
C TYR G 300 78.82 -41.31 -17.24
N GLU G 301 79.64 -41.72 -18.21
CA GLU G 301 81.02 -42.11 -17.92
C GLU G 301 81.75 -41.00 -17.18
N SER G 302 81.53 -39.79 -17.66
CA SER G 302 82.15 -38.62 -17.08
C SER G 302 81.95 -38.52 -15.57
N HIS G 303 80.71 -38.77 -15.15
CA HIS G 303 80.30 -38.76 -13.74
C HIS G 303 80.83 -39.94 -12.96
N PHE G 304 80.78 -41.12 -13.58
CA PHE G 304 81.32 -42.30 -12.94
C PHE G 304 82.79 -42.04 -12.72
N LYS G 305 83.43 -41.49 -13.76
CA LYS G 305 84.85 -41.22 -13.68
C LYS G 305 85.20 -40.24 -12.57
N GLN G 306 84.38 -39.20 -12.46
CA GLN G 306 84.65 -38.15 -11.52
C GLN G 306 84.37 -38.54 -10.06
N SER G 307 83.23 -39.18 -9.78
CA SER G 307 82.99 -39.60 -8.40
C SER G 307 84.01 -40.68 -8.05
N GLY G 308 84.39 -41.48 -9.02
CA GLY G 308 85.55 -42.35 -8.86
C GLY G 308 86.86 -41.69 -8.43
N LYS G 309 87.23 -40.59 -9.11
CA LYS G 309 88.45 -39.87 -8.74
C LYS G 309 88.24 -39.35 -7.34
N GLN G 310 87.10 -38.70 -7.18
CA GLN G 310 86.77 -38.01 -5.94
C GLN G 310 86.85 -38.90 -4.71
N LYS G 311 86.57 -40.19 -4.86
CA LYS G 311 86.49 -41.11 -3.72
C LYS G 311 87.48 -42.30 -3.72
N ASP G 312 88.56 -42.14 -4.51
CA ASP G 312 89.67 -43.11 -4.59
C ASP G 312 89.14 -44.52 -4.87
N THR G 313 88.53 -44.70 -6.03
CA THR G 313 87.97 -45.99 -6.35
C THR G 313 87.91 -46.21 -7.87
N ASP G 314 87.93 -47.47 -8.32
CA ASP G 314 87.85 -47.77 -9.75
C ASP G 314 86.49 -47.37 -10.27
N TRP G 315 86.45 -46.50 -11.28
CA TRP G 315 85.14 -46.08 -11.78
C TRP G 315 84.34 -47.21 -12.42
N ARG G 316 84.99 -48.23 -12.92
CA ARG G 316 84.22 -49.24 -13.60
C ARG G 316 83.39 -50.10 -12.64
N LEU G 317 83.83 -50.27 -11.39
CA LEU G 317 83.01 -50.98 -10.42
C LEU G 317 81.79 -50.18 -10.06
N LEU G 318 81.96 -48.86 -9.94
CA LEU G 318 80.81 -47.99 -9.72
C LEU G 318 79.86 -48.20 -10.87
N ALA G 319 80.39 -48.20 -12.10
CA ALA G 319 79.53 -48.30 -13.26
C ALA G 319 78.86 -49.67 -13.38
N ALA G 320 79.55 -50.72 -12.96
CA ALA G 320 78.95 -52.05 -12.96
C ALA G 320 77.84 -52.11 -11.89
N ILE G 321 78.11 -51.57 -10.68
CA ILE G 321 77.08 -51.40 -9.65
C ILE G 321 75.87 -50.73 -10.29
N GLY G 322 76.17 -49.63 -10.97
CA GLY G 322 75.19 -48.89 -11.73
C GLY G 322 74.50 -49.73 -12.79
N TYR G 323 75.22 -50.71 -13.35
CA TYR G 323 74.58 -51.48 -14.39
C TYR G 323 73.55 -52.46 -13.79
N GLN G 324 73.98 -53.27 -12.81
CA GLN G 324 73.07 -54.20 -12.14
C GLN G 324 71.86 -53.51 -11.56
N GLU G 325 72.03 -52.28 -11.12
CA GLU G 325 70.95 -51.54 -10.47
C GLU G 325 69.80 -51.07 -11.37
N SER G 326 70.14 -50.41 -12.46
CA SER G 326 69.14 -49.74 -13.28
C SER G 326 69.31 -49.94 -14.79
N LEU G 327 70.33 -50.70 -15.18
CA LEU G 327 70.79 -50.79 -16.58
C LEU G 327 71.11 -49.41 -17.22
N TRP G 328 71.66 -48.48 -16.40
CA TRP G 328 72.09 -47.14 -16.83
C TRP G 328 70.88 -46.35 -17.38
N GLN G 329 69.79 -46.39 -16.62
CA GLN G 329 68.54 -45.68 -16.92
C GLN G 329 68.14 -44.75 -15.77
N PRO G 330 68.29 -43.44 -15.97
CA PRO G 330 68.19 -42.49 -14.85
C PRO G 330 66.78 -42.31 -14.32
N GLY G 331 65.78 -42.74 -15.09
CA GLY G 331 64.39 -42.66 -14.68
C GLY G 331 63.85 -43.94 -14.10
N ALA G 332 64.76 -44.86 -13.82
CA ALA G 332 64.40 -46.19 -13.36
C ALA G 332 63.70 -46.16 -12.01
N THR G 333 62.76 -47.07 -11.78
CA THR G 333 62.04 -47.06 -10.49
C THR G 333 61.58 -48.44 -10.16
N SER G 334 61.16 -48.62 -8.92
CA SER G 334 60.71 -49.92 -8.50
C SER G 334 59.46 -49.69 -7.59
N LYS G 335 58.55 -50.65 -7.49
CA LYS G 335 57.48 -50.54 -6.51
C LYS G 335 58.02 -50.45 -5.08
N THR G 336 59.24 -50.94 -4.87
CA THR G 336 59.91 -50.96 -3.56
C THR G 336 60.38 -49.59 -2.99
N GLY G 337 60.27 -48.55 -3.81
CA GLY G 337 60.59 -47.19 -3.40
C GLY G 337 62.01 -46.74 -3.70
N VAL G 338 62.68 -47.50 -4.54
CA VAL G 338 63.97 -47.08 -5.02
C VAL G 338 63.80 -46.38 -6.33
N ARG G 339 64.80 -45.59 -6.68
CA ARG G 339 64.73 -44.74 -7.86
C ARG G 339 66.12 -44.24 -8.24
N GLY G 340 66.33 -44.13 -9.54
CA GLY G 340 67.51 -43.49 -10.12
C GLY G 340 68.65 -44.37 -10.55
N LEU G 341 69.69 -43.73 -11.04
CA LEU G 341 70.75 -44.48 -11.71
C LEU G 341 71.35 -45.53 -10.81
N MET G 342 71.47 -45.21 -9.54
CA MET G 342 71.96 -46.16 -8.55
C MET G 342 70.84 -46.70 -7.64
N MET G 343 69.57 -46.45 -8.02
CA MET G 343 68.38 -46.99 -7.32
C MET G 343 68.43 -46.86 -5.78
N LEU G 344 68.51 -45.61 -5.32
CA LEU G 344 68.53 -45.26 -3.89
C LEU G 344 67.12 -45.13 -3.28
N THR G 345 67.02 -45.54 -2.02
CA THR G 345 65.86 -45.25 -1.17
C THR G 345 65.80 -43.79 -0.81
N ASN G 346 64.62 -43.26 -0.53
CA ASN G 346 64.53 -41.86 -0.09
C ASN G 346 65.46 -41.50 1.04
N ARG G 347 65.50 -42.35 2.06
CA ARG G 347 66.31 -42.07 3.23
C ARG G 347 67.81 -42.12 2.85
N THR G 348 68.24 -43.08 2.03
CA THR G 348 69.66 -43.15 1.72
C THR G 348 70.11 -41.97 0.84
N ALA G 349 69.24 -41.53 -0.06
CA ALA G 349 69.56 -40.40 -0.94
C ALA G 349 69.85 -39.13 -0.16
N GLN G 350 68.98 -38.85 0.80
CA GLN G 350 69.17 -37.72 1.70
C GLN G 350 70.44 -37.84 2.55
N ALA G 351 70.68 -39.00 3.14
CA ALA G 351 71.90 -39.17 3.91
C ALA G 351 73.10 -38.96 3.04
N MET G 352 73.00 -39.22 1.75
CA MET G 352 74.18 -39.11 0.94
C MET G 352 74.27 -37.76 0.29
N GLY G 353 73.30 -36.89 0.60
CA GLY G 353 73.31 -35.54 0.06
C GLY G 353 72.60 -35.40 -1.26
N VAL G 354 71.77 -36.39 -1.58
CA VAL G 354 71.12 -36.42 -2.88
C VAL G 354 69.79 -35.72 -2.74
N SER G 355 69.64 -34.66 -3.52
CA SER G 355 68.48 -33.80 -3.38
C SER G 355 67.47 -34.07 -4.51
N ASN G 356 67.94 -34.71 -5.57
CA ASN G 356 67.04 -35.19 -6.61
C ASN G 356 67.52 -36.55 -7.17
N ARG G 357 66.85 -37.62 -6.77
CA ARG G 357 67.27 -38.94 -7.19
C ARG G 357 67.26 -39.09 -8.70
N LEU G 358 66.49 -38.25 -9.39
CA LEU G 358 66.38 -38.42 -10.83
C LEU G 358 67.51 -37.71 -11.61
N ASP G 359 68.29 -36.87 -10.92
CA ASP G 359 69.50 -36.27 -11.52
C ASP G 359 70.60 -37.34 -11.52
N PRO G 360 71.03 -37.76 -12.72
CA PRO G 360 71.97 -38.88 -12.89
C PRO G 360 73.29 -38.63 -12.20
N LYS G 361 73.81 -37.41 -12.32
CA LYS G 361 75.09 -37.11 -11.73
C LYS G 361 74.97 -37.29 -10.22
N GLN G 362 73.92 -36.71 -9.63
CA GLN G 362 73.75 -36.75 -8.17
C GLN G 362 73.55 -38.18 -7.71
N SER G 363 72.71 -38.91 -8.42
CA SER G 363 72.41 -40.26 -8.01
C SER G 363 73.69 -41.10 -8.05
N ILE G 364 74.43 -41.02 -9.16
CA ILE G 364 75.70 -41.76 -9.32
C ILE G 364 76.67 -41.44 -8.19
N GLN G 365 76.80 -40.15 -7.90
CA GLN G 365 77.65 -39.68 -6.82
C GLN G 365 77.18 -40.12 -5.45
N GLY G 366 75.88 -40.08 -5.24
CA GLY G 366 75.33 -40.43 -3.94
C GLY G 366 75.44 -41.93 -3.73
N GLY G 367 75.23 -42.69 -4.82
CA GLY G 367 75.35 -44.14 -4.78
C GLY G 367 76.76 -44.64 -4.57
N SER G 368 77.72 -43.97 -5.18
CA SER G 368 79.13 -44.30 -5.01
C SER G 368 79.57 -43.98 -3.58
N LYS G 369 79.15 -42.82 -3.12
CA LYS G 369 79.36 -42.43 -1.75
C LYS G 369 78.80 -43.50 -0.83
N TYR G 370 77.60 -44.00 -1.11
CA TYR G 370 77.01 -45.05 -0.27
C TYR G 370 77.83 -46.33 -0.25
N PHE G 371 78.25 -46.79 -1.42
CA PHE G 371 79.04 -48.02 -1.52
C PHE G 371 80.36 -47.88 -0.84
N VAL G 372 81.04 -46.78 -1.12
CA VAL G 372 82.35 -46.56 -0.56
C VAL G 372 82.29 -46.43 0.96
N GLN G 373 81.28 -45.75 1.50
CA GLN G 373 81.17 -45.71 2.94
C GLN G 373 80.85 -47.08 3.49
N ILE G 374 79.98 -47.82 2.83
CA ILE G 374 79.69 -49.17 3.30
C ILE G 374 80.98 -50.00 3.34
N ARG G 375 81.85 -49.84 2.35
CA ARG G 375 83.12 -50.56 2.37
C ARG G 375 84.04 -50.14 3.53
N SER G 376 84.00 -48.85 3.89
CA SER G 376 84.85 -48.32 4.99
C SER G 376 84.49 -48.88 6.33
N GLU G 377 83.24 -49.27 6.51
CA GLU G 377 82.76 -49.77 7.80
C GLU G 377 83.01 -51.24 8.02
N LEU G 378 83.41 -51.95 6.96
CA LEU G 378 83.71 -53.37 7.10
C LEU G 378 84.84 -53.54 8.07
N PRO G 379 84.75 -54.59 8.91
CA PRO G 379 85.77 -55.03 9.85
C PRO G 379 87.14 -54.86 9.23
N GLU G 380 88.05 -54.34 10.05
CA GLU G 380 89.36 -53.99 9.56
C GLU G 380 90.13 -55.23 9.02
N SER G 381 89.77 -56.41 9.55
CA SER G 381 90.41 -57.71 9.26
C SER G 381 90.23 -58.22 7.84
N ILE G 382 89.24 -57.66 7.15
CA ILE G 382 88.88 -58.02 5.79
C ILE G 382 89.68 -57.21 4.80
N LYS G 383 90.56 -57.88 4.07
CA LYS G 383 91.50 -57.18 3.20
C LYS G 383 90.98 -57.21 1.77
N GLU G 384 91.54 -56.37 0.92
CA GLU G 384 91.19 -56.45 -0.51
C GLU G 384 91.77 -57.75 -1.07
N PRO G 385 91.23 -58.22 -2.20
CA PRO G 385 90.12 -57.59 -2.91
C PRO G 385 88.79 -58.09 -2.34
N ASP G 386 88.85 -59.10 -1.48
CA ASP G 386 87.65 -59.60 -0.86
C ASP G 386 86.94 -58.43 -0.26
N ARG G 387 87.71 -57.44 0.19
CA ARG G 387 87.09 -56.35 0.92
C ARG G 387 85.97 -55.68 0.05
N SER G 388 86.24 -55.44 -1.21
CA SER G 388 85.26 -54.85 -2.10
C SER G 388 84.04 -55.76 -2.33
N TRP G 389 84.28 -57.07 -2.42
CA TRP G 389 83.20 -58.02 -2.66
C TRP G 389 82.24 -58.04 -1.46
N PHE G 390 82.80 -58.07 -0.26
CA PHE G 390 81.95 -57.98 0.91
C PHE G 390 81.12 -56.71 0.90
N ALA G 391 81.71 -55.64 0.41
CA ALA G 391 81.00 -54.39 0.41
C ALA G 391 79.80 -54.45 -0.51
N LEU G 392 79.95 -55.04 -1.70
CA LEU G 392 78.82 -55.15 -2.64
C LEU G 392 77.70 -55.89 -1.97
N ALA G 393 78.12 -56.88 -1.19
CA ALA G 393 77.23 -57.77 -0.49
C ALA G 393 76.44 -57.01 0.54
N ALA G 394 77.15 -56.19 1.30
CA ALA G 394 76.52 -55.43 2.33
C ALA G 394 75.68 -54.32 1.66
N TYR G 395 76.21 -53.73 0.59
CA TYR G 395 75.48 -52.74 -0.23
C TYR G 395 74.06 -53.26 -0.57
N ASN G 396 73.95 -54.58 -0.71
CA ASN G 396 72.71 -55.24 -1.12
C ASN G 396 71.86 -55.78 0.01
N ILE G 397 72.49 -56.49 0.93
CA ILE G 397 71.80 -57.26 1.96
C ILE G 397 71.81 -56.52 3.30
N GLY G 398 72.67 -55.51 3.39
CA GLY G 398 72.89 -54.77 4.63
C GLY G 398 73.95 -55.38 5.50
N GLY G 399 74.75 -54.54 6.15
CA GLY G 399 75.87 -55.02 6.93
C GLY G 399 75.48 -55.96 8.06
N ALA G 400 74.24 -55.79 8.53
CA ALA G 400 73.73 -56.53 9.65
C ALA G 400 73.67 -58.02 9.30
N HIS G 401 72.94 -58.35 8.25
CA HIS G 401 72.94 -59.71 7.72
C HIS G 401 74.29 -60.25 7.33
N LEU G 402 75.09 -59.39 6.70
CA LEU G 402 76.40 -59.83 6.29
C LEU G 402 77.19 -60.27 7.50
N GLU G 403 76.97 -59.64 8.63
CA GLU G 403 77.80 -60.03 9.75
C GLU G 403 77.49 -61.41 10.34
N ASP G 404 76.25 -61.71 10.74
CA ASP G 404 75.93 -63.07 11.25
C ASP G 404 76.16 -64.06 10.11
N ALA G 405 76.06 -63.57 8.89
CA ALA G 405 76.49 -64.45 7.80
C ALA G 405 77.97 -64.76 8.02
N ARG G 406 78.77 -63.75 8.36
CA ARG G 406 80.20 -63.96 8.58
C ARG G 406 80.51 -64.79 9.80
N LYS G 407 79.79 -64.55 10.89
CA LYS G 407 79.98 -65.26 12.15
C LYS G 407 79.80 -66.72 11.89
N MET G 408 78.74 -67.03 11.16
CA MET G 408 78.35 -68.39 10.79
C MET G 408 79.51 -69.12 10.10
N ALA G 409 80.19 -68.38 9.24
CA ALA G 409 81.34 -68.88 8.52
C ALA G 409 82.45 -69.29 9.48
N GLU G 410 82.67 -68.48 10.52
CA GLU G 410 83.64 -68.78 11.57
C GLU G 410 83.36 -70.11 12.29
N LYS G 411 82.17 -70.25 12.89
CA LYS G 411 81.75 -71.50 13.56
C LYS G 411 81.84 -72.71 12.65
N GLU G 412 81.66 -72.50 11.34
CA GLU G 412 81.70 -73.60 10.38
C GLU G 412 83.16 -73.89 10.07
N GLY G 413 84.04 -73.20 10.80
CA GLY G 413 85.46 -73.33 10.62
C GLY G 413 85.96 -72.75 9.32
N LEU G 414 85.21 -71.84 8.73
CA LEU G 414 85.67 -71.18 7.51
C LEU G 414 86.30 -69.82 7.80
N ASN G 415 86.93 -69.23 6.79
CA ASN G 415 87.56 -67.94 6.97
C ASN G 415 86.61 -66.79 6.75
N PRO G 416 86.27 -66.09 7.82
CA PRO G 416 85.24 -65.03 7.76
C PRO G 416 85.70 -63.77 7.03
N ASN G 417 86.96 -63.78 6.60
CA ASN G 417 87.52 -62.65 5.88
C ASN G 417 87.74 -62.97 4.42
N LYS G 418 87.24 -64.13 4.01
CA LYS G 418 87.37 -64.51 2.62
C LYS G 418 86.01 -64.58 1.90
N TRP G 419 85.86 -63.82 0.82
CA TRP G 419 84.55 -63.72 0.18
C TRP G 419 84.10 -65.08 -0.28
N LEU G 420 85.05 -65.82 -0.81
CA LEU G 420 84.77 -67.13 -1.35
C LEU G 420 84.19 -68.08 -0.31
N ASP G 421 84.53 -67.88 0.97
CA ASP G 421 84.02 -68.73 2.05
C ASP G 421 82.69 -68.18 2.57
N VAL G 422 82.65 -66.89 2.87
CA VAL G 422 81.47 -66.33 3.48
C VAL G 422 80.33 -66.41 2.48
N LYS G 423 80.68 -66.41 1.21
CA LYS G 423 79.69 -66.44 0.14
C LYS G 423 78.88 -67.73 0.17
N LYS G 424 79.47 -68.81 0.69
CA LYS G 424 78.74 -70.09 0.85
C LYS G 424 77.72 -70.05 1.99
N MET G 425 78.00 -69.27 3.03
CA MET G 425 77.08 -69.25 4.12
C MET G 425 75.90 -68.38 3.78
N LEU G 426 76.08 -67.32 2.98
CA LEU G 426 75.00 -66.34 2.81
C LEU G 426 73.62 -66.89 2.44
N PRO G 427 73.56 -67.86 1.49
CA PRO G 427 72.24 -68.41 1.08
C PRO G 427 71.52 -69.14 2.21
N ARG G 428 72.24 -69.43 3.26
CA ARG G 428 71.66 -70.12 4.36
C ARG G 428 70.84 -69.16 5.18
N LEU G 429 71.01 -67.86 4.99
CA LEU G 429 70.16 -66.97 5.78
C LEU G 429 68.70 -67.03 5.34
N ALA G 430 68.46 -67.74 4.26
CA ALA G 430 67.12 -67.89 3.71
C ALA G 430 66.53 -69.22 4.07
N GLN G 431 67.22 -69.93 4.96
CA GLN G 431 66.83 -71.26 5.39
C GLN G 431 66.56 -71.27 6.89
N LYS G 432 65.32 -71.46 7.31
CA LYS G 432 64.93 -71.32 8.71
C LYS G 432 65.76 -72.13 9.68
N GLN G 433 66.08 -73.37 9.31
CA GLN G 433 66.91 -74.16 10.17
C GLN G 433 68.16 -73.37 10.59
N TRP G 434 68.62 -72.49 9.71
CA TRP G 434 69.82 -71.68 9.96
C TRP G 434 69.55 -70.28 10.47
N TYR G 435 68.62 -69.58 9.85
CA TYR G 435 68.50 -68.16 10.14
C TYR G 435 67.88 -67.96 11.50
N ALA G 436 67.22 -68.97 12.01
CA ALA G 436 66.67 -68.87 13.35
C ALA G 436 67.78 -68.80 14.39
N LYS G 437 68.94 -69.36 14.06
CA LYS G 437 70.12 -69.31 14.92
C LYS G 437 70.97 -68.02 14.76
N THR G 438 70.56 -67.09 13.91
CA THR G 438 71.35 -65.90 13.71
C THR G 438 70.70 -64.75 14.44
N ARG G 439 71.42 -63.64 14.58
CA ARG G 439 70.94 -62.52 15.36
C ARG G 439 69.80 -61.73 14.68
N TYR G 440 69.92 -61.47 13.37
CA TYR G 440 69.00 -60.59 12.66
C TYR G 440 68.09 -61.42 11.75
N GLY G 441 68.27 -62.74 11.79
CA GLY G 441 67.35 -63.67 11.16
C GLY G 441 67.37 -63.82 9.64
N TYR G 442 66.17 -64.08 9.10
CA TYR G 442 65.97 -64.39 7.69
C TYR G 442 66.42 -63.27 6.82
N ALA G 443 67.14 -63.65 5.74
CA ALA G 443 67.48 -62.74 4.64
C ALA G 443 67.55 -63.50 3.35
N ARG G 444 67.15 -62.85 2.25
CA ARG G 444 67.09 -63.56 0.97
C ARG G 444 68.46 -63.65 0.38
N GLY G 445 69.30 -64.39 1.10
CA GLY G 445 70.73 -64.43 0.93
C GLY G 445 71.20 -64.94 -0.40
N GLY G 446 70.33 -65.67 -1.09
CA GLY G 446 70.77 -66.22 -2.35
C GLY G 446 70.90 -65.11 -3.36
N GLU G 447 70.09 -64.08 -3.21
CA GLU G 447 70.13 -63.00 -4.18
C GLU G 447 71.32 -62.09 -3.94
N THR G 448 71.72 -61.98 -2.69
CA THR G 448 72.90 -61.21 -2.40
C THR G 448 74.07 -61.84 -3.11
N VAL G 449 74.13 -63.17 -3.10
CA VAL G 449 75.21 -63.81 -3.83
C VAL G 449 75.06 -63.50 -5.30
N HIS G 450 73.84 -63.57 -5.82
CA HIS G 450 73.62 -63.28 -7.22
C HIS G 450 73.99 -61.87 -7.53
N PHE G 451 73.57 -60.93 -6.69
CA PHE G 451 73.86 -59.52 -6.94
C PHE G 451 75.37 -59.33 -7.09
N VAL G 452 76.14 -59.83 -6.14
CA VAL G 452 77.57 -59.68 -6.17
C VAL G 452 78.23 -60.26 -7.39
N GLN G 453 77.84 -61.46 -7.78
N GLN G 453 77.86 -61.48 -7.72
CA GLN G 453 78.58 -62.06 -8.87
CA GLN G 453 78.44 -62.12 -8.88
C GLN G 453 78.09 -61.56 -10.24
C GLN G 453 78.21 -61.27 -10.11
N ASN G 454 76.98 -60.81 -10.28
CA ASN G 454 76.63 -60.05 -11.48
C ASN G 454 77.43 -58.77 -11.66
N VAL G 455 77.59 -58.02 -10.58
CA VAL G 455 78.30 -56.78 -10.64
C VAL G 455 79.74 -57.09 -10.95
N ARG G 456 80.27 -58.18 -10.42
CA ARG G 456 81.65 -58.53 -10.76
C ARG G 456 81.75 -58.92 -12.23
N ARG G 457 80.72 -59.58 -12.75
CA ARG G 457 80.72 -59.93 -14.13
C ARG G 457 80.81 -58.64 -14.93
N TYR G 458 79.98 -57.66 -14.62
CA TYR G 458 79.99 -56.44 -15.42
C TYR G 458 81.29 -55.65 -15.36
N TYR G 459 81.92 -55.71 -14.20
CA TYR G 459 83.16 -55.01 -13.94
C TYR G 459 84.26 -55.57 -14.84
N ASP G 460 84.31 -56.88 -14.88
CA ASP G 460 85.28 -57.55 -15.70
C ASP G 460 85.06 -57.22 -17.15
N ILE G 461 83.82 -57.23 -17.57
CA ILE G 461 83.57 -56.81 -18.92
C ILE G 461 84.07 -55.39 -19.14
N LEU G 462 83.70 -54.49 -18.24
CA LEU G 462 84.09 -53.10 -18.43
C LEU G 462 85.59 -52.91 -18.51
N THR G 463 86.33 -53.56 -17.61
CA THR G 463 87.80 -53.46 -17.64
C THR G 463 88.37 -54.06 -18.93
N TRP G 464 87.84 -55.22 -19.36
CA TRP G 464 88.30 -55.95 -20.55
C TRP G 464 88.18 -55.13 -21.84
N VAL G 465 87.19 -54.27 -21.90
CA VAL G 465 86.98 -53.46 -23.07
C VAL G 465 87.76 -52.15 -22.98
N THR G 466 88.72 -52.10 -22.05
CA THR G 466 89.58 -50.93 -21.89
C THR G 466 90.99 -51.44 -21.52
N GLN G 467 92.04 -50.65 -21.75
CA GLN G 467 93.40 -50.93 -21.20
C GLN G 467 94.43 -49.89 -21.65
N GLY H 52 -3.50 17.80 -45.85
CA GLY H 52 -4.25 17.39 -44.67
C GLY H 52 -3.46 17.81 -43.45
N VAL H 53 -3.24 19.13 -43.37
CA VAL H 53 -2.41 19.76 -42.35
C VAL H 53 -2.92 21.14 -41.94
N LEU H 54 -3.39 21.27 -40.71
CA LEU H 54 -3.73 22.60 -40.17
C LEU H 54 -2.48 23.35 -39.71
N ARG H 55 -2.18 24.46 -40.37
CA ARG H 55 -1.07 25.32 -39.97
C ARG H 55 -1.51 26.38 -38.97
N VAL H 56 -0.91 26.35 -37.78
CA VAL H 56 -1.16 27.36 -36.74
C VAL H 56 0.10 28.15 -36.47
N ILE H 57 -0.01 29.47 -36.54
CA ILE H 57 1.10 30.36 -36.20
C ILE H 57 0.94 30.88 -34.75
N THR H 58 2.04 30.92 -33.99
CA THR H 58 1.98 31.43 -32.62
C THR H 58 3.26 32.15 -32.21
N ARG H 59 3.30 32.65 -30.98
CA ARG H 59 4.53 33.25 -30.51
C ARG H 59 5.24 32.18 -29.69
N ASN H 60 6.57 32.17 -29.76
CA ASN H 60 7.38 31.28 -28.94
C ASN H 60 7.52 31.76 -27.50
N SER H 61 6.72 31.23 -26.60
CA SER H 61 6.77 31.71 -25.22
C SER H 61 6.10 30.77 -24.20
N PRO H 62 6.44 31.00 -22.94
CA PRO H 62 5.93 30.11 -21.91
C PRO H 62 4.41 30.18 -21.85
N ALA H 63 3.78 31.25 -22.30
CA ALA H 63 2.32 31.31 -22.19
C ALA H 63 1.54 30.70 -23.35
N THR H 64 2.25 30.37 -24.43
CA THR H 64 1.61 30.00 -25.68
C THR H 64 2.13 28.68 -26.24
N TYR H 65 3.41 28.64 -26.60
CA TYR H 65 4.01 27.47 -27.23
C TYR H 65 5.50 27.34 -27.06
N PHE H 66 6.00 26.16 -26.70
CA PHE H 66 7.44 25.96 -26.67
C PHE H 66 7.86 24.49 -26.51
N GLN H 67 9.16 24.24 -26.50
CA GLN H 67 9.68 22.90 -26.22
C GLN H 67 10.27 22.74 -24.83
N ASP H 68 9.81 21.71 -24.14
CA ASP H 68 10.46 21.29 -22.93
C ASP H 68 11.19 19.97 -23.20
N ARG H 69 11.55 19.27 -22.16
CA ARG H 69 12.34 18.05 -22.26
C ARG H 69 11.47 16.92 -22.77
N ASN H 70 10.16 17.10 -22.67
CA ASN H 70 9.18 16.11 -23.16
C ASN H 70 8.66 16.33 -24.59
N GLY H 71 9.20 17.32 -25.30
CA GLY H 71 8.69 17.72 -26.60
C GLY H 71 7.95 19.07 -26.59
N GLU H 72 6.99 19.22 -27.49
CA GLU H 72 6.26 20.46 -27.61
C GLU H 72 5.25 20.58 -26.47
N THR H 73 4.96 21.80 -26.04
CA THR H 73 4.09 22.03 -24.89
C THR H 73 3.50 23.45 -24.83
N GLY H 74 2.61 23.73 -23.87
CA GLY H 74 2.02 25.06 -23.73
C GLY H 74 0.52 25.18 -23.95
N PHE H 75 -0.12 26.15 -23.29
CA PHE H 75 -1.56 26.40 -23.38
C PHE H 75 -2.06 26.54 -24.82
N GLU H 76 -1.51 27.46 -25.59
CA GLU H 76 -2.05 27.61 -26.93
C GLU H 76 -1.86 26.34 -27.74
N TYR H 77 -0.69 25.73 -27.61
CA TYR H 77 -0.36 24.55 -28.39
C TYR H 77 -1.32 23.40 -28.14
N GLU H 78 -1.69 23.19 -26.88
CA GLU H 78 -2.53 22.05 -26.60
C GLU H 78 -3.89 22.31 -27.19
N LEU H 79 -4.47 23.47 -26.88
CA LEU H 79 -5.75 23.87 -27.46
C LEU H 79 -5.74 23.73 -28.98
N ALA H 80 -4.65 24.15 -29.62
CA ALA H 80 -4.51 24.04 -31.08
C ALA H 80 -4.38 22.61 -31.52
N LYS H 81 -3.81 21.78 -30.66
CA LYS H 81 -3.60 20.40 -31.00
C LYS H 81 -4.92 19.66 -30.81
N ARG H 82 -5.56 19.91 -29.67
CA ARG H 82 -6.84 19.29 -29.37
C ARG H 82 -7.83 19.72 -30.48
N PHE H 83 -7.52 20.79 -31.17
CA PHE H 83 -8.39 21.21 -32.25
C PHE H 83 -8.09 20.44 -33.52
N ALA H 84 -6.82 20.29 -33.87
CA ALA H 84 -6.51 19.63 -35.13
C ALA H 84 -6.90 18.16 -35.08
N GLU H 85 -6.90 17.60 -33.88
CA GLU H 85 -7.27 16.22 -33.75
C GLU H 85 -8.76 16.14 -34.02
N ARG H 86 -9.48 17.09 -33.46
CA ARG H 86 -10.94 17.22 -33.63
C ARG H 86 -11.37 17.56 -35.07
N LEU H 87 -10.41 17.79 -35.96
CA LEU H 87 -10.71 17.97 -37.39
C LEU H 87 -10.14 16.83 -38.20
N GLY H 88 -9.43 15.93 -37.50
CA GLY H 88 -8.71 14.84 -38.12
C GLY H 88 -7.63 15.21 -39.13
N VAL H 89 -6.80 16.19 -38.77
CA VAL H 89 -5.65 16.60 -39.60
C VAL H 89 -4.33 16.72 -38.79
N GLU H 90 -3.20 16.76 -39.49
CA GLU H 90 -1.90 16.94 -38.84
C GLU H 90 -1.69 18.39 -38.40
N LEU H 91 -1.26 18.62 -37.16
CA LEU H 91 -0.95 19.99 -36.70
C LEU H 91 0.45 20.46 -37.05
N LYS H 92 0.57 21.58 -37.77
CA LYS H 92 1.88 22.19 -38.00
C LYS H 92 2.06 23.57 -37.34
N ILE H 93 2.94 23.66 -36.35
CA ILE H 93 3.18 24.96 -35.74
C ILE H 93 4.22 25.78 -36.52
N GLU H 94 3.93 27.07 -36.63
CA GLU H 94 4.84 28.07 -37.18
C GLU H 94 5.09 29.18 -36.16
N THR H 95 6.29 29.75 -36.15
CA THR H 95 6.60 30.72 -35.11
C THR H 95 6.74 32.13 -35.67
N ALA H 96 6.09 33.09 -35.03
CA ALA H 96 6.22 34.48 -35.46
C ALA H 96 7.30 35.13 -34.64
N ASP H 97 8.08 36.04 -35.25
CA ASP H 97 9.24 36.70 -34.61
C ASP H 97 8.83 37.74 -33.60
N ASN H 98 7.62 38.24 -33.80
CA ASN H 98 6.99 39.27 -32.99
C ASN H 98 5.52 39.33 -33.39
N LEU H 99 4.77 40.22 -32.73
CA LEU H 99 3.35 40.35 -33.02
C LEU H 99 3.06 40.88 -34.44
N ASP H 100 3.90 41.81 -34.91
CA ASP H 100 3.68 42.40 -36.23
C ASP H 100 3.86 41.32 -37.26
N ASP H 101 4.82 40.45 -37.02
CA ASP H 101 5.14 39.39 -37.99
C ASP H 101 4.01 38.39 -37.93
N LEU H 102 3.49 38.17 -36.73
CA LEU H 102 2.35 37.29 -36.56
C LEU H 102 1.16 37.73 -37.39
N TYR H 103 0.77 38.99 -37.26
CA TYR H 103 -0.37 39.46 -38.05
C TYR H 103 0.00 39.56 -39.55
N ALA H 104 1.27 39.86 -39.82
CA ALA H 104 1.82 40.00 -41.17
C ALA H 104 1.73 38.66 -41.95
N GLN H 105 2.09 37.56 -41.29
CA GLN H 105 2.02 36.21 -41.84
C GLN H 105 0.58 35.78 -42.09
N LEU H 106 -0.27 36.14 -41.13
CA LEU H 106 -1.66 35.73 -41.06
C LEU H 106 -2.55 36.27 -42.17
N SER H 107 -2.08 37.33 -42.78
CA SER H 107 -2.90 38.13 -43.65
C SER H 107 -2.34 38.09 -45.05
N ARG H 108 -1.20 37.46 -45.19
CA ARG H 108 -0.52 37.40 -46.49
C ARG H 108 -0.96 36.18 -47.36
N GLU H 109 -0.55 36.22 -48.62
CA GLU H 109 -0.66 35.14 -49.60
C GLU H 109 -0.44 33.75 -49.00
N GLY H 110 -1.22 32.76 -49.41
CA GLY H 110 -1.24 31.42 -48.84
C GLY H 110 -0.45 31.14 -47.56
N GLY H 111 -0.83 31.82 -46.48
CA GLY H 111 -0.16 31.70 -45.19
C GLY H 111 -0.87 30.75 -44.26
N PRO H 112 -0.60 30.88 -42.95
CA PRO H 112 -1.13 29.98 -41.93
C PRO H 112 -2.63 30.08 -41.81
N ALA H 113 -3.27 28.97 -41.43
CA ALA H 113 -4.73 28.91 -41.28
C ALA H 113 -5.29 29.90 -40.25
N LEU H 114 -4.71 29.90 -39.05
CA LEU H 114 -5.18 30.71 -37.94
C LEU H 114 -4.02 30.99 -37.02
N ALA H 115 -4.14 31.98 -36.14
CA ALA H 115 -3.12 32.24 -35.11
C ALA H 115 -3.64 32.02 -33.69
N ALA H 116 -2.96 31.16 -32.93
CA ALA H 116 -3.38 30.93 -31.53
C ALA H 116 -2.30 31.33 -30.56
N ALA H 117 -2.49 32.44 -29.88
CA ALA H 117 -1.33 33.06 -29.27
C ALA H 117 -1.73 34.09 -28.21
N GLY H 118 -2.86 33.84 -27.60
CA GLY H 118 -3.38 34.73 -26.58
C GLY H 118 -3.58 36.15 -27.04
N LEU H 119 -4.26 36.31 -28.16
CA LEU H 119 -4.44 37.65 -28.65
C LEU H 119 -5.68 38.28 -28.05
N THR H 120 -5.56 39.58 -27.79
CA THR H 120 -6.68 40.44 -27.44
C THR H 120 -7.20 41.06 -28.76
N PRO H 121 -8.47 40.85 -29.11
CA PRO H 121 -9.09 41.28 -30.37
C PRO H 121 -9.16 42.77 -30.64
N GLY H 122 -9.48 43.13 -31.88
CA GLY H 122 -9.36 44.49 -32.39
C GLY H 122 -10.62 45.33 -32.16
N ARG H 123 -11.10 46.02 -33.19
CA ARG H 123 -11.93 47.22 -32.98
C ARG H 123 -13.45 47.18 -32.69
N GLU H 124 -14.30 46.42 -33.37
CA GLU H 124 -14.01 45.69 -34.58
C GLU H 124 -14.64 46.41 -35.74
N ASP H 125 -14.10 47.54 -36.16
CA ASP H 125 -14.63 48.18 -37.36
C ASP H 125 -13.55 47.91 -38.42
N ASP H 126 -12.40 47.41 -37.93
CA ASP H 126 -11.40 46.77 -38.80
C ASP H 126 -11.78 45.30 -39.02
N ALA H 127 -11.95 44.94 -40.28
CA ALA H 127 -12.31 43.58 -40.68
C ALA H 127 -11.10 42.76 -41.05
N SER H 128 -10.01 43.43 -41.43
CA SER H 128 -8.82 42.77 -41.97
C SER H 128 -8.29 41.63 -41.12
N VAL H 129 -8.84 41.51 -39.91
CA VAL H 129 -8.58 40.40 -39.01
C VAL H 129 -9.87 40.11 -38.27
N ARG H 130 -10.27 38.85 -38.21
CA ARG H 130 -11.46 38.47 -37.41
C ARG H 130 -11.15 37.46 -36.28
N TYR H 131 -11.78 37.69 -35.14
CA TYR H 131 -11.49 36.90 -33.97
C TYR H 131 -12.63 35.97 -33.64
N SER H 132 -12.28 34.76 -33.25
CA SER H 132 -13.23 33.76 -32.76
C SER H 132 -13.83 34.10 -31.37
N HIS H 133 -14.69 33.22 -30.83
CA HIS H 133 -15.24 33.40 -29.47
C HIS H 133 -14.05 33.41 -28.49
N THR H 134 -14.19 34.03 -27.32
CA THR H 134 -13.06 34.17 -26.42
C THR H 134 -12.87 32.89 -25.62
N TYR H 135 -11.63 32.55 -25.25
CA TYR H 135 -11.35 31.27 -24.56
C TYR H 135 -10.61 31.32 -23.22
N LEU H 136 -10.30 32.51 -22.71
CA LEU H 136 -9.58 32.71 -21.44
C LEU H 136 -9.70 34.19 -21.09
N ASP H 137 -10.13 34.49 -19.87
CA ASP H 137 -10.36 35.89 -19.56
C ASP H 137 -9.17 36.45 -18.82
N VAL H 138 -8.72 37.64 -19.22
CA VAL H 138 -7.52 38.22 -18.63
C VAL H 138 -7.67 39.72 -18.40
N THR H 139 -6.78 40.28 -17.58
CA THR H 139 -6.79 41.71 -17.27
C THR H 139 -5.39 42.31 -17.43
N PRO H 140 -5.31 43.47 -18.10
CA PRO H 140 -3.98 44.09 -18.12
C PRO H 140 -3.67 44.66 -16.74
N GLN H 141 -2.43 44.47 -16.30
CA GLN H 141 -1.99 44.89 -14.98
C GLN H 141 -0.65 45.61 -15.04
N ILE H 142 -0.56 46.78 -14.41
CA ILE H 142 0.72 47.48 -14.23
C ILE H 142 1.58 46.79 -13.20
N ILE H 143 2.86 46.62 -13.55
CA ILE H 143 3.75 45.86 -12.72
C ILE H 143 4.84 46.76 -12.24
N TYR H 144 5.15 46.71 -10.95
CA TYR H 144 6.29 47.48 -10.40
C TYR H 144 7.22 46.61 -9.54
N ARG H 145 8.24 47.23 -8.94
CA ARG H 145 9.18 46.50 -8.09
C ARG H 145 8.94 46.67 -6.60
N ASN H 146 9.02 45.58 -5.84
CA ASN H 146 8.85 45.69 -4.41
C ASN H 146 9.99 46.51 -3.83
N GLY H 147 9.61 47.47 -2.96
CA GLY H 147 10.55 48.38 -2.32
C GLY H 147 10.77 49.61 -3.18
N GLN H 148 9.83 49.90 -4.07
CA GLN H 148 9.86 51.13 -4.86
C GLN H 148 8.45 51.66 -4.84
N GLN H 149 8.23 52.85 -5.38
CA GLN H 149 6.93 53.52 -5.28
C GLN H 149 5.77 52.80 -5.98
N ARG H 150 4.84 52.21 -5.22
CA ARG H 150 3.65 51.62 -5.84
C ARG H 150 2.77 52.71 -6.41
N PRO H 151 2.69 52.78 -7.75
CA PRO H 151 1.76 53.73 -8.35
C PRO H 151 0.32 53.28 -8.12
N THR H 152 -0.55 54.27 -7.87
CA THR H 152 -1.93 54.00 -7.50
C THR H 152 -2.90 54.21 -8.64
N ARG H 153 -2.57 55.13 -9.54
CA ARG H 153 -3.49 55.48 -10.60
C ARG H 153 -2.70 55.87 -11.84
N PRO H 154 -3.32 55.69 -13.01
CA PRO H 154 -2.71 55.95 -14.32
C PRO H 154 -1.73 57.16 -14.44
N GLU H 155 -1.95 58.30 -13.78
CA GLU H 155 -1.05 59.46 -13.96
C GLU H 155 0.41 59.24 -13.49
N ASP H 156 0.62 58.29 -12.59
CA ASP H 156 1.94 58.14 -11.97
C ASP H 156 2.86 57.31 -12.83
N LEU H 157 2.49 57.09 -14.08
CA LEU H 157 3.39 56.39 -15.00
C LEU H 157 4.30 57.33 -15.76
N VAL H 158 3.99 58.62 -15.70
CA VAL H 158 4.87 59.60 -16.32
C VAL H 158 6.16 59.69 -15.49
N GLY H 159 7.30 59.73 -16.17
CA GLY H 159 8.59 59.87 -15.51
C GLY H 159 9.28 58.58 -15.06
N LYS H 160 8.53 57.48 -15.09
CA LYS H 160 9.03 56.17 -14.73
C LYS H 160 9.45 55.49 -16.04
N ARG H 161 10.38 54.55 -16.00
CA ARG H 161 10.74 53.82 -17.22
C ARG H 161 9.80 52.62 -17.45
N ILE H 162 9.16 52.62 -18.60
CA ILE H 162 8.09 51.68 -18.93
C ILE H 162 8.45 50.95 -20.20
N MET H 163 8.27 49.62 -20.20
CA MET H 163 8.49 48.88 -21.43
C MET H 163 7.41 47.84 -21.61
N VAL H 164 6.99 47.68 -22.87
CA VAL H 164 5.90 46.82 -23.29
C VAL H 164 6.21 46.19 -24.62
N LEU H 165 5.51 45.14 -25.02
CA LEU H 165 5.74 44.59 -26.35
C LEU H 165 5.29 45.55 -27.44
N LYS H 166 6.12 45.72 -28.47
CA LYS H 166 5.75 46.49 -29.66
C LYS H 166 4.64 45.78 -30.44
N GLY H 167 3.61 46.52 -30.84
CA GLY H 167 2.51 45.95 -31.59
C GLY H 167 1.46 45.27 -30.71
N SER H 168 1.47 45.56 -29.42
CA SER H 168 0.58 44.87 -28.50
C SER H 168 -0.67 45.70 -28.10
N SER H 169 -1.68 45.01 -27.57
CA SER H 169 -2.80 45.67 -26.89
C SER H 169 -2.31 46.75 -25.96
N HIS H 170 -1.25 46.43 -25.25
CA HIS H 170 -0.73 47.21 -24.17
C HIS H 170 -0.08 48.47 -24.68
N ALA H 171 0.53 48.34 -25.84
CA ALA H 171 1.17 49.47 -26.49
C ALA H 171 0.14 50.54 -26.78
N GLU H 172 -1.02 50.10 -27.28
CA GLU H 172 -2.13 50.98 -27.62
C GLU H 172 -2.76 51.59 -26.38
N GLN H 173 -2.87 50.82 -25.31
CA GLN H 173 -3.34 51.38 -24.04
C GLN H 173 -2.49 52.57 -23.60
N LEU H 174 -1.17 52.44 -23.74
CA LEU H 174 -0.26 53.51 -23.35
C LEU H 174 -0.32 54.64 -24.38
N ALA H 175 -0.40 54.25 -25.65
CA ALA H 175 -0.59 55.19 -26.75
C ALA H 175 -1.73 56.17 -26.49
N GLU H 176 -2.91 55.64 -26.10
CA GLU H 176 -4.13 56.41 -25.75
C GLU H 176 -4.05 57.20 -24.42
N LEU H 177 -3.38 56.60 -23.43
CA LEU H 177 -3.07 57.33 -22.20
C LEU H 177 -2.15 58.51 -22.53
N LYS H 178 -1.42 58.42 -23.64
CA LYS H 178 -0.50 59.47 -24.10
C LYS H 178 -1.20 60.69 -24.70
N LYS H 179 -2.48 60.54 -25.11
CA LYS H 179 -3.33 61.67 -25.53
C LYS H 179 -3.77 62.53 -24.34
N GLN H 180 -4.28 61.86 -23.30
CA GLN H 180 -4.68 62.49 -22.05
C GLN H 180 -3.53 63.06 -21.18
N TYR H 181 -2.33 62.49 -21.33
CA TYR H 181 -1.10 62.95 -20.64
C TYR H 181 0.07 62.96 -21.63
N PRO H 182 0.15 64.03 -22.46
CA PRO H 182 1.13 64.04 -23.55
C PRO H 182 2.58 63.97 -23.08
N GLU H 183 2.86 64.18 -21.80
CA GLU H 183 4.25 64.07 -21.33
C GLU H 183 4.72 62.64 -20.99
N LEU H 184 3.78 61.72 -20.78
CA LEU H 184 4.10 60.30 -20.53
C LEU H 184 4.91 59.67 -21.65
N LYS H 185 5.99 58.98 -21.28
CA LYS H 185 6.84 58.30 -22.26
C LYS H 185 7.09 56.83 -21.92
N TYR H 186 7.19 56.00 -22.96
CA TYR H 186 7.39 54.56 -22.84
C TYR H 186 8.10 54.00 -24.07
N GLU H 187 8.84 52.89 -23.91
CA GLU H 187 9.49 52.30 -25.07
C GLU H 187 8.78 51.02 -25.42
N GLU H 188 8.88 50.61 -26.68
CA GLU H 188 8.28 49.37 -27.13
C GLU H 188 9.34 48.63 -27.98
N SER H 189 9.34 47.29 -27.92
CA SER H 189 10.37 46.48 -28.58
C SER H 189 9.91 45.19 -29.24
N ASP H 190 10.48 44.86 -30.38
CA ASP H 190 10.24 43.55 -30.98
C ASP H 190 11.16 42.45 -30.45
N ALA H 191 12.23 42.85 -29.75
CA ALA H 191 13.25 41.89 -29.34
C ALA H 191 13.16 41.52 -27.85
N VAL H 192 11.97 41.70 -27.28
CA VAL H 192 11.66 41.17 -25.95
C VAL H 192 10.37 40.41 -26.10
N GLU H 193 10.16 39.46 -25.21
CA GLU H 193 8.86 38.82 -25.02
C GLU H 193 8.35 39.26 -23.65
N VAL H 194 7.14 38.85 -23.31
CA VAL H 194 6.57 39.27 -22.05
C VAL H 194 7.50 38.85 -20.89
N VAL H 195 8.10 37.67 -21.00
CA VAL H 195 9.01 37.14 -19.94
C VAL H 195 10.21 38.03 -19.63
N ASP H 196 10.79 38.63 -20.67
CA ASP H 196 11.85 39.59 -20.47
C ASP H 196 11.40 40.79 -19.60
N LEU H 197 10.21 41.31 -19.91
CA LEU H 197 9.69 42.48 -19.21
C LEU H 197 9.59 42.22 -17.72
N LEU H 198 9.09 41.06 -17.35
CA LEU H 198 8.95 40.80 -15.94
C LEU H 198 10.33 40.75 -15.32
N ARG H 199 11.27 40.12 -16.04
CA ARG H 199 12.68 40.04 -15.61
C ARG H 199 13.28 41.39 -15.38
N MET H 200 13.14 42.27 -16.37
CA MET H 200 13.71 43.61 -16.34
C MET H 200 13.18 44.41 -15.16
N VAL H 201 11.90 44.24 -14.87
CA VAL H 201 11.35 44.85 -13.68
C VAL H 201 12.00 44.24 -12.47
N ASP H 202 11.95 42.92 -12.36
CA ASP H 202 12.60 42.19 -11.28
C ASP H 202 13.98 42.74 -10.99
N VAL H 203 14.79 42.86 -12.01
CA VAL H 203 16.16 43.27 -11.78
C VAL H 203 16.36 44.79 -11.80
N GLY H 204 15.31 45.54 -12.11
CA GLY H 204 15.36 46.98 -12.00
C GLY H 204 15.97 47.75 -13.17
N ASP H 205 16.10 47.07 -14.29
CA ASP H 205 16.58 47.69 -15.51
C ASP H 205 15.52 48.61 -16.07
N ILE H 206 14.26 48.37 -15.66
CA ILE H 206 13.12 49.27 -15.92
C ILE H 206 12.17 49.34 -14.73
N ASP H 207 11.47 50.45 -14.61
CA ASP H 207 10.50 50.70 -13.55
C ASP H 207 9.17 49.91 -13.60
N LEU H 208 8.49 50.01 -14.73
CA LEU H 208 7.11 49.51 -14.86
C LEU H 208 6.90 48.74 -16.14
N THR H 209 5.98 47.78 -16.12
CA THR H 209 5.54 47.22 -17.39
C THR H 209 4.03 47.02 -17.40
N LEU H 210 3.52 46.61 -18.55
CA LEU H 210 2.10 46.39 -18.74
C LEU H 210 1.85 45.03 -19.43
N VAL H 211 1.28 44.07 -18.70
CA VAL H 211 1.12 42.71 -19.22
C VAL H 211 -0.20 42.02 -18.77
N ASP H 212 -0.70 41.08 -19.57
CA ASP H 212 -1.98 40.43 -19.21
C ASP H 212 -1.79 39.57 -17.99
N SER H 213 -2.82 39.55 -17.14
CA SER H 213 -2.77 38.96 -15.80
C SER H 213 -2.46 37.46 -15.76
N ASN H 214 -2.85 36.75 -16.81
CA ASN H 214 -2.60 35.32 -16.89
C ASN H 214 -1.10 35.12 -16.95
N GLU H 215 -0.42 36.08 -17.58
CA GLU H 215 1.03 36.03 -17.69
C GLU H 215 1.71 36.37 -16.38
N LEU H 216 1.15 37.32 -15.63
CA LEU H 216 1.64 37.56 -14.28
C LEU H 216 1.43 36.36 -13.33
N ALA H 217 0.26 35.73 -13.42
CA ALA H 217 -0.04 34.57 -12.57
C ALA H 217 0.92 33.42 -12.91
N MET H 218 1.16 33.22 -14.20
CA MET H 218 2.07 32.21 -14.65
C MET H 218 3.50 32.38 -14.16
N ASN H 219 3.99 33.63 -14.07
CA ASN H 219 5.45 33.84 -13.90
C ASN H 219 5.99 34.36 -12.55
N GLN H 220 5.16 34.98 -11.74
CA GLN H 220 5.59 35.62 -10.49
C GLN H 220 6.56 34.78 -9.72
N VAL H 221 6.28 33.49 -9.61
CA VAL H 221 7.07 32.62 -8.75
C VAL H 221 8.54 32.62 -9.12
N TYR H 222 8.81 32.92 -10.39
CA TYR H 222 10.15 32.96 -10.96
C TYR H 222 10.77 34.35 -10.86
N PHE H 223 9.94 35.29 -10.35
CA PHE H 223 10.33 36.68 -10.12
C PHE H 223 9.91 37.23 -8.76
N PRO H 224 10.74 36.97 -7.75
CA PRO H 224 10.44 37.25 -6.34
C PRO H 224 10.16 38.73 -6.05
N ASN H 225 10.71 39.65 -6.85
CA ASN H 225 10.58 41.10 -6.63
C ASN H 225 9.37 41.80 -7.22
N VAL H 226 8.71 41.11 -8.12
CA VAL H 226 7.75 41.82 -8.94
C VAL H 226 6.39 41.82 -8.25
N ARG H 227 5.59 42.87 -8.49
CA ARG H 227 4.31 43.10 -7.79
C ARG H 227 3.30 43.78 -8.72
N VAL H 228 2.02 43.41 -8.57
CA VAL H 228 0.89 44.04 -9.26
C VAL H 228 0.61 45.41 -8.62
N ALA H 229 0.64 46.47 -9.42
CA ALA H 229 0.36 47.84 -8.94
C ALA H 229 -1.15 48.16 -8.89
N PHE H 230 -1.80 48.03 -10.04
CA PHE H 230 -3.25 48.11 -10.16
C PHE H 230 -3.59 47.54 -11.51
N ASP H 231 -4.82 47.11 -11.66
CA ASP H 231 -5.33 46.65 -12.94
C ASP H 231 -5.56 47.85 -13.84
N PHE H 232 -5.30 47.73 -15.13
CA PHE H 232 -5.43 48.89 -16.02
C PHE H 232 -6.18 48.60 -17.35
N GLY H 233 -7.51 48.78 -17.33
CA GLY H 233 -8.34 48.46 -18.48
C GLY H 233 -9.33 47.44 -18.00
N GLU H 234 -10.44 47.24 -18.72
CA GLU H 234 -11.44 46.26 -18.28
C GLU H 234 -11.07 44.82 -18.61
N ALA H 235 -11.56 43.88 -17.80
CA ALA H 235 -11.38 42.47 -18.07
C ALA H 235 -11.82 42.20 -19.51
N ARG H 236 -11.09 41.32 -20.18
CA ARG H 236 -11.36 41.03 -21.58
C ARG H 236 -11.00 39.60 -21.95
N GLY H 237 -11.43 39.16 -23.12
CA GLY H 237 -11.24 37.79 -23.52
C GLY H 237 -10.25 37.58 -24.65
N LEU H 238 -9.42 36.55 -24.49
CA LEU H 238 -8.44 36.16 -25.53
C LEU H 238 -9.05 35.31 -26.62
N ALA H 239 -8.47 35.41 -27.82
CA ALA H 239 -9.08 34.77 -28.97
C ALA H 239 -8.03 34.42 -30.00
N TRP H 240 -8.41 33.43 -30.81
CA TRP H 240 -7.65 33.06 -31.98
C TRP H 240 -7.91 34.06 -33.11
N ALA H 241 -6.96 34.25 -34.01
CA ALA H 241 -7.18 35.18 -35.08
C ALA H 241 -7.13 34.53 -36.49
N LEU H 242 -8.09 34.88 -37.33
CA LEU H 242 -8.13 34.41 -38.73
C LEU H 242 -8.10 35.58 -39.69
N PRO H 243 -7.57 35.33 -40.91
CA PRO H 243 -7.57 36.34 -41.98
C PRO H 243 -8.99 36.65 -42.42
N GLY H 244 -9.28 37.92 -42.77
CA GLY H 244 -10.61 38.20 -43.25
C GLY H 244 -10.60 37.85 -44.71
N GLY H 245 -11.65 37.16 -45.18
CA GLY H 245 -12.74 36.76 -44.31
C GLY H 245 -14.12 36.73 -44.97
N ASP H 246 -14.28 35.92 -46.00
CA ASP H 246 -15.57 35.88 -46.69
C ASP H 246 -16.27 34.55 -46.51
N ASP H 247 -15.52 33.48 -46.37
CA ASP H 247 -16.14 32.20 -46.03
C ASP H 247 -15.90 31.85 -44.59
N ASP H 248 -16.99 31.63 -43.86
CA ASP H 248 -16.90 31.40 -42.43
C ASP H 248 -16.69 29.92 -42.12
N SER H 249 -16.32 29.10 -43.11
CA SER H 249 -16.10 27.66 -42.88
C SER H 249 -15.23 27.32 -41.68
N LEU H 250 -13.98 27.76 -41.69
CA LEU H 250 -13.12 27.40 -40.58
C LEU H 250 -13.65 28.08 -39.30
N MET H 251 -13.93 29.39 -39.38
CA MET H 251 -14.33 30.18 -38.22
C MET H 251 -15.41 29.48 -37.45
N ASN H 252 -16.38 28.89 -38.17
CA ASN H 252 -17.50 28.14 -37.57
C ASN H 252 -17.07 26.82 -36.92
N GLU H 253 -16.13 26.11 -37.56
CA GLU H 253 -15.55 24.94 -36.94
C GLU H 253 -14.80 25.31 -35.68
N VAL H 254 -13.97 26.35 -35.81
CA VAL H 254 -13.26 26.92 -34.67
C VAL H 254 -14.20 27.31 -33.53
N ASN H 255 -15.32 27.96 -33.84
CA ASN H 255 -16.19 28.35 -32.75
C ASN H 255 -16.97 27.21 -32.17
N ALA H 256 -17.18 26.17 -32.97
CA ALA H 256 -17.81 24.92 -32.50
C ALA H 256 -16.87 24.20 -31.52
N PHE H 257 -15.60 24.09 -31.90
CA PHE H 257 -14.57 23.54 -31.01
C PHE H 257 -14.48 24.33 -29.69
N LEU H 258 -14.35 25.66 -29.80
CA LEU H 258 -14.19 26.48 -28.60
C LEU H 258 -15.39 26.57 -27.67
N ASP H 259 -16.59 26.67 -28.25
CA ASP H 259 -17.77 26.81 -27.43
C ASP H 259 -18.04 25.42 -26.75
N GLN H 260 -17.78 24.30 -27.43
CA GLN H 260 -17.88 22.97 -26.78
C GLN H 260 -16.80 22.71 -25.72
N ALA H 261 -15.60 23.22 -25.98
CA ALA H 261 -14.50 23.01 -25.06
C ALA H 261 -14.72 23.86 -23.79
N LYS H 262 -15.65 24.81 -23.86
CA LYS H 262 -16.06 25.63 -22.71
C LYS H 262 -17.07 24.94 -21.79
N LYS H 263 -17.85 24.00 -22.35
CA LYS H 263 -18.93 23.34 -21.59
C LYS H 263 -18.53 21.94 -21.05
N GLU H 264 -17.40 21.45 -21.54
CA GLU H 264 -16.85 20.10 -21.31
C GLU H 264 -15.67 20.19 -20.33
N GLY H 265 -15.47 21.42 -19.86
CA GLY H 265 -14.52 21.71 -18.79
C GLY H 265 -13.10 21.86 -19.26
N LEU H 266 -12.84 21.47 -20.51
CA LEU H 266 -11.49 21.41 -21.05
C LEU H 266 -10.67 22.67 -20.85
N LEU H 267 -11.25 23.85 -21.09
CA LEU H 267 -10.51 25.10 -20.92
C LEU H 267 -10.17 25.21 -19.44
N GLN H 268 -11.15 24.90 -18.59
CA GLN H 268 -10.91 25.05 -17.17
C GLN H 268 -9.85 24.08 -16.63
N ARG H 269 -9.74 22.84 -17.12
CA ARG H 269 -8.61 21.99 -16.68
C ARG H 269 -7.31 22.59 -17.23
N LEU H 270 -7.24 22.95 -18.52
CA LEU H 270 -5.98 23.51 -19.03
C LEU H 270 -5.58 24.76 -18.24
N LYS H 271 -6.54 25.65 -18.04
CA LYS H 271 -6.29 26.91 -17.35
C LYS H 271 -5.68 26.64 -15.97
N ASP H 272 -6.01 25.49 -15.39
CA ASP H 272 -5.56 25.16 -14.04
C ASP H 272 -4.18 24.52 -14.18
N ARG H 273 -3.98 23.73 -15.23
CA ARG H 273 -2.65 23.16 -15.52
C ARG H 273 -1.47 24.10 -15.61
N TYR H 274 -1.61 25.18 -16.37
CA TYR H 274 -0.51 26.09 -16.66
C TYR H 274 -0.54 27.27 -15.68
N TYR H 275 -1.67 27.96 -15.65
CA TYR H 275 -1.86 29.10 -14.75
C TYR H 275 -2.38 28.57 -13.40
N GLY H 276 -1.58 28.59 -12.35
CA GLY H 276 -0.35 29.36 -12.24
C GLY H 276 0.39 29.16 -10.91
N HIS H 277 0.83 27.93 -10.61
CA HIS H 277 1.34 27.59 -9.27
C HIS H 277 2.09 26.26 -9.21
N VAL H 278 3.00 26.12 -8.24
CA VAL H 278 3.33 27.23 -7.35
C VAL H 278 4.62 27.96 -7.83
N ASP H 279 5.76 27.28 -8.13
CA ASP H 279 6.14 25.90 -7.76
C ASP H 279 6.14 25.54 -6.25
N VAL H 280 7.04 26.09 -5.42
CA VAL H 280 8.11 27.05 -5.76
C VAL H 280 9.50 26.40 -5.58
N LEU H 281 9.67 25.80 -4.39
CA LEU H 281 10.89 25.15 -3.85
C LEU H 281 11.54 26.09 -2.81
N GLY H 282 12.11 25.50 -1.76
CA GLY H 282 12.90 26.27 -0.81
C GLY H 282 11.97 26.95 0.20
N TYR H 283 12.50 27.35 1.36
CA TYR H 283 13.94 27.35 1.62
C TYR H 283 14.51 25.92 1.70
N VAL H 284 14.16 25.20 2.78
CA VAL H 284 14.65 23.84 3.11
C VAL H 284 16.15 23.89 2.95
N GLY H 285 16.83 24.36 4.00
CA GLY H 285 16.26 24.46 5.32
C GLY H 285 17.02 23.34 6.00
N ALA H 286 18.15 23.66 6.62
CA ALA H 286 19.00 22.61 7.16
C ALA H 286 18.39 21.82 8.34
N TYR H 287 17.61 22.45 9.22
CA TYR H 287 16.91 21.63 10.22
C TYR H 287 15.91 20.70 9.51
N THR H 288 15.14 21.24 8.56
CA THR H 288 14.06 20.47 7.93
C THR H 288 14.61 19.33 7.14
N PHE H 289 15.82 19.48 6.62
CA PHE H 289 16.46 18.43 5.83
C PHE H 289 16.83 17.29 6.76
N ALA H 290 17.44 17.66 7.86
CA ALA H 290 17.94 16.73 8.83
C ALA H 290 16.76 15.97 9.38
N GLN H 291 15.77 16.70 9.86
CA GLN H 291 14.45 16.14 10.11
C GLN H 291 14.07 15.11 8.98
N HIS H 292 14.06 15.51 7.69
CA HIS H 292 13.75 14.57 6.58
C HIS H 292 14.74 13.40 6.43
N LEU H 293 16.02 13.63 6.70
CA LEU H 293 17.01 12.56 6.81
C LEU H 293 16.58 11.46 7.81
N GLN H 294 15.99 11.90 8.90
CA GLN H 294 15.61 11.01 9.97
C GLN H 294 14.38 10.23 9.60
N GLN H 295 13.38 10.97 9.12
CA GLN H 295 12.08 10.43 8.91
C GLN H 295 11.98 9.57 7.65
N ARG H 296 12.65 10.00 6.59
CA ARG H 296 12.32 9.48 5.27
C ARG H 296 13.40 8.60 4.58
N LEU H 297 14.64 9.04 4.53
CA LEU H 297 15.65 8.33 3.74
C LEU H 297 15.80 6.85 4.04
N PRO H 298 15.67 6.45 5.32
CA PRO H 298 15.97 5.03 5.57
C PRO H 298 15.04 4.07 4.89
N ARG H 299 13.80 4.48 4.68
CA ARG H 299 12.87 3.61 3.98
C ARG H 299 13.37 3.26 2.60
N TYR H 300 14.20 4.12 2.04
CA TYR H 300 14.50 4.10 0.61
C TYR H 300 15.99 3.92 0.28
N GLU H 301 16.82 4.00 1.29
CA GLU H 301 18.27 3.96 1.10
C GLU H 301 18.70 2.71 0.35
N SER H 302 18.12 1.58 0.74
CA SER H 302 18.42 0.30 0.11
C SER H 302 18.24 0.31 -1.40
N HIS H 303 17.11 0.85 -1.84
CA HIS H 303 16.80 0.92 -3.26
C HIS H 303 17.75 1.92 -3.93
N PHE H 304 17.97 3.05 -3.26
CA PHE H 304 18.93 4.03 -3.75
C PHE H 304 20.27 3.37 -3.85
N LYS H 305 20.62 2.56 -2.85
CA LYS H 305 21.90 1.88 -2.91
C LYS H 305 21.98 0.82 -4.00
N GLN H 306 20.88 0.06 -4.16
CA GLN H 306 20.85 -1.00 -5.17
C GLN H 306 20.72 -0.49 -6.59
N SER H 307 20.05 0.64 -6.79
CA SER H 307 20.05 1.24 -8.13
C SER H 307 21.44 1.76 -8.43
N GLY H 308 22.06 2.35 -7.42
CA GLY H 308 23.45 2.74 -7.48
C GLY H 308 24.38 1.64 -7.92
N LYS H 309 24.30 0.46 -7.30
CA LYS H 309 25.18 -0.64 -7.71
C LYS H 309 24.95 -1.06 -9.18
N GLN H 310 23.69 -1.31 -9.52
CA GLN H 310 23.27 -1.85 -10.83
C GLN H 310 23.78 -1.01 -12.00
N LYS H 311 23.91 0.30 -11.79
CA LYS H 311 24.19 1.25 -12.87
C LYS H 311 25.46 2.04 -12.72
N ASP H 312 26.34 1.58 -11.83
CA ASP H 312 27.64 2.20 -11.62
C ASP H 312 27.57 3.70 -11.36
N THR H 313 26.92 4.08 -10.28
CA THR H 313 26.83 5.49 -9.95
C THR H 313 26.63 5.68 -8.45
N ASP H 314 27.05 6.86 -7.96
CA ASP H 314 27.05 7.22 -6.53
C ASP H 314 25.65 7.26 -5.99
N TRP H 315 25.35 6.44 -4.99
CA TRP H 315 23.97 6.40 -4.54
C TRP H 315 23.47 7.72 -3.92
N ARG H 316 24.38 8.51 -3.41
CA ARG H 316 23.96 9.74 -2.75
C ARG H 316 23.53 10.82 -3.76
N LEU H 317 24.11 10.81 -4.97
CA LEU H 317 23.61 11.67 -6.06
C LEU H 317 22.22 11.19 -6.49
N LEU H 318 22.00 9.88 -6.53
CA LEU H 318 20.65 9.42 -6.83
C LEU H 318 19.67 9.98 -5.77
N ALA H 319 20.04 9.81 -4.51
CA ALA H 319 19.16 10.21 -3.42
C ALA H 319 18.98 11.71 -3.39
N ALA H 320 20.02 12.41 -3.84
CA ALA H 320 19.95 13.86 -3.89
C ALA H 320 18.91 14.23 -4.88
N ILE H 321 19.02 13.64 -6.07
CA ILE H 321 18.03 13.77 -7.14
C ILE H 321 16.63 13.51 -6.61
N GLY H 322 16.45 12.40 -5.89
CA GLY H 322 15.16 12.05 -5.30
C GLY H 322 14.62 13.11 -4.35
N TYR H 323 15.51 13.78 -3.61
CA TYR H 323 15.04 14.77 -2.64
C TYR H 323 14.50 16.01 -3.37
N GLN H 324 15.34 16.55 -4.27
CA GLN H 324 14.99 17.70 -5.09
C GLN H 324 13.64 17.49 -5.78
N GLU H 325 13.37 16.23 -6.10
CA GLU H 325 12.13 15.86 -6.79
C GLU H 325 10.85 15.83 -5.94
N SER H 326 10.89 15.08 -4.85
CA SER H 326 9.69 14.78 -4.11
C SER H 326 9.83 14.92 -2.59
N LEU H 327 11.02 15.33 -2.16
CA LEU H 327 11.40 15.27 -0.74
C LEU H 327 11.22 13.86 -0.21
N TRP H 328 11.50 12.86 -1.03
CA TRP H 328 11.42 11.44 -0.66
C TRP H 328 10.01 11.05 -0.24
N GLN H 329 9.05 11.42 -1.06
CA GLN H 329 7.69 10.99 -0.82
C GLN H 329 7.12 10.23 -2.01
N PRO H 330 7.01 8.90 -1.91
CA PRO H 330 6.70 8.07 -3.08
C PRO H 330 5.28 8.30 -3.61
N GLY H 331 4.46 9.00 -2.84
CA GLY H 331 3.12 9.35 -3.29
C GLY H 331 3.07 10.73 -3.90
N ALA H 332 4.22 11.31 -4.21
CA ALA H 332 4.30 12.70 -4.68
C ALA H 332 3.64 12.96 -6.03
N THR H 333 3.05 14.14 -6.24
CA THR H 333 2.41 14.35 -7.56
C THR H 333 2.28 15.82 -8.00
N SER H 334 2.13 16.04 -9.30
CA SER H 334 2.06 17.39 -9.83
C SER H 334 0.95 17.41 -10.84
N LYS H 335 0.30 18.58 -10.99
CA LYS H 335 -0.68 18.74 -12.05
C LYS H 335 -0.09 18.53 -13.44
N THR H 336 1.22 18.75 -13.55
CA THR H 336 2.00 18.62 -14.78
C THR H 336 2.21 17.16 -15.27
N GLY H 337 1.74 16.20 -14.48
CA GLY H 337 1.71 14.82 -14.91
C GLY H 337 2.95 14.04 -14.60
N VAL H 338 3.78 14.58 -13.71
CA VAL H 338 4.90 13.83 -13.22
C VAL H 338 4.47 13.19 -11.91
N ARG H 339 5.16 12.13 -11.51
CA ARG H 339 4.71 11.37 -10.38
C ARG H 339 5.76 10.44 -9.79
N GLY H 340 5.70 10.27 -8.48
CA GLY H 340 6.52 9.30 -7.79
C GLY H 340 7.79 9.92 -7.23
N LEU H 341 8.56 9.05 -6.60
CA LEU H 341 9.70 9.52 -5.84
C LEU H 341 10.66 10.22 -6.77
N MET H 342 10.85 9.69 -7.97
CA MET H 342 11.73 10.39 -8.91
C MET H 342 10.90 11.22 -9.88
N MET H 343 9.60 11.36 -9.57
CA MET H 343 8.69 12.22 -10.33
C MET H 343 8.81 12.01 -11.84
N LEU H 344 8.53 10.77 -12.29
CA LEU H 344 8.57 10.42 -13.71
C LEU H 344 7.32 10.83 -14.46
N THR H 345 7.52 11.22 -15.72
CA THR H 345 6.45 11.33 -16.67
C THR H 345 5.97 9.93 -17.02
N ASN H 346 4.69 9.82 -17.37
CA ASN H 346 4.11 8.54 -17.82
C ASN H 346 4.89 7.90 -18.98
N ARG H 347 5.27 8.71 -19.94
CA ARG H 347 6.02 8.19 -21.07
C ARG H 347 7.39 7.67 -20.62
N THR H 348 8.08 8.45 -19.78
CA THR H 348 9.44 8.09 -19.39
C THR H 348 9.41 6.87 -18.46
N ALA H 349 8.39 6.79 -17.63
CA ALA H 349 8.28 5.63 -16.76
C ALA H 349 8.22 4.36 -17.62
N GLN H 350 7.34 4.36 -18.60
CA GLN H 350 7.21 3.22 -19.51
C GLN H 350 8.53 2.93 -20.24
N ALA H 351 9.16 3.96 -20.74
CA ALA H 351 10.42 3.71 -21.38
C ALA H 351 11.46 3.10 -20.43
N MET H 352 11.37 3.37 -19.15
CA MET H 352 12.43 2.92 -18.29
C MET H 352 12.03 1.62 -17.65
N GLY H 353 10.86 1.10 -18.03
CA GLY H 353 10.46 -0.21 -17.52
C GLY H 353 9.70 -0.09 -16.23
N VAL H 354 9.19 1.09 -15.97
CA VAL H 354 8.53 1.36 -14.71
C VAL H 354 7.06 1.05 -14.89
N SER H 355 6.52 0.10 -14.15
CA SER H 355 5.16 -0.29 -14.46
C SER H 355 4.20 0.39 -13.51
N ASN H 356 4.70 0.80 -12.36
CA ASN H 356 3.93 1.55 -11.39
C ASN H 356 4.73 2.65 -10.77
N ARG H 357 4.51 3.88 -11.22
CA ARG H 357 5.30 5.03 -10.76
C ARG H 357 5.24 5.27 -9.26
N LEU H 358 4.22 4.72 -8.63
CA LEU H 358 4.02 4.94 -7.22
C LEU H 358 4.79 3.96 -6.36
N ASP H 359 5.40 2.95 -6.99
CA ASP H 359 6.28 2.00 -6.28
C ASP H 359 7.63 2.62 -6.03
N PRO H 360 7.99 2.81 -4.76
CA PRO H 360 9.20 3.54 -4.44
C PRO H 360 10.44 2.87 -5.05
N LYS H 361 10.52 1.55 -5.02
CA LYS H 361 11.68 0.86 -5.61
C LYS H 361 11.78 1.06 -7.14
N GLN H 362 10.64 0.91 -7.82
CA GLN H 362 10.55 1.02 -9.29
C GLN H 362 10.85 2.43 -9.78
N SER H 363 10.25 3.43 -9.14
CA SER H 363 10.46 4.83 -9.51
C SER H 363 11.92 5.18 -9.30
N ILE H 364 12.43 4.83 -8.13
CA ILE H 364 13.84 5.08 -7.85
C ILE H 364 14.65 4.40 -8.90
N GLN H 365 14.37 3.12 -9.21
CA GLN H 365 15.15 2.42 -10.25
C GLN H 365 15.01 3.04 -11.65
N GLY H 366 13.79 3.46 -12.00
CA GLY H 366 13.57 4.01 -13.32
C GLY H 366 14.17 5.40 -13.55
N GLY H 367 14.03 6.28 -12.55
CA GLY H 367 14.58 7.62 -12.68
C GLY H 367 16.09 7.61 -12.71
N SER H 368 16.67 6.70 -11.93
CA SER H 368 18.10 6.51 -11.84
C SER H 368 18.56 5.97 -13.16
N LYS H 369 17.81 4.97 -13.66
CA LYS H 369 18.06 4.47 -15.01
C LYS H 369 18.04 5.62 -16.03
N TYR H 370 17.01 6.48 -15.91
CA TYR H 370 16.84 7.65 -16.78
C TYR H 370 18.00 8.63 -16.73
N PHE H 371 18.44 8.94 -15.51
CA PHE H 371 19.55 9.86 -15.34
C PHE H 371 20.80 9.27 -15.91
N VAL H 372 21.02 8.00 -15.64
CA VAL H 372 22.26 7.40 -16.06
C VAL H 372 22.38 7.33 -17.57
N GLN H 373 21.28 7.00 -18.28
CA GLN H 373 21.32 7.00 -19.75
C GLN H 373 21.57 8.40 -20.32
N ILE H 374 20.86 9.40 -19.77
CA ILE H 374 21.07 10.78 -20.17
C ILE H 374 22.53 11.18 -20.00
N ARG H 375 23.15 10.76 -18.90
CA ARG H 375 24.52 11.12 -18.70
C ARG H 375 25.37 10.45 -19.75
N SER H 376 24.99 9.23 -20.14
CA SER H 376 25.76 8.46 -21.15
C SER H 376 25.68 9.03 -22.58
N GLU H 377 24.58 9.71 -22.92
CA GLU H 377 24.38 10.27 -24.25
C GLU H 377 25.06 11.61 -24.42
N LEU H 378 25.62 12.17 -23.36
CA LEU H 378 26.33 13.46 -23.50
C LEU H 378 27.50 13.38 -24.43
N PRO H 379 27.77 14.47 -25.18
CA PRO H 379 28.96 14.53 -25.99
C PRO H 379 30.14 13.94 -25.23
N GLU H 380 30.89 13.13 -25.94
CA GLU H 380 32.02 12.42 -25.37
C GLU H 380 33.12 13.39 -24.90
N SER H 381 33.13 14.62 -25.44
CA SER H 381 34.12 15.66 -25.08
C SER H 381 33.98 16.19 -23.66
N ILE H 382 32.82 15.93 -23.02
CA ILE H 382 32.51 16.35 -21.66
C ILE H 382 32.94 15.30 -20.64
N LYS H 383 33.87 15.69 -19.78
CA LYS H 383 34.49 14.78 -18.81
C LYS H 383 33.91 15.01 -17.40
N GLU H 384 34.08 14.04 -16.48
CA GLU H 384 33.71 14.26 -15.07
C GLU H 384 34.69 15.26 -14.44
N PRO H 385 34.25 15.94 -13.38
CA PRO H 385 32.94 15.72 -12.80
C PRO H 385 31.86 16.52 -13.52
N ASP H 386 32.26 17.44 -14.41
CA ASP H 386 31.31 18.26 -15.15
C ASP H 386 30.25 17.40 -15.83
N ARG H 387 30.66 16.22 -16.24
CA ARG H 387 29.77 15.36 -16.98
C ARG H 387 28.50 15.10 -16.19
N SER H 388 28.65 14.76 -14.91
CA SER H 388 27.49 14.52 -14.07
C SER H 388 26.69 15.77 -13.94
N TRP H 389 27.34 16.92 -13.83
CA TRP H 389 26.57 18.15 -13.69
C TRP H 389 25.80 18.40 -14.96
N PHE H 390 26.44 18.29 -16.13
CA PHE H 390 25.70 18.50 -17.37
C PHE H 390 24.50 17.54 -17.42
N ALA H 391 24.65 16.32 -16.91
CA ALA H 391 23.55 15.39 -16.96
C ALA H 391 22.35 15.89 -16.11
N LEU H 392 22.62 16.47 -14.95
CA LEU H 392 21.54 17.03 -14.17
C LEU H 392 20.79 18.07 -14.94
N ALA H 393 21.54 18.80 -15.75
CA ALA H 393 20.98 19.91 -16.48
C ALA H 393 19.95 19.38 -17.44
N ALA H 394 20.39 18.36 -18.17
CA ALA H 394 19.63 17.72 -19.20
C ALA H 394 18.48 16.93 -18.62
N TYR H 395 18.72 16.32 -17.46
CA TYR H 395 17.67 15.63 -16.75
C TYR H 395 16.50 16.61 -16.61
N ASN H 396 16.83 17.89 -16.48
CA ASN H 396 15.80 18.89 -16.23
C ASN H 396 15.25 19.67 -17.46
N ILE H 397 16.14 20.21 -18.28
CA ILE H 397 15.72 21.11 -19.34
C ILE H 397 15.67 20.35 -20.67
N GLY H 398 16.21 19.13 -20.66
CA GLY H 398 16.28 18.32 -21.86
C GLY H 398 17.51 18.61 -22.69
N GLY H 399 18.14 17.58 -23.26
CA GLY H 399 19.43 17.71 -23.92
C GLY H 399 19.53 18.68 -25.07
N ALA H 400 18.37 18.90 -25.68
CA ALA H 400 18.24 19.74 -26.86
C ALA H 400 18.59 21.18 -26.51
N HIS H 401 17.88 21.70 -25.54
CA HIS H 401 18.21 22.98 -24.96
C HIS H 401 19.61 23.05 -24.41
N LEU H 402 20.04 21.98 -23.77
CA LEU H 402 21.36 21.92 -23.19
C LEU H 402 22.42 22.07 -24.29
N GLU H 403 22.14 21.55 -25.49
CA GLU H 403 23.10 21.74 -26.59
C GLU H 403 23.12 23.19 -27.02
N ASP H 404 21.95 23.81 -27.12
CA ASP H 404 21.90 25.21 -27.46
C ASP H 404 22.72 26.00 -26.52
N ALA H 405 22.63 25.69 -25.25
CA ALA H 405 23.49 26.37 -24.29
C ALA H 405 24.96 26.09 -24.59
N ARG H 406 25.27 24.85 -24.92
CA ARG H 406 26.66 24.54 -25.12
C ARG H 406 27.22 25.27 -26.37
N LYS H 407 26.42 25.25 -27.43
CA LYS H 407 26.76 25.94 -28.64
C LYS H 407 26.90 27.39 -28.35
N MET H 408 25.91 27.94 -27.64
CA MET H 408 25.92 29.36 -27.30
C MET H 408 27.20 29.70 -26.55
N ALA H 409 27.60 28.83 -25.62
CA ALA H 409 28.84 29.00 -24.86
C ALA H 409 30.07 29.03 -25.79
N GLU H 410 30.12 28.11 -26.75
CA GLU H 410 31.21 28.09 -27.70
C GLU H 410 31.32 29.40 -28.47
N LYS H 411 30.23 29.80 -29.13
CA LYS H 411 30.18 31.07 -29.89
C LYS H 411 30.58 32.26 -29.00
N GLU H 412 30.42 32.14 -27.68
CA GLU H 412 30.85 33.18 -26.74
C GLU H 412 32.35 33.13 -26.32
N GLY H 413 33.11 32.24 -26.97
CA GLY H 413 34.50 32.02 -26.63
C GLY H 413 34.69 31.32 -25.30
N LEU H 414 33.64 30.71 -24.77
CA LEU H 414 33.74 29.92 -23.54
C LEU H 414 33.93 28.44 -23.85
N ASN H 415 34.19 27.68 -22.80
CA ASN H 415 34.40 26.27 -22.92
C ASN H 415 33.10 25.50 -22.76
N PRO H 416 32.64 24.85 -23.83
CA PRO H 416 31.35 24.16 -23.84
C PRO H 416 31.34 22.85 -23.04
N ASN H 417 32.51 22.46 -22.50
CA ASN H 417 32.64 21.25 -21.70
C ASN H 417 32.94 21.55 -20.27
N LYS H 418 32.82 22.79 -19.86
CA LYS H 418 32.96 23.05 -18.46
C LYS H 418 31.65 23.57 -17.88
N TRP H 419 31.15 22.92 -16.83
CA TRP H 419 29.83 23.27 -16.36
C TRP H 419 29.83 24.72 -15.95
N LEU H 420 30.90 25.16 -15.30
CA LEU H 420 30.93 26.55 -14.80
C LEU H 420 30.68 27.61 -15.87
N ASP H 421 30.96 27.24 -17.11
CA ASP H 421 30.74 28.13 -18.23
C ASP H 421 29.32 28.02 -18.82
N VAL H 422 28.87 26.79 -19.09
CA VAL H 422 27.61 26.57 -19.78
C VAL H 422 26.52 27.04 -18.83
N LYS H 423 26.83 26.95 -17.54
CA LYS H 423 25.92 27.34 -16.48
C LYS H 423 25.62 28.83 -16.58
N LYS H 424 26.52 29.57 -17.24
CA LYS H 424 26.34 31.01 -17.45
C LYS H 424 25.36 31.31 -18.58
N MET H 425 25.33 30.42 -19.58
CA MET H 425 24.51 30.63 -20.73
C MET H 425 23.05 30.23 -20.51
N LEU H 426 22.80 29.22 -19.67
CA LEU H 426 21.46 28.64 -19.57
C LEU H 426 20.33 29.63 -19.29
N PRO H 427 20.53 30.61 -18.39
CA PRO H 427 19.45 31.58 -18.14
C PRO H 427 19.11 32.42 -19.37
N ARG H 428 19.96 32.42 -20.37
CA ARG H 428 19.69 33.20 -21.56
C ARG H 428 18.62 32.53 -22.39
N LEU H 429 18.33 31.27 -22.13
CA LEU H 429 17.35 30.60 -22.96
C LEU H 429 15.98 31.17 -22.66
N ALA H 430 15.87 31.97 -21.61
CA ALA H 430 14.60 32.59 -21.24
C ALA H 430 14.62 34.02 -21.61
N GLN H 431 15.59 34.37 -22.42
CA GLN H 431 15.76 35.74 -22.86
C GLN H 431 15.67 35.86 -24.41
N LYS H 432 14.61 36.48 -24.92
CA LYS H 432 14.29 36.42 -26.34
C LYS H 432 15.38 36.89 -27.28
N GLN H 433 16.07 37.97 -26.91
CA GLN H 433 17.18 38.44 -27.72
C GLN H 433 18.16 37.29 -28.07
N TRP H 434 18.24 36.36 -27.13
CA TRP H 434 19.14 35.21 -27.24
C TRP H 434 18.47 33.97 -27.78
N TYR H 435 17.34 33.57 -27.19
CA TYR H 435 16.82 32.24 -27.50
C TYR H 435 16.30 32.22 -28.90
N ALA H 436 15.92 33.39 -29.39
CA ALA H 436 15.41 33.51 -30.73
C ALA H 436 16.47 33.13 -31.80
N LYS H 437 17.75 33.23 -31.45
CA LYS H 437 18.83 32.82 -32.36
C LYS H 437 19.22 31.33 -32.22
N THR H 438 18.51 30.60 -31.36
CA THR H 438 18.86 29.22 -31.10
C THR H 438 17.97 28.31 -31.90
N ARG H 439 18.32 27.04 -31.95
CA ARG H 439 17.56 26.08 -32.71
C ARG H 439 16.20 25.70 -32.10
N TYR H 440 16.14 25.48 -30.79
CA TYR H 440 14.95 24.95 -30.11
C TYR H 440 14.27 26.02 -29.29
N GLY H 441 14.87 27.20 -29.28
CA GLY H 441 14.21 28.38 -28.73
C GLY H 441 14.07 28.53 -27.21
N TYR H 442 13.02 29.19 -26.80
CA TYR H 442 12.90 29.57 -25.40
C TYR H 442 12.91 28.37 -24.47
N ALA H 443 13.55 28.55 -23.31
CA ALA H 443 13.44 27.60 -22.20
C ALA H 443 13.64 28.27 -20.88
N ARG H 444 13.06 27.74 -19.80
CA ARG H 444 13.27 28.43 -18.55
C ARG H 444 14.59 28.00 -17.97
N GLY H 445 15.65 28.36 -18.68
CA GLY H 445 16.99 27.93 -18.36
C GLY H 445 17.38 28.46 -17.02
N GLY H 446 16.61 29.41 -16.53
CA GLY H 446 17.00 29.95 -15.26
C GLY H 446 16.76 28.91 -14.21
N GLU H 447 15.72 28.09 -14.36
CA GLU H 447 15.40 27.08 -13.34
C GLU H 447 16.23 25.84 -13.42
N THR H 448 16.70 25.53 -14.61
CA THR H 448 17.55 24.37 -14.79
C THR H 448 18.83 24.53 -13.97
N VAL H 449 19.36 25.76 -13.91
CA VAL H 449 20.51 26.05 -13.04
C VAL H 449 20.15 25.87 -11.52
N HIS H 450 19.02 26.41 -11.07
CA HIS H 450 18.65 26.23 -9.69
C HIS H 450 18.47 24.78 -9.43
N PHE H 451 17.95 24.06 -10.40
CA PHE H 451 17.72 22.64 -10.19
C PHE H 451 19.04 21.98 -9.89
N VAL H 452 20.00 22.19 -10.79
CA VAL H 452 21.32 21.59 -10.71
C VAL H 452 22.03 21.95 -9.44
N GLN H 453 21.92 23.21 -9.06
N GLN H 453 21.98 23.23 -9.11
CA GLN H 453 22.65 23.72 -7.91
CA GLN H 453 22.63 23.69 -7.90
C GLN H 453 21.96 23.38 -6.58
C GLN H 453 22.03 22.96 -6.71
N ASN H 454 20.73 22.92 -6.63
CA ASN H 454 20.12 22.37 -5.45
C ASN H 454 20.45 20.92 -5.23
N VAL H 455 20.48 20.18 -6.32
CA VAL H 455 20.76 18.78 -6.22
C VAL H 455 22.17 18.58 -5.70
N ARG H 456 23.12 19.40 -6.15
CA ARG H 456 24.48 19.31 -5.62
C ARG H 456 24.56 19.72 -4.13
N ARG H 457 23.76 20.71 -3.71
CA ARG H 457 23.73 21.02 -2.30
C ARG H 457 23.25 19.78 -1.56
N TYR H 458 22.18 19.13 -2.00
CA TYR H 458 21.74 17.92 -1.28
C TYR H 458 22.80 16.81 -1.40
N TYR H 459 23.52 16.80 -2.52
CA TYR H 459 24.56 15.79 -2.75
C TYR H 459 25.71 16.05 -1.81
N ASP H 460 26.15 17.29 -1.72
CA ASP H 460 27.27 17.60 -0.84
C ASP H 460 26.93 17.24 0.62
N ILE H 461 25.72 17.56 1.07
CA ILE H 461 25.27 17.15 2.40
C ILE H 461 25.24 15.61 2.67
N LEU H 462 24.68 14.82 1.75
CA LEU H 462 24.68 13.39 1.97
C LEU H 462 26.08 12.88 2.11
N THR H 463 26.98 13.38 1.27
CA THR H 463 28.38 12.98 1.36
C THR H 463 28.98 13.28 2.74
N TRP H 464 28.74 14.50 3.22
CA TRP H 464 29.25 15.00 4.50
C TRP H 464 28.66 14.26 5.71
N VAL H 465 27.41 13.83 5.67
CA VAL H 465 26.90 13.08 6.81
C VAL H 465 27.24 11.61 6.53
N THR H 466 28.09 11.41 5.51
CA THR H 466 28.54 10.11 5.03
C THR H 466 27.39 9.11 4.85
N LYS I 50 -4.25 36.54 14.02
CA LYS I 50 -5.21 36.52 15.11
C LYS I 50 -5.65 37.96 15.51
N GLU I 51 -4.74 38.90 15.84
CA GLU I 51 -3.27 38.73 15.95
C GLU I 51 -2.90 38.11 17.28
N GLY I 52 -3.92 37.94 18.11
CA GLY I 52 -3.79 37.53 19.49
C GLY I 52 -2.77 38.39 20.19
N VAL I 53 -2.85 39.70 19.93
CA VAL I 53 -1.90 40.63 20.52
C VAL I 53 -2.50 41.98 20.80
N LEU I 54 -2.78 42.20 22.06
CA LEU I 54 -3.15 43.52 22.53
C LEU I 54 -1.92 44.34 22.86
N ARG I 55 -1.66 45.42 22.12
CA ARG I 55 -0.53 46.28 22.47
C ARG I 55 -0.95 47.38 23.41
N VAL I 56 -0.38 47.36 24.61
CA VAL I 56 -0.63 48.37 25.62
C VAL I 56 0.65 49.14 26.01
N ILE I 57 0.56 50.47 26.01
CA ILE I 57 1.69 51.30 26.38
C ILE I 57 1.56 51.78 27.83
N THR I 58 2.72 51.82 28.50
CA THR I 58 2.79 52.19 29.92
C THR I 58 4.05 52.97 30.29
N ARG I 59 4.13 53.26 31.58
CA ARG I 59 5.28 53.85 32.22
C ARG I 59 6.11 52.76 32.90
N ASN I 60 7.42 52.85 32.80
CA ASN I 60 8.24 51.95 33.59
C ASN I 60 8.32 52.46 35.01
N SER I 61 7.50 51.93 35.92
CA SER I 61 7.44 52.46 37.29
C SER I 61 6.85 51.48 38.33
N PRO I 62 7.12 51.71 39.63
CA PRO I 62 6.56 50.77 40.63
C PRO I 62 5.01 50.79 40.72
N ALA I 63 4.39 51.90 40.32
CA ALA I 63 2.94 52.05 40.44
C ALA I 63 2.19 51.46 39.26
N THR I 64 2.95 51.11 38.25
CA THR I 64 2.38 50.75 36.96
C THR I 64 2.87 49.45 36.40
N TYR I 65 4.15 49.43 36.04
CA TYR I 65 4.80 48.28 35.40
C TYR I 65 6.33 48.17 35.58
N PHE I 66 6.84 46.99 35.97
CA PHE I 66 8.29 46.73 36.04
C PHE I 66 8.68 45.25 36.21
N GLN I 67 9.97 45.00 36.16
CA GLN I 67 10.45 43.66 36.43
C GLN I 67 11.08 43.49 37.78
N ASP I 68 10.59 42.50 38.49
CA ASP I 68 11.25 42.07 39.69
C ASP I 68 11.88 40.75 39.35
N ARG I 69 12.22 39.98 40.38
CA ARG I 69 12.93 38.73 40.23
C ARG I 69 12.06 37.59 39.73
N ASN I 70 10.74 37.79 39.78
CA ASN I 70 9.76 36.81 39.27
C ASN I 70 9.24 37.09 37.86
N GLY I 71 9.78 38.11 37.21
CA GLY I 71 9.33 38.52 35.91
C GLY I 71 8.54 39.80 35.94
N GLU I 72 7.63 39.97 34.99
CA GLU I 72 6.91 41.20 34.85
C GLU I 72 5.88 41.35 35.94
N THR I 73 5.70 42.57 36.44
CA THR I 73 4.78 42.82 37.54
C THR I 73 4.37 44.28 37.65
N GLY I 74 3.52 44.56 38.62
CA GLY I 74 3.01 45.90 38.83
C GLY I 74 1.52 45.93 38.60
N PHE I 75 0.85 46.86 39.28
CA PHE I 75 -0.60 47.04 39.22
C PHE I 75 -1.16 47.16 37.80
N GLU I 76 -0.64 48.10 37.04
CA GLU I 76 -1.17 48.27 35.70
C GLU I 76 -0.93 47.03 34.81
N TYR I 77 0.22 46.38 34.98
CA TYR I 77 0.58 45.24 34.17
C TYR I 77 -0.42 44.14 34.39
N GLU I 78 -0.87 43.97 35.63
CA GLU I 78 -1.78 42.85 35.91
C GLU I 78 -3.16 43.14 35.29
N LEU I 79 -3.78 44.29 35.60
CA LEU I 79 -5.06 44.66 35.02
C LEU I 79 -5.06 44.50 33.48
N ALA I 80 -3.98 44.91 32.84
CA ALA I 80 -3.85 44.77 31.38
C ALA I 80 -3.76 43.31 31.01
N LYS I 81 -3.22 42.52 31.93
CA LYS I 81 -2.97 41.10 31.71
C LYS I 81 -4.29 40.35 31.77
N ARG I 82 -5.08 40.61 32.81
CA ARG I 82 -6.42 40.03 32.94
C ARG I 82 -7.27 40.44 31.75
N PHE I 83 -6.98 41.59 31.16
CA PHE I 83 -7.78 42.06 30.06
C PHE I 83 -7.37 41.38 28.78
N ALA I 84 -6.08 41.22 28.58
CA ALA I 84 -5.67 40.61 27.35
C ALA I 84 -6.13 39.16 27.33
N GLU I 85 -6.22 38.57 28.52
CA GLU I 85 -6.66 37.17 28.65
C GLU I 85 -8.15 37.03 28.37
N ARG I 86 -8.95 37.95 28.91
CA ARG I 86 -10.39 38.03 28.65
C ARG I 86 -10.70 38.33 27.19
N LEU I 87 -9.67 38.62 26.40
CA LEU I 87 -9.87 38.82 24.98
C LEU I 87 -9.24 37.66 24.21
N GLY I 88 -8.59 36.74 24.91
CA GLY I 88 -7.87 35.64 24.27
C GLY I 88 -6.77 36.09 23.31
N VAL I 89 -5.96 37.03 23.80
CA VAL I 89 -4.80 37.57 23.08
C VAL I 89 -3.54 37.64 23.97
N GLU I 90 -2.36 37.77 23.36
CA GLU I 90 -1.14 38.03 24.14
C GLU I 90 -0.97 39.50 24.52
N LEU I 91 -0.62 39.74 25.77
CA LEU I 91 -0.33 41.09 26.25
C LEU I 91 1.08 41.50 25.90
N LYS I 92 1.25 42.56 25.14
CA LYS I 92 2.58 43.12 24.90
C LYS I 92 2.72 44.47 25.58
N ILE I 93 3.56 44.56 26.57
CA ILE I 93 3.74 45.85 27.19
C ILE I 93 4.75 46.67 26.41
N GLU I 94 4.46 47.95 26.24
CA GLU I 94 5.40 48.88 25.65
C GLU I 94 5.64 50.07 26.57
N THR I 95 6.88 50.51 26.64
CA THR I 95 7.25 51.49 27.64
C THR I 95 7.41 52.84 26.96
N ALA I 96 6.81 53.86 27.51
CA ALA I 96 7.02 55.16 26.94
C ALA I 96 8.12 55.79 27.76
N ASP I 97 8.88 56.74 27.19
CA ASP I 97 9.95 57.37 27.96
C ASP I 97 9.45 58.39 28.98
N ASN I 98 8.32 59.02 28.68
CA ASN I 98 7.77 60.06 29.55
C ASN I 98 6.34 60.30 29.13
N LEU I 99 5.60 61.15 29.82
CA LEU I 99 4.21 61.26 29.47
C LEU I 99 4.00 61.82 28.07
N ASP I 100 4.84 62.74 27.63
CA ASP I 100 4.63 63.33 26.32
C ASP I 100 4.76 62.30 25.22
N ASP I 101 5.74 61.43 25.35
CA ASP I 101 5.96 60.47 24.32
C ASP I 101 4.87 59.43 24.41
N LEU I 102 4.37 59.19 25.62
CA LEU I 102 3.25 58.26 25.77
C LEU I 102 2.04 58.64 24.95
N TYR I 103 1.53 59.84 25.14
CA TYR I 103 0.34 60.24 24.41
C TYR I 103 0.63 60.38 22.93
N ALA I 104 1.88 60.73 22.62
CA ALA I 104 2.35 60.86 21.24
C ALA I 104 2.27 59.52 20.54
N GLN I 105 2.78 58.50 21.20
CA GLN I 105 2.79 57.12 20.72
C GLN I 105 1.38 56.56 20.55
N LEU I 106 0.48 56.96 21.45
CA LEU I 106 -0.92 56.53 21.50
C LEU I 106 -1.78 57.00 20.35
N SER I 107 -1.36 58.11 19.76
CA SER I 107 -2.22 58.86 18.88
C SER I 107 -1.67 58.81 17.48
N ARG I 108 -0.53 58.15 17.33
CA ARG I 108 0.06 57.98 16.04
C ARG I 108 -0.60 56.79 15.37
N GLU I 109 -0.56 56.73 14.04
CA GLU I 109 -1.07 55.57 13.34
C GLU I 109 -0.08 54.40 13.49
N GLY I 110 -0.62 53.19 13.62
CA GLY I 110 0.20 52.00 13.76
C GLY I 110 0.79 51.75 15.12
N GLY I 111 0.30 52.45 16.13
CA GLY I 111 0.84 52.33 17.48
C GLY I 111 0.08 51.38 18.38
N PRO I 112 0.28 51.53 19.70
CA PRO I 112 -0.35 50.68 20.73
C PRO I 112 -1.87 50.90 20.83
N ALA I 113 -2.57 49.83 21.17
CA ALA I 113 -4.03 49.83 21.30
C ALA I 113 -4.51 50.82 22.32
N LEU I 114 -3.92 50.73 23.51
CA LEU I 114 -4.33 51.56 24.64
C LEU I 114 -3.16 51.83 25.54
N ALA I 115 -3.30 52.89 26.33
CA ALA I 115 -2.30 53.23 27.33
C ALA I 115 -2.88 53.01 28.73
N ALA I 116 -2.14 52.26 29.55
CA ALA I 116 -2.46 52.01 30.95
C ALA I 116 -1.31 52.48 31.82
N ALA I 117 -1.52 53.54 32.59
CA ALA I 117 -0.39 54.23 33.22
C ALA I 117 -0.84 55.19 34.34
N GLY I 118 -1.97 54.87 34.96
CA GLY I 118 -2.51 55.70 36.02
C GLY I 118 -2.68 57.14 35.56
N LEU I 119 -3.29 57.30 34.38
CA LEU I 119 -3.48 58.58 33.72
C LEU I 119 -4.80 59.20 34.15
N THR I 120 -4.83 60.48 34.46
CA THR I 120 -6.11 61.12 34.79
C THR I 120 -6.69 61.67 33.49
N PRO I 121 -7.92 61.29 33.21
CA PRO I 121 -8.56 61.59 31.92
C PRO I 121 -8.69 63.07 31.54
N GLY I 122 -9.14 63.22 30.30
CA GLY I 122 -9.10 64.42 29.50
C GLY I 122 -8.12 65.52 29.84
N ARG I 123 -8.63 66.52 30.52
CA ARG I 123 -10.02 66.43 30.88
C ARG I 123 -10.90 66.90 29.73
N GLU I 124 -11.81 67.82 30.01
CA GLU I 124 -12.45 68.52 28.92
C GLU I 124 -13.30 67.56 28.07
N ASP I 125 -12.74 67.27 26.92
CA ASP I 125 -13.52 67.10 25.72
C ASP I 125 -12.52 67.00 24.56
N ASP I 126 -11.29 67.46 24.81
CA ASP I 126 -10.16 67.34 23.88
C ASP I 126 -10.22 66.12 22.94
N ALA I 127 -11.41 65.56 22.75
CA ALA I 127 -11.63 64.22 22.24
C ALA I 127 -10.76 63.81 21.07
N SER I 128 -9.44 63.98 21.23
CA SER I 128 -8.40 63.50 20.31
C SER I 128 -7.73 62.35 21.06
N VAL I 129 -8.14 62.21 22.33
CA VAL I 129 -7.82 61.10 23.23
C VAL I 129 -9.07 60.80 24.08
N ARG I 130 -9.49 59.53 24.14
CA ARG I 130 -10.65 59.21 24.98
C ARG I 130 -10.30 58.26 26.13
N TYR I 131 -10.92 58.55 27.28
CA TYR I 131 -10.70 57.77 28.47
C TYR I 131 -11.90 56.90 28.82
N SER I 132 -11.60 55.66 29.17
CA SER I 132 -12.56 54.67 29.63
C SER I 132 -13.18 55.07 30.96
N HIS I 133 -13.95 54.16 31.51
CA HIS I 133 -14.39 54.30 32.88
C HIS I 133 -13.18 54.26 33.84
N THR I 134 -13.35 54.77 35.06
CA THR I 134 -12.27 54.78 36.08
C THR I 134 -12.17 53.50 36.97
N TYR I 135 -10.94 53.18 37.40
CA TYR I 135 -10.68 51.94 38.12
C TYR I 135 -9.94 52.13 39.42
N LEU I 136 -9.68 53.38 39.78
CA LEU I 136 -8.97 53.64 41.04
C LEU I 136 -9.05 55.13 41.38
N ASP I 137 -9.37 55.44 42.64
CA ASP I 137 -9.64 56.83 43.01
C ASP I 137 -8.43 57.44 43.70
N VAL I 138 -8.11 58.68 43.33
CA VAL I 138 -6.91 59.34 43.85
C VAL I 138 -7.08 60.83 44.05
N THR I 139 -6.19 61.40 44.86
CA THR I 139 -6.18 62.82 45.11
C THR I 139 -4.77 63.37 45.07
N PRO I 140 -4.59 64.48 44.37
CA PRO I 140 -3.25 65.10 44.32
C PRO I 140 -2.87 65.59 45.69
N GLN I 141 -1.61 65.42 46.09
CA GLN I 141 -1.17 65.84 47.41
C GLN I 141 0.18 66.59 47.37
N ILE I 142 0.26 67.72 48.07
CA ILE I 142 1.54 68.38 48.29
C ILE I 142 2.37 67.61 49.31
N ILE I 143 3.64 67.41 49.02
CA ILE I 143 4.49 66.61 49.87
C ILE I 143 5.57 67.51 50.34
N TYR I 144 5.85 67.52 51.63
CA TYR I 144 6.97 68.31 52.15
C TYR I 144 7.87 67.42 52.98
N ARG I 145 8.94 68.04 53.50
CA ARG I 145 9.94 67.30 54.24
C ARG I 145 9.76 67.47 55.74
N ASN I 146 9.84 66.38 56.49
CA ASN I 146 9.66 66.50 57.92
C ASN I 146 10.78 67.28 58.56
N GLY I 147 10.38 68.26 59.37
CA GLY I 147 11.32 69.21 59.95
C GLY I 147 11.47 70.49 59.14
N GLN I 148 10.45 70.84 58.37
CA GLN I 148 10.46 72.13 57.68
C GLN I 148 9.08 72.75 57.67
N GLN I 149 8.99 73.95 57.14
CA GLN I 149 7.73 74.68 57.15
C GLN I 149 6.67 73.95 56.33
N ARG I 150 5.77 73.28 57.03
CA ARG I 150 4.65 72.62 56.38
C ARG I 150 3.68 73.64 55.75
N PRO I 151 3.64 73.72 54.42
CA PRO I 151 2.63 74.64 53.86
C PRO I 151 1.18 74.17 54.06
N THR I 152 0.25 75.10 54.34
CA THR I 152 -1.19 74.79 54.59
C THR I 152 -2.14 75.11 53.43
N ARG I 153 -1.75 76.04 52.55
CA ARG I 153 -2.64 76.50 51.48
C ARG I 153 -1.88 76.91 50.22
N PRO I 154 -2.52 76.81 49.03
CA PRO I 154 -1.85 77.26 47.81
C PRO I 154 -1.05 78.57 47.91
N GLU I 155 -1.47 79.56 48.70
CA GLU I 155 -0.71 80.82 48.75
C GLU I 155 0.73 80.66 49.26
N ASP I 156 0.97 79.80 50.25
CA ASP I 156 2.30 79.76 50.85
C ASP I 156 3.22 78.69 50.22
N LEU I 157 2.86 78.20 49.01
CA LEU I 157 3.75 77.33 48.22
C LEU I 157 4.68 78.18 47.38
N VAL I 158 4.41 79.47 47.35
CA VAL I 158 5.27 80.40 46.64
C VAL I 158 6.59 80.50 47.37
N GLY I 159 7.68 80.61 46.60
CA GLY I 159 9.01 80.75 47.16
C GLY I 159 9.76 79.45 47.41
N LYS I 160 9.07 78.33 47.31
CA LYS I 160 9.69 77.01 47.50
C LYS I 160 10.09 76.42 46.15
N ARG I 161 11.12 75.58 46.14
CA ARG I 161 11.49 74.93 44.90
C ARG I 161 10.54 73.75 44.70
N ILE I 162 9.89 73.67 43.55
CA ILE I 162 8.88 72.65 43.37
C ILE I 162 9.14 71.86 42.12
N MET I 163 9.03 70.53 42.18
CA MET I 163 9.22 69.73 40.97
C MET I 163 8.16 68.64 40.80
N VAL I 164 7.70 68.54 39.55
CA VAL I 164 6.63 67.63 39.12
C VAL I 164 6.88 67.10 37.70
N LEU I 165 6.19 66.03 37.30
CA LEU I 165 6.37 65.46 35.95
C LEU I 165 5.89 66.33 34.78
N LYS I 166 6.73 66.45 33.77
CA LYS I 166 6.40 67.19 32.56
C LYS I 166 5.27 66.51 31.81
N GLY I 167 4.32 67.33 31.38
CA GLY I 167 3.19 66.88 30.59
C GLY I 167 2.09 66.25 31.41
N SER I 168 2.14 66.44 32.73
CA SER I 168 1.23 65.75 33.64
C SER I 168 0.07 66.66 34.13
N SER I 169 -0.97 66.02 34.65
CA SER I 169 -2.05 66.70 35.39
C SER I 169 -1.57 67.70 36.40
N HIS I 170 -0.50 67.35 37.11
CA HIS I 170 -0.06 68.15 38.23
C HIS I 170 0.65 69.40 37.74
N ALA I 171 1.35 69.26 36.62
CA ALA I 171 1.99 70.40 36.03
C ALA I 171 0.89 71.39 35.66
N GLU I 172 -0.21 70.87 35.12
CA GLU I 172 -1.35 71.71 34.69
C GLU I 172 -2.10 72.35 35.85
N GLN I 173 -2.25 71.59 36.91
CA GLN I 173 -2.82 72.06 38.16
C GLN I 173 -2.03 73.25 38.70
N LEU I 174 -0.71 73.16 38.60
CA LEU I 174 0.18 74.24 39.02
C LEU I 174 0.20 75.39 38.05
N ALA I 175 0.21 75.07 36.76
CA ALA I 175 0.07 76.07 35.69
C ALA I 175 -1.11 77.01 35.96
N GLU I 176 -2.26 76.41 36.33
CA GLU I 176 -3.46 77.16 36.68
C GLU I 176 -3.33 77.95 37.98
N LEU I 177 -2.72 77.34 39.01
CA LEU I 177 -2.47 78.06 40.25
C LEU I 177 -1.58 79.26 39.94
N LYS I 178 -0.75 79.13 38.90
CA LYS I 178 0.20 80.18 38.57
C LYS I 178 -0.50 81.37 37.93
N LYS I 179 -1.68 81.13 37.39
CA LYS I 179 -2.47 82.24 36.92
C LYS I 179 -3.00 82.96 38.19
N GLN I 180 -3.38 82.23 39.22
CA GLN I 180 -3.79 82.90 40.45
C GLN I 180 -2.66 83.59 41.18
N TYR I 181 -1.44 83.08 41.10
CA TYR I 181 -0.31 83.70 41.81
C TYR I 181 0.94 83.70 40.94
N PRO I 182 1.04 84.67 40.02
CA PRO I 182 2.11 84.63 39.01
C PRO I 182 3.53 84.64 39.58
N GLU I 183 3.73 84.94 40.86
CA GLU I 183 5.09 84.91 41.39
C GLU I 183 5.53 83.48 41.75
N LEU I 184 4.56 82.56 41.89
CA LEU I 184 4.86 81.13 42.15
C LEU I 184 5.72 80.50 41.05
N LYS I 185 6.78 79.77 41.43
CA LYS I 185 7.63 79.13 40.43
C LYS I 185 7.88 77.65 40.68
N TYR I 186 7.98 76.86 39.60
CA TYR I 186 8.21 75.43 39.68
C TYR I 186 8.97 74.86 38.48
N GLU I 187 9.67 73.75 38.69
CA GLU I 187 10.42 73.11 37.63
C GLU I 187 9.62 71.92 37.06
N GLU I 188 9.88 71.58 35.81
CA GLU I 188 9.20 70.49 35.12
C GLU I 188 10.28 69.61 34.48
N SER I 189 10.13 68.28 34.52
CA SER I 189 11.18 67.40 33.99
C SER I 189 10.67 66.13 33.28
N ASP I 190 11.33 65.73 32.18
CA ASP I 190 11.05 64.44 31.56
C ASP I 190 11.90 63.32 32.09
N ALA I 191 12.96 63.65 32.83
CA ALA I 191 13.92 62.61 33.22
C ALA I 191 13.76 62.16 34.66
N VAL I 192 12.58 62.40 35.22
CA VAL I 192 12.25 61.88 36.55
C VAL I 192 10.91 61.15 36.53
N GLU I 193 10.77 60.19 37.44
CA GLU I 193 9.50 59.54 37.69
C GLU I 193 9.04 59.99 39.06
N VAL I 194 7.87 59.55 39.48
CA VAL I 194 7.32 59.93 40.77
C VAL I 194 8.27 59.49 41.91
N VAL I 195 8.87 58.31 41.79
CA VAL I 195 9.80 57.83 42.82
C VAL I 195 10.94 58.83 43.05
N ASP I 196 11.38 59.48 41.98
CA ASP I 196 12.40 60.51 42.08
C ASP I 196 11.95 61.72 42.87
N LEU I 197 10.74 62.20 42.62
CA LEU I 197 10.27 63.40 43.31
C LEU I 197 10.25 63.15 44.79
N LEU I 198 9.76 61.98 45.19
CA LEU I 198 9.70 61.66 46.60
C LEU I 198 11.15 61.51 47.14
N ARG I 199 12.05 60.89 46.38
CA ARG I 199 13.45 60.77 46.85
C ARG I 199 14.03 62.16 47.05
N MET I 200 13.80 63.03 46.06
CA MET I 200 14.34 64.38 46.06
C MET I 200 13.83 65.18 47.24
N VAL I 201 12.55 65.05 47.56
CA VAL I 201 12.03 65.71 48.73
C VAL I 201 12.72 65.16 49.98
N ASP I 202 12.69 63.83 50.11
CA ASP I 202 13.30 63.09 51.23
C ASP I 202 14.70 63.55 51.60
N VAL I 203 15.58 63.69 50.63
CA VAL I 203 16.96 64.04 50.96
C VAL I 203 17.16 65.57 50.94
N GLY I 204 16.11 66.27 50.52
CA GLY I 204 16.05 67.72 50.52
C GLY I 204 16.64 68.47 49.33
N ASP I 205 16.85 67.76 48.22
CA ASP I 205 17.36 68.39 47.02
C ASP I 205 16.31 69.29 46.45
N ILE I 206 15.07 69.02 46.83
CA ILE I 206 13.94 69.93 46.57
C ILE I 206 12.85 69.96 47.64
N ASP I 207 12.20 71.12 47.70
CA ASP I 207 10.76 71.22 47.50
C ASP I 207 9.56 70.90 48.41
N LEU I 208 8.48 70.99 47.65
CA LEU I 208 7.20 70.45 47.91
C LEU I 208 7.03 69.82 46.54
N THR I 209 6.34 68.70 46.44
CA THR I 209 6.00 68.24 45.10
C THR I 209 4.55 67.89 45.11
N LEU I 210 4.07 67.47 43.95
CA LEU I 210 2.66 67.23 43.79
C LEU I 210 2.49 65.87 43.13
N VAL I 211 1.81 64.96 43.82
CA VAL I 211 1.72 63.62 43.29
C VAL I 211 0.35 63.03 43.57
N ASP I 212 -0.07 62.03 42.79
CA ASP I 212 -1.34 61.35 43.10
C ASP I 212 -1.19 60.53 44.41
N SER I 213 -2.22 60.50 45.23
CA SER I 213 -2.08 59.94 46.57
C SER I 213 -1.70 58.47 46.59
N ASN I 214 -2.06 57.70 45.56
CA ASN I 214 -1.74 56.27 45.54
C ASN I 214 -0.24 56.05 45.45
N GLU I 215 0.43 57.02 44.84
CA GLU I 215 1.86 56.94 44.64
C GLU I 215 2.49 57.11 46.02
N LEU I 216 1.90 57.99 46.83
CA LEU I 216 2.39 58.21 48.19
C LEU I 216 2.28 56.98 49.06
N ALA I 217 1.15 56.29 48.94
CA ALA I 217 0.88 55.06 49.71
C ALA I 217 1.86 53.97 49.32
N MET I 218 2.03 53.84 48.02
CA MET I 218 2.97 52.90 47.52
C MET I 218 4.37 53.17 48.02
N ASN I 219 4.77 54.44 48.12
CA ASN I 219 6.20 54.68 48.31
C ASN I 219 6.65 55.17 49.68
N GLN I 220 5.71 55.76 50.42
CA GLN I 220 5.95 56.40 51.70
C GLN I 220 6.90 55.61 52.60
N VAL I 221 6.67 54.31 52.69
CA VAL I 221 7.38 53.46 53.61
C VAL I 221 8.87 53.43 53.32
N TYR I 222 9.22 53.76 52.07
CA TYR I 222 10.62 53.78 51.61
C TYR I 222 11.28 55.15 51.72
N PHE I 223 10.47 56.14 52.12
CA PHE I 223 10.92 57.50 52.31
C PHE I 223 10.44 58.10 53.64
N PRO I 224 11.24 57.87 54.69
CA PRO I 224 10.97 58.19 56.09
C PRO I 224 10.70 59.67 56.40
N ASN I 225 11.21 60.60 55.59
CA ASN I 225 11.01 62.03 55.86
C ASN I 225 9.83 62.68 55.15
N VAL I 226 9.19 61.99 54.20
CA VAL I 226 8.22 62.73 53.41
C VAL I 226 6.91 62.69 54.14
N ARG I 227 6.09 63.72 53.93
CA ARG I 227 4.85 63.94 54.64
C ARG I 227 3.82 64.63 53.78
N VAL I 228 2.57 64.28 53.98
CA VAL I 228 1.48 64.99 53.32
C VAL I 228 1.33 66.40 53.94
N ALA I 229 1.26 67.42 53.08
CA ALA I 229 0.95 68.77 53.55
C ALA I 229 -0.59 69.02 53.61
N PHE I 230 -1.26 68.87 52.46
CA PHE I 230 -2.75 68.94 52.28
C PHE I 230 -3.24 68.33 50.97
N ASP I 231 -4.52 67.96 50.90
CA ASP I 231 -5.06 67.54 49.61
C ASP I 231 -5.24 68.73 48.67
N PHE I 232 -4.38 68.84 47.67
CA PHE I 232 -4.47 69.95 46.73
C PHE I 232 -5.27 69.50 45.51
N GLY I 233 -6.58 69.69 45.58
CA GLY I 233 -7.50 69.31 44.51
C GLY I 233 -8.49 68.31 45.04
N GLU I 234 -9.64 68.17 44.40
CA GLU I 234 -10.60 67.19 44.89
C GLU I 234 -10.30 65.82 44.29
N ALA I 235 -10.63 64.74 45.00
CA ALA I 235 -10.47 63.38 44.48
C ALA I 235 -11.09 63.19 43.08
N ARG I 236 -10.42 62.34 42.31
CA ARG I 236 -10.74 62.03 40.93
C ARG I 236 -10.39 60.60 40.56
N GLY I 237 -10.85 60.15 39.40
CA GLY I 237 -10.66 58.77 39.01
C GLY I 237 -9.73 58.59 37.83
N LEU I 238 -8.87 57.57 37.92
CA LEU I 238 -7.94 57.17 36.84
C LEU I 238 -8.63 56.30 35.76
N ALA I 239 -8.11 56.26 34.55
CA ALA I 239 -8.76 55.48 33.49
C ALA I 239 -7.74 55.15 32.43
N TRP I 240 -7.98 54.10 31.66
CA TRP I 240 -7.09 53.81 30.55
C TRP I 240 -7.31 54.82 29.45
N ALA I 241 -6.33 54.98 28.59
CA ALA I 241 -6.49 55.96 27.54
C ALA I 241 -6.45 55.26 26.19
N LEU I 242 -7.42 55.60 25.35
CA LEU I 242 -7.42 55.13 23.98
C LEU I 242 -7.45 56.24 22.96
N PRO I 243 -6.84 55.99 21.79
CA PRO I 243 -6.86 56.96 20.69
C PRO I 243 -8.28 57.27 20.17
N GLY I 244 -8.51 58.50 19.73
CA GLY I 244 -9.80 58.87 19.16
C GLY I 244 -9.88 58.42 17.73
N GLY I 245 -11.06 57.96 17.28
CA GLY I 245 -12.25 57.91 18.11
C GLY I 245 -13.59 58.07 17.39
N ASP I 246 -14.22 56.94 17.10
CA ASP I 246 -15.51 56.87 16.39
C ASP I 246 -15.86 55.40 16.23
N ASP I 247 -14.84 54.56 16.29
CA ASP I 247 -15.02 53.11 16.28
C ASP I 247 -14.93 52.67 17.72
N ASP I 248 -16.05 52.67 18.42
CA ASP I 248 -16.07 52.27 19.83
C ASP I 248 -15.73 50.78 20.04
N SER I 249 -15.21 50.13 18.99
CA SER I 249 -14.91 48.70 19.00
C SER I 249 -14.22 48.29 20.31
N LEU I 250 -13.00 48.75 20.51
CA LEU I 250 -12.30 48.38 21.74
C LEU I 250 -12.90 49.02 22.98
N MET I 251 -13.18 50.32 22.92
CA MET I 251 -13.57 51.07 24.11
C MET I 251 -14.66 50.37 24.94
N ASN I 252 -15.66 49.78 24.27
CA ASN I 252 -16.80 49.11 24.92
C ASN I 252 -16.49 47.83 25.68
N GLU I 253 -15.60 47.02 25.10
CA GLU I 253 -15.06 45.84 25.77
C GLU I 253 -14.18 46.21 26.96
N VAL I 254 -13.26 47.15 26.75
CA VAL I 254 -12.39 47.62 27.83
C VAL I 254 -13.18 48.12 29.06
N ASN I 255 -14.18 48.98 28.82
CA ASN I 255 -14.98 49.52 29.93
C ASN I 255 -16.06 48.48 30.40
N ALA I 256 -16.32 47.44 29.59
CA ALA I 256 -17.12 46.31 30.08
C ALA I 256 -16.23 45.66 31.14
N PHE I 257 -15.34 44.76 30.74
CA PHE I 257 -14.26 44.26 31.62
C PHE I 257 -14.06 45.00 32.96
N LEU I 258 -13.92 46.32 32.90
CA LEU I 258 -13.71 47.13 34.10
C LEU I 258 -14.95 47.12 34.99
N ASP I 259 -16.11 46.93 34.38
CA ASP I 259 -17.36 46.92 35.14
C ASP I 259 -17.41 45.70 36.04
N GLN I 260 -17.06 44.54 35.51
CA GLN I 260 -17.10 43.27 36.24
C GLN I 260 -16.08 43.21 37.37
N ALA I 261 -14.89 43.73 37.07
CA ALA I 261 -13.79 43.69 38.00
C ALA I 261 -14.06 44.67 39.13
N LYS I 262 -15.02 45.56 38.96
CA LYS I 262 -15.44 46.41 40.07
C LYS I 262 -16.56 45.74 40.92
N LYS I 263 -17.39 44.87 40.33
CA LYS I 263 -18.51 44.32 41.10
C LYS I 263 -18.13 42.98 41.66
N GLU I 264 -17.02 42.44 41.17
CA GLU I 264 -16.54 41.11 41.57
C GLU I 264 -15.29 41.20 42.41
N GLY I 265 -14.83 42.42 42.69
CA GLY I 265 -13.70 42.63 43.59
C GLY I 265 -12.29 42.64 43.01
N LEU I 266 -12.13 42.35 41.72
CA LEU I 266 -10.80 42.24 41.12
C LEU I 266 -9.94 43.48 41.38
N LEU I 267 -10.55 44.67 41.24
CA LEU I 267 -9.83 45.93 41.46
C LEU I 267 -9.36 46.05 42.88
N GLN I 268 -10.28 45.80 43.80
CA GLN I 268 -9.99 45.92 45.21
C GLN I 268 -8.94 44.91 45.60
N ARG I 269 -8.94 43.77 44.94
CA ARG I 269 -7.86 42.81 45.09
C ARG I 269 -6.55 43.47 44.71
N LEU I 270 -6.49 44.07 43.53
CA LEU I 270 -5.30 44.80 43.14
C LEU I 270 -4.99 45.97 44.06
N LYS I 271 -6.00 46.78 44.37
CA LYS I 271 -5.82 47.94 45.21
C LYS I 271 -5.21 47.58 46.55
N ASP I 272 -5.49 46.36 46.99
CA ASP I 272 -5.03 45.91 48.30
C ASP I 272 -3.72 45.19 48.13
N ARG I 273 -3.61 44.44 47.05
CA ARG I 273 -2.40 43.71 46.72
C ARG I 273 -1.14 44.58 46.71
N TYR I 274 -1.29 45.79 46.17
CA TYR I 274 -0.21 46.77 46.03
C TYR I 274 -0.18 47.87 47.13
N TYR I 275 -1.21 48.71 47.19
CA TYR I 275 -1.29 49.79 48.19
C TYR I 275 -1.91 49.25 49.51
N GLY I 276 -1.19 49.29 50.63
CA GLY I 276 -0.03 50.14 50.81
C GLY I 276 0.76 49.73 52.05
N HIS I 277 2.07 49.98 51.99
CA HIS I 277 3.16 49.58 52.95
C HIS I 277 3.79 48.14 52.80
N VAL I 278 5.11 48.07 53.06
CA VAL I 278 5.96 46.86 52.91
C VAL I 278 7.32 47.05 53.63
N ASP I 279 7.31 47.62 54.84
CA ASP I 279 8.53 47.98 55.59
C ASP I 279 8.00 48.76 56.82
N VAL I 280 8.81 49.15 57.83
CA VAL I 280 10.22 48.82 58.04
C VAL I 280 10.34 47.59 59.04
N LEU I 281 11.27 47.53 60.02
CA LEU I 281 12.40 48.44 60.34
C LEU I 281 13.78 47.83 60.06
N GLY I 282 13.79 46.58 59.60
CA GLY I 282 15.00 45.95 59.11
C GLY I 282 15.69 45.10 60.19
N TYR I 283 16.68 45.72 60.86
CA TYR I 283 17.23 45.19 62.10
C TYR I 283 16.36 45.31 63.34
N VAL I 284 16.14 44.17 63.95
CA VAL I 284 15.42 44.13 65.17
C VAL I 284 16.47 44.57 66.22
N GLY I 285 16.05 45.07 67.38
CA GLY I 285 16.92 45.23 68.53
C GLY I 285 17.88 44.12 68.96
N ALA I 286 18.98 44.48 69.63
CA ALA I 286 19.97 43.47 70.06
C ALA I 286 19.33 42.59 71.08
N TYR I 287 18.47 43.19 71.90
CA TYR I 287 17.67 42.43 72.87
C TYR I 287 16.69 41.49 72.11
N THR I 288 16.00 42.02 71.11
CA THR I 288 14.97 41.19 70.50
C THR I 288 15.60 39.99 69.77
N PHE I 289 16.83 40.16 69.29
CA PHE I 289 17.50 39.10 68.55
C PHE I 289 17.88 37.98 69.52
N ALA I 290 18.38 38.35 70.69
CA ALA I 290 18.84 37.39 71.68
C ALA I 290 17.62 36.56 72.11
N GLN I 291 16.59 37.29 72.51
CA GLN I 291 15.26 36.75 72.72
C GLN I 291 14.89 35.62 71.75
N HIS I 292 14.76 35.91 70.46
CA HIS I 292 14.41 34.88 69.44
C HIS I 292 15.37 33.72 69.19
N LEU I 293 16.67 33.97 69.37
CA LEU I 293 17.65 32.91 69.38
C LEU I 293 17.27 31.84 70.38
N GLN I 294 16.72 32.24 71.51
CA GLN I 294 16.43 31.26 72.53
C GLN I 294 15.00 30.70 72.33
N GLN I 295 14.07 31.55 71.93
CA GLN I 295 12.75 31.02 71.66
C GLN I 295 12.59 30.32 70.25
N ARG I 296 13.28 30.80 69.20
CA ARG I 296 12.96 30.35 67.83
C ARG I 296 14.03 29.53 67.09
N LEU I 297 15.27 30.00 67.07
CA LEU I 297 16.33 29.35 66.27
C LEU I 297 16.48 27.85 66.47
N PRO I 298 16.29 27.39 67.72
CA PRO I 298 16.55 25.96 67.95
C PRO I 298 15.58 25.01 67.25
N ARG I 299 14.33 25.43 67.05
CA ARG I 299 13.32 24.58 66.42
C ARG I 299 13.80 24.18 65.04
N TYR I 300 14.72 24.99 64.51
CA TYR I 300 15.08 24.94 63.10
C TYR I 300 16.58 24.73 62.91
N GLU I 301 17.37 24.83 63.97
CA GLU I 301 18.84 24.79 63.84
C GLU I 301 19.22 23.49 63.11
N SER I 302 18.57 22.41 63.52
CA SER I 302 18.81 21.10 62.92
C SER I 302 18.62 21.12 61.37
N HIS I 303 17.57 21.75 60.90
CA HIS I 303 17.33 21.83 59.47
C HIS I 303 18.36 22.75 58.79
N PHE I 304 18.65 23.89 59.41
CA PHE I 304 19.62 24.81 58.86
C PHE I 304 20.96 24.12 58.78
N LYS I 305 21.27 23.40 59.84
CA LYS I 305 22.53 22.70 59.90
C LYS I 305 22.60 21.65 58.80
N GLN I 306 21.51 20.93 58.58
CA GLN I 306 21.54 19.86 57.58
C GLN I 306 21.52 20.37 56.17
N SER I 307 20.81 21.45 55.91
CA SER I 307 20.80 21.97 54.56
C SER I 307 22.19 22.47 54.21
N GLY I 308 22.83 23.11 55.19
CA GLY I 308 24.22 23.50 55.09
C GLY I 308 25.20 22.42 54.69
N LYS I 309 25.13 21.27 55.35
CA LYS I 309 26.01 20.18 54.96
C LYS I 309 25.67 19.73 53.53
N GLN I 310 24.39 19.44 53.28
CA GLN I 310 23.89 18.88 52.02
C GLN I 310 24.35 19.68 50.81
N LYS I 311 24.49 21.00 51.01
CA LYS I 311 24.76 21.92 49.93
C LYS I 311 26.03 22.74 50.07
N ASP I 312 26.93 22.28 50.92
CA ASP I 312 28.27 22.87 51.16
C ASP I 312 28.27 24.39 51.35
N THR I 313 27.57 24.84 52.37
CA THR I 313 27.49 26.26 52.61
C THR I 313 27.26 26.54 54.08
N ASP I 314 27.72 27.69 54.55
CA ASP I 314 27.65 28.03 55.97
C ASP I 314 26.21 28.11 56.49
N TRP I 315 25.89 27.28 57.50
CA TRP I 315 24.51 27.28 58.02
C TRP I 315 24.16 28.58 58.71
N ARG I 316 25.12 29.32 59.20
CA ARG I 316 24.74 30.51 59.88
C ARG I 316 24.31 31.54 58.85
N LEU I 317 24.82 31.45 57.63
CA LEU I 317 24.34 32.37 56.59
C LEU I 317 22.91 32.04 56.15
N LEU I 318 22.60 30.75 56.03
CA LEU I 318 21.24 30.35 55.74
C LEU I 318 20.29 30.81 56.84
N ALA I 319 20.67 30.57 58.09
CA ALA I 319 19.81 30.91 59.23
C ALA I 319 19.65 32.39 59.32
N ALA I 320 20.65 33.10 58.84
CA ALA I 320 20.59 34.54 58.78
C ALA I 320 19.59 35.04 57.74
N ILE I 321 19.58 34.41 56.56
CA ILE I 321 18.56 34.70 55.53
C ILE I 321 17.11 34.59 56.07
N GLY I 322 16.77 33.45 56.68
CA GLY I 322 15.46 33.24 57.28
C GLY I 322 14.98 34.27 58.32
N TYR I 323 15.89 34.89 59.05
CA TYR I 323 15.49 35.87 60.02
C TYR I 323 15.11 37.09 59.27
N GLN I 324 15.97 37.56 58.39
CA GLN I 324 15.59 38.74 57.61
C GLN I 324 14.25 38.53 56.89
N GLU I 325 14.01 37.30 56.46
CA GLU I 325 12.79 36.91 55.70
C GLU I 325 11.48 36.84 56.52
N SER I 326 11.52 36.05 57.61
CA SER I 326 10.33 35.66 58.41
C SER I 326 10.46 35.72 59.95
N LEU I 327 11.62 36.18 60.41
CA LEU I 327 12.06 36.13 61.83
C LEU I 327 11.99 34.72 62.45
N TRP I 328 12.24 33.69 61.62
CA TRP I 328 12.19 32.31 62.09
C TRP I 328 10.79 31.92 62.55
N GLN I 329 9.80 32.26 61.74
CA GLN I 329 8.41 31.89 61.96
C GLN I 329 7.90 31.09 60.74
N PRO I 330 7.69 29.79 60.91
CA PRO I 330 7.48 28.90 59.76
C PRO I 330 6.15 29.08 59.05
N GLY I 331 5.23 29.79 59.70
CA GLY I 331 3.94 30.14 59.16
C GLY I 331 3.90 31.55 58.62
N ALA I 332 5.06 32.17 58.44
CA ALA I 332 5.13 33.58 58.04
C ALA I 332 4.54 33.86 56.65
N THR I 333 3.90 35.00 56.46
CA THR I 333 3.23 35.18 55.16
C THR I 333 3.03 36.64 54.70
N SER I 334 2.79 36.82 53.40
CA SER I 334 2.56 38.17 52.80
C SER I 334 1.51 38.24 51.71
N LYS I 335 0.92 39.44 51.55
CA LYS I 335 0.05 39.71 50.42
C LYS I 335 0.78 39.51 49.10
N THR I 336 2.11 39.59 49.15
CA THR I 336 2.95 39.43 47.95
C THR I 336 3.06 37.97 47.44
N GLY I 337 2.54 37.03 48.23
CA GLY I 337 2.48 35.65 47.79
C GLY I 337 3.67 34.82 48.15
N VAL I 338 4.45 35.30 49.09
CA VAL I 338 5.53 34.50 49.61
C VAL I 338 5.08 33.86 50.90
N ARG I 339 5.79 32.83 51.33
CA ARG I 339 5.32 32.07 52.44
C ARG I 339 6.37 31.14 53.04
N GLY I 340 6.30 30.97 54.34
CA GLY I 340 7.11 29.98 55.01
C GLY I 340 8.37 30.57 55.61
N LEU I 341 9.18 29.71 56.19
CA LEU I 341 10.34 30.18 56.92
C LEU I 341 11.28 31.04 56.03
N MET I 342 11.39 30.66 54.75
CA MET I 342 12.20 31.36 53.73
C MET I 342 11.46 32.24 52.70
N MET I 343 10.17 32.47 52.94
CA MET I 343 9.32 33.37 52.12
C MET I 343 9.53 33.13 50.63
N LEU I 344 9.26 31.89 50.22
CA LEU I 344 9.33 31.41 48.84
C LEU I 344 8.02 31.73 48.14
N THR I 345 8.10 32.13 46.87
CA THR I 345 6.94 32.16 45.99
C THR I 345 6.50 30.77 45.60
N ASN I 346 5.23 30.61 45.20
CA ASN I 346 4.75 29.33 44.68
C ASN I 346 5.60 28.75 43.57
N ARG I 347 5.93 29.56 42.56
CA ARG I 347 6.71 29.05 41.41
C ARG I 347 8.11 28.57 41.87
N THR I 348 8.77 29.36 42.72
CA THR I 348 10.12 29.06 43.18
C THR I 348 10.08 27.81 44.05
N ALA I 349 9.03 27.72 44.85
CA ALA I 349 8.84 26.59 45.74
C ALA I 349 8.75 25.25 45.00
N GLN I 350 7.90 25.19 43.96
CA GLN I 350 7.83 23.97 43.15
C GLN I 350 9.17 23.67 42.47
N ALA I 351 9.78 24.68 41.85
CA ALA I 351 11.05 24.50 41.19
C ALA I 351 12.11 23.98 42.13
N MET I 352 11.98 24.24 43.42
CA MET I 352 13.00 23.74 44.31
C MET I 352 12.59 22.45 44.93
N GLY I 353 11.40 21.96 44.60
CA GLY I 353 10.99 20.70 45.20
C GLY I 353 10.26 20.88 46.52
N VAL I 354 9.72 22.08 46.71
CA VAL I 354 9.04 22.41 47.93
C VAL I 354 7.59 22.04 47.71
N SER I 355 7.08 21.14 48.53
CA SER I 355 5.74 20.64 48.28
C SER I 355 4.73 21.27 49.24
N ASN I 356 5.25 21.79 50.35
CA ASN I 356 4.45 22.52 51.32
C ASN I 356 5.25 23.70 51.86
N ARG I 357 4.94 24.91 51.41
CA ARG I 357 5.75 26.04 51.81
C ARG I 357 5.81 26.19 53.30
N LEU I 358 4.87 25.54 53.98
CA LEU I 358 4.75 25.62 55.43
C LEU I 358 5.54 24.60 56.27
N ASP I 359 6.10 23.54 55.68
CA ASP I 359 6.97 22.63 56.45
C ASP I 359 8.30 23.29 56.58
N PRO I 360 8.68 23.59 57.83
CA PRO I 360 9.87 24.39 58.10
C PRO I 360 11.09 23.72 57.51
N LYS I 361 11.18 22.41 57.64
CA LYS I 361 12.34 21.73 57.11
C LYS I 361 12.42 21.85 55.60
N GLN I 362 11.37 21.52 54.87
CA GLN I 362 11.51 21.62 53.44
C GLN I 362 11.61 23.06 52.98
N SER I 363 10.93 24.00 53.62
CA SER I 363 11.05 25.38 53.15
C SER I 363 12.51 25.83 53.34
N ILE I 364 13.08 25.54 54.51
CA ILE I 364 14.49 25.84 54.82
C ILE I 364 15.42 25.19 53.81
N GLN I 365 15.14 23.94 53.49
CA GLN I 365 15.94 23.20 52.51
C GLN I 365 15.76 23.79 51.13
N GLY I 366 14.54 24.18 50.79
CA GLY I 366 14.29 24.69 49.47
C GLY I 366 14.82 26.09 49.23
N GLY I 367 14.68 26.95 50.24
CA GLY I 367 15.16 28.31 50.14
C GLY I 367 16.67 28.30 50.09
N SER I 368 17.27 27.38 50.85
CA SER I 368 18.72 27.24 50.88
C SER I 368 19.16 26.73 49.51
N LYS I 369 18.46 25.74 49.00
CA LYS I 369 18.70 25.28 47.66
C LYS I 369 18.60 26.46 46.68
N TYR I 370 17.59 27.33 46.80
CA TYR I 370 17.47 28.45 45.87
C TYR I 370 18.67 29.37 45.90
N PHE I 371 19.04 29.81 47.08
CA PHE I 371 20.15 30.75 47.22
C PHE I 371 21.45 30.13 46.75
N VAL I 372 21.69 28.90 47.14
CA VAL I 372 22.95 28.25 46.82
C VAL I 372 23.12 28.12 45.32
N GLN I 373 22.05 27.74 44.64
CA GLN I 373 22.03 27.63 43.20
C GLN I 373 22.26 28.99 42.55
N ILE I 374 21.57 30.01 43.05
CA ILE I 374 21.72 31.40 42.57
C ILE I 374 23.15 31.90 42.69
N ARG I 375 23.80 31.54 43.78
CA ARG I 375 25.16 31.93 43.93
C ARG I 375 26.00 31.29 42.83
N SER I 376 25.63 30.07 42.44
CA SER I 376 26.38 29.31 41.44
C SER I 376 26.27 29.86 40.00
N GLU I 377 25.22 30.58 39.69
CA GLU I 377 25.07 31.13 38.35
C GLU I 377 25.74 32.51 38.11
N LEU I 378 26.18 33.15 39.19
CA LEU I 378 26.89 34.42 39.09
C LEU I 378 28.12 34.23 38.26
N PRO I 379 28.45 35.24 37.44
CA PRO I 379 29.65 35.29 36.60
C PRO I 379 30.88 34.78 37.35
N GLU I 380 31.69 33.95 36.70
CA GLU I 380 32.86 33.33 37.34
C GLU I 380 33.90 34.31 37.84
N SER I 381 33.85 35.54 37.31
CA SER I 381 34.82 36.54 37.72
C SER I 381 34.65 36.94 39.16
N ILE I 382 33.47 36.69 39.76
CA ILE I 382 33.22 37.12 41.14
C ILE I 382 33.67 36.07 42.16
N LYS I 383 34.65 36.43 42.98
CA LYS I 383 35.26 35.45 43.88
C LYS I 383 34.69 35.67 45.27
N GLU I 384 34.83 34.69 46.16
CA GLU I 384 34.38 34.92 47.52
C GLU I 384 35.34 35.94 48.16
N PRO I 385 34.85 36.66 49.18
CA PRO I 385 33.51 36.50 49.71
C PRO I 385 32.45 37.36 49.00
N ASP I 386 32.84 38.29 48.15
CA ASP I 386 31.86 39.12 47.48
C ASP I 386 30.83 38.26 46.79
N ARG I 387 31.23 37.09 46.30
CA ARG I 387 30.33 36.24 45.54
C ARG I 387 29.04 35.92 46.35
N SER I 388 29.21 35.65 47.64
CA SER I 388 28.07 35.44 48.53
C SER I 388 27.20 36.70 48.66
N TRP I 389 27.81 37.86 48.75
CA TRP I 389 27.03 39.06 48.85
C TRP I 389 26.30 39.34 47.49
N PHE I 390 26.98 39.08 46.39
CA PHE I 390 26.34 39.21 45.11
C PHE I 390 25.17 38.27 45.04
N ALA I 391 25.35 37.11 45.65
CA ALA I 391 24.30 36.14 45.66
C ALA I 391 23.11 36.64 46.48
N LEU I 392 23.36 37.16 47.68
CA LEU I 392 22.25 37.65 48.50
C LEU I 392 21.57 38.75 47.72
N ALA I 393 22.36 39.53 46.99
CA ALA I 393 21.79 40.64 46.26
C ALA I 393 20.84 40.10 45.20
N ALA I 394 21.29 39.11 44.45
CA ALA I 394 20.52 38.57 43.36
C ALA I 394 19.29 37.82 43.88
N TYR I 395 19.47 37.14 45.02
CA TYR I 395 18.37 36.49 45.73
C TYR I 395 17.19 37.47 45.90
N ASN I 396 17.51 38.74 46.07
CA ASN I 396 16.48 39.67 46.40
C ASN I 396 15.90 40.38 45.19
N ILE I 397 16.75 40.85 44.28
CA ILE I 397 16.35 41.75 43.19
C ILE I 397 16.26 41.05 41.83
N GLY I 398 16.79 39.84 41.78
CA GLY I 398 16.91 39.11 40.54
C GLY I 398 18.21 39.43 39.83
N GLY I 399 18.82 38.40 39.26
CA GLY I 399 20.10 38.49 38.60
C GLY I 399 20.06 39.46 37.44
N ALA I 400 18.87 39.67 36.86
CA ALA I 400 18.72 40.55 35.69
C ALA I 400 19.03 41.98 36.09
N HIS I 401 18.33 42.49 37.09
CA HIS I 401 18.69 43.76 37.67
C HIS I 401 20.14 43.84 38.17
N LEU I 402 20.64 42.77 38.76
CA LEU I 402 22.00 42.76 39.27
C LEU I 402 23.00 42.93 38.16
N GLU I 403 22.68 42.37 37.00
CA GLU I 403 23.57 42.43 35.86
C GLU I 403 23.66 43.92 35.43
N ASP I 404 22.52 44.56 35.39
CA ASP I 404 22.48 45.96 35.10
C ASP I 404 23.33 46.72 36.02
N ALA I 405 23.21 46.45 37.29
CA ALA I 405 24.01 47.25 38.16
C ALA I 405 25.49 47.04 37.85
N ARG I 406 25.91 45.81 37.64
CA ARG I 406 27.34 45.52 37.47
C ARG I 406 27.86 46.18 36.21
N LYS I 407 27.04 46.12 35.13
CA LYS I 407 27.41 46.75 33.87
C LYS I 407 27.64 48.23 34.08
N MET I 408 26.72 48.84 34.84
CA MET I 408 26.78 50.25 35.23
C MET I 408 28.07 50.59 35.99
N ALA I 409 28.45 49.67 36.88
CA ALA I 409 29.67 49.78 37.70
C ALA I 409 30.93 49.77 36.85
N GLU I 410 30.97 48.91 35.84
CA GLU I 410 32.08 48.90 34.91
C GLU I 410 32.16 50.24 34.14
N LYS I 411 31.07 50.59 33.45
CA LYS I 411 30.95 51.86 32.71
C LYS I 411 31.29 53.06 33.59
N GLU I 412 31.12 52.93 34.88
CA GLU I 412 31.47 53.99 35.81
C GLU I 412 32.92 53.89 36.19
N GLY I 413 33.62 52.97 35.54
CA GLY I 413 35.00 52.72 35.90
C GLY I 413 35.27 52.10 37.26
N LEU I 414 34.29 51.42 37.84
CA LEU I 414 34.47 50.67 39.09
C LEU I 414 34.67 49.17 38.80
N ASN I 415 34.97 48.40 39.83
CA ASN I 415 35.11 46.95 39.69
C ASN I 415 33.76 46.18 39.83
N PRO I 416 33.26 45.56 38.75
CA PRO I 416 31.96 44.86 38.86
C PRO I 416 32.07 43.52 39.63
N ASN I 417 33.24 43.22 40.15
CA ASN I 417 33.38 42.00 40.93
C ASN I 417 33.54 42.34 42.39
N LYS I 418 33.33 43.59 42.75
CA LYS I 418 33.43 43.94 44.15
C LYS I 418 32.14 44.44 44.77
N TRP I 419 31.71 43.80 45.87
CA TRP I 419 30.39 44.09 46.43
C TRP I 419 30.41 45.56 46.83
N LEU I 420 31.55 45.99 47.35
CA LEU I 420 31.73 47.36 47.80
C LEU I 420 31.55 48.38 46.69
N ASP I 421 31.84 47.98 45.46
CA ASP I 421 31.64 48.89 44.35
C ASP I 421 30.19 48.78 43.82
N VAL I 422 29.70 47.57 43.61
CA VAL I 422 28.40 47.40 42.99
C VAL I 422 27.26 47.87 43.91
N LYS I 423 27.51 47.77 45.20
CA LYS I 423 26.57 48.15 46.24
C LYS I 423 26.23 49.61 46.12
N LYS I 424 27.15 50.36 45.49
CA LYS I 424 26.96 51.78 45.22
C LYS I 424 26.03 52.06 44.00
N MET I 425 26.00 51.16 43.02
CA MET I 425 25.13 51.40 41.87
C MET I 425 23.70 51.03 42.14
N LEU I 426 23.50 49.98 42.96
CA LEU I 426 22.18 49.37 43.09
C LEU I 426 21.08 50.37 43.32
N PRO I 427 21.30 51.37 44.19
CA PRO I 427 20.29 52.40 44.44
C PRO I 427 19.96 53.25 43.20
N ARG I 428 20.80 53.20 42.17
CA ARG I 428 20.48 54.01 41.01
C ARG I 428 19.39 53.34 40.20
N LEU I 429 19.16 52.06 40.43
CA LEU I 429 18.14 51.38 39.66
C LEU I 429 16.77 51.91 39.98
N ALA I 430 16.67 52.73 41.04
CA ALA I 430 15.40 53.33 41.45
C ALA I 430 15.33 54.78 41.05
N GLN I 431 16.26 55.18 40.22
CA GLN I 431 16.40 56.56 39.78
C GLN I 431 16.27 56.60 38.26
N LYS I 432 15.19 57.22 37.77
CA LYS I 432 14.88 57.18 36.34
C LYS I 432 15.97 57.69 35.40
N GLN I 433 16.64 58.80 35.74
CA GLN I 433 17.76 59.27 34.91
C GLN I 433 18.74 58.14 34.57
N TRP I 434 18.88 57.19 35.49
CA TRP I 434 19.80 56.08 35.36
C TRP I 434 19.20 54.81 34.80
N TYR I 435 18.05 54.41 35.34
CA TYR I 435 17.55 53.08 35.02
C TYR I 435 17.00 53.03 33.61
N ALA I 436 16.65 54.19 33.08
CA ALA I 436 16.15 54.31 31.72
C ALA I 436 17.23 53.87 30.73
N LYS I 437 18.48 53.91 31.21
CA LYS I 437 19.63 53.50 30.45
C LYS I 437 20.00 52.01 30.58
N THR I 438 19.19 51.26 31.34
CA THR I 438 19.43 49.82 31.52
C THR I 438 18.49 48.93 30.72
N ARG I 439 18.87 47.67 30.57
CA ARG I 439 18.13 46.74 29.74
C ARG I 439 16.85 46.40 30.47
N TYR I 440 16.95 46.22 31.77
CA TYR I 440 15.81 45.68 32.52
C TYR I 440 15.08 46.72 33.31
N GLY I 441 15.55 47.97 33.28
CA GLY I 441 14.77 49.07 33.84
C GLY I 441 14.74 49.16 35.36
N TYR I 442 13.65 49.71 35.90
CA TYR I 442 13.53 50.04 37.33
C TYR I 442 13.56 48.90 38.34
N ALA I 443 14.20 49.11 39.48
CA ALA I 443 14.05 48.19 40.61
C ALA I 443 14.25 48.95 41.87
N ARG I 444 13.60 48.56 42.95
CA ARG I 444 13.83 49.31 44.18
C ARG I 444 15.20 48.82 44.74
N GLY I 445 16.26 49.15 43.98
CA GLY I 445 17.58 48.63 44.26
C GLY I 445 18.13 49.09 45.59
N GLY I 446 17.55 50.15 46.14
CA GLY I 446 18.06 50.60 47.41
C GLY I 446 17.69 49.57 48.47
N GLU I 447 16.57 48.87 48.27
CA GLU I 447 16.17 47.87 49.26
C GLU I 447 16.99 46.60 49.14
N THR I 448 17.49 46.33 47.94
CA THR I 448 18.39 45.20 47.70
C THR I 448 19.60 45.42 48.56
N VAL I 449 20.04 46.68 48.62
CA VAL I 449 21.18 47.03 49.47
C VAL I 449 20.93 46.79 50.96
N HIS I 450 19.77 47.25 51.45
CA HIS I 450 19.39 47.03 52.85
C HIS I 450 19.27 45.55 53.15
N PHE I 451 18.67 44.80 52.24
CA PHE I 451 18.48 43.37 52.46
C PHE I 451 19.85 42.75 52.72
N VAL I 452 20.80 43.01 51.84
CA VAL I 452 22.11 42.40 51.99
C VAL I 452 22.79 42.79 53.29
N GLN I 453 22.69 44.06 53.68
N GLN I 453 22.78 44.08 53.62
CA GLN I 453 23.47 44.53 54.84
CA GLN I 453 23.38 44.51 54.87
C GLN I 453 22.82 44.16 56.20
C GLN I 453 22.90 43.67 56.03
N ASN I 454 21.57 43.69 56.19
CA ASN I 454 20.97 43.02 57.33
C ASN I 454 21.39 41.59 57.47
N VAL I 455 21.38 40.86 56.37
CA VAL I 455 21.65 39.47 56.45
C VAL I 455 23.00 39.26 57.01
N ARG I 456 23.92 40.09 56.55
CA ARG I 456 25.29 39.98 57.00
C ARG I 456 25.38 40.35 58.47
N ARG I 457 24.53 41.29 58.93
CA ARG I 457 24.52 41.65 60.33
C ARG I 457 24.09 40.45 61.16
N TYR I 458 22.97 39.83 60.79
CA TYR I 458 22.49 38.70 61.56
C TYR I 458 23.51 37.55 61.49
N TYR I 459 24.17 37.49 60.34
CA TYR I 459 25.17 36.46 60.08
C TYR I 459 26.33 36.68 61.04
N ASP I 460 26.80 37.91 61.11
CA ASP I 460 27.89 38.21 62.02
C ASP I 460 27.51 37.93 63.46
N ILE I 461 26.34 38.43 63.84
CA ILE I 461 25.81 38.20 65.16
C ILE I 461 25.74 36.71 65.44
N LEU I 462 25.23 35.94 64.48
CA LEU I 462 25.13 34.50 64.67
C LEU I 462 26.49 33.86 64.85
N THR I 463 27.43 34.31 64.03
CA THR I 463 28.78 33.79 64.16
C THR I 463 29.36 34.07 65.51
N TRP I 464 29.20 35.30 66.01
CA TRP I 464 29.73 35.75 67.30
C TRP I 464 29.13 35.04 68.56
N VAL I 465 28.32 34.01 68.38
CA VAL I 465 27.73 33.34 69.52
C VAL I 465 27.90 31.85 69.30
N THR I 466 28.80 31.46 68.39
CA THR I 466 28.84 30.06 67.98
C THR I 466 30.10 29.21 68.27
N GLN I 467 31.29 29.77 68.55
CA GLN I 467 31.59 31.19 68.71
C GLN I 467 31.91 31.76 67.36
N GLY J 52 5.56 -43.96 24.48
CA GLY J 52 6.75 -44.52 25.10
C GLY J 52 6.84 -46.05 25.09
N VAL J 53 5.89 -46.70 24.43
CA VAL J 53 5.84 -48.17 24.38
C VAL J 53 5.28 -48.71 23.04
N LEU J 54 6.16 -49.34 22.25
CA LEU J 54 5.81 -49.98 20.97
C LEU J 54 5.22 -51.36 21.11
N ARG J 55 3.97 -51.53 20.69
CA ARG J 55 3.36 -52.86 20.70
C ARG J 55 3.58 -53.68 19.41
N VAL J 56 4.25 -54.82 19.52
CA VAL J 56 4.40 -55.70 18.36
C VAL J 56 3.72 -57.01 18.64
N ILE J 57 2.79 -57.37 17.77
CA ILE J 57 2.05 -58.62 17.93
C ILE J 57 2.78 -59.64 17.09
N THR J 58 2.90 -60.84 17.63
CA THR J 58 3.51 -61.90 16.91
C THR J 58 2.86 -63.22 17.30
N ARG J 59 3.28 -64.30 16.66
CA ARG J 59 2.78 -65.60 17.07
C ARG J 59 3.84 -66.28 17.98
N ASN J 60 3.36 -67.03 18.99
CA ASN J 60 4.18 -67.86 19.88
C ASN J 60 4.62 -69.10 19.15
N SER J 61 5.87 -69.07 18.71
CA SER J 61 6.44 -70.11 17.87
C SER J 61 7.98 -69.98 17.81
N PRO J 62 8.66 -71.04 17.42
CA PRO J 62 10.12 -70.95 17.40
C PRO J 62 10.70 -69.98 16.36
N ALA J 63 9.97 -69.70 15.28
CA ALA J 63 10.51 -68.86 14.20
C ALA J 63 10.34 -67.37 14.45
N THR J 64 9.58 -67.05 15.48
CA THR J 64 9.21 -65.68 15.75
C THR J 64 9.57 -65.31 17.20
N TYR J 65 8.90 -65.89 18.19
CA TYR J 65 9.03 -65.47 19.61
C TYR J 65 8.74 -66.57 20.65
N PHE J 66 9.58 -66.67 21.67
CA PHE J 66 9.32 -67.60 22.77
C PHE J 66 10.19 -67.29 24.00
N GLN J 67 9.89 -67.93 25.12
CA GLN J 67 10.68 -67.69 26.31
C GLN J 67 11.59 -68.90 26.51
N ASP J 68 12.89 -68.67 26.58
CA ASP J 68 13.77 -69.75 26.96
C ASP J 68 14.24 -69.45 28.37
N ARG J 69 15.35 -70.11 28.78
CA ARG J 69 15.89 -70.02 30.14
C ARG J 69 16.53 -68.65 30.37
N ASN J 70 16.84 -67.98 29.29
CA ASN J 70 17.42 -66.65 29.34
C ASN J 70 16.47 -65.50 29.10
N GLY J 71 15.19 -65.82 28.96
CA GLY J 71 14.19 -64.81 28.63
C GLY J 71 13.57 -64.84 27.25
N GLU J 72 13.16 -63.68 26.76
CA GLU J 72 12.43 -63.62 25.50
C GLU J 72 13.42 -63.78 24.37
N THR J 73 12.98 -64.37 23.28
CA THR J 73 13.85 -64.74 22.17
C THR J 73 13.05 -64.84 20.90
N GLY J 74 13.74 -65.09 19.80
CA GLY J 74 13.09 -65.24 18.53
C GLY J 74 13.53 -64.19 17.54
N PHE J 75 13.50 -64.61 16.27
CA PHE J 75 13.89 -63.78 15.15
C PHE J 75 13.12 -62.49 15.14
N GLU J 76 11.80 -62.62 15.14
CA GLU J 76 11.00 -61.44 15.09
C GLU J 76 11.23 -60.67 16.37
N TYR J 77 11.40 -61.37 17.48
CA TYR J 77 11.58 -60.66 18.75
C TYR J 77 12.81 -59.76 18.75
N GLU J 78 13.93 -60.26 18.19
CA GLU J 78 15.16 -59.48 18.27
C GLU J 78 15.05 -58.31 17.32
N LEU J 79 14.71 -58.59 16.06
CA LEU J 79 14.53 -57.53 15.08
C LEU J 79 13.61 -56.41 15.60
N ALA J 80 12.52 -56.80 16.28
CA ALA J 80 11.55 -55.88 16.87
C ALA J 80 12.10 -55.10 18.07
N LYS J 81 13.07 -55.68 18.75
CA LYS J 81 13.72 -55.02 19.87
C LYS J 81 14.77 -54.07 19.27
N ARG J 82 15.55 -54.55 18.30
CA ARG J 82 16.56 -53.74 17.62
C ARG J 82 15.93 -52.50 16.93
N PHE J 83 14.63 -52.56 16.69
CA PHE J 83 13.89 -51.45 16.08
C PHE J 83 13.56 -50.42 17.13
N ALA J 84 13.00 -50.92 18.24
CA ALA J 84 12.56 -50.06 19.34
C ALA J 84 13.73 -49.36 20.04
N GLU J 85 14.94 -49.91 19.95
CA GLU J 85 16.09 -49.19 20.47
C GLU J 85 16.26 -48.03 19.50
N ARG J 86 16.11 -48.35 18.22
CA ARG J 86 16.22 -47.37 17.16
C ARG J 86 15.09 -46.35 17.17
N LEU J 87 14.10 -46.54 18.04
CA LEU J 87 13.07 -45.52 18.27
C LEU J 87 13.14 -44.98 19.69
N GLY J 88 14.06 -45.56 20.48
CA GLY J 88 14.19 -45.23 21.89
C GLY J 88 12.90 -45.50 22.65
N VAL J 89 12.30 -46.66 22.39
CA VAL J 89 11.07 -47.05 23.07
C VAL J 89 11.10 -48.44 23.68
N GLU J 90 10.21 -48.68 24.64
CA GLU J 90 10.07 -50.01 25.22
C GLU J 90 9.21 -50.90 24.34
N LEU J 91 9.70 -52.11 24.05
CA LEU J 91 8.92 -53.11 23.34
C LEU J 91 8.05 -53.94 24.27
N LYS J 92 6.75 -53.93 24.02
CA LYS J 92 5.81 -54.82 24.69
C LYS J 92 5.22 -55.83 23.68
N ILE J 93 5.53 -57.11 23.85
CA ILE J 93 5.03 -58.14 22.94
C ILE J 93 3.63 -58.60 23.30
N GLU J 94 2.81 -58.86 22.28
CA GLU J 94 1.49 -59.52 22.43
C GLU J 94 1.40 -60.75 21.53
N THR J 95 0.77 -61.82 21.99
CA THR J 95 0.74 -63.01 21.14
C THR J 95 -0.69 -63.36 20.70
N ALA J 96 -0.90 -63.64 19.41
CA ALA J 96 -2.23 -64.02 18.93
C ALA J 96 -2.42 -65.55 18.92
N ASP J 97 -3.67 -65.97 19.11
CA ASP J 97 -4.03 -67.39 19.25
C ASP J 97 -3.90 -68.14 17.95
N ASN J 98 -3.88 -67.37 16.86
CA ASN J 98 -3.75 -67.90 15.52
C ASN J 98 -3.53 -66.75 14.56
N LEU J 99 -3.37 -67.07 13.29
CA LEU J 99 -3.14 -66.05 12.28
C LEU J 99 -4.34 -65.15 12.06
N ASP J 100 -5.51 -65.71 12.19
CA ASP J 100 -6.68 -64.91 11.93
C ASP J 100 -6.82 -63.80 12.96
N ASP J 101 -6.61 -64.17 14.22
CA ASP J 101 -6.79 -63.26 15.33
C ASP J 101 -5.70 -62.21 15.28
N LEU J 102 -4.53 -62.63 14.80
CA LEU J 102 -3.43 -61.70 14.63
C LEU J 102 -3.88 -60.57 13.72
N TYR J 103 -4.41 -60.91 12.55
CA TYR J 103 -4.83 -59.87 11.66
C TYR J 103 -6.05 -59.16 12.23
N ALA J 104 -6.82 -59.86 13.05
CA ALA J 104 -8.03 -59.25 13.65
C ALA J 104 -7.69 -58.08 14.57
N GLN J 105 -6.79 -58.33 15.52
CA GLN J 105 -6.36 -57.35 16.51
C GLN J 105 -5.58 -56.20 15.88
N LEU J 106 -4.87 -56.52 14.81
CA LEU J 106 -4.08 -55.55 14.06
C LEU J 106 -4.88 -54.46 13.35
N SER J 107 -6.13 -54.73 13.02
CA SER J 107 -6.79 -53.83 12.11
C SER J 107 -7.98 -53.17 12.81
N ARG J 108 -8.22 -53.62 14.03
CA ARG J 108 -9.29 -53.09 14.88
C ARG J 108 -8.78 -51.90 15.72
N GLU J 109 -9.70 -51.21 16.41
CA GLU J 109 -9.42 -50.01 17.21
C GLU J 109 -8.35 -50.18 18.29
N GLY J 110 -7.59 -49.10 18.49
CA GLY J 110 -6.45 -49.06 19.40
C GLY J 110 -5.68 -50.35 19.62
N GLY J 111 -5.38 -51.04 18.53
CA GLY J 111 -4.72 -52.32 18.61
C GLY J 111 -3.25 -52.02 18.48
N PRO J 112 -2.45 -53.04 18.16
CA PRO J 112 -0.99 -53.05 18.04
C PRO J 112 -0.40 -52.22 16.89
N ALA J 113 0.82 -51.76 17.12
CA ALA J 113 1.58 -50.95 16.16
C ALA J 113 1.83 -51.67 14.85
N LEU J 114 2.35 -52.90 14.99
CA LEU J 114 2.69 -53.72 13.83
C LEU J 114 2.67 -55.21 14.19
N ALA J 115 2.56 -56.06 13.17
CA ALA J 115 2.64 -57.50 13.37
C ALA J 115 3.92 -57.99 12.70
N ALA J 116 4.76 -58.70 13.46
CA ALA J 116 6.02 -59.26 12.96
C ALA J 116 6.03 -60.76 13.13
N ALA J 117 5.89 -61.51 12.04
CA ALA J 117 5.55 -62.93 12.19
C ALA J 117 5.85 -63.74 10.94
N GLY J 118 6.81 -63.26 10.17
CA GLY J 118 7.14 -63.93 8.94
C GLY J 118 5.90 -64.04 8.08
N LEU J 119 5.24 -62.91 7.92
CA LEU J 119 3.98 -62.86 7.21
C LEU J 119 4.31 -62.73 5.74
N THR J 120 3.47 -63.28 4.86
CA THR J 120 3.67 -63.10 3.41
C THR J 120 2.95 -61.86 2.89
N PRO J 121 3.72 -60.95 2.24
CA PRO J 121 3.14 -59.67 1.78
C PRO J 121 2.04 -59.80 0.75
N GLY J 122 1.65 -58.66 0.17
CA GLY J 122 0.44 -58.50 -0.63
C GLY J 122 -0.84 -59.18 -0.16
N ARG J 123 -0.69 -60.15 0.75
CA ARG J 123 -1.73 -61.09 1.19
C ARG J 123 -2.99 -60.44 1.78
N GLU J 124 -3.93 -60.08 0.90
CA GLU J 124 -5.14 -59.33 1.30
C GLU J 124 -5.96 -58.80 0.11
N ASP J 125 -6.21 -57.48 0.16
CA ASP J 125 -6.88 -56.69 -0.86
C ASP J 125 -5.82 -55.60 -1.18
N ASP J 126 -5.96 -54.44 -0.55
CA ASP J 126 -4.92 -53.41 -0.50
C ASP J 126 -5.12 -52.60 0.78
N ALA J 127 -4.57 -51.37 0.80
CA ALA J 127 -4.36 -50.49 1.97
C ALA J 127 -4.91 -50.89 3.35
N SER J 128 -5.97 -51.71 3.39
CA SER J 128 -6.55 -52.23 4.65
C SER J 128 -5.50 -52.85 5.56
N VAL J 129 -4.49 -53.41 4.91
CA VAL J 129 -3.30 -53.92 5.54
C VAL J 129 -2.14 -53.58 4.61
N ARG J 130 -1.09 -52.94 5.12
CA ARG J 130 0.04 -52.63 4.27
C ARG J 130 1.34 -53.28 4.78
N TYR J 131 2.11 -53.83 3.86
CA TYR J 131 3.28 -54.59 4.25
C TYR J 131 4.58 -53.82 3.99
N SER J 132 5.52 -53.94 4.92
CA SER J 132 6.83 -53.29 4.79
C SER J 132 7.70 -53.84 3.68
N HIS J 133 8.90 -53.27 3.51
CA HIS J 133 9.89 -53.83 2.58
C HIS J 133 10.24 -55.24 3.09
N THR J 134 10.76 -56.08 2.21
CA THR J 134 11.05 -57.45 2.61
C THR J 134 12.36 -57.60 3.37
N TYR J 135 12.40 -58.56 4.30
CA TYR J 135 13.57 -58.74 5.16
C TYR J 135 14.12 -60.16 5.23
N LEU J 136 13.58 -61.08 4.44
CA LEU J 136 14.06 -62.46 4.48
C LEU J 136 13.45 -63.21 3.30
N ASP J 137 14.27 -63.96 2.57
CA ASP J 137 13.78 -64.66 1.37
C ASP J 137 13.53 -66.14 1.70
N VAL J 138 12.34 -66.63 1.31
CA VAL J 138 11.90 -68.01 1.57
C VAL J 138 11.06 -68.56 0.41
N THR J 139 10.94 -69.87 0.37
CA THR J 139 10.20 -70.53 -0.70
C THR J 139 9.24 -71.54 -0.07
N PRO J 140 8.00 -71.60 -0.56
CA PRO J 140 7.08 -72.61 -0.05
C PRO J 140 7.51 -74.01 -0.43
N GLN J 141 7.39 -74.94 0.50
CA GLN J 141 7.80 -76.30 0.23
C GLN J 141 6.84 -77.38 0.78
N ILE J 142 6.50 -78.32 -0.10
CA ILE J 142 5.78 -79.51 0.30
C ILE J 142 6.77 -80.39 1.03
N ILE J 143 6.36 -80.87 2.19
CA ILE J 143 7.20 -81.67 3.04
C ILE J 143 6.52 -83.04 3.10
N TYR J 144 7.28 -84.11 2.94
CA TYR J 144 6.69 -85.45 3.06
C TYR J 144 7.44 -86.30 4.06
N ARG J 145 6.97 -87.53 4.27
CA ARG J 145 7.62 -88.43 5.23
C ARG J 145 8.46 -89.47 4.50
N ASN J 146 9.67 -89.69 5.02
CA ASN J 146 10.68 -90.57 4.44
C ASN J 146 10.21 -92.02 4.41
N GLY J 147 10.30 -92.66 3.25
CA GLY J 147 9.80 -94.01 3.10
C GLY J 147 8.32 -94.04 2.71
N GLN J 148 7.87 -92.95 2.08
CA GLN J 148 6.50 -92.86 1.56
C GLN J 148 6.52 -92.22 0.15
N GLN J 149 5.41 -92.27 -0.57
CA GLN J 149 5.44 -91.84 -1.97
C GLN J 149 5.71 -90.35 -2.09
N ARG J 150 6.93 -90.05 -2.49
CA ARG J 150 7.36 -88.69 -2.80
C ARG J 150 6.58 -88.06 -3.95
N PRO J 151 5.74 -87.05 -3.68
CA PRO J 151 5.11 -86.41 -4.85
C PRO J 151 6.13 -85.57 -5.64
N THR J 152 6.12 -85.68 -6.96
CA THR J 152 7.13 -85.01 -7.77
C THR J 152 6.50 -83.73 -8.28
N ARG J 153 5.18 -83.76 -8.39
CA ARG J 153 4.37 -82.70 -8.98
C ARG J 153 3.07 -82.49 -8.18
N PRO J 154 2.57 -81.24 -8.17
CA PRO J 154 1.32 -80.80 -7.51
C PRO J 154 0.18 -81.82 -7.61
N GLU J 155 0.17 -82.57 -8.71
CA GLU J 155 -0.84 -83.58 -9.00
C GLU J 155 -0.92 -84.71 -7.97
N ASP J 156 0.21 -84.99 -7.32
CA ASP J 156 0.29 -86.20 -6.52
C ASP J 156 -0.25 -85.92 -5.12
N LEU J 157 -0.83 -84.73 -4.95
CA LEU J 157 -1.41 -84.30 -3.67
C LEU J 157 -2.85 -84.75 -3.45
N VAL J 158 -3.49 -85.22 -4.51
CA VAL J 158 -4.84 -85.76 -4.34
C VAL J 158 -4.75 -87.06 -3.57
N GLY J 159 -5.68 -87.27 -2.65
CA GLY J 159 -5.77 -88.51 -1.92
C GLY J 159 -4.87 -88.62 -0.71
N LYS J 160 -3.89 -87.72 -0.60
CA LYS J 160 -2.99 -87.71 0.55
C LYS J 160 -3.57 -86.77 1.58
N ARG J 161 -3.36 -87.05 2.86
CA ARG J 161 -3.86 -86.17 3.89
C ARG J 161 -2.88 -85.03 4.07
N ILE J 162 -3.37 -83.81 3.90
CA ILE J 162 -2.51 -82.65 3.89
C ILE J 162 -3.05 -81.74 4.96
N MET J 163 -2.15 -81.19 5.76
CA MET J 163 -2.52 -80.24 6.77
C MET J 163 -1.62 -79.01 6.71
N VAL J 164 -2.26 -77.86 6.89
CA VAL J 164 -1.62 -76.55 6.88
C VAL J 164 -2.41 -75.65 7.83
N LEU J 165 -1.82 -74.52 8.23
CA LEU J 165 -2.48 -73.53 9.11
C LEU J 165 -3.66 -72.76 8.50
N LYS J 166 -4.74 -72.63 9.26
CA LYS J 166 -5.90 -71.85 8.82
C LYS J 166 -5.63 -70.34 8.70
N GLY J 167 -6.09 -69.77 7.57
CA GLY J 167 -5.93 -68.36 7.36
C GLY J 167 -4.53 -68.02 6.87
N SER J 168 -3.81 -69.02 6.40
CA SER J 168 -2.40 -68.84 6.11
C SER J 168 -2.14 -68.59 4.64
N SER J 169 -0.99 -68.00 4.35
CA SER J 169 -0.47 -67.89 3.00
C SER J 169 -0.57 -69.22 2.29
N HIS J 170 -0.26 -70.28 3.03
CA HIS J 170 -0.10 -71.59 2.45
C HIS J 170 -1.43 -72.24 2.11
N ALA J 171 -2.48 -71.90 2.87
CA ALA J 171 -3.85 -72.38 2.64
C ALA J 171 -4.46 -71.96 1.28
N GLU J 172 -4.17 -70.73 0.86
CA GLU J 172 -4.70 -70.23 -0.41
C GLU J 172 -4.09 -70.95 -1.57
N GLN J 173 -2.81 -71.25 -1.46
CA GLN J 173 -2.11 -71.91 -2.53
C GLN J 173 -2.78 -73.20 -2.97
N LEU J 174 -3.22 -73.98 -1.98
CA LEU J 174 -3.86 -75.27 -2.25
C LEU J 174 -5.26 -75.05 -2.78
N ALA J 175 -5.97 -74.13 -2.12
CA ALA J 175 -7.29 -73.68 -2.55
C ALA J 175 -7.29 -73.38 -4.05
N GLU J 176 -6.25 -72.67 -4.49
CA GLU J 176 -6.06 -72.37 -5.89
C GLU J 176 -5.73 -73.66 -6.67
N LEU J 177 -4.89 -74.50 -6.09
CA LEU J 177 -4.55 -75.79 -6.68
C LEU J 177 -5.81 -76.63 -6.79
N LYS J 178 -6.77 -76.36 -5.90
CA LYS J 178 -8.03 -77.12 -5.86
C LYS J 178 -8.97 -76.74 -7.03
N LYS J 179 -8.73 -75.60 -7.66
CA LYS J 179 -9.51 -75.24 -8.85
C LYS J 179 -9.11 -76.10 -10.06
N GLN J 180 -7.82 -76.22 -10.34
CA GLN J 180 -7.38 -77.08 -11.44
C GLN J 180 -7.53 -78.57 -11.10
N TYR J 181 -7.58 -78.89 -9.81
CA TYR J 181 -7.82 -80.28 -9.43
C TYR J 181 -8.82 -80.40 -8.30
N PRO J 182 -10.12 -80.35 -8.64
CA PRO J 182 -11.21 -80.31 -7.66
C PRO J 182 -11.22 -81.58 -6.82
N GLU J 183 -10.45 -82.60 -7.19
CA GLU J 183 -10.34 -83.81 -6.36
C GLU J 183 -9.31 -83.63 -5.21
N LEU J 184 -8.47 -82.60 -5.29
CA LEU J 184 -7.52 -82.30 -4.23
C LEU J 184 -8.22 -82.12 -2.88
N LYS J 185 -7.69 -82.74 -1.83
CA LYS J 185 -8.22 -82.51 -0.49
C LYS J 185 -7.12 -82.22 0.52
N TYR J 186 -7.41 -81.31 1.45
CA TYR J 186 -6.46 -80.89 2.48
C TYR J 186 -7.20 -80.33 3.71
N GLU J 187 -6.59 -80.39 4.89
CA GLU J 187 -7.21 -79.85 6.12
C GLU J 187 -6.55 -78.56 6.68
N GLU J 188 -7.30 -77.77 7.44
CA GLU J 188 -6.74 -76.57 8.07
C GLU J 188 -7.14 -76.40 9.55
N SER J 189 -6.22 -75.87 10.36
CA SER J 189 -6.46 -75.77 11.79
C SER J 189 -5.89 -74.50 12.41
N ASP J 190 -6.60 -73.95 13.39
CA ASP J 190 -6.13 -72.82 14.18
C ASP J 190 -5.35 -73.28 15.37
N ALA J 191 -5.46 -74.58 15.66
CA ALA J 191 -4.91 -75.14 16.89
C ALA J 191 -3.60 -75.88 16.66
N VAL J 192 -2.92 -75.58 15.56
CA VAL J 192 -1.57 -76.10 15.36
C VAL J 192 -0.63 -74.99 14.86
N GLU J 193 0.66 -75.14 15.19
CA GLU J 193 1.72 -74.31 14.62
C GLU J 193 2.55 -75.14 13.66
N VAL J 194 3.45 -74.47 12.97
CA VAL J 194 4.21 -75.15 11.95
C VAL J 194 4.99 -76.30 12.58
N VAL J 195 5.55 -76.10 13.78
CA VAL J 195 6.21 -77.20 14.50
C VAL J 195 5.25 -78.39 14.75
N ASP J 196 3.96 -78.13 14.94
CA ASP J 196 2.95 -79.21 14.91
C ASP J 196 2.79 -79.95 13.56
N LEU J 197 2.81 -79.22 12.43
CA LEU J 197 2.74 -79.84 11.10
C LEU J 197 3.94 -80.75 10.78
N LEU J 198 5.14 -80.30 11.12
CA LEU J 198 6.35 -81.08 10.88
C LEU J 198 6.34 -82.36 11.72
N ARG J 199 5.93 -82.27 12.98
CA ARG J 199 5.77 -83.46 13.78
C ARG J 199 4.76 -84.42 13.14
N MET J 200 3.63 -83.89 12.69
CA MET J 200 2.60 -84.74 12.11
C MET J 200 3.11 -85.53 10.89
N VAL J 201 3.88 -84.89 10.01
CA VAL J 201 4.54 -85.63 8.95
C VAL J 201 5.57 -86.61 9.53
N ASP J 202 6.50 -86.10 10.34
CA ASP J 202 7.44 -86.97 11.06
C ASP J 202 6.84 -88.23 11.66
N VAL J 203 5.78 -88.11 12.47
CA VAL J 203 5.24 -89.29 13.14
C VAL J 203 4.19 -90.00 12.27
N GLY J 204 3.83 -89.38 11.15
CA GLY J 204 2.93 -90.01 10.22
C GLY J 204 1.42 -89.92 10.44
N ASP J 205 0.98 -88.97 11.26
CA ASP J 205 -0.45 -88.67 11.42
C ASP J 205 -0.99 -88.00 10.19
N ILE J 206 -0.08 -87.40 9.42
CA ILE J 206 -0.44 -86.85 8.12
C ILE J 206 0.61 -87.10 7.06
N ASP J 207 0.14 -87.14 5.82
CA ASP J 207 0.97 -87.44 4.67
C ASP J 207 1.93 -86.31 4.25
N LEU J 208 1.38 -85.14 4.03
CA LEU J 208 2.16 -84.02 3.49
C LEU J 208 1.87 -82.72 4.20
N THR J 209 2.81 -81.80 4.17
CA THR J 209 2.50 -80.47 4.65
C THR J 209 3.09 -79.39 3.75
N LEU J 210 2.74 -78.15 4.02
CA LEU J 210 3.19 -77.01 3.21
C LEU J 210 3.65 -75.85 4.11
N VAL J 211 4.94 -75.55 4.12
CA VAL J 211 5.46 -74.52 5.03
C VAL J 211 6.55 -73.70 4.33
N ASP J 212 6.82 -72.49 4.84
CA ASP J 212 7.88 -71.63 4.30
C ASP J 212 9.23 -72.29 4.53
N SER J 213 10.17 -72.06 3.62
CA SER J 213 11.46 -72.75 3.62
C SER J 213 12.26 -72.53 4.90
N ASN J 214 12.17 -71.33 5.47
CA ASN J 214 12.94 -70.99 6.66
C ASN J 214 12.53 -71.84 7.85
N GLU J 215 11.27 -72.24 7.89
CA GLU J 215 10.80 -73.06 8.99
C GLU J 215 11.34 -74.46 8.84
N LEU J 216 11.41 -74.97 7.61
CA LEU J 216 12.06 -76.26 7.44
C LEU J 216 13.48 -76.15 7.89
N ALA J 217 14.09 -75.02 7.51
CA ALA J 217 15.49 -74.74 7.81
C ALA J 217 15.71 -74.66 9.30
N MET J 218 14.80 -74.00 9.99
CA MET J 218 14.88 -73.93 11.44
C MET J 218 14.65 -75.28 12.14
N ASN J 219 13.70 -76.07 11.63
CA ASN J 219 13.19 -77.20 12.41
C ASN J 219 13.61 -78.61 11.95
N GLN J 220 14.17 -78.70 10.74
CA GLN J 220 14.58 -79.96 10.15
C GLN J 220 15.26 -80.91 11.09
N VAL J 221 16.22 -80.39 11.84
CA VAL J 221 17.05 -81.23 12.69
C VAL J 221 16.24 -81.95 13.79
N TYR J 222 15.10 -81.38 14.17
CA TYR J 222 14.24 -81.90 15.25
C TYR J 222 13.16 -82.85 14.73
N PHE J 223 13.11 -83.01 13.42
CA PHE J 223 12.23 -83.97 12.80
C PHE J 223 12.92 -84.77 11.70
N PRO J 224 13.62 -85.85 12.08
CA PRO J 224 14.48 -86.64 11.18
C PRO J 224 13.78 -87.23 9.96
N ASN J 225 12.49 -87.51 10.05
CA ASN J 225 11.81 -88.17 8.93
C ASN J 225 11.27 -87.21 7.85
N VAL J 226 11.26 -85.91 8.09
CA VAL J 226 10.65 -85.06 7.08
C VAL J 226 11.68 -84.72 6.03
N ARG J 227 11.18 -84.49 4.82
CA ARG J 227 11.97 -84.34 3.61
C ARG J 227 11.28 -83.37 2.70
N VAL J 228 12.05 -82.52 2.03
CA VAL J 228 11.46 -81.63 1.03
C VAL J 228 11.09 -82.39 -0.24
N ALA J 229 9.85 -82.28 -0.67
CA ALA J 229 9.47 -82.92 -1.90
C ALA J 229 9.74 -81.99 -3.08
N PHE J 230 9.16 -80.81 -3.06
CA PHE J 230 9.50 -79.84 -4.10
C PHE J 230 9.04 -78.44 -3.69
N ASP J 231 9.64 -77.42 -4.29
CA ASP J 231 9.18 -76.04 -4.09
C ASP J 231 7.83 -75.82 -4.79
N PHE J 232 6.96 -75.03 -4.17
CA PHE J 232 5.61 -74.87 -4.67
C PHE J 232 5.31 -73.37 -4.65
N GLY J 233 5.74 -72.67 -5.70
CA GLY J 233 5.63 -71.22 -5.79
C GLY J 233 7.02 -70.65 -5.94
N GLU J 234 7.14 -69.42 -6.44
CA GLU J 234 8.48 -68.83 -6.57
C GLU J 234 8.90 -68.29 -5.21
N ALA J 235 10.19 -68.18 -5.00
CA ALA J 235 10.70 -67.51 -3.81
C ALA J 235 9.99 -66.16 -3.58
N ARG J 236 9.82 -65.80 -2.31
CA ARG J 236 9.20 -64.53 -1.92
C ARG J 236 9.87 -64.09 -0.61
N GLY J 237 9.62 -62.85 -0.20
CA GLY J 237 10.23 -62.32 0.99
C GLY J 237 9.16 -62.10 2.06
N LEU J 238 9.48 -62.36 3.33
CA LEU J 238 8.53 -62.03 4.39
C LEU J 238 8.60 -60.55 4.72
N ALA J 239 7.54 -60.03 5.30
CA ALA J 239 7.41 -58.61 5.53
C ALA J 239 6.56 -58.34 6.75
N TRP J 240 6.78 -57.20 7.40
CA TRP J 240 5.95 -56.81 8.55
C TRP J 240 4.64 -56.23 8.06
N ALA J 241 3.61 -56.35 8.88
CA ALA J 241 2.33 -55.85 8.49
C ALA J 241 1.90 -54.76 9.45
N LEU J 242 1.43 -53.66 8.88
CA LEU J 242 0.86 -52.54 9.65
C LEU J 242 -0.58 -52.26 9.24
N PRO J 243 -1.39 -51.77 10.18
CA PRO J 243 -2.73 -51.34 9.79
C PRO J 243 -2.70 -50.18 8.78
N GLY J 244 -3.73 -50.10 7.93
CA GLY J 244 -3.92 -48.93 7.09
C GLY J 244 -4.61 -47.90 7.97
N GLY J 245 -4.22 -46.63 7.84
CA GLY J 245 -3.23 -46.23 6.88
C GLY J 245 -3.60 -44.88 6.31
N ASP J 246 -3.01 -43.83 6.87
CA ASP J 246 -3.24 -42.43 6.45
C ASP J 246 -1.94 -41.66 6.78
N ASP J 247 -1.28 -42.07 7.85
CA ASP J 247 0.02 -41.55 8.27
C ASP J 247 1.13 -42.53 7.90
N ASP J 248 2.09 -42.06 7.13
CA ASP J 248 3.19 -42.96 6.77
C ASP J 248 4.31 -42.75 7.77
N SER J 249 3.99 -42.09 8.90
CA SER J 249 4.97 -41.91 9.97
C SER J 249 5.60 -43.24 10.37
N LEU J 250 4.79 -44.16 10.88
CA LEU J 250 5.33 -45.42 11.37
C LEU J 250 5.92 -46.24 10.25
N MET J 251 5.20 -46.38 9.14
CA MET J 251 5.67 -47.18 8.02
C MET J 251 7.11 -46.76 7.62
N ASN J 252 7.36 -45.44 7.51
CA ASN J 252 8.67 -44.92 7.07
C ASN J 252 9.86 -45.22 8.00
N GLU J 253 9.68 -45.06 9.30
CA GLU J 253 10.77 -45.43 10.20
C GLU J 253 11.03 -46.92 10.09
N VAL J 254 9.97 -47.71 10.17
CA VAL J 254 10.05 -49.16 9.99
C VAL J 254 10.84 -49.53 8.71
N ASN J 255 10.55 -48.85 7.60
CA ASN J 255 11.21 -49.18 6.36
C ASN J 255 12.65 -48.72 6.40
N ALA J 256 12.93 -47.67 7.17
CA ALA J 256 14.30 -47.17 7.30
C ALA J 256 15.16 -48.17 8.09
N PHE J 257 14.60 -48.65 9.20
CA PHE J 257 15.23 -49.64 10.05
C PHE J 257 15.70 -50.87 9.28
N LEU J 258 14.78 -51.48 8.55
CA LEU J 258 15.06 -52.73 7.84
C LEU J 258 16.06 -52.53 6.73
N ASP J 259 16.01 -51.35 6.11
CA ASP J 259 16.87 -50.99 4.97
C ASP J 259 18.35 -50.77 5.35
N GLN J 260 18.59 -50.07 6.46
CA GLN J 260 19.96 -49.87 6.95
C GLN J 260 20.51 -51.23 7.38
N ALA J 261 19.62 -52.03 7.97
CA ALA J 261 19.94 -53.36 8.47
C ALA J 261 20.12 -54.33 7.32
N LYS J 262 19.80 -53.86 6.11
CA LYS J 262 19.95 -54.67 4.90
C LYS J 262 21.39 -55.05 4.64
N LYS J 263 22.32 -54.21 5.10
CA LYS J 263 23.73 -54.57 4.86
C LYS J 263 24.63 -53.73 5.77
N GLU J 264 24.01 -53.17 6.81
CA GLU J 264 24.61 -53.15 8.14
C GLU J 264 24.98 -54.57 8.58
N GLY J 265 24.51 -55.56 7.80
CA GLY J 265 24.81 -56.97 7.96
C GLY J 265 23.89 -57.70 8.94
N LEU J 266 23.09 -56.92 9.69
CA LEU J 266 22.28 -57.42 10.80
C LEU J 266 21.33 -58.56 10.41
N LEU J 267 20.66 -58.45 9.27
CA LEU J 267 19.75 -59.51 8.84
C LEU J 267 20.49 -60.81 8.59
N GLN J 268 21.63 -60.75 7.90
CA GLN J 268 22.39 -61.96 7.62
C GLN J 268 22.98 -62.56 8.91
N ARG J 269 23.27 -61.70 9.88
CA ARG J 269 23.65 -62.16 11.22
C ARG J 269 22.51 -62.96 11.92
N LEU J 270 21.30 -62.38 12.01
CA LEU J 270 20.14 -63.06 12.62
C LEU J 270 19.78 -64.37 11.96
N LYS J 271 19.78 -64.36 10.63
CA LYS J 271 19.47 -65.53 9.84
C LYS J 271 20.39 -66.70 10.18
N ASP J 272 21.63 -66.37 10.55
CA ASP J 272 22.68 -67.34 10.82
C ASP J 272 22.73 -67.72 12.31
N ARG J 273 22.39 -66.78 13.20
CA ARG J 273 22.21 -67.13 14.61
C ARG J 273 21.21 -68.28 14.81
N TYR J 274 20.03 -68.14 14.20
CA TYR J 274 18.91 -69.06 14.43
C TYR J 274 18.74 -70.22 13.47
N TYR J 275 18.37 -69.89 12.24
CA TYR J 275 18.11 -70.92 11.24
C TYR J 275 19.41 -71.32 10.51
N GLY J 276 19.97 -72.50 10.82
CA GLY J 276 19.28 -73.57 11.53
C GLY J 276 20.33 -74.12 12.47
N HIS J 277 20.30 -75.44 12.74
CA HIS J 277 21.19 -76.06 13.75
C HIS J 277 20.74 -75.65 15.17
N VAL J 278 20.91 -76.45 16.22
CA VAL J 278 21.39 -77.85 16.29
C VAL J 278 21.78 -78.14 17.75
N ASP J 279 21.67 -77.11 18.60
CA ASP J 279 21.91 -77.21 20.05
C ASP J 279 21.14 -78.31 20.79
N VAL J 280 21.85 -78.89 21.77
CA VAL J 280 21.52 -80.06 22.62
C VAL J 280 22.09 -81.34 22.01
N LEU J 281 21.63 -81.69 20.81
CA LEU J 281 21.67 -83.08 20.34
C LEU J 281 23.09 -83.67 20.18
N GLY J 282 23.22 -84.94 20.57
CA GLY J 282 24.31 -85.75 20.11
C GLY J 282 24.70 -86.78 21.14
N TYR J 283 23.86 -87.78 21.40
CA TYR J 283 24.42 -88.87 22.15
C TYR J 283 25.42 -89.58 21.22
N VAL J 284 26.67 -89.62 21.67
CA VAL J 284 27.75 -90.20 20.91
C VAL J 284 27.79 -91.70 21.06
N GLY J 285 28.51 -92.33 20.14
CA GLY J 285 29.00 -93.68 20.30
C GLY J 285 29.59 -94.05 21.65
N ALA J 286 29.44 -95.32 21.99
CA ALA J 286 30.06 -95.79 23.20
C ALA J 286 31.57 -95.74 22.96
N TYR J 287 31.99 -95.97 21.70
CA TYR J 287 33.41 -95.91 21.31
C TYR J 287 33.95 -94.50 21.56
N THR J 288 33.24 -93.50 21.06
CA THR J 288 33.77 -92.14 21.13
C THR J 288 33.76 -91.57 22.58
N PHE J 289 32.86 -92.05 23.43
CA PHE J 289 32.86 -91.58 24.82
C PHE J 289 34.03 -92.19 25.55
N ALA J 290 34.20 -93.49 25.33
CA ALA J 290 35.22 -94.25 26.01
C ALA J 290 36.55 -93.58 25.64
N GLN J 291 36.79 -93.45 24.34
CA GLN J 291 37.87 -92.58 23.84
C GLN J 291 38.17 -91.30 24.62
N HIS J 292 37.19 -90.38 24.68
CA HIS J 292 37.41 -89.11 25.37
C HIS J 292 37.73 -89.26 26.87
N LEU J 293 37.18 -90.32 27.47
CA LEU J 293 37.49 -90.71 28.83
C LEU J 293 38.97 -90.78 29.04
N GLN J 294 39.67 -91.22 28.00
CA GLN J 294 41.10 -91.43 28.06
C GLN J 294 41.82 -90.15 27.66
N GLN J 295 41.40 -89.57 26.55
CA GLN J 295 42.13 -88.43 26.03
C GLN J 295 41.81 -87.14 26.78
N ARG J 296 40.58 -87.00 27.26
CA ARG J 296 40.10 -85.71 27.78
C ARG J 296 39.80 -85.66 29.27
N LEU J 297 39.11 -86.65 29.79
CA LEU J 297 38.66 -86.51 31.16
C LEU J 297 39.81 -86.12 32.09
N PRO J 298 41.01 -86.68 31.89
CA PRO J 298 42.10 -86.50 32.89
C PRO J 298 42.59 -85.08 33.13
N ARG J 299 42.53 -84.23 32.10
CA ARG J 299 42.92 -82.83 32.20
C ARG J 299 42.04 -82.06 33.16
N TYR J 300 40.81 -82.57 33.33
CA TYR J 300 39.74 -81.80 33.94
C TYR J 300 39.18 -82.57 35.14
N GLU J 301 39.61 -83.81 35.31
CA GLU J 301 39.08 -84.65 36.39
C GLU J 301 39.35 -84.09 37.80
N SER J 302 40.57 -83.61 38.02
CA SER J 302 40.88 -82.98 39.30
C SER J 302 39.91 -81.81 39.54
N HIS J 303 39.60 -81.03 38.49
CA HIS J 303 38.69 -79.89 38.62
C HIS J 303 37.21 -80.29 38.91
N PHE J 304 36.70 -81.31 38.23
CA PHE J 304 35.35 -81.80 38.52
C PHE J 304 35.19 -82.34 39.94
N LYS J 305 36.20 -83.10 40.38
CA LYS J 305 36.22 -83.78 41.67
C LYS J 305 36.18 -82.78 42.82
N GLN J 306 36.93 -81.69 42.63
CA GLN J 306 37.05 -80.61 43.60
C GLN J 306 35.83 -79.69 43.74
N SER J 307 35.12 -79.45 42.63
CA SER J 307 33.85 -78.73 42.70
C SER J 307 32.84 -79.65 43.36
N GLY J 308 32.96 -80.94 43.05
CA GLY J 308 32.20 -81.97 43.74
C GLY J 308 32.34 -81.87 45.25
N LYS J 309 33.60 -81.82 45.69
CA LYS J 309 33.93 -81.63 47.07
C LYS J 309 33.42 -80.27 47.57
N GLN J 310 33.75 -79.21 46.84
CA GLN J 310 33.40 -77.84 47.22
C GLN J 310 31.90 -77.67 47.46
N LYS J 311 31.10 -78.44 46.72
CA LYS J 311 29.66 -78.32 46.78
C LYS J 311 28.97 -79.60 47.17
N ASP J 312 29.72 -80.52 47.77
CA ASP J 312 29.19 -81.76 48.34
C ASP J 312 28.23 -82.50 47.39
N THR J 313 28.72 -82.89 46.22
CA THR J 313 27.86 -83.54 45.25
C THR J 313 28.74 -84.40 44.37
N ASP J 314 28.12 -85.38 43.72
CA ASP J 314 28.83 -86.36 42.91
C ASP J 314 29.57 -85.71 41.75
N TRP J 315 30.90 -85.85 41.75
CA TRP J 315 31.70 -85.25 40.70
C TRP J 315 31.40 -85.83 39.36
N ARG J 316 30.90 -87.06 39.34
CA ARG J 316 30.60 -87.73 38.08
C ARG J 316 29.35 -87.14 37.43
N LEU J 317 28.43 -86.65 38.25
CA LEU J 317 27.31 -85.97 37.66
C LEU J 317 27.74 -84.62 37.10
N LEU J 318 28.61 -83.90 37.81
CA LEU J 318 29.09 -82.65 37.26
C LEU J 318 29.76 -82.90 35.92
N ALA J 319 30.58 -83.95 35.88
CA ALA J 319 31.42 -84.29 34.72
C ALA J 319 30.61 -84.70 33.51
N ALA J 320 29.47 -85.31 33.76
CA ALA J 320 28.59 -85.69 32.67
C ALA J 320 27.94 -84.48 32.00
N ILE J 321 27.41 -83.58 32.82
CA ILE J 321 26.89 -82.32 32.32
C ILE J 321 27.97 -81.70 31.43
N GLY J 322 29.19 -81.64 31.94
CA GLY J 322 30.27 -81.12 31.12
C GLY J 322 30.41 -81.85 29.79
N TYR J 323 30.18 -83.16 29.77
CA TYR J 323 30.36 -83.89 28.53
C TYR J 323 29.24 -83.55 27.56
N GLN J 324 27.99 -83.62 28.04
CA GLN J 324 26.81 -83.26 27.23
C GLN J 324 26.89 -81.87 26.61
N GLU J 325 27.57 -80.96 27.30
CA GLU J 325 27.72 -79.58 26.85
C GLU J 325 28.78 -79.31 25.74
N SER J 326 30.03 -79.74 25.96
CA SER J 326 31.22 -79.41 25.14
C SER J 326 32.07 -80.62 24.77
N LEU J 327 31.65 -81.81 25.17
CA LEU J 327 32.49 -82.95 25.06
C LEU J 327 33.81 -82.69 25.77
N TRP J 328 33.75 -81.92 26.85
CA TRP J 328 34.95 -81.65 27.62
C TRP J 328 35.99 -80.85 26.80
N GLN J 329 35.50 -79.82 26.10
CA GLN J 329 36.33 -78.90 25.30
C GLN J 329 36.14 -77.45 25.80
N PRO J 330 37.19 -76.88 26.41
CA PRO J 330 37.03 -75.62 27.17
C PRO J 330 36.84 -74.37 26.30
N GLY J 331 37.15 -74.49 25.01
CA GLY J 331 36.97 -73.41 24.08
C GLY J 331 35.69 -73.50 23.28
N ALA J 332 34.78 -74.39 23.64
CA ALA J 332 33.58 -74.55 22.83
C ALA J 332 32.67 -73.33 22.91
N THR J 333 32.02 -72.99 21.80
CA THR J 333 31.21 -71.78 21.75
C THR J 333 30.00 -72.01 20.84
N SER J 334 29.01 -71.16 20.95
CA SER J 334 27.82 -71.38 20.16
C SER J 334 27.26 -70.05 19.70
N LYS J 335 26.51 -70.08 18.60
CA LYS J 335 25.77 -68.93 18.09
C LYS J 335 24.81 -68.40 19.15
N THR J 336 24.36 -69.32 20.00
CA THR J 336 23.42 -69.06 21.09
C THR J 336 23.97 -68.29 22.29
N GLY J 337 25.27 -68.03 22.27
CA GLY J 337 25.90 -67.17 23.24
C GLY J 337 26.44 -67.84 24.48
N VAL J 338 26.57 -69.15 24.44
CA VAL J 338 27.25 -69.91 25.50
C VAL J 338 28.71 -70.23 25.09
N ARG J 339 29.55 -70.52 26.08
CA ARG J 339 30.99 -70.66 25.84
C ARG J 339 31.71 -71.37 27.02
N GLY J 340 32.75 -72.16 26.73
CA GLY J 340 33.53 -72.77 27.79
C GLY J 340 33.14 -74.22 28.07
N LEU J 341 33.74 -74.82 29.09
CA LEU J 341 33.60 -76.25 29.35
C LEU J 341 32.19 -76.65 29.66
N MET J 342 31.51 -75.81 30.41
CA MET J 342 30.11 -76.02 30.75
C MET J 342 29.21 -75.14 29.91
N MET J 343 29.73 -74.53 28.85
CA MET J 343 28.90 -73.72 27.95
C MET J 343 27.97 -72.69 28.63
N LEU J 344 28.58 -71.74 29.35
CA LEU J 344 27.83 -70.69 30.06
C LEU J 344 27.49 -69.44 29.22
N THR J 345 26.35 -68.85 29.52
CA THR J 345 25.99 -67.50 29.07
C THR J 345 26.84 -66.44 29.75
N ASN J 346 26.99 -65.25 29.16
CA ASN J 346 27.64 -64.16 29.90
C ASN J 346 26.95 -63.76 31.17
N ARG J 347 25.65 -63.58 31.10
CA ARG J 347 24.92 -63.13 32.25
C ARG J 347 25.15 -64.14 33.38
N THR J 348 25.00 -65.41 33.05
CA THR J 348 25.11 -66.47 34.05
C THR J 348 26.53 -66.69 34.52
N ALA J 349 27.49 -66.54 33.60
CA ALA J 349 28.89 -66.66 33.93
C ALA J 349 29.22 -65.60 34.98
N GLN J 350 28.83 -64.35 34.72
CA GLN J 350 29.04 -63.26 35.67
C GLN J 350 28.39 -63.53 37.02
N ALA J 351 27.12 -63.93 36.99
CA ALA J 351 26.35 -64.23 38.20
C ALA J 351 26.97 -65.32 39.05
N MET J 352 27.76 -66.21 38.46
CA MET J 352 28.31 -67.30 39.25
C MET J 352 29.75 -67.10 39.72
N GLY J 353 30.35 -65.95 39.40
CA GLY J 353 31.71 -65.63 39.84
C GLY J 353 32.86 -65.98 38.90
N VAL J 354 32.51 -66.23 37.64
CA VAL J 354 33.48 -66.62 36.61
C VAL J 354 33.92 -65.40 35.80
N SER J 355 35.22 -65.15 35.78
CA SER J 355 35.74 -63.96 35.10
C SER J 355 36.32 -64.36 33.74
N ASN J 356 36.61 -65.64 33.56
CA ASN J 356 37.08 -66.14 32.27
C ASN J 356 36.48 -67.51 31.90
N ARG J 357 35.40 -67.47 31.11
CA ARG J 357 34.56 -68.61 30.72
C ARG J 357 35.31 -69.72 30.00
N LEU J 358 36.49 -69.38 29.50
CA LEU J 358 37.34 -70.33 28.79
C LEU J 358 38.23 -71.09 29.72
N ASP J 359 38.29 -70.63 30.98
CA ASP J 359 39.04 -71.36 31.98
C ASP J 359 38.27 -72.58 32.50
N PRO J 360 38.88 -73.76 32.35
CA PRO J 360 38.20 -74.99 32.74
C PRO J 360 37.80 -74.93 34.21
N LYS J 361 38.72 -74.49 35.07
CA LYS J 361 38.49 -74.46 36.51
C LYS J 361 37.30 -73.58 36.84
N GLN J 362 37.33 -72.38 36.27
CA GLN J 362 36.29 -71.40 36.54
C GLN J 362 34.97 -71.86 35.98
N SER J 363 34.98 -72.36 34.74
CA SER J 363 33.76 -72.74 34.05
C SER J 363 33.09 -73.97 34.72
N ILE J 364 33.88 -75.00 35.00
CA ILE J 364 33.37 -76.15 35.72
C ILE J 364 32.75 -75.69 37.01
N GLN J 365 33.48 -74.83 37.72
CA GLN J 365 32.98 -74.32 38.99
C GLN J 365 31.70 -73.47 38.79
N GLY J 366 31.64 -72.64 37.77
CA GLY J 366 30.50 -71.76 37.61
C GLY J 366 29.23 -72.49 37.21
N GLY J 367 29.36 -73.46 36.30
CA GLY J 367 28.22 -74.27 35.90
C GLY J 367 27.76 -75.19 37.02
N SER J 368 28.72 -75.72 37.77
CA SER J 368 28.40 -76.64 38.84
C SER J 368 27.62 -75.90 39.92
N LYS J 369 28.08 -74.70 40.27
CA LYS J 369 27.33 -73.80 41.16
C LYS J 369 25.94 -73.53 40.63
N TYR J 370 25.85 -73.19 39.35
CA TYR J 370 24.57 -72.95 38.70
C TYR J 370 23.70 -74.20 38.79
N PHE J 371 24.28 -75.38 38.56
CA PHE J 371 23.51 -76.63 38.60
C PHE J 371 23.03 -76.98 40.00
N VAL J 372 23.95 -76.88 40.96
CA VAL J 372 23.64 -77.21 42.34
C VAL J 372 22.65 -76.22 42.92
N GLN J 373 22.77 -74.96 42.51
CA GLN J 373 21.83 -73.91 42.90
C GLN J 373 20.41 -74.14 42.42
N ILE J 374 20.24 -74.50 41.15
CA ILE J 374 18.90 -74.74 40.59
C ILE J 374 18.22 -75.88 41.36
N ARG J 375 19.02 -76.90 41.71
CA ARG J 375 18.56 -78.08 42.46
C ARG J 375 18.07 -77.77 43.87
N SER J 376 18.69 -76.78 44.52
CA SER J 376 18.24 -76.36 45.86
C SER J 376 16.92 -75.59 45.84
N GLU J 377 16.67 -74.87 44.76
CA GLU J 377 15.47 -74.04 44.70
C GLU J 377 14.23 -74.77 44.22
N LEU J 378 14.39 -75.99 43.70
CA LEU J 378 13.19 -76.77 43.34
C LEU J 378 12.25 -76.96 44.52
N PRO J 379 10.96 -77.08 44.24
CA PRO J 379 9.91 -77.43 45.21
C PRO J 379 10.31 -78.58 46.19
N GLU J 380 9.93 -78.45 47.46
CA GLU J 380 10.29 -79.40 48.51
C GLU J 380 9.81 -80.81 48.25
N SER J 381 8.73 -80.89 47.46
CA SER J 381 8.08 -82.16 47.15
C SER J 381 8.90 -83.10 46.27
N ILE J 382 9.92 -82.55 45.62
CA ILE J 382 10.74 -83.36 44.74
C ILE J 382 11.91 -84.01 45.47
N LYS J 383 11.88 -85.34 45.56
CA LYS J 383 12.86 -86.06 46.36
C LYS J 383 13.91 -86.69 45.44
N GLU J 384 15.10 -86.98 45.96
CA GLU J 384 16.12 -87.65 45.14
C GLU J 384 15.67 -89.09 44.85
N PRO J 385 16.14 -89.66 43.73
CA PRO J 385 17.10 -89.13 42.76
C PRO J 385 16.43 -88.20 41.73
N ASP J 386 15.10 -88.17 41.72
CA ASP J 386 14.28 -87.36 40.80
C ASP J 386 14.69 -85.89 40.76
N ARG J 387 15.06 -85.35 41.92
CA ARG J 387 15.38 -83.93 42.07
C ARG J 387 16.53 -83.57 41.16
N SER J 388 17.51 -84.45 41.13
CA SER J 388 18.67 -84.33 40.28
C SER J 388 18.22 -84.37 38.82
N TRP J 389 17.26 -85.22 38.51
CA TRP J 389 16.73 -85.26 37.15
C TRP J 389 15.94 -83.99 36.86
N PHE J 390 15.10 -83.55 37.80
CA PHE J 390 14.39 -82.29 37.62
C PHE J 390 15.41 -81.16 37.46
N ALA J 391 16.54 -81.25 38.17
CA ALA J 391 17.55 -80.21 38.08
C ALA J 391 18.24 -80.16 36.70
N LEU J 392 18.58 -81.32 36.14
CA LEU J 392 19.13 -81.36 34.78
C LEU J 392 18.12 -80.75 33.80
N ALA J 393 16.83 -80.95 34.08
CA ALA J 393 15.78 -80.47 33.20
C ALA J 393 15.80 -78.96 33.17
N ALA J 394 15.88 -78.38 34.37
CA ALA J 394 15.82 -76.95 34.53
C ALA J 394 17.06 -76.29 33.98
N TYR J 395 18.21 -76.92 34.21
CA TYR J 395 19.47 -76.45 33.65
C TYR J 395 19.26 -76.16 32.16
N ASN J 396 18.36 -76.92 31.55
CA ASN J 396 18.17 -76.81 30.11
C ASN J 396 16.95 -75.92 29.67
N ILE J 397 15.75 -76.11 30.24
CA ILE J 397 14.55 -75.44 29.70
C ILE J 397 14.06 -74.21 30.51
N GLY J 398 14.67 -73.99 31.67
CA GLY J 398 14.27 -72.91 32.57
C GLY J 398 13.15 -73.33 33.50
N GLY J 399 13.22 -72.91 34.75
CA GLY J 399 12.26 -73.35 35.75
C GLY J 399 10.80 -73.05 35.46
N ALA J 400 10.54 -71.99 34.69
CA ALA J 400 9.17 -71.59 34.44
C ALA J 400 8.43 -72.61 33.61
N HIS J 401 9.00 -72.96 32.46
CA HIS J 401 8.44 -74.02 31.63
C HIS J 401 8.29 -75.36 32.37
N LEU J 402 9.32 -75.73 33.14
CA LEU J 402 9.34 -76.95 33.92
C LEU J 402 8.27 -76.89 34.96
N GLU J 403 8.08 -75.70 35.49
CA GLU J 403 6.99 -75.49 36.42
C GLU J 403 5.68 -75.67 35.66
N ASP J 404 5.57 -75.09 34.47
CA ASP J 404 4.41 -75.35 33.61
C ASP J 404 4.20 -76.85 33.38
N ALA J 405 5.33 -77.52 33.16
CA ALA J 405 5.37 -78.97 32.97
C ALA J 405 4.91 -79.70 34.20
N ARG J 406 5.32 -79.19 35.36
CA ARG J 406 4.92 -79.86 36.58
C ARG J 406 3.43 -79.65 36.81
N LYS J 407 2.98 -78.41 36.57
CA LYS J 407 1.59 -78.01 36.70
C LYS J 407 0.72 -78.79 35.74
N MET J 408 1.16 -78.84 34.49
CA MET J 408 0.41 -79.56 33.47
C MET J 408 0.18 -81.03 33.87
N ALA J 409 1.26 -81.64 34.33
CA ALA J 409 1.28 -83.05 34.74
C ALA J 409 0.30 -83.40 35.87
N GLU J 410 0.20 -82.52 36.87
CA GLU J 410 -0.70 -82.71 38.00
C GLU J 410 -2.11 -82.82 37.47
N LYS J 411 -2.50 -81.79 36.73
CA LYS J 411 -3.82 -81.68 36.09
C LYS J 411 -4.18 -82.91 35.24
N GLU J 412 -3.16 -83.61 34.76
CA GLU J 412 -3.41 -84.81 33.95
C GLU J 412 -3.62 -86.04 34.80
N GLY J 413 -3.68 -85.85 36.12
CA GLY J 413 -3.71 -86.95 37.07
C GLY J 413 -2.38 -87.67 37.29
N LEU J 414 -1.28 -86.98 36.99
CA LEU J 414 0.05 -87.52 37.26
C LEU J 414 0.64 -86.96 38.55
N ASN J 415 1.79 -87.52 38.92
CA ASN J 415 2.53 -87.08 40.08
C ASN J 415 3.49 -85.96 39.65
N PRO J 416 3.33 -84.75 40.17
CA PRO J 416 4.24 -83.70 39.74
C PRO J 416 5.61 -83.78 40.40
N ASN J 417 5.84 -84.72 41.31
CA ASN J 417 7.16 -84.81 41.99
C ASN J 417 8.05 -85.98 41.59
N LYS J 418 7.61 -86.73 40.58
CA LYS J 418 8.36 -87.86 40.08
C LYS J 418 8.74 -87.68 38.60
N TRP J 419 10.03 -87.75 38.30
CA TRP J 419 10.54 -87.47 36.96
C TRP J 419 9.95 -88.41 35.93
N LEU J 420 9.71 -89.67 36.31
CA LEU J 420 9.15 -90.61 35.33
C LEU J 420 7.79 -90.14 34.77
N ASP J 421 7.03 -89.37 35.55
CA ASP J 421 5.73 -88.87 35.07
C ASP J 421 5.87 -87.51 34.35
N VAL J 422 6.66 -86.61 34.92
CA VAL J 422 6.79 -85.27 34.34
C VAL J 422 7.51 -85.32 32.96
N LYS J 423 8.33 -86.35 32.75
CA LYS J 423 9.12 -86.54 31.54
C LYS J 423 8.23 -86.77 30.34
N LYS J 424 7.06 -87.26 30.66
CA LYS J 424 6.02 -87.61 29.71
C LYS J 424 5.29 -86.32 29.22
N MET J 425 5.24 -85.31 30.10
CA MET J 425 4.62 -84.03 29.77
C MET J 425 5.49 -83.03 28.99
N LEU J 426 6.80 -83.01 29.21
CA LEU J 426 7.62 -81.94 28.62
C LEU J 426 7.49 -81.75 27.09
N PRO J 427 7.48 -82.85 26.34
CA PRO J 427 7.41 -82.72 24.87
C PRO J 427 6.11 -82.10 24.39
N ARG J 428 5.12 -81.96 25.28
CA ARG J 428 3.83 -81.38 24.87
C ARG J 428 3.98 -79.87 24.77
N LEU J 429 5.05 -79.33 25.36
CA LEU J 429 5.25 -77.89 25.34
C LEU J 429 5.54 -77.38 23.93
N ALA J 430 5.72 -78.29 22.98
CA ALA J 430 5.92 -77.97 21.55
C ALA J 430 4.68 -78.26 20.70
N GLN J 431 3.59 -78.59 21.38
CA GLN J 431 2.32 -78.91 20.74
C GLN J 431 1.34 -77.82 21.14
N LYS J 432 0.96 -77.04 20.13
CA LYS J 432 0.21 -75.83 20.34
C LYS J 432 -1.02 -76.09 21.14
N GLN J 433 -1.74 -77.17 20.78
CA GLN J 433 -2.96 -77.55 21.48
C GLN J 433 -2.67 -77.57 22.94
N TRP J 434 -1.42 -77.86 23.27
CA TRP J 434 -1.01 -77.94 24.67
C TRP J 434 -0.38 -76.65 25.17
N TYR J 435 0.54 -76.05 24.41
CA TYR J 435 1.26 -74.94 25.03
C TYR J 435 0.45 -73.65 25.15
N ALA J 436 -0.53 -73.46 24.27
CA ALA J 436 -1.32 -72.23 24.30
C ALA J 436 -2.08 -72.19 25.61
N LYS J 437 -2.31 -73.34 26.21
CA LYS J 437 -2.95 -73.38 27.52
C LYS J 437 -1.98 -73.27 28.73
N THR J 438 -0.67 -73.12 28.52
CA THR J 438 0.27 -73.05 29.67
C THR J 438 0.62 -71.61 29.93
N ARG J 439 1.35 -71.34 31.00
CA ARG J 439 1.68 -69.97 31.40
C ARG J 439 2.77 -69.24 30.60
N TYR J 440 3.88 -69.93 30.35
CA TYR J 440 5.12 -69.38 29.72
C TYR J 440 5.34 -69.86 28.28
N GLY J 441 4.37 -70.66 27.81
CA GLY J 441 4.20 -71.04 26.41
C GLY J 441 5.15 -72.04 25.78
N TYR J 442 5.33 -71.89 24.47
CA TYR J 442 6.07 -72.87 23.71
C TYR J 442 7.50 -73.00 24.19
N ALA J 443 7.96 -74.25 24.26
CA ALA J 443 9.37 -74.60 24.47
C ALA J 443 9.61 -75.95 23.85
N ARG J 444 10.83 -76.17 23.38
CA ARG J 444 11.12 -77.42 22.70
C ARG J 444 11.41 -78.48 23.72
N GLY J 445 10.43 -78.82 24.52
CA GLY J 445 10.66 -79.70 25.65
C GLY J 445 11.14 -81.07 25.20
N GLY J 446 10.97 -81.37 23.92
CA GLY J 446 11.33 -82.69 23.45
C GLY J 446 12.83 -82.80 23.46
N GLU J 447 13.51 -81.68 23.26
CA GLU J 447 14.96 -81.68 23.28
C GLU J 447 15.46 -81.65 24.71
N THR J 448 14.64 -81.11 25.59
CA THR J 448 14.96 -81.12 27.01
C THR J 448 15.08 -82.56 27.48
N VAL J 449 14.11 -83.40 27.13
CA VAL J 449 14.13 -84.81 27.53
C VAL J 449 15.34 -85.51 26.90
N HIS J 450 15.69 -85.22 25.66
CA HIS J 450 16.86 -85.86 25.10
C HIS J 450 18.06 -85.48 25.96
N PHE J 451 18.08 -84.24 26.44
CA PHE J 451 19.22 -83.73 27.23
C PHE J 451 19.42 -84.53 28.50
N VAL J 452 18.36 -84.57 29.29
CA VAL J 452 18.44 -85.23 30.57
C VAL J 452 18.90 -86.68 30.42
N GLN J 453 18.33 -87.40 29.47
N GLN J 453 18.25 -87.42 29.54
CA GLN J 453 18.60 -88.82 29.38
CA GLN J 453 18.61 -88.82 29.33
C GLN J 453 19.92 -89.09 28.67
C GLN J 453 20.08 -88.91 28.98
N ASN J 454 20.55 -88.07 28.07
CA ASN J 454 21.94 -88.21 27.64
C ASN J 454 22.91 -88.03 28.78
N VAL J 455 22.63 -87.02 29.59
CA VAL J 455 23.51 -86.66 30.67
C VAL J 455 23.54 -87.83 31.64
N ARG J 456 22.38 -88.46 31.79
CA ARG J 456 22.31 -89.65 32.64
C ARG J 456 23.01 -90.83 32.03
N ARG J 457 22.94 -90.94 30.70
CA ARG J 457 23.64 -92.04 30.07
C ARG J 457 25.14 -91.87 30.31
N TYR J 458 25.69 -90.68 30.09
CA TYR J 458 27.13 -90.49 30.32
C TYR J 458 27.44 -90.67 31.81
N TYR J 459 26.46 -90.34 32.64
CA TYR J 459 26.60 -90.45 34.10
C TYR J 459 26.78 -91.92 34.53
N ASP J 460 25.95 -92.79 33.99
CA ASP J 460 26.00 -94.24 34.27
C ASP J 460 27.32 -94.93 33.82
N ILE J 461 27.78 -94.60 32.61
CA ILE J 461 29.06 -95.08 32.12
C ILE J 461 30.17 -94.52 33.01
N LEU J 462 30.10 -93.25 33.38
CA LEU J 462 31.14 -92.68 34.23
C LEU J 462 31.21 -93.36 35.56
N THR J 463 30.07 -93.55 36.19
CA THR J 463 30.08 -94.21 37.49
C THR J 463 30.69 -95.59 37.33
N TRP J 464 30.30 -96.28 36.27
CA TRP J 464 30.72 -97.65 36.05
C TRP J 464 32.21 -97.80 35.90
N VAL J 465 32.91 -96.82 35.31
CA VAL J 465 34.35 -97.00 35.19
C VAL J 465 35.10 -96.45 36.39
N THR J 466 34.38 -96.06 37.44
CA THR J 466 35.06 -95.51 38.62
C THR J 466 34.51 -96.19 39.84
N GLN J 467 34.54 -97.53 39.82
CA GLN J 467 34.42 -98.33 41.03
C GLN J 467 35.64 -98.13 41.94
N GLY K 52 -50.24 28.68 -46.95
CA GLY K 52 -48.88 28.55 -47.44
C GLY K 52 -48.09 29.85 -47.38
N VAL K 53 -48.71 30.91 -46.86
CA VAL K 53 -48.11 32.24 -46.81
C VAL K 53 -48.51 32.99 -45.52
N LEU K 54 -47.51 33.29 -44.69
CA LEU K 54 -47.70 34.08 -43.48
C LEU K 54 -47.79 35.55 -43.78
N ARG K 55 -48.97 36.13 -43.53
CA ARG K 55 -49.13 37.58 -43.68
C ARG K 55 -48.85 38.32 -42.37
N VAL K 56 -47.85 39.19 -42.39
CA VAL K 56 -47.54 40.04 -41.24
C VAL K 56 -47.80 41.49 -41.56
N ILE K 57 -48.60 42.14 -40.73
CA ILE K 57 -48.85 43.54 -40.94
C ILE K 57 -47.93 44.30 -40.02
N THR K 58 -47.39 45.39 -40.54
CA THR K 58 -46.54 46.27 -39.76
C THR K 58 -46.74 47.70 -40.20
N ARG K 59 -46.07 48.62 -39.52
CA ARG K 59 -46.04 49.98 -39.98
C ARG K 59 -44.71 50.29 -40.66
N ASN K 60 -44.78 51.11 -41.69
CA ASN K 60 -43.59 51.58 -42.35
C ASN K 60 -42.83 52.62 -41.53
N SER K 61 -41.76 52.17 -40.86
CA SER K 61 -40.93 53.01 -40.00
C SER K 61 -39.58 52.36 -39.89
N PRO K 62 -38.52 53.16 -39.66
CA PRO K 62 -37.15 52.62 -39.59
C PRO K 62 -36.97 51.67 -38.42
N ALA K 63 -37.84 51.76 -37.41
CA ALA K 63 -37.79 50.89 -36.23
C ALA K 63 -38.46 49.55 -36.49
N THR K 64 -39.10 49.43 -37.65
CA THR K 64 -39.93 48.29 -37.98
C THR K 64 -39.61 47.63 -39.28
N TYR K 65 -39.94 48.35 -40.34
CA TYR K 65 -39.83 47.81 -41.67
C TYR K 65 -39.79 48.91 -42.69
N PHE K 66 -38.89 48.82 -43.66
CA PHE K 66 -38.85 49.77 -44.77
C PHE K 66 -37.98 49.21 -45.88
N GLN K 67 -37.93 49.89 -47.02
CA GLN K 67 -37.08 49.44 -48.10
C GLN K 67 -35.87 50.34 -48.18
N ASP K 68 -34.67 49.79 -48.12
CA ASP K 68 -33.50 50.61 -48.46
C ASP K 68 -33.05 50.12 -49.82
N ARG K 69 -31.79 50.38 -50.19
CA ARG K 69 -31.32 50.02 -51.53
C ARG K 69 -31.11 48.52 -51.75
N ASN K 70 -30.99 47.76 -50.67
CA ASN K 70 -30.76 46.32 -50.79
C ASN K 70 -32.05 45.51 -50.69
N GLY K 71 -33.17 46.22 -50.61
CA GLY K 71 -34.46 45.59 -50.41
C GLY K 71 -35.08 45.78 -49.05
N GLU K 72 -35.92 44.84 -48.65
CA GLU K 72 -36.71 45.00 -47.44
C GLU K 72 -35.82 44.95 -46.22
N THR K 73 -36.10 45.70 -45.16
CA THR K 73 -35.15 45.71 -44.03
C THR K 73 -35.83 46.17 -42.77
N GLY K 74 -35.12 46.00 -41.65
CA GLY K 74 -35.67 46.36 -40.37
C GLY K 74 -35.84 45.21 -39.40
N PHE K 75 -35.79 45.56 -38.12
CA PHE K 75 -35.89 44.65 -37.00
C PHE K 75 -37.14 43.78 -37.06
N GLU K 76 -38.31 44.38 -37.18
CA GLU K 76 -39.54 43.60 -37.25
C GLU K 76 -39.57 42.76 -38.49
N TYR K 77 -39.11 43.35 -39.57
CA TYR K 77 -39.11 42.64 -40.82
C TYR K 77 -38.23 41.42 -40.74
N GLU K 78 -37.13 41.50 -39.98
CA GLU K 78 -36.21 40.38 -39.99
C GLU K 78 -36.76 39.16 -39.26
N LEU K 79 -37.04 39.24 -37.96
CA LEU K 79 -37.65 38.06 -37.32
C LEU K 79 -39.00 37.65 -37.99
N ALA K 80 -39.68 38.55 -38.69
CA ALA K 80 -40.89 38.12 -39.38
C ALA K 80 -40.51 37.18 -40.51
N LYS K 81 -39.30 37.36 -41.04
CA LYS K 81 -38.79 36.51 -42.12
C LYS K 81 -38.14 35.25 -41.51
N ARG K 82 -37.28 35.47 -40.52
CA ARG K 82 -36.59 34.39 -39.83
C ARG K 82 -37.61 33.46 -39.19
N PHE K 83 -38.83 33.98 -39.04
CA PHE K 83 -39.95 33.24 -38.48
C PHE K 83 -40.62 32.42 -39.57
N ALA K 84 -40.81 33.01 -40.73
CA ALA K 84 -41.42 32.27 -41.82
C ALA K 84 -40.48 31.15 -42.31
N GLU K 85 -39.17 31.35 -42.12
CA GLU K 85 -38.11 30.39 -42.49
C GLU K 85 -38.08 29.18 -41.54
N ARG K 86 -38.23 29.47 -40.26
CA ARG K 86 -38.33 28.47 -39.20
C ARG K 86 -39.68 27.77 -39.30
N LEU K 87 -40.54 28.29 -40.18
CA LEU K 87 -41.85 27.69 -40.47
C LEU K 87 -42.02 27.12 -41.88
N GLY K 88 -41.01 27.31 -42.72
CA GLY K 88 -41.13 26.90 -44.11
C GLY K 88 -42.28 27.58 -44.84
N VAL K 89 -42.38 28.89 -44.66
CA VAL K 89 -43.41 29.67 -45.35
C VAL K 89 -42.84 30.91 -46.02
N GLU K 90 -43.57 31.44 -47.00
CA GLU K 90 -43.22 32.71 -47.61
C GLU K 90 -43.75 33.86 -46.77
N LEU K 91 -42.91 34.83 -46.45
CA LEU K 91 -43.37 36.03 -45.73
C LEU K 91 -43.97 37.12 -46.65
N LYS K 92 -45.23 37.49 -46.42
CA LYS K 92 -45.80 38.65 -47.10
C LYS K 92 -46.12 39.77 -46.11
N ILE K 93 -45.42 40.89 -46.23
CA ILE K 93 -45.67 42.05 -45.37
C ILE K 93 -46.80 42.94 -45.94
N GLU K 94 -47.67 43.45 -45.06
CA GLU K 94 -48.60 44.52 -45.42
C GLU K 94 -48.43 45.66 -44.41
N THR K 95 -48.54 46.89 -44.89
CA THR K 95 -48.30 47.99 -43.98
C THR K 95 -49.60 48.73 -43.69
N ALA K 96 -49.85 49.06 -42.42
CA ALA K 96 -51.05 49.81 -42.05
C ALA K 96 -50.78 51.33 -42.07
N ASP K 97 -51.82 52.12 -42.31
CA ASP K 97 -51.70 53.59 -42.47
C ASP K 97 -51.40 54.32 -41.16
N ASN K 98 -51.82 53.70 -40.07
CA ASN K 98 -51.68 54.27 -38.75
C ASN K 98 -52.04 53.15 -37.79
N LEU K 99 -51.91 53.38 -36.49
CA LEU K 99 -52.16 52.31 -35.53
C LEU K 99 -53.62 51.90 -35.44
N ASP K 100 -54.51 52.86 -35.61
CA ASP K 100 -55.94 52.60 -35.52
C ASP K 100 -56.32 51.63 -36.60
N ASP K 101 -55.74 51.81 -37.77
CA ASP K 101 -56.03 50.94 -38.88
C ASP K 101 -55.40 49.56 -38.74
N LEU K 102 -54.25 49.50 -38.08
CA LEU K 102 -53.55 48.24 -37.83
C LEU K 102 -54.35 47.24 -37.00
N TYR K 103 -54.85 47.67 -35.84
CA TYR K 103 -55.64 46.77 -34.98
C TYR K 103 -56.96 46.44 -35.63
N ALA K 104 -57.43 47.37 -36.46
CA ALA K 104 -58.68 47.20 -37.17
C ALA K 104 -58.60 46.03 -38.12
N GLN K 105 -57.57 46.04 -38.94
CA GLN K 105 -57.34 44.97 -39.90
C GLN K 105 -56.94 43.66 -39.22
N LEU K 106 -56.27 43.74 -38.09
CA LEU K 106 -55.83 42.58 -37.34
C LEU K 106 -57.01 41.79 -36.74
N SER K 107 -58.14 42.46 -36.59
CA SER K 107 -59.25 41.89 -35.83
C SER K 107 -60.43 41.64 -36.75
N ARG K 108 -60.26 41.97 -38.04
CA ARG K 108 -61.33 41.75 -39.00
C ARG K 108 -61.39 40.33 -39.54
N GLU K 109 -62.15 40.24 -40.63
CA GLU K 109 -62.35 39.07 -41.46
C GLU K 109 -61.10 38.78 -42.33
N GLY K 110 -60.81 37.49 -42.53
CA GLY K 110 -59.62 37.00 -43.21
C GLY K 110 -58.47 37.97 -43.33
N GLY K 111 -58.05 38.52 -42.21
CA GLY K 111 -56.99 39.51 -42.22
C GLY K 111 -55.67 38.81 -41.97
N PRO K 112 -54.66 39.59 -41.57
CA PRO K 112 -53.28 39.14 -41.32
C PRO K 112 -53.12 38.21 -40.12
N ALA K 113 -52.10 37.36 -40.23
CA ALA K 113 -51.76 36.39 -39.21
C ALA K 113 -51.42 37.07 -37.91
N LEU K 114 -50.54 38.05 -38.00
CA LEU K 114 -50.06 38.75 -36.82
C LEU K 114 -49.62 40.16 -37.15
N ALA K 115 -49.54 41.01 -36.15
CA ALA K 115 -48.96 42.34 -36.33
C ALA K 115 -47.67 42.43 -35.53
N ALA K 116 -46.58 42.82 -36.20
CA ALA K 116 -45.27 43.02 -35.60
C ALA K 116 -44.78 44.43 -35.84
N ALA K 117 -44.74 45.24 -34.79
CA ALA K 117 -44.60 46.68 -35.01
C ALA K 117 -44.14 47.39 -33.75
N GLY K 118 -43.41 46.65 -32.93
CA GLY K 118 -42.94 47.19 -31.69
C GLY K 118 -44.14 47.65 -30.89
N LEU K 119 -45.10 46.73 -30.71
CA LEU K 119 -46.32 47.05 -29.97
C LEU K 119 -46.11 46.81 -28.48
N THR K 120 -46.66 47.70 -27.67
CA THR K 120 -46.73 47.51 -26.21
C THR K 120 -48.08 46.85 -25.93
N PRO K 121 -48.07 45.73 -25.20
CA PRO K 121 -49.30 44.97 -24.88
C PRO K 121 -50.31 45.78 -24.06
N GLY K 122 -50.29 45.52 -22.75
CA GLY K 122 -51.34 45.97 -21.86
C GLY K 122 -52.60 45.14 -21.91
N ARG K 123 -53.57 45.58 -21.11
CA ARG K 123 -54.93 45.02 -21.01
C ARG K 123 -55.02 43.69 -20.20
N GLU K 124 -55.64 42.64 -20.73
CA GLU K 124 -55.43 41.28 -20.17
C GLU K 124 -55.90 40.07 -20.98
N ASP K 125 -57.19 39.89 -21.35
CA ASP K 125 -58.38 40.77 -21.39
C ASP K 125 -58.68 41.12 -22.84
N ASP K 126 -59.96 41.40 -23.09
CA ASP K 126 -60.49 41.92 -24.36
C ASP K 126 -60.28 40.94 -25.51
N ALA K 127 -59.67 39.79 -25.20
CA ALA K 127 -59.01 38.85 -26.12
C ALA K 127 -59.12 39.10 -27.63
N SER K 128 -59.76 40.21 -28.04
CA SER K 128 -59.77 40.62 -29.45
C SER K 128 -58.33 40.74 -29.93
N VAL K 129 -57.45 41.00 -28.98
CA VAL K 129 -56.03 41.01 -29.27
C VAL K 129 -55.29 40.36 -28.15
N ARG K 130 -54.48 39.37 -28.52
CA ARG K 130 -53.62 38.69 -27.59
C ARG K 130 -52.15 38.86 -28.00
N TYR K 131 -51.33 39.12 -26.98
CA TYR K 131 -49.93 39.45 -27.18
C TYR K 131 -48.99 38.30 -26.88
N SER K 132 -47.95 38.25 -27.71
CA SER K 132 -46.89 37.28 -27.57
C SER K 132 -46.06 37.49 -26.31
N HIS K 133 -45.07 36.63 -26.11
CA HIS K 133 -44.08 36.85 -25.07
C HIS K 133 -43.29 38.11 -25.52
N THR K 134 -42.68 38.82 -24.58
CA THR K 134 -42.00 40.03 -24.98
C THR K 134 -40.61 39.74 -25.59
N TYR K 135 -40.16 40.57 -26.51
CA TYR K 135 -38.92 40.29 -27.23
C TYR K 135 -37.90 41.44 -27.20
N LEU K 136 -38.24 42.51 -26.48
CA LEU K 136 -37.36 43.68 -26.35
C LEU K 136 -37.84 44.63 -25.28
N ASP K 137 -36.94 45.06 -24.39
CA ASP K 137 -37.37 45.87 -23.26
C ASP K 137 -37.10 47.35 -23.55
N VAL K 138 -38.12 48.18 -23.29
CA VAL K 138 -38.08 49.62 -23.58
C VAL K 138 -38.79 50.42 -22.50
N THR K 139 -38.52 51.72 -22.47
CA THR K 139 -39.17 52.63 -21.53
C THR K 139 -39.60 53.95 -22.20
N PRO K 140 -40.83 54.41 -21.88
CA PRO K 140 -41.27 55.69 -22.43
C PRO K 140 -40.39 56.79 -21.92
N GLN K 141 -40.11 57.75 -22.77
CA GLN K 141 -39.31 58.83 -22.29
C GLN K 141 -39.85 60.17 -22.81
N ILE K 142 -39.94 61.16 -21.92
CA ILE K 142 -40.22 62.52 -22.35
C ILE K 142 -38.98 63.17 -23.01
N ILE K 143 -39.16 63.76 -24.19
CA ILE K 143 -38.04 64.29 -24.94
C ILE K 143 -38.25 65.78 -25.15
N TYR K 144 -37.19 66.56 -24.96
CA TYR K 144 -37.27 68.01 -25.17
C TYR K 144 -36.17 68.50 -26.10
N ARG K 145 -36.14 69.82 -26.34
CA ARG K 145 -35.14 70.37 -27.26
C ARG K 145 -33.97 71.02 -26.51
N ASN K 146 -32.74 70.80 -26.96
CA ASN K 146 -31.59 71.33 -26.26
C ASN K 146 -31.62 72.84 -26.21
N GLY K 147 -31.42 73.41 -25.02
CA GLY K 147 -31.44 74.87 -24.86
C GLY K 147 -32.80 75.47 -24.58
N GLN K 148 -33.67 74.65 -24.00
CA GLN K 148 -35.02 75.03 -23.58
C GLN K 148 -35.28 74.47 -22.20
N GLN K 149 -36.40 74.85 -21.60
CA GLN K 149 -36.68 74.36 -20.26
C GLN K 149 -36.89 72.85 -20.21
N ARG K 150 -35.90 72.17 -19.65
CA ARG K 150 -35.95 70.73 -19.35
C ARG K 150 -36.98 70.42 -18.26
N PRO K 151 -38.03 69.70 -18.61
CA PRO K 151 -39.02 69.39 -17.57
C PRO K 151 -38.49 68.48 -16.46
N THR K 152 -39.02 68.71 -15.24
CA THR K 152 -38.67 68.01 -14.00
C THR K 152 -39.13 66.56 -14.09
N ARG K 153 -40.42 66.38 -13.90
CA ARG K 153 -41.05 65.08 -14.07
C ARG K 153 -42.44 65.51 -14.54
N PRO K 154 -43.53 64.71 -14.39
CA PRO K 154 -44.78 65.27 -14.89
C PRO K 154 -44.95 66.77 -14.68
N GLU K 155 -44.46 67.31 -13.55
CA GLU K 155 -44.54 68.75 -13.23
C GLU K 155 -45.80 69.35 -13.84
N ASP K 156 -45.65 69.94 -15.01
CA ASP K 156 -46.70 69.84 -15.99
C ASP K 156 -46.13 69.93 -17.39
N LEU K 157 -46.52 68.96 -18.18
CA LEU K 157 -46.18 68.99 -19.56
C LEU K 157 -47.21 70.02 -20.05
N VAL K 158 -48.02 70.46 -19.09
CA VAL K 158 -49.00 71.53 -19.26
C VAL K 158 -48.24 72.82 -19.59
N GLY K 159 -48.79 73.58 -20.55
CA GLY K 159 -48.23 74.84 -21.03
C GLY K 159 -47.26 74.70 -22.18
N LYS K 160 -46.79 73.46 -22.39
CA LYS K 160 -45.88 73.14 -23.48
C LYS K 160 -46.67 72.53 -24.67
N ARG K 161 -46.18 72.71 -25.90
CA ARG K 161 -46.85 72.05 -27.02
C ARG K 161 -46.38 70.61 -27.20
N ILE K 162 -47.31 69.66 -27.11
CA ILE K 162 -46.95 68.25 -27.11
C ILE K 162 -47.66 67.49 -28.22
N MET K 163 -46.92 66.65 -28.95
CA MET K 163 -47.55 65.77 -29.93
C MET K 163 -46.98 64.35 -29.84
N VAL K 164 -47.87 63.35 -29.92
CA VAL K 164 -47.48 61.95 -29.82
C VAL K 164 -48.39 61.11 -30.75
N LEU K 165 -48.03 59.87 -31.03
CA LEU K 165 -48.85 59.14 -31.97
C LEU K 165 -50.26 58.91 -31.51
N LYS K 166 -51.22 59.20 -32.41
CA LYS K 166 -52.65 58.93 -32.19
C LYS K 166 -52.97 57.44 -32.16
N GLY K 167 -53.77 57.03 -31.17
CA GLY K 167 -54.19 55.65 -31.07
C GLY K 167 -53.18 54.70 -30.46
N SER K 168 -52.16 55.29 -29.83
CA SER K 168 -51.03 54.55 -29.29
C SER K 168 -51.12 54.39 -27.80
N SER K 169 -50.38 53.41 -27.28
CA SER K 169 -50.17 53.26 -25.85
C SER K 169 -49.89 54.63 -25.21
N HIS K 170 -49.09 55.47 -25.89
CA HIS K 170 -48.64 56.73 -25.27
C HIS K 170 -49.77 57.78 -25.25
N ALA K 171 -50.68 57.74 -26.24
CA ALA K 171 -51.83 58.66 -26.29
C ALA K 171 -52.71 58.53 -25.06
N GLU K 172 -52.97 57.27 -24.70
CA GLU K 172 -53.70 57.00 -23.47
C GLU K 172 -52.78 57.19 -22.25
N GLN K 173 -51.49 56.89 -22.39
CA GLN K 173 -50.58 57.14 -21.29
C GLN K 173 -50.69 58.58 -20.77
N LEU K 174 -50.78 59.56 -21.67
CA LEU K 174 -50.98 60.95 -21.25
C LEU K 174 -52.42 61.22 -20.83
N ALA K 175 -53.38 60.67 -21.58
CA ALA K 175 -54.79 60.79 -21.24
C ALA K 175 -55.05 60.51 -19.75
N GLU K 176 -54.45 59.45 -19.25
CA GLU K 176 -54.60 59.11 -17.85
C GLU K 176 -53.94 60.18 -16.97
N LEU K 177 -52.80 60.72 -17.38
CA LEU K 177 -52.23 61.86 -16.65
C LEU K 177 -53.18 63.09 -16.63
N LYS K 178 -54.00 63.27 -17.68
CA LYS K 178 -54.86 64.48 -17.79
C LYS K 178 -56.03 64.40 -16.81
N LYS K 179 -56.31 63.20 -16.30
CA LYS K 179 -57.27 63.04 -15.24
C LYS K 179 -56.65 63.70 -14.02
N GLN K 180 -55.37 63.42 -13.80
CA GLN K 180 -54.63 64.03 -12.70
C GLN K 180 -54.32 65.53 -12.79
N TYR K 181 -54.19 66.11 -13.97
CA TYR K 181 -54.01 67.56 -14.07
C TYR K 181 -54.84 68.04 -15.24
N PRO K 182 -56.15 68.27 -15.02
CA PRO K 182 -57.05 68.55 -16.15
C PRO K 182 -56.62 69.75 -17.03
N GLU K 183 -55.62 70.50 -16.60
CA GLU K 183 -55.12 71.60 -17.41
C GLU K 183 -54.12 71.22 -18.51
N LEU K 184 -53.50 70.04 -18.40
CA LEU K 184 -52.57 69.54 -19.43
C LEU K 184 -53.21 69.40 -20.86
N LYS K 185 -52.53 69.87 -21.91
CA LYS K 185 -53.02 69.66 -23.26
C LYS K 185 -51.92 69.09 -24.16
N TYR K 186 -52.32 68.20 -25.07
CA TYR K 186 -51.41 67.51 -25.98
C TYR K 186 -52.15 67.15 -27.25
N GLU K 187 -51.44 66.96 -28.35
CA GLU K 187 -52.07 66.59 -29.62
C GLU K 187 -51.76 65.17 -30.06
N GLU K 188 -52.64 64.57 -30.84
CA GLU K 188 -52.35 63.26 -31.37
C GLU K 188 -52.75 63.31 -32.84
N SER K 189 -52.00 62.59 -33.67
CA SER K 189 -52.14 62.65 -35.13
C SER K 189 -51.96 61.24 -35.66
N ASP K 190 -52.71 60.88 -36.69
CA ASP K 190 -52.46 59.62 -37.41
C ASP K 190 -51.48 59.80 -38.58
N ALA K 191 -51.23 61.05 -38.95
CA ALA K 191 -50.47 61.34 -40.15
C ALA K 191 -49.03 61.71 -39.84
N VAL K 192 -48.55 61.28 -38.67
CA VAL K 192 -47.13 61.32 -38.34
C VAL K 192 -46.70 59.98 -37.77
N GLU K 193 -45.42 59.69 -37.91
CA GLU K 193 -44.74 58.56 -37.29
C GLU K 193 -43.76 59.03 -36.23
N VAL K 194 -43.10 58.14 -35.53
CA VAL K 194 -42.17 58.60 -34.50
C VAL K 194 -40.99 59.47 -34.99
N VAL K 195 -40.36 59.17 -36.13
CA VAL K 195 -39.26 60.07 -36.54
C VAL K 195 -39.74 61.49 -36.74
N ASP K 196 -40.99 61.68 -37.20
CA ASP K 196 -41.58 63.03 -37.28
C ASP K 196 -41.65 63.75 -35.91
N LEU K 197 -42.05 63.00 -34.88
CA LEU K 197 -42.18 63.57 -33.54
C LEU K 197 -40.81 64.09 -33.15
N LEU K 198 -39.78 63.30 -33.42
CA LEU K 198 -38.46 63.71 -33.09
C LEU K 198 -38.02 64.93 -33.92
N ARG K 199 -38.30 64.91 -35.22
CA ARG K 199 -37.89 66.04 -36.06
C ARG K 199 -38.52 67.30 -35.52
N MET K 200 -39.80 67.24 -35.23
CA MET K 200 -40.53 68.41 -34.76
C MET K 200 -39.89 68.99 -33.48
N VAL K 201 -39.46 68.11 -32.57
CA VAL K 201 -38.79 68.54 -31.34
C VAL K 201 -37.50 69.22 -31.71
N ASP K 202 -36.70 68.52 -32.51
CA ASP K 202 -35.45 69.05 -33.06
C ASP K 202 -35.48 70.47 -33.64
N VAL K 203 -36.43 70.73 -34.55
CA VAL K 203 -36.47 72.00 -35.26
C VAL K 203 -37.24 73.01 -34.43
N GLY K 204 -37.86 72.52 -33.37
CA GLY K 204 -38.62 73.36 -32.46
C GLY K 204 -40.06 73.65 -32.85
N ASP K 205 -40.64 72.87 -33.78
CA ASP K 205 -42.06 73.03 -34.16
C ASP K 205 -43.02 72.53 -33.06
N ILE K 206 -42.49 71.73 -32.16
CA ILE K 206 -43.23 71.32 -30.98
C ILE K 206 -42.23 71.30 -29.84
N ASP K 207 -42.73 71.37 -28.61
CA ASP K 207 -41.90 71.44 -27.42
C ASP K 207 -41.40 70.05 -26.91
N LEU K 208 -42.35 69.13 -26.70
CA LEU K 208 -42.10 67.82 -26.08
C LEU K 208 -42.85 66.68 -26.74
N THR K 209 -42.27 65.50 -26.75
CA THR K 209 -43.05 64.36 -27.18
C THR K 209 -42.75 63.22 -26.27
N LEU K 210 -43.47 62.13 -26.50
CA LEU K 210 -43.36 60.98 -25.66
C LEU K 210 -43.28 59.75 -26.55
N VAL K 211 -42.15 59.04 -26.45
CA VAL K 211 -41.87 57.86 -27.28
C VAL K 211 -41.14 56.75 -26.51
N ASP K 212 -41.20 55.51 -27.01
CA ASP K 212 -40.46 54.35 -26.43
C ASP K 212 -38.93 54.52 -26.62
N SER K 213 -38.13 54.04 -25.66
CA SER K 213 -36.67 54.33 -25.66
C SER K 213 -35.90 53.81 -26.89
N ASN K 214 -36.36 52.68 -27.44
CA ASN K 214 -35.69 52.07 -28.58
C ASN K 214 -35.72 52.98 -29.81
N GLU K 215 -36.78 53.78 -29.94
CA GLU K 215 -36.94 54.66 -31.09
C GLU K 215 -35.95 55.77 -30.98
N LEU K 216 -35.79 56.26 -29.75
CA LEU K 216 -34.81 57.30 -29.48
C LEU K 216 -33.39 56.77 -29.71
N ALA K 217 -33.17 55.52 -29.33
CA ALA K 217 -31.85 54.92 -29.45
C ALA K 217 -31.41 54.87 -30.91
N MET K 218 -32.32 54.43 -31.77
CA MET K 218 -32.12 54.35 -33.21
C MET K 218 -31.95 55.71 -33.87
N ASN K 219 -32.67 56.70 -33.40
CA ASN K 219 -32.77 57.96 -34.14
C ASN K 219 -32.02 59.15 -33.51
N GLN K 220 -31.69 59.05 -32.22
CA GLN K 220 -30.99 60.12 -31.51
C GLN K 220 -29.88 60.75 -32.34
N VAL K 221 -29.09 59.90 -32.97
CA VAL K 221 -27.95 60.34 -33.73
C VAL K 221 -28.33 61.23 -34.91
N TYR K 222 -29.54 61.08 -35.41
CA TYR K 222 -30.01 61.86 -36.57
C TYR K 222 -30.76 63.16 -36.21
N PHE K 223 -30.93 63.41 -34.92
CA PHE K 223 -31.56 64.63 -34.42
C PHE K 223 -30.74 65.21 -33.30
N PRO K 224 -29.75 66.04 -33.68
CA PRO K 224 -28.71 66.58 -32.81
C PRO K 224 -29.26 67.35 -31.61
N ASN K 225 -30.43 67.94 -31.78
CA ASN K 225 -30.97 68.80 -30.73
C ASN K 225 -31.84 68.07 -29.69
N VAL K 226 -32.22 66.83 -29.96
CA VAL K 226 -33.19 66.23 -29.09
C VAL K 226 -32.46 65.62 -27.89
N ARG K 227 -33.15 65.56 -26.76
CA ARG K 227 -32.59 65.15 -25.46
C ARG K 227 -33.64 64.40 -24.61
N VAL K 228 -33.21 63.39 -23.87
CA VAL K 228 -34.11 62.72 -22.94
C VAL K 228 -34.33 63.62 -21.72
N ALA K 229 -35.58 63.92 -21.38
CA ALA K 229 -35.83 64.68 -20.17
C ALA K 229 -35.89 63.79 -18.92
N PHE K 230 -36.79 62.80 -18.92
CA PHE K 230 -36.87 61.78 -17.87
C PHE K 230 -37.68 60.56 -18.38
N ASP K 231 -37.46 59.40 -17.78
CA ASP K 231 -38.22 58.19 -18.09
C ASP K 231 -39.66 58.37 -17.59
N PHE K 232 -40.66 57.88 -18.32
CA PHE K 232 -42.05 58.14 -17.92
C PHE K 232 -43.00 56.95 -18.03
N GLY K 233 -43.07 56.15 -16.96
CA GLY K 233 -43.81 54.90 -16.91
C GLY K 233 -42.75 53.85 -16.58
N GLU K 234 -43.13 52.71 -16.04
CA GLU K 234 -42.11 51.71 -15.70
C GLU K 234 -41.73 50.95 -16.96
N ALA K 235 -40.54 50.37 -16.97
CA ALA K 235 -40.10 49.51 -18.08
C ALA K 235 -41.16 48.48 -18.44
N ARG K 236 -41.27 48.15 -19.73
CA ARG K 236 -42.27 47.21 -20.24
C ARG K 236 -41.74 46.44 -21.43
N GLY K 237 -42.49 45.43 -21.86
CA GLY K 237 -42.03 44.57 -22.93
C GLY K 237 -42.80 44.73 -24.22
N LEU K 238 -42.11 44.71 -25.35
CA LEU K 238 -42.78 44.69 -26.65
C LEU K 238 -43.23 43.27 -26.99
N ALA K 239 -44.18 43.15 -27.88
CA ALA K 239 -44.71 41.86 -28.22
C ALA K 239 -45.37 41.91 -29.58
N TRP K 240 -45.53 40.75 -30.20
CA TRP K 240 -46.36 40.64 -31.41
C TRP K 240 -47.86 40.61 -31.11
N ALA K 241 -48.66 41.04 -32.10
CA ALA K 241 -50.11 41.06 -31.93
C ALA K 241 -50.79 40.12 -32.92
N LEU K 242 -51.62 39.24 -32.36
CA LEU K 242 -52.44 38.26 -33.08
C LEU K 242 -53.88 38.51 -32.79
N PRO K 243 -54.72 38.24 -33.78
CA PRO K 243 -56.16 38.33 -33.53
C PRO K 243 -56.56 37.26 -32.50
N GLY K 244 -57.58 37.54 -31.67
CA GLY K 244 -58.16 36.53 -30.79
C GLY K 244 -59.19 35.74 -31.58
N GLY K 245 -59.23 34.42 -31.39
CA GLY K 245 -58.38 33.74 -30.43
C GLY K 245 -59.02 32.48 -29.87
N ASP K 246 -59.41 31.59 -30.76
CA ASP K 246 -60.02 30.32 -30.35
C ASP K 246 -58.99 29.19 -30.56
N ASP K 247 -58.07 29.39 -31.53
CA ASP K 247 -56.95 28.46 -31.80
C ASP K 247 -55.57 28.93 -31.27
N ASP K 248 -54.93 28.14 -30.39
CA ASP K 248 -53.62 28.53 -29.85
C ASP K 248 -52.42 27.94 -30.59
N SER K 249 -52.69 27.31 -31.73
CA SER K 249 -51.63 26.72 -32.55
C SER K 249 -50.52 27.75 -32.84
N LEU K 250 -50.90 28.89 -33.42
CA LEU K 250 -49.87 29.84 -33.78
C LEU K 250 -49.16 30.43 -32.58
N MET K 251 -49.92 31.02 -31.67
CA MET K 251 -49.36 31.80 -30.56
C MET K 251 -48.25 31.08 -29.79
N ASN K 252 -48.46 29.82 -29.41
CA ASN K 252 -47.46 29.10 -28.64
C ASN K 252 -46.19 28.78 -29.47
N GLU K 253 -46.37 28.47 -30.76
CA GLU K 253 -45.21 28.35 -31.65
C GLU K 253 -44.50 29.68 -31.80
N VAL K 254 -45.27 30.73 -32.07
CA VAL K 254 -44.73 32.07 -32.08
C VAL K 254 -43.96 32.33 -30.77
N ASN K 255 -44.55 31.95 -29.64
CA ASN K 255 -43.94 32.15 -28.33
C ASN K 255 -42.76 31.20 -28.12
N ALA K 256 -42.80 30.07 -28.83
CA ALA K 256 -41.70 29.12 -28.85
C ALA K 256 -40.50 29.69 -29.59
N PHE K 257 -40.80 30.25 -30.75
CA PHE K 257 -39.82 30.93 -31.56
C PHE K 257 -39.09 32.02 -30.78
N LEU K 258 -39.83 32.97 -30.20
CA LEU K 258 -39.16 34.10 -29.57
C LEU K 258 -38.36 33.64 -28.35
N ASP K 259 -38.83 32.58 -27.69
CA ASP K 259 -38.13 32.04 -26.53
C ASP K 259 -36.82 31.41 -26.99
N GLN K 260 -36.90 30.67 -28.09
CA GLN K 260 -35.73 30.05 -28.71
C GLN K 260 -34.82 31.14 -29.21
N ALA K 261 -35.43 32.15 -29.80
CA ALA K 261 -34.74 33.24 -30.43
C ALA K 261 -34.09 34.11 -29.38
N LYS K 262 -34.41 33.83 -28.11
CA LYS K 262 -33.79 34.56 -27.01
C LYS K 262 -32.31 34.27 -26.93
N LYS K 263 -31.93 33.33 -26.06
CA LYS K 263 -30.51 33.05 -25.90
C LYS K 263 -30.13 31.82 -26.71
N GLU K 264 -30.54 31.95 -27.97
CA GLU K 264 -29.90 31.35 -29.13
C GLU K 264 -29.11 32.52 -29.71
N GLY K 265 -29.27 33.66 -29.05
CA GLY K 265 -28.60 34.92 -29.32
C GLY K 265 -29.24 35.87 -30.34
N LEU K 266 -30.24 35.40 -31.08
CA LEU K 266 -30.84 36.15 -32.20
C LEU K 266 -31.32 37.55 -31.85
N LEU K 267 -31.97 37.72 -30.70
CA LEU K 267 -32.49 39.03 -30.38
C LEU K 267 -31.43 40.09 -30.19
N GLN K 268 -30.40 39.82 -29.39
CA GLN K 268 -29.38 40.83 -29.17
C GLN K 268 -28.59 41.13 -30.45
N ARG K 269 -28.44 40.14 -31.33
CA ARG K 269 -27.85 40.37 -32.66
C ARG K 269 -28.61 41.43 -33.43
N LEU K 270 -29.92 41.29 -33.51
CA LEU K 270 -30.75 42.27 -34.18
C LEU K 270 -30.62 43.67 -33.58
N LYS K 271 -30.68 43.75 -32.24
CA LYS K 271 -30.61 45.03 -31.53
C LYS K 271 -29.32 45.79 -31.90
N ASP K 272 -28.25 45.07 -32.21
CA ASP K 272 -26.96 45.70 -32.49
C ASP K 272 -26.82 46.03 -33.98
N ARG K 273 -27.39 45.19 -34.84
CA ARG K 273 -27.52 45.53 -36.25
C ARG K 273 -28.24 46.86 -36.36
N TYR K 274 -29.31 46.98 -35.59
CA TYR K 274 -30.15 48.17 -35.54
C TYR K 274 -29.76 48.96 -34.28
N TYR K 275 -30.77 49.37 -33.52
CA TYR K 275 -30.71 50.05 -32.21
C TYR K 275 -29.28 50.24 -31.66
N GLY K 276 -28.47 51.09 -32.27
CA GLY K 276 -28.88 52.16 -33.17
C GLY K 276 -27.61 52.53 -33.94
N HIS K 277 -27.29 53.82 -34.14
CA HIS K 277 -26.13 54.30 -34.97
C HIS K 277 -25.99 53.71 -36.40
N VAL K 278 -25.40 54.44 -37.37
CA VAL K 278 -24.94 55.84 -37.31
C VAL K 278 -24.23 56.17 -38.64
N ASP K 279 -24.33 55.25 -39.59
CA ASP K 279 -23.81 55.43 -40.96
C ASP K 279 -24.23 56.67 -41.78
N VAL K 280 -23.63 56.71 -42.97
CA VAL K 280 -23.61 57.87 -43.87
C VAL K 280 -22.72 59.01 -43.36
N LEU K 281 -23.25 59.74 -42.39
CA LEU K 281 -22.75 61.07 -41.98
C LEU K 281 -21.30 61.03 -41.39
N GLY K 282 -20.55 62.12 -41.60
CA GLY K 282 -19.42 62.40 -40.75
C GLY K 282 -18.38 63.22 -41.50
N TYR K 283 -18.69 64.48 -41.79
CA TYR K 283 -17.68 65.25 -42.51
C TYR K 283 -16.51 65.50 -41.57
N VAL K 284 -15.34 65.05 -41.99
CA VAL K 284 -14.17 65.16 -41.16
C VAL K 284 -13.77 66.60 -41.20
N GLY K 285 -12.94 67.01 -40.26
CA GLY K 285 -12.21 68.24 -40.40
C GLY K 285 -11.55 68.53 -41.74
N ALA K 286 -11.49 69.81 -42.08
CA ALA K 286 -10.79 70.22 -43.27
C ALA K 286 -9.34 69.84 -42.91
N TYR K 287 -9.08 69.95 -41.62
CA TYR K 287 -7.82 69.56 -41.00
C TYR K 287 -7.54 68.09 -41.23
N THR K 288 -8.56 67.26 -40.95
CA THR K 288 -8.37 65.80 -40.98
C THR K 288 -8.22 65.28 -42.39
N PHE K 289 -8.84 65.94 -43.37
CA PHE K 289 -8.80 65.41 -44.73
C PHE K 289 -7.40 65.51 -45.32
N ALA K 290 -6.77 66.66 -45.11
CA ALA K 290 -5.49 66.92 -45.72
C ALA K 290 -4.55 65.85 -45.23
N GLN K 291 -4.40 65.79 -43.91
CA GLN K 291 -3.68 64.71 -43.26
C GLN K 291 -3.84 63.34 -43.94
N HIS K 292 -5.08 62.87 -44.13
CA HIS K 292 -5.27 61.59 -44.81
C HIS K 292 -4.80 61.57 -46.28
N LEU K 293 -4.95 62.69 -46.97
CA LEU K 293 -4.39 62.87 -48.30
C LEU K 293 -2.89 62.55 -48.32
N GLN K 294 -2.21 62.86 -47.22
CA GLN K 294 -0.77 62.65 -47.16
C GLN K 294 -0.46 61.22 -46.65
N GLN K 295 -1.23 60.77 -45.65
CA GLN K 295 -1.04 59.48 -45.01
C GLN K 295 -1.64 58.30 -45.78
N ARG K 296 -2.77 58.53 -46.47
CA ARG K 296 -3.49 57.40 -47.06
C ARG K 296 -3.57 57.39 -48.59
N LEU K 297 -4.05 58.46 -49.18
CA LEU K 297 -4.33 58.50 -50.62
C LEU K 297 -3.20 57.99 -51.52
N PRO K 298 -1.93 58.17 -51.13
CA PRO K 298 -0.90 57.70 -52.06
C PRO K 298 -0.86 56.16 -52.23
N ARG K 299 -1.26 55.41 -51.20
CA ARG K 299 -1.29 53.96 -51.33
C ARG K 299 -2.28 53.52 -52.40
N TYR K 300 -3.30 54.34 -52.63
CA TYR K 300 -4.48 53.92 -53.39
C TYR K 300 -4.71 54.84 -54.59
N GLU K 301 -3.90 55.88 -54.69
CA GLU K 301 -4.10 56.84 -55.75
C GLU K 301 -3.98 56.14 -57.09
N SER K 302 -2.98 55.27 -57.21
CA SER K 302 -2.79 54.48 -58.43
C SER K 302 -4.00 53.63 -58.77
N HIS K 303 -4.58 52.99 -57.77
CA HIS K 303 -5.72 52.13 -58.00
C HIS K 303 -6.92 52.97 -58.41
N PHE K 304 -7.11 54.11 -57.78
CA PHE K 304 -8.20 54.99 -58.19
C PHE K 304 -7.99 55.47 -59.63
N LYS K 305 -6.76 55.82 -59.95
CA LYS K 305 -6.41 56.37 -61.26
C LYS K 305 -6.63 55.42 -62.46
N GLN K 306 -6.25 54.14 -62.31
CA GLN K 306 -6.42 53.15 -63.40
C GLN K 306 -7.88 52.69 -63.57
N SER K 307 -8.63 52.65 -62.47
CA SER K 307 -10.05 52.33 -62.53
C SER K 307 -10.82 53.48 -63.19
N GLY K 308 -10.43 54.69 -62.83
CA GLY K 308 -10.89 55.89 -63.50
C GLY K 308 -10.73 55.90 -65.00
N LYS K 309 -9.50 55.58 -65.44
CA LYS K 309 -9.21 55.42 -66.85
C LYS K 309 -10.02 54.26 -67.42
N GLN K 310 -10.00 53.11 -66.74
CA GLN K 310 -10.69 51.90 -67.21
C GLN K 310 -12.13 52.18 -67.59
N LYS K 311 -12.75 53.11 -66.86
CA LYS K 311 -14.17 53.36 -67.00
C LYS K 311 -14.53 54.77 -67.37
N ASP K 312 -13.54 55.53 -67.82
CA ASP K 312 -13.71 56.90 -68.31
C ASP K 312 -14.58 57.80 -67.40
N THR K 313 -14.09 58.09 -66.21
CA THR K 313 -14.79 58.96 -65.30
C THR K 313 -13.70 59.54 -64.47
N ASP K 314 -13.96 60.71 -63.92
CA ASP K 314 -12.95 61.44 -63.15
C ASP K 314 -12.59 60.63 -61.89
N TRP K 315 -11.32 60.26 -61.81
CA TRP K 315 -10.80 59.43 -60.73
C TRP K 315 -10.88 60.12 -59.39
N ARG K 316 -10.90 61.44 -59.39
CA ARG K 316 -10.97 62.16 -58.13
C ARG K 316 -12.38 62.07 -57.58
N LEU K 317 -13.36 61.90 -58.47
CA LEU K 317 -14.71 61.64 -58.00
C LEU K 317 -14.79 60.23 -57.39
N LEU K 318 -14.11 59.27 -58.01
CA LEU K 318 -14.03 57.93 -57.45
C LEU K 318 -13.37 57.95 -56.08
N ALA K 319 -12.29 58.72 -55.94
CA ALA K 319 -11.52 58.80 -54.69
C ALA K 319 -12.31 59.46 -53.56
N ALA K 320 -13.24 60.34 -53.93
CA ALA K 320 -14.15 60.99 -52.97
C ALA K 320 -15.17 60.01 -52.40
N ILE K 321 -15.82 59.26 -53.27
CA ILE K 321 -16.71 58.19 -52.85
C ILE K 321 -16.02 57.30 -51.85
N GLY K 322 -14.85 56.80 -52.20
CA GLY K 322 -14.12 56.01 -51.23
C GLY K 322 -13.87 56.74 -49.92
N TYR K 323 -13.62 58.05 -49.92
CA TYR K 323 -13.30 58.72 -48.66
C TYR K 323 -14.55 58.81 -47.79
N GLN K 324 -15.64 59.29 -48.38
CA GLN K 324 -16.90 59.36 -47.68
C GLN K 324 -17.32 58.01 -47.15
N GLU K 325 -16.96 56.97 -47.87
CA GLU K 325 -17.34 55.62 -47.49
C GLU K 325 -16.59 55.04 -46.29
N SER K 326 -15.25 55.07 -46.35
CA SER K 326 -14.38 54.36 -45.41
C SER K 326 -13.19 55.16 -44.85
N LEU K 327 -13.11 56.44 -45.19
CA LEU K 327 -11.92 57.28 -44.92
C LEU K 327 -10.62 56.67 -45.51
N TRP K 328 -10.75 55.90 -46.58
CA TRP K 328 -9.66 55.17 -47.26
C TRP K 328 -8.99 54.10 -46.36
N GLN K 329 -9.83 53.31 -45.69
CA GLN K 329 -9.32 52.24 -44.87
C GLN K 329 -9.88 50.95 -45.44
N PRO K 330 -9.04 50.20 -46.19
CA PRO K 330 -9.49 49.06 -47.01
C PRO K 330 -10.02 47.88 -46.22
N GLY K 331 -9.83 47.87 -44.90
CA GLY K 331 -10.42 46.84 -44.07
C GLY K 331 -11.66 47.22 -43.27
N ALA K 332 -12.19 48.40 -43.50
CA ALA K 332 -13.33 48.85 -42.72
C ALA K 332 -14.55 47.99 -42.96
N THR K 333 -15.40 47.88 -41.94
CA THR K 333 -16.58 47.04 -42.00
C THR K 333 -17.70 47.71 -41.22
N SER K 334 -18.92 47.24 -41.42
CA SER K 334 -20.05 47.82 -40.75
C SER K 334 -20.98 46.69 -40.28
N LYS K 335 -21.72 46.97 -39.23
CA LYS K 335 -22.79 46.08 -38.80
C LYS K 335 -23.83 45.88 -39.91
N THR K 336 -23.97 46.86 -40.82
CA THR K 336 -24.92 46.79 -41.93
C THR K 336 -24.52 45.80 -43.04
N GLY K 337 -23.30 45.25 -42.91
CA GLY K 337 -22.79 44.20 -43.78
C GLY K 337 -22.06 44.70 -45.03
N VAL K 338 -21.73 45.99 -45.03
CA VAL K 338 -20.91 46.57 -46.10
C VAL K 338 -19.46 46.47 -45.59
N ARG K 339 -18.50 46.51 -46.51
CA ARG K 339 -17.12 46.20 -46.16
C ARG K 339 -16.16 46.57 -47.23
N GLY K 340 -14.98 47.02 -46.84
CA GLY K 340 -13.95 47.29 -47.83
C GLY K 340 -13.81 48.76 -48.18
N LEU K 341 -12.95 49.04 -49.15
CA LEU K 341 -12.63 50.43 -49.43
C LEU K 341 -13.87 51.18 -49.90
N MET K 342 -14.71 50.56 -50.71
CA MET K 342 -15.93 51.24 -51.14
C MET K 342 -17.20 50.79 -50.39
N MET K 343 -17.02 50.05 -49.30
CA MET K 343 -18.11 49.57 -48.43
C MET K 343 -19.29 48.96 -49.21
N LEU K 344 -18.95 47.92 -49.97
CA LEU K 344 -19.86 47.12 -50.77
C LEU K 344 -20.48 46.02 -49.91
N THR K 345 -21.76 45.74 -50.15
CA THR K 345 -22.44 44.52 -49.63
C THR K 345 -21.94 43.27 -50.33
N ASN K 346 -22.07 42.11 -49.68
CA ASN K 346 -21.72 40.85 -50.39
C ASN K 346 -22.45 40.68 -51.72
N ARG K 347 -23.74 40.97 -51.76
CA ARG K 347 -24.50 40.75 -53.00
C ARG K 347 -23.86 41.60 -54.14
N THR K 348 -23.58 42.87 -53.85
CA THR K 348 -23.06 43.80 -54.84
C THR K 348 -21.62 43.53 -55.27
N ALA K 349 -20.82 43.06 -54.32
CA ALA K 349 -19.44 42.70 -54.60
C ALA K 349 -19.39 41.56 -55.61
N GLN K 350 -20.18 40.51 -55.37
CA GLN K 350 -20.26 39.37 -56.29
C GLN K 350 -20.72 39.82 -57.66
N ALA K 351 -21.80 40.60 -57.69
CA ALA K 351 -22.34 41.11 -58.95
C ALA K 351 -21.35 41.97 -59.74
N MET K 352 -20.37 42.55 -59.04
CA MET K 352 -19.42 43.41 -59.72
C MET K 352 -18.05 42.76 -59.99
N GLY K 353 -17.86 41.50 -59.61
CA GLY K 353 -16.59 40.81 -59.84
C GLY K 353 -15.56 40.82 -58.71
N VAL K 354 -16.03 41.11 -57.50
CA VAL K 354 -15.20 41.21 -56.31
C VAL K 354 -15.20 39.92 -55.45
N SER K 355 -14.04 39.29 -55.24
CA SER K 355 -14.00 38.00 -54.54
C SER K 355 -13.51 38.12 -53.08
N ASN K 356 -12.87 39.23 -52.78
CA ASN K 356 -12.47 39.56 -51.42
C ASN K 356 -12.68 41.04 -51.22
N ARG K 357 -13.74 41.38 -50.51
CA ARG K 357 -14.11 42.78 -50.33
C ARG K 357 -12.99 43.58 -49.71
N LEU K 358 -12.03 42.89 -49.07
CA LEU K 358 -10.93 43.55 -48.32
C LEU K 358 -9.72 43.96 -49.16
N ASP K 359 -9.65 43.51 -50.40
CA ASP K 359 -8.62 43.98 -51.31
C ASP K 359 -8.91 45.35 -51.89
N PRO K 360 -8.07 46.30 -51.56
CA PRO K 360 -8.36 47.67 -51.99
C PRO K 360 -8.50 47.78 -53.48
N LYS K 361 -7.64 47.13 -54.27
CA LYS K 361 -7.73 47.23 -55.73
C LYS K 361 -9.06 46.73 -56.27
N GLN K 362 -9.45 45.55 -55.82
CA GLN K 362 -10.66 44.97 -56.35
C GLN K 362 -11.79 45.84 -55.92
N SER K 363 -11.79 46.20 -54.63
CA SER K 363 -12.89 46.98 -54.08
C SER K 363 -12.95 48.36 -54.75
N ILE K 364 -11.80 49.03 -54.92
CA ILE K 364 -11.83 50.27 -55.67
C ILE K 364 -12.44 50.06 -57.04
N GLN K 365 -12.05 48.99 -57.74
CA GLN K 365 -12.67 48.74 -59.05
C GLN K 365 -14.16 48.38 -59.00
N GLY K 366 -14.57 47.57 -58.04
CA GLY K 366 -15.94 47.12 -58.04
C GLY K 366 -16.85 48.25 -57.68
N GLY K 367 -16.45 49.05 -56.71
CA GLY K 367 -17.28 50.17 -56.28
C GLY K 367 -17.37 51.21 -57.37
N SER K 368 -16.28 51.36 -58.10
CA SER K 368 -16.28 52.35 -59.16
C SER K 368 -17.22 51.91 -60.25
N LYS K 369 -17.11 50.65 -60.67
CA LYS K 369 -18.03 50.12 -61.66
C LYS K 369 -19.52 50.23 -61.19
N TYR K 370 -19.83 49.85 -59.95
CA TYR K 370 -21.21 49.98 -59.46
C TYR K 370 -21.70 51.41 -59.63
N PHE K 371 -20.86 52.38 -59.28
CA PHE K 371 -21.23 53.78 -59.39
C PHE K 371 -21.41 54.20 -60.83
N VAL K 372 -20.45 53.86 -61.68
CA VAL K 372 -20.52 54.29 -63.07
C VAL K 372 -21.67 53.56 -63.76
N GLN K 373 -21.94 52.31 -63.36
CA GLN K 373 -23.10 51.61 -63.91
C GLN K 373 -24.39 52.33 -63.55
N ILE K 374 -24.53 52.71 -62.28
CA ILE K 374 -25.71 53.41 -61.81
C ILE K 374 -25.96 54.70 -62.60
N ARG K 375 -24.88 55.37 -62.92
CA ARG K 375 -24.94 56.60 -63.68
C ARG K 375 -25.45 56.39 -65.11
N SER K 376 -25.16 55.23 -65.72
CA SER K 376 -25.64 54.92 -67.09
C SER K 376 -27.12 54.65 -67.16
N GLU K 377 -27.64 54.06 -66.09
CA GLU K 377 -29.01 53.60 -66.06
C GLU K 377 -30.03 54.68 -65.67
N LEU K 378 -29.55 55.83 -65.18
CA LEU K 378 -30.42 56.98 -64.89
C LEU K 378 -31.15 57.42 -66.16
N PRO K 379 -32.37 57.93 -66.01
CA PRO K 379 -33.15 58.50 -67.12
C PRO K 379 -32.27 59.37 -68.03
N GLU K 380 -32.46 59.22 -69.34
CA GLU K 380 -31.62 59.92 -70.30
C GLU K 380 -31.75 61.43 -70.17
N SER K 381 -32.85 61.89 -69.61
CA SER K 381 -33.10 63.33 -69.43
C SER K 381 -32.19 64.04 -68.42
N ILE K 382 -31.55 63.27 -67.52
CA ILE K 382 -30.68 63.88 -66.50
C ILE K 382 -29.26 64.08 -67.01
N LYS K 383 -28.85 65.34 -67.15
CA LYS K 383 -27.57 65.64 -67.76
C LYS K 383 -26.52 66.01 -66.73
N GLU K 384 -25.26 65.96 -67.14
CA GLU K 384 -24.17 66.35 -66.24
C GLU K 384 -24.20 67.87 -66.00
N PRO K 385 -23.71 68.31 -64.82
CA PRO K 385 -23.10 67.50 -63.76
C PRO K 385 -24.16 66.86 -62.86
N ASP K 386 -25.41 67.30 -62.99
CA ASP K 386 -26.46 66.79 -62.15
C ASP K 386 -26.54 65.28 -62.16
N ARG K 387 -26.28 64.68 -63.32
CA ARG K 387 -26.40 63.23 -63.50
C ARG K 387 -25.50 62.55 -62.50
N SER K 388 -24.30 63.09 -62.33
CA SER K 388 -23.39 62.56 -61.33
C SER K 388 -23.92 62.71 -59.91
N TRP K 389 -24.54 63.83 -59.63
CA TRP K 389 -25.03 64.01 -58.29
C TRP K 389 -26.20 63.02 -58.05
N PHE K 390 -27.08 62.88 -59.05
CA PHE K 390 -28.20 61.94 -58.90
C PHE K 390 -27.61 60.58 -58.67
N ALA K 391 -26.50 60.31 -59.32
CA ALA K 391 -25.88 59.01 -59.23
C ALA K 391 -25.39 58.79 -57.82
N LEU K 392 -24.68 59.76 -57.25
CA LEU K 392 -24.24 59.68 -55.86
C LEU K 392 -25.47 59.54 -54.98
N ALA K 393 -26.52 60.24 -55.39
CA ALA K 393 -27.74 60.23 -54.62
C ALA K 393 -28.25 58.81 -54.63
N ALA K 394 -28.24 58.22 -55.81
CA ALA K 394 -28.76 56.87 -56.01
C ALA K 394 -27.92 55.82 -55.36
N TYR K 395 -26.61 55.98 -55.46
CA TYR K 395 -25.64 55.08 -54.82
C TYR K 395 -26.01 54.84 -53.37
N ASN K 396 -26.52 55.88 -52.71
CA ASN K 396 -26.78 55.77 -51.27
C ASN K 396 -28.21 55.35 -50.93
N ILE K 397 -29.19 55.92 -51.60
CA ILE K 397 -30.55 55.79 -51.16
C ILE K 397 -31.26 54.69 -51.94
N GLY K 398 -30.65 54.25 -53.03
CA GLY K 398 -31.29 53.31 -53.93
C GLY K 398 -32.07 54.03 -55.02
N GLY K 399 -32.00 53.51 -56.23
CA GLY K 399 -32.60 54.14 -57.39
C GLY K 399 -34.09 54.28 -57.30
N ALA K 400 -34.74 53.37 -56.60
CA ALA K 400 -36.20 53.35 -56.48
C ALA K 400 -36.66 54.56 -55.71
N HIS K 401 -36.11 54.73 -54.51
CA HIS K 401 -36.37 55.94 -53.75
C HIS K 401 -36.11 57.22 -54.50
N LEU K 402 -35.02 57.26 -55.25
CA LEU K 402 -34.66 58.48 -55.95
C LEU K 402 -35.76 58.86 -56.94
N GLU K 403 -36.37 57.87 -57.59
CA GLU K 403 -37.43 58.19 -58.55
C GLU K 403 -38.68 58.73 -57.84
N ASP K 404 -39.05 58.12 -56.72
CA ASP K 404 -40.20 58.60 -55.92
C ASP K 404 -40.03 60.09 -55.61
N ALA K 405 -38.78 60.46 -55.36
CA ALA K 405 -38.37 61.83 -55.08
C ALA K 405 -38.61 62.74 -56.26
N ARG K 406 -38.25 62.22 -57.44
CA ARG K 406 -38.36 62.96 -58.68
C ARG K 406 -39.80 63.08 -59.08
N LYS K 407 -40.55 62.00 -58.89
CA LYS K 407 -41.95 62.07 -59.23
C LYS K 407 -42.53 63.16 -58.37
N MET K 408 -42.24 63.07 -57.07
CA MET K 408 -42.74 64.02 -56.08
C MET K 408 -42.37 65.46 -56.49
N ALA K 409 -41.12 65.63 -56.91
CA ALA K 409 -40.57 66.91 -57.36
C ALA K 409 -41.25 67.46 -58.62
N GLU K 410 -41.56 66.57 -59.56
CA GLU K 410 -42.30 66.96 -60.76
C GLU K 410 -43.64 67.56 -60.35
N LYS K 411 -44.40 66.78 -59.58
CA LYS K 411 -45.72 67.13 -59.02
C LYS K 411 -45.70 68.44 -58.23
N GLU K 412 -44.54 68.79 -57.72
CA GLU K 412 -44.41 70.03 -56.97
C GLU K 412 -44.12 71.18 -57.91
N GLY K 413 -44.13 70.91 -59.20
CA GLY K 413 -43.78 71.92 -60.20
C GLY K 413 -42.31 72.29 -60.27
N LEU K 414 -41.44 71.42 -59.76
CA LEU K 414 -40.00 71.64 -59.95
C LEU K 414 -39.49 70.77 -61.09
N ASN K 415 -38.24 71.02 -61.46
CA ASN K 415 -37.58 70.31 -62.53
C ASN K 415 -37.02 69.01 -62.00
N PRO K 416 -37.54 67.86 -62.48
CA PRO K 416 -37.09 66.55 -61.96
C PRO K 416 -35.69 66.09 -62.42
N ASN K 417 -35.01 66.87 -63.26
CA ASN K 417 -33.65 66.55 -63.70
C ASN K 417 -32.61 67.51 -63.14
N LYS K 418 -33.03 68.32 -62.16
CA LYS K 418 -32.14 69.29 -61.55
C LYS K 418 -31.89 68.90 -60.07
N TRP K 419 -30.61 68.78 -59.72
CA TRP K 419 -30.24 68.29 -58.41
C TRP K 419 -30.69 69.24 -57.32
N LEU K 420 -30.52 70.53 -57.59
CA LEU K 420 -30.88 71.58 -56.64
C LEU K 420 -32.36 71.49 -56.30
N ASP K 421 -33.16 70.96 -57.23
CA ASP K 421 -34.62 70.85 -57.00
C ASP K 421 -35.05 69.56 -56.28
N VAL K 422 -34.52 68.42 -56.71
CA VAL K 422 -34.88 67.10 -56.15
C VAL K 422 -34.38 66.89 -54.70
N LYS K 423 -33.24 67.53 -54.43
CA LYS K 423 -32.53 67.53 -53.16
C LYS K 423 -33.42 68.15 -52.08
N LYS K 424 -34.39 68.91 -52.55
CA LYS K 424 -35.39 69.50 -51.70
C LYS K 424 -36.47 68.49 -51.38
N MET K 425 -36.72 67.56 -52.31
CA MET K 425 -37.76 66.57 -52.05
C MET K 425 -37.22 65.43 -51.20
N LEU K 426 -35.93 65.10 -51.38
CA LEU K 426 -35.38 63.91 -50.75
C LEU K 426 -35.63 63.83 -49.26
N PRO K 427 -35.41 64.92 -48.53
CA PRO K 427 -35.65 64.87 -47.09
C PRO K 427 -37.12 64.67 -46.70
N ARG K 428 -38.05 64.84 -47.65
CA ARG K 428 -39.46 64.73 -47.30
C ARG K 428 -39.80 63.25 -47.15
N LEU K 429 -38.92 62.39 -47.65
CA LEU K 429 -39.11 60.94 -47.57
C LEU K 429 -39.02 60.40 -46.19
N ALA K 430 -38.59 61.21 -45.23
CA ALA K 430 -38.54 60.74 -43.84
C ALA K 430 -39.72 61.31 -43.07
N GLN K 431 -40.62 61.95 -43.80
CA GLN K 431 -41.76 62.60 -43.19
C GLN K 431 -43.02 61.88 -43.67
N LYS K 432 -43.71 61.26 -42.73
CA LYS K 432 -44.82 60.38 -43.05
C LYS K 432 -45.87 61.08 -43.92
N GLN K 433 -46.22 62.30 -43.56
CA GLN K 433 -47.22 63.07 -44.29
C GLN K 433 -46.96 63.00 -45.77
N TRP K 434 -45.68 62.88 -46.12
CA TRP K 434 -45.25 62.84 -47.52
C TRP K 434 -44.98 61.45 -48.10
N TYR K 435 -44.28 60.58 -47.34
CA TYR K 435 -43.84 59.33 -47.97
C TYR K 435 -44.97 58.30 -48.14
N ALA K 436 -46.04 58.44 -47.37
CA ALA K 436 -47.16 57.50 -47.43
C ALA K 436 -47.81 57.60 -48.79
N LYS K 437 -47.60 58.76 -49.41
CA LYS K 437 -48.09 58.99 -50.74
C LYS K 437 -47.10 58.50 -51.83
N THR K 438 -45.99 57.88 -51.47
CA THR K 438 -45.03 57.38 -52.47
C THR K 438 -45.13 55.85 -52.67
N ARG K 439 -44.54 55.31 -53.73
CA ARG K 439 -44.65 53.86 -54.03
C ARG K 439 -43.86 53.03 -53.06
N TYR K 440 -42.70 53.54 -52.65
CA TYR K 440 -41.80 52.77 -51.82
C TYR K 440 -41.71 53.22 -50.36
N GLY K 441 -42.46 54.27 -50.00
CA GLY K 441 -42.65 54.60 -48.60
C GLY K 441 -41.46 55.23 -47.94
N TYR K 442 -41.30 55.01 -46.65
CA TYR K 442 -40.26 55.71 -45.89
C TYR K 442 -38.81 55.44 -46.37
N ALA K 443 -37.97 56.47 -46.34
CA ALA K 443 -36.49 56.37 -46.48
C ALA K 443 -35.80 57.48 -45.72
N ARG K 444 -34.59 57.26 -45.24
CA ARG K 444 -33.88 58.35 -44.54
C ARG K 444 -33.12 59.33 -45.53
N GLY K 445 -33.89 60.00 -46.38
CA GLY K 445 -33.36 60.76 -47.48
C GLY K 445 -32.55 61.93 -47.00
N GLY K 446 -32.73 62.28 -45.74
CA GLY K 446 -32.02 63.43 -45.24
C GLY K 446 -30.55 63.05 -45.18
N GLU K 447 -30.27 61.76 -45.00
CA GLU K 447 -28.91 61.32 -44.88
C GLU K 447 -28.30 61.22 -46.24
N THR K 448 -29.14 60.90 -47.22
CA THR K 448 -28.71 60.85 -48.61
C THR K 448 -28.15 62.19 -49.10
N VAL K 449 -28.77 63.29 -48.71
CA VAL K 449 -28.27 64.60 -49.11
C VAL K 449 -26.91 64.94 -48.52
N HIS K 450 -26.74 64.61 -47.24
CA HIS K 450 -25.49 64.82 -46.52
C HIS K 450 -24.43 64.01 -47.20
N PHE K 451 -24.81 62.82 -47.65
CA PHE K 451 -23.86 61.95 -48.31
C PHE K 451 -23.36 62.63 -49.57
N VAL K 452 -24.32 63.00 -50.43
CA VAL K 452 -24.00 63.63 -51.69
C VAL K 452 -23.16 64.86 -51.48
N GLN K 453 -23.52 65.69 -50.51
N GLN K 453 -23.60 65.75 -50.59
CA GLN K 453 -22.85 66.98 -50.32
CA GLN K 453 -22.83 66.96 -50.27
C GLN K 453 -21.53 66.88 -49.53
C GLN K 453 -21.41 66.57 -49.95
N ASN K 454 -21.26 65.73 -48.93
CA ASN K 454 -19.94 65.43 -48.40
C ASN K 454 -19.02 64.99 -49.50
N VAL K 455 -19.51 64.10 -50.33
CA VAL K 455 -18.68 63.50 -51.34
C VAL K 455 -18.16 64.57 -52.30
N ARG K 456 -19.01 65.53 -52.60
CA ARG K 456 -18.64 66.61 -53.50
C ARG K 456 -17.63 67.48 -52.84
N ARG K 457 -17.77 67.61 -51.53
CA ARG K 457 -16.85 68.47 -50.86
C ARG K 457 -15.40 67.91 -50.99
N TYR K 458 -15.23 66.62 -50.73
CA TYR K 458 -13.94 65.97 -50.84
C TYR K 458 -13.44 66.00 -52.29
N TYR K 459 -14.42 65.93 -53.19
CA TYR K 459 -14.15 65.97 -54.61
C TYR K 459 -13.54 67.31 -54.95
N ASP K 460 -14.12 68.38 -54.41
CA ASP K 460 -13.60 69.74 -54.63
C ASP K 460 -12.19 69.94 -54.07
N ILE K 461 -11.97 69.53 -52.81
CA ILE K 461 -10.62 69.61 -52.24
C ILE K 461 -9.65 68.77 -53.06
N LEU K 462 -10.03 67.54 -53.45
CA LEU K 462 -9.12 66.71 -54.25
C LEU K 462 -8.70 67.38 -55.53
N THR K 463 -9.67 67.96 -56.21
CA THR K 463 -9.42 68.73 -57.44
C THR K 463 -8.52 69.91 -57.21
N TRP K 464 -8.82 70.64 -56.15
CA TRP K 464 -8.05 71.81 -55.84
C TRP K 464 -6.59 71.43 -55.58
N VAL K 465 -6.33 70.30 -54.92
CA VAL K 465 -4.96 69.87 -54.63
C VAL K 465 -4.43 68.93 -55.69
N THR K 466 -5.10 68.84 -56.83
CA THR K 466 -4.70 67.95 -57.92
C THR K 466 -4.50 68.75 -59.18
N GLN K 467 -3.38 69.46 -59.27
CA GLN K 467 -2.97 69.95 -60.56
C GLN K 467 -3.73 71.23 -60.97
N PRO K 468 -3.21 71.94 -61.99
CA PRO K 468 -3.71 73.29 -62.20
C PRO K 468 -4.73 73.34 -63.32
N GLY L 52 26.88 87.43 -12.03
CA GLY L 52 28.14 87.02 -12.62
C GLY L 52 28.43 85.53 -12.46
N VAL L 53 27.53 84.71 -12.98
CA VAL L 53 27.66 83.26 -12.83
C VAL L 53 27.15 82.62 -14.12
N LEU L 54 28.08 81.99 -14.85
CA LEU L 54 27.74 81.25 -16.06
C LEU L 54 27.20 79.84 -15.78
N ARG L 55 25.91 79.64 -16.10
CA ARG L 55 25.25 78.33 -16.02
C ARG L 55 25.34 77.54 -17.32
N VAL L 56 25.93 76.37 -17.28
CA VAL L 56 26.03 75.47 -18.44
C VAL L 56 25.20 74.19 -18.24
N ILE L 57 24.33 73.86 -19.17
CA ILE L 57 23.62 72.60 -19.02
C ILE L 57 24.38 71.60 -19.86
N THR L 58 24.63 70.42 -19.29
CA THR L 58 25.29 69.33 -20.03
C THR L 58 24.76 67.97 -19.58
N ARG L 59 25.22 66.90 -20.21
CA ARG L 59 24.78 65.56 -19.80
C ARG L 59 25.86 64.92 -18.90
N ASN L 60 25.41 64.10 -17.97
CA ASN L 60 26.28 63.27 -17.13
C ASN L 60 26.81 62.01 -17.89
N SER L 61 28.07 62.07 -18.34
CA SER L 61 28.71 60.97 -19.09
C SER L 61 30.19 61.23 -19.16
N PRO L 62 30.98 60.17 -19.48
CA PRO L 62 32.46 60.22 -19.54
C PRO L 62 33.03 61.14 -20.63
N ALA L 63 32.29 61.43 -21.71
CA ALA L 63 32.83 62.31 -22.75
C ALA L 63 32.58 63.79 -22.45
N THR L 64 31.72 64.07 -21.46
CA THR L 64 31.29 65.44 -21.20
C THR L 64 31.53 65.83 -19.75
N TYR L 65 30.75 65.26 -18.83
CA TYR L 65 30.85 65.68 -17.42
C TYR L 65 30.43 64.61 -16.39
N PHE L 66 31.26 64.48 -15.37
CA PHE L 66 31.02 63.60 -14.23
C PHE L 66 32.00 63.99 -13.14
N GLN L 67 31.82 63.38 -11.98
CA GLN L 67 32.72 63.57 -10.87
C GLN L 67 33.54 62.30 -10.64
N ASP L 68 34.86 62.45 -10.49
CA ASP L 68 35.66 61.33 -10.01
C ASP L 68 36.14 61.63 -8.59
N ARG L 69 37.19 60.95 -8.16
CA ARG L 69 37.67 61.07 -6.78
C ARG L 69 38.32 62.40 -6.52
N ASN L 70 38.76 63.05 -7.60
CA ASN L 70 39.45 64.35 -7.56
C ASN L 70 38.55 65.54 -7.75
N GLY L 71 37.25 65.26 -7.90
CA GLY L 71 36.26 66.28 -8.17
C GLY L 71 35.72 66.27 -9.57
N GLU L 72 35.23 67.42 -10.03
CA GLU L 72 34.54 67.51 -11.32
C GLU L 72 35.54 67.39 -12.45
N THR L 73 35.11 66.82 -13.57
CA THR L 73 35.96 66.65 -14.74
C THR L 73 35.18 66.34 -16.02
N GLY L 74 35.91 66.19 -17.12
CA GLY L 74 35.33 65.95 -18.42
C GLY L 74 35.69 67.01 -19.44
N PHE L 75 35.70 66.62 -20.70
CA PHE L 75 36.07 67.50 -21.80
C PHE L 75 35.22 68.78 -21.73
N GLU L 76 33.90 68.62 -21.68
CA GLU L 76 33.04 69.79 -21.66
C GLU L 76 33.26 70.57 -20.38
N TYR L 77 33.43 69.89 -19.26
CA TYR L 77 33.58 70.61 -17.99
C TYR L 77 34.83 71.47 -18.06
N GLU L 78 35.87 70.96 -18.69
CA GLU L 78 37.12 71.70 -18.66
C GLU L 78 37.03 72.92 -19.57
N LEU L 79 36.66 72.69 -20.83
CA LEU L 79 36.46 73.76 -21.80
C LEU L 79 35.54 74.85 -21.22
N ALA L 80 34.47 74.45 -20.54
CA ALA L 80 33.52 75.39 -19.94
C ALA L 80 34.10 76.14 -18.76
N LYS L 81 35.09 75.54 -18.10
CA LYS L 81 35.69 76.17 -16.93
C LYS L 81 36.68 77.22 -17.45
N ARG L 82 37.49 76.82 -18.44
CA ARG L 82 38.41 77.76 -19.08
C ARG L 82 37.67 78.94 -19.75
N PHE L 83 36.39 78.76 -20.06
CA PHE L 83 35.61 79.84 -20.68
C PHE L 83 35.15 80.80 -19.58
N ALA L 84 34.67 80.23 -18.47
CA ALA L 84 34.21 81.02 -17.32
C ALA L 84 35.36 81.72 -16.65
N GLU L 85 36.55 81.15 -16.83
CA GLU L 85 37.79 81.74 -16.38
C GLU L 85 38.17 82.94 -17.25
N ARG L 86 38.01 82.80 -18.57
CA ARG L 86 38.25 83.91 -19.51
C ARG L 86 37.22 85.01 -19.40
N LEU L 87 36.16 84.81 -18.64
CA LEU L 87 35.26 85.93 -18.36
C LEU L 87 35.33 86.32 -16.88
N GLY L 88 36.11 85.59 -16.11
CA GLY L 88 36.17 85.82 -14.68
C GLY L 88 34.85 85.66 -13.95
N VAL L 89 34.16 84.57 -14.25
CA VAL L 89 32.89 84.27 -13.62
C VAL L 89 32.88 82.86 -13.00
N GLU L 90 31.86 82.63 -12.17
CA GLU L 90 31.65 81.35 -11.48
C GLU L 90 31.00 80.34 -12.43
N LEU L 91 31.58 79.15 -12.54
CA LEU L 91 30.98 78.09 -13.34
C LEU L 91 29.99 77.28 -12.55
N LYS L 92 28.75 77.26 -13.03
CA LYS L 92 27.75 76.35 -12.47
C LYS L 92 27.28 75.34 -13.53
N ILE L 93 27.53 74.05 -13.27
CA ILE L 93 27.02 73.00 -14.15
C ILE L 93 25.58 72.58 -13.77
N GLU L 94 24.73 72.34 -14.76
CA GLU L 94 23.47 71.64 -14.52
C GLU L 94 23.36 70.46 -15.48
N THR L 95 22.78 69.35 -15.02
CA THR L 95 22.71 68.16 -15.86
C THR L 95 21.27 67.79 -16.24
N ALA L 96 21.05 67.53 -17.53
CA ALA L 96 19.70 67.18 -17.99
C ALA L 96 19.50 65.65 -18.01
N ASP L 97 18.25 65.22 -17.83
CA ASP L 97 17.97 63.80 -17.71
C ASP L 97 18.18 63.12 -19.04
N ASN L 98 18.10 63.90 -20.11
CA ASN L 98 18.15 63.37 -21.47
C ASN L 98 18.33 64.48 -22.51
N LEU L 99 18.46 64.12 -23.79
CA LEU L 99 18.70 65.16 -24.78
C LEU L 99 17.48 66.04 -25.01
N ASP L 100 16.28 65.48 -24.87
CA ASP L 100 15.05 66.27 -25.08
C ASP L 100 14.96 67.36 -24.03
N ASP L 101 15.26 67.00 -22.79
CA ASP L 101 15.17 67.91 -21.66
C ASP L 101 16.25 68.96 -21.65
N LEU L 102 17.45 68.56 -22.08
CA LEU L 102 18.56 69.49 -22.21
C LEU L 102 18.15 70.61 -23.14
N TYR L 103 17.71 70.26 -24.33
CA TYR L 103 17.29 71.28 -25.27
C TYR L 103 16.03 71.96 -24.75
N ALA L 104 15.26 71.21 -23.98
CA ALA L 104 14.04 71.74 -23.42
C ALA L 104 14.32 72.88 -22.47
N GLN L 105 15.21 72.63 -21.51
CA GLN L 105 15.61 73.63 -20.52
C GLN L 105 16.38 74.80 -21.10
N LEU L 106 17.03 74.59 -22.25
CA LEU L 106 17.79 75.64 -22.93
C LEU L 106 16.94 76.75 -23.54
N SER L 107 15.68 76.45 -23.86
CA SER L 107 14.84 77.38 -24.63
C SER L 107 13.67 77.83 -23.81
N ARG L 108 13.59 77.33 -22.58
CA ARG L 108 12.55 77.76 -21.66
C ARG L 108 12.98 79.04 -20.95
N GLU L 109 12.01 79.68 -20.30
CA GLU L 109 12.20 80.89 -19.48
C GLU L 109 13.49 80.90 -18.67
N GLY L 110 14.10 82.07 -18.54
CA GLY L 110 15.42 82.26 -17.93
C GLY L 110 16.22 81.04 -17.49
N GLY L 111 16.65 80.26 -18.47
CA GLY L 111 17.36 79.03 -18.22
C GLY L 111 18.88 79.22 -18.30
N PRO L 112 19.59 78.10 -18.51
CA PRO L 112 21.06 78.13 -18.56
C PRO L 112 21.57 78.97 -19.74
N ALA L 113 22.76 79.53 -19.57
CA ALA L 113 23.42 80.36 -20.59
C ALA L 113 23.65 79.63 -21.88
N LEU L 114 24.23 78.44 -21.77
CA LEU L 114 24.66 77.63 -22.90
C LEU L 114 24.62 76.13 -22.56
N ALA L 115 24.64 75.29 -23.59
CA ALA L 115 24.73 73.84 -23.40
C ALA L 115 26.04 73.32 -23.98
N ALA L 116 26.81 72.59 -23.18
CA ALA L 116 28.02 71.96 -23.68
C ALA L 116 27.88 70.47 -23.45
N ALA L 117 27.70 69.71 -24.52
CA ALA L 117 27.19 68.35 -24.33
C ALA L 117 27.42 67.48 -25.53
N GLY L 118 28.53 67.71 -26.24
CA GLY L 118 28.90 66.95 -27.42
C GLY L 118 27.76 66.94 -28.42
N LEU L 119 27.22 68.11 -28.71
CA LEU L 119 26.06 68.19 -29.58
C LEU L 119 26.45 68.34 -31.05
N THR L 120 25.65 67.75 -31.93
CA THR L 120 25.76 67.90 -33.39
C THR L 120 24.84 69.04 -33.89
N PRO L 121 25.39 70.01 -34.66
CA PRO L 121 24.62 71.14 -35.20
C PRO L 121 23.46 70.71 -36.13
N GLY L 122 22.36 71.46 -36.15
CA GLY L 122 21.14 70.98 -36.79
C GLY L 122 19.83 71.45 -36.20
N ARG L 123 19.06 72.21 -36.98
CA ARG L 123 19.41 72.53 -38.37
C ARG L 123 20.16 73.87 -38.45
N GLU L 124 19.63 74.80 -39.25
CA GLU L 124 20.21 76.14 -39.43
C GLU L 124 19.37 77.17 -38.69
N ASP L 125 18.11 76.81 -38.49
CA ASP L 125 17.06 77.75 -38.13
C ASP L 125 16.26 77.30 -36.91
N ASP L 126 15.24 76.50 -37.21
CA ASP L 126 14.45 75.67 -36.28
C ASP L 126 15.17 75.12 -35.03
N ALA L 127 14.91 75.71 -33.87
CA ALA L 127 14.04 76.88 -33.76
C ALA L 127 14.79 77.96 -32.95
N SER L 128 14.29 78.25 -31.76
CA SER L 128 15.01 79.10 -30.82
C SER L 128 16.39 78.51 -30.46
N VAL L 129 17.15 77.96 -31.41
CA VAL L 129 18.44 77.39 -31.04
C VAL L 129 19.57 77.77 -31.99
N ARG L 130 20.65 78.31 -31.40
CA ARG L 130 21.81 78.79 -32.14
C ARG L 130 23.06 77.99 -31.78
N TYR L 131 23.81 77.54 -32.79
CA TYR L 131 25.01 76.69 -32.57
C TYR L 131 26.35 77.38 -32.77
N SER L 132 27.32 77.07 -31.90
CA SER L 132 28.64 77.65 -31.98
C SER L 132 29.44 77.27 -33.20
N HIS L 133 30.66 77.78 -33.25
CA HIS L 133 31.63 77.33 -34.22
C HIS L 133 32.03 75.94 -33.68
N THR L 134 32.53 75.04 -34.53
CA THR L 134 32.83 73.68 -34.09
C THR L 134 34.19 73.56 -33.38
N TYR L 135 34.29 72.64 -32.42
CA TYR L 135 35.52 72.52 -31.64
C TYR L 135 36.06 71.10 -31.65
N LEU L 136 35.43 70.22 -32.41
CA LEU L 136 35.91 68.84 -32.52
C LEU L 136 35.22 68.12 -33.67
N ASP L 137 36.04 67.43 -34.47
CA ASP L 137 35.51 66.73 -35.63
C ASP L 137 35.32 65.22 -35.32
N VAL L 138 34.13 64.72 -35.66
CA VAL L 138 33.72 63.35 -35.40
C VAL L 138 32.86 62.78 -36.54
N THR L 139 32.83 61.46 -36.63
CA THR L 139 32.14 60.76 -37.69
C THR L 139 31.28 59.68 -37.10
N PRO L 140 30.05 59.53 -37.59
CA PRO L 140 29.18 58.44 -37.13
C PRO L 140 29.72 57.07 -37.53
N GLN L 141 29.61 56.11 -36.63
CA GLN L 141 30.08 54.76 -36.87
C GLN L 141 28.99 53.76 -36.42
N ILE L 142 28.70 52.79 -37.27
CA ILE L 142 27.88 51.66 -36.86
C ILE L 142 28.69 50.68 -36.00
N ILE L 143 28.12 50.22 -34.90
CA ILE L 143 28.83 49.34 -33.99
C ILE L 143 28.23 47.96 -33.92
N TYR L 144 29.08 46.94 -34.08
CA TYR L 144 28.62 45.56 -33.99
C TYR L 144 29.45 44.77 -32.99
N ARG L 145 29.09 43.51 -32.82
CA ARG L 145 29.75 42.69 -31.81
C ARG L 145 30.70 41.74 -32.49
N ASN L 146 31.87 41.57 -31.90
CA ASN L 146 32.91 40.72 -32.48
C ASN L 146 32.40 39.28 -32.55
N GLY L 147 32.54 38.66 -33.73
CA GLY L 147 32.04 37.31 -33.89
C GLY L 147 30.58 37.23 -34.32
N GLN L 148 30.10 38.30 -34.97
CA GLN L 148 28.75 38.34 -35.54
C GLN L 148 28.85 38.96 -36.95
N GLN L 149 27.80 38.89 -37.75
CA GLN L 149 27.93 39.35 -39.13
C GLN L 149 28.18 40.86 -39.26
N ARG L 150 29.41 41.19 -39.63
CA ARG L 150 29.80 42.57 -39.89
C ARG L 150 28.98 43.18 -41.02
N PRO L 151 28.06 44.11 -40.68
CA PRO L 151 27.36 44.75 -41.79
C PRO L 151 28.26 45.66 -42.64
N THR L 152 28.05 45.61 -43.95
CA THR L 152 28.88 46.34 -44.87
C THR L 152 28.20 47.63 -45.31
N ARG L 153 26.87 47.61 -45.38
CA ARG L 153 26.11 48.74 -45.89
C ARG L 153 24.78 48.91 -45.18
N PRO L 154 24.31 50.15 -45.12
CA PRO L 154 23.04 50.59 -44.50
C PRO L 154 21.91 49.58 -44.67
N GLU L 155 21.88 48.87 -45.80
CA GLU L 155 20.84 47.88 -46.04
C GLU L 155 20.95 46.74 -45.03
N ASP L 156 22.13 46.55 -44.43
CA ASP L 156 22.30 45.40 -43.57
C ASP L 156 21.85 45.67 -42.13
N LEU L 157 21.21 46.81 -41.89
CA LEU L 157 20.72 47.08 -40.53
C LEU L 157 19.33 46.52 -40.32
N VAL L 158 18.66 46.18 -41.41
CA VAL L 158 17.34 45.60 -41.29
C VAL L 158 17.47 44.23 -40.67
N GLY L 159 16.52 43.91 -39.80
CA GLY L 159 16.48 42.62 -39.13
C GLY L 159 17.27 42.54 -37.84
N LYS L 160 18.06 43.56 -37.55
CA LYS L 160 18.83 43.58 -36.30
C LYS L 160 18.18 44.46 -35.20
N ARG L 161 18.39 44.14 -33.93
CA ARG L 161 17.90 45.01 -32.86
C ARG L 161 18.88 46.14 -32.76
N ILE L 162 18.36 47.35 -32.91
CA ILE L 162 19.20 48.53 -32.91
C ILE L 162 18.62 49.44 -31.86
N MET L 163 19.49 50.00 -31.04
CA MET L 163 19.07 50.95 -30.03
C MET L 163 20.01 52.12 -30.06
N VAL L 164 19.41 53.28 -29.90
CA VAL L 164 20.11 54.54 -29.97
C VAL L 164 19.52 55.49 -28.93
N LEU L 165 20.21 56.59 -28.64
CA LEU L 165 19.73 57.61 -27.69
C LEU L 165 18.49 58.33 -28.23
N LYS L 166 17.45 58.48 -27.40
CA LYS L 166 16.22 59.22 -27.80
C LYS L 166 16.42 60.73 -27.94
N GLY L 167 15.95 61.29 -29.04
CA GLY L 167 16.11 62.72 -29.20
C GLY L 167 17.49 63.07 -29.71
N SER L 168 18.14 62.10 -30.33
CA SER L 168 19.52 62.25 -30.76
C SER L 168 19.64 62.50 -32.24
N SER L 169 20.80 63.04 -32.62
CA SER L 169 21.24 63.12 -34.02
C SER L 169 21.02 61.81 -34.75
N HIS L 170 21.45 60.74 -34.07
CA HIS L 170 21.55 59.40 -34.63
C HIS L 170 20.15 58.79 -34.72
N ALA L 171 19.34 59.20 -33.78
CA ALA L 171 17.98 58.75 -33.68
C ALA L 171 17.30 59.06 -34.99
N GLU L 172 17.10 60.34 -35.28
CA GLU L 172 16.46 60.63 -36.56
C GLU L 172 17.39 60.27 -37.73
N GLN L 173 18.70 60.20 -37.51
CA GLN L 173 19.56 59.77 -38.61
C GLN L 173 19.05 58.42 -39.19
N LEU L 174 18.60 57.53 -38.32
CA LEU L 174 18.00 56.26 -38.70
C LEU L 174 16.59 56.43 -39.22
N ALA L 175 15.82 57.30 -38.57
CA ALA L 175 14.46 57.66 -38.96
C ALA L 175 14.33 57.92 -40.47
N GLU L 176 15.27 58.72 -40.95
CA GLU L 176 15.36 59.05 -42.35
C GLU L 176 15.73 57.80 -43.16
N LEU L 177 16.64 56.98 -42.63
CA LEU L 177 16.96 55.70 -43.29
C LEU L 177 15.71 54.80 -43.33
N LYS L 178 14.79 55.01 -42.40
CA LYS L 178 13.62 54.17 -42.28
C LYS L 178 12.66 54.49 -43.42
N LYS L 179 12.82 55.67 -44.04
CA LYS L 179 12.05 55.98 -45.25
C LYS L 179 12.53 55.16 -46.45
N GLN L 180 13.85 55.07 -46.64
CA GLN L 180 14.50 54.28 -47.72
C GLN L 180 14.38 52.75 -47.61
N TYR L 181 14.24 52.23 -46.40
CA TYR L 181 14.08 50.79 -46.20
C TYR L 181 13.05 50.53 -45.13
N PRO L 182 11.78 50.59 -45.50
CA PRO L 182 10.65 50.56 -44.57
C PRO L 182 10.64 49.32 -43.70
N GLU L 183 11.49 48.33 -43.99
CA GLU L 183 11.61 47.16 -43.13
C GLU L 183 12.53 47.37 -41.89
N LEU L 184 13.41 48.38 -41.96
CA LEU L 184 14.29 48.70 -40.85
C LEU L 184 13.53 49.08 -39.56
N LYS L 185 13.97 48.53 -38.44
CA LYS L 185 13.37 48.86 -37.16
C LYS L 185 14.45 49.25 -36.18
N TYR L 186 14.12 50.15 -35.27
CA TYR L 186 15.07 50.57 -34.25
C TYR L 186 14.41 51.12 -32.97
N GLU L 187 15.14 51.02 -31.86
CA GLU L 187 14.67 51.54 -30.56
C GLU L 187 15.41 52.78 -30.02
N GLU L 188 14.69 53.58 -29.26
CA GLU L 188 15.31 54.75 -28.67
C GLU L 188 14.86 54.85 -27.23
N SER L 189 15.71 55.36 -26.36
CA SER L 189 15.41 55.44 -24.94
C SER L 189 15.91 56.76 -24.37
N ASP L 190 15.16 57.32 -23.43
CA ASP L 190 15.64 58.47 -22.67
C ASP L 190 16.45 58.05 -21.45
N ALA L 191 16.41 56.77 -21.08
CA ALA L 191 17.05 56.37 -19.84
C ALA L 191 18.35 55.63 -20.05
N VAL L 192 18.97 55.79 -21.20
CA VAL L 192 20.30 55.22 -21.39
C VAL L 192 21.20 56.36 -21.91
N GLU L 193 22.50 56.26 -21.64
CA GLU L 193 23.51 57.13 -22.25
C GLU L 193 24.40 56.26 -23.14
N VAL L 194 25.36 56.85 -23.84
CA VAL L 194 26.16 56.09 -24.80
C VAL L 194 26.99 54.94 -24.22
N VAL L 195 27.62 55.11 -23.05
CA VAL L 195 28.30 53.94 -22.47
C VAL L 195 27.30 52.81 -22.21
N ASP L 196 26.05 53.12 -21.85
CA ASP L 196 25.04 52.05 -21.81
C ASP L 196 24.85 51.37 -23.18
N LEU L 197 24.83 52.13 -24.26
CA LEU L 197 24.69 51.49 -25.57
C LEU L 197 25.83 50.56 -25.90
N LEU L 198 27.05 50.99 -25.67
CA LEU L 198 28.21 50.14 -25.99
C LEU L 198 28.24 48.87 -25.10
N ARG L 199 27.89 48.99 -23.81
CA ARG L 199 27.83 47.81 -22.95
C ARG L 199 26.89 46.81 -23.59
N MET L 200 25.73 47.32 -23.99
CA MET L 200 24.67 46.49 -24.56
C MET L 200 25.11 45.70 -25.78
N VAL L 201 25.85 46.32 -26.69
CA VAL L 201 26.40 45.58 -27.80
C VAL L 201 27.43 44.57 -27.33
N ASP L 202 28.43 45.06 -26.59
CA ASP L 202 29.48 44.24 -25.98
C ASP L 202 28.95 42.95 -25.39
N VAL L 203 27.93 43.01 -24.56
CA VAL L 203 27.55 41.75 -23.97
C VAL L 203 26.59 41.05 -24.92
N GLY L 204 26.15 41.77 -25.96
CA GLY L 204 25.24 41.20 -26.93
C GLY L 204 23.75 41.26 -26.63
N ASP L 205 23.33 42.16 -25.73
CA ASP L 205 21.89 42.40 -25.50
C ASP L 205 21.18 43.14 -26.64
N ILE L 206 21.97 43.83 -27.48
CA ILE L 206 21.48 44.45 -28.72
C ILE L 206 22.52 44.22 -29.83
N ASP L 207 22.05 44.18 -31.06
CA ASP L 207 22.89 43.90 -32.22
C ASP L 207 23.88 45.00 -32.62
N LEU L 208 23.33 46.17 -32.87
CA LEU L 208 24.08 47.27 -33.42
C LEU L 208 23.73 48.56 -32.73
N THR L 209 24.67 49.48 -32.75
CA THR L 209 24.32 50.82 -32.35
C THR L 209 25.01 51.80 -33.28
N LEU L 210 24.69 53.06 -33.06
CA LEU L 210 25.23 54.14 -33.85
C LEU L 210 25.66 55.26 -32.89
N VAL L 211 26.95 55.59 -32.88
CA VAL L 211 27.46 56.70 -32.07
C VAL L 211 28.61 57.43 -32.79
N ASP L 212 28.85 58.67 -32.35
CA ASP L 212 29.92 59.54 -32.88
C ASP L 212 31.27 58.94 -32.44
N SER L 213 32.27 59.07 -33.31
CA SER L 213 33.56 58.39 -33.17
C SER L 213 34.31 58.67 -31.87
N ASN L 214 34.12 59.87 -31.32
CA ASN L 214 34.85 60.28 -30.14
C ASN L 214 34.43 59.43 -28.94
N GLU L 215 33.16 59.07 -28.90
CA GLU L 215 32.70 58.29 -27.78
C GLU L 215 33.24 56.89 -27.96
N LEU L 216 33.33 56.41 -29.20
CA LEU L 216 34.02 55.13 -29.41
C LEU L 216 35.50 55.22 -29.03
N ALA L 217 36.11 56.36 -29.36
CA ALA L 217 37.52 56.57 -29.08
C ALA L 217 37.81 56.51 -27.58
N MET L 218 36.99 57.19 -26.82
CA MET L 218 37.06 57.22 -25.37
C MET L 218 36.76 55.90 -24.68
N ASN L 219 35.81 55.13 -25.19
CA ASN L 219 35.32 53.99 -24.43
C ASN L 219 35.72 52.61 -24.96
N GLN L 220 36.11 52.52 -26.23
CA GLN L 220 36.39 51.22 -26.85
C GLN L 220 37.19 50.28 -25.95
N VAL L 221 38.18 50.84 -25.25
CA VAL L 221 39.11 50.08 -24.40
C VAL L 221 38.42 49.28 -23.28
N TYR L 222 37.24 49.72 -22.83
CA TYR L 222 36.44 49.11 -21.75
C TYR L 222 35.33 48.17 -22.24
N PHE L 223 35.24 48.06 -23.57
CA PHE L 223 34.31 47.16 -24.22
C PHE L 223 35.07 46.44 -25.30
N PRO L 224 35.72 45.33 -24.93
CA PRO L 224 36.63 44.56 -25.79
C PRO L 224 35.90 43.98 -26.98
N ASN L 225 34.62 43.67 -26.81
CA ASN L 225 33.94 42.99 -27.89
C ASN L 225 33.39 43.90 -28.99
N VAL L 226 33.35 45.23 -28.80
CA VAL L 226 32.71 46.09 -29.81
C VAL L 226 33.70 46.43 -30.89
N ARG L 227 33.20 46.63 -32.10
CA ARG L 227 34.03 46.79 -33.29
C ARG L 227 33.38 47.78 -34.24
N VAL L 228 34.18 48.60 -34.91
CA VAL L 228 33.61 49.51 -35.89
C VAL L 228 33.26 48.71 -37.13
N ALA L 229 32.00 48.79 -37.56
CA ALA L 229 31.59 48.14 -38.80
C ALA L 229 31.81 49.04 -40.03
N PHE L 230 31.17 50.20 -40.06
CA PHE L 230 31.46 51.15 -41.11
C PHE L 230 31.01 52.56 -40.73
N ASP L 231 31.62 53.57 -41.35
CA ASP L 231 31.19 54.98 -41.20
C ASP L 231 29.84 55.22 -41.86
N PHE L 232 29.02 56.00 -41.19
CA PHE L 232 27.67 56.14 -41.62
C PHE L 232 27.49 57.61 -41.63
N GLY L 233 27.88 58.24 -42.73
CA GLY L 233 27.85 59.67 -42.79
C GLY L 233 29.18 60.35 -43.04
N GLU L 234 29.09 61.62 -43.38
CA GLU L 234 30.24 62.47 -43.61
C GLU L 234 30.76 62.85 -42.23
N ALA L 235 32.05 63.17 -42.14
CA ALA L 235 32.61 63.76 -40.92
C ALA L 235 31.76 64.97 -40.46
N ARG L 236 31.64 65.20 -39.15
CA ARG L 236 30.90 66.39 -38.69
C ARG L 236 31.51 66.95 -37.44
N GLY L 237 31.18 68.21 -37.14
CA GLY L 237 31.82 68.90 -36.02
C GLY L 237 30.88 69.19 -34.86
N LEU L 238 31.35 68.98 -33.65
CA LEU L 238 30.55 69.31 -32.48
C LEU L 238 30.58 70.80 -32.15
N ALA L 239 29.58 71.28 -31.43
CA ALA L 239 29.45 72.70 -31.15
C ALA L 239 28.60 72.94 -29.92
N TRP L 240 28.77 74.09 -29.26
CA TRP L 240 27.88 74.45 -28.15
C TRP L 240 26.55 75.00 -28.66
N ALA L 241 25.50 74.88 -27.86
CA ALA L 241 24.16 75.39 -28.23
C ALA L 241 23.67 76.46 -27.24
N LEU L 242 23.21 77.58 -27.79
CA LEU L 242 22.71 78.70 -26.99
C LEU L 242 21.28 79.03 -27.30
N PRO L 243 20.51 79.50 -26.31
CA PRO L 243 19.11 79.85 -26.59
C PRO L 243 19.00 80.94 -27.63
N GLY L 244 17.91 80.95 -28.40
CA GLY L 244 17.60 82.06 -29.28
C GLY L 244 16.84 83.20 -28.59
N GLY L 245 17.21 84.43 -28.94
CA GLY L 245 18.25 84.65 -29.93
C GLY L 245 18.40 86.09 -30.39
N ASP L 246 17.58 86.99 -29.84
CA ASP L 246 17.58 88.40 -30.24
C ASP L 246 18.87 89.13 -29.92
N ASP L 247 19.46 88.74 -28.81
CA ASP L 247 20.68 89.34 -28.32
C ASP L 247 21.88 88.46 -28.64
N ASP L 248 22.85 89.05 -29.33
CA ASP L 248 24.08 88.37 -29.72
C ASP L 248 25.15 88.57 -28.68
N SER L 249 24.79 89.00 -27.49
CA SER L 249 25.75 89.21 -26.40
C SER L 249 26.73 88.07 -26.11
N LEU L 250 26.23 86.86 -25.80
CA LEU L 250 27.09 85.72 -25.39
C LEU L 250 28.02 85.24 -26.49
N MET L 251 27.50 85.16 -27.71
CA MET L 251 28.25 85.76 -28.81
C MET L 251 29.60 85.14 -29.18
N ASN L 252 30.42 86.02 -29.74
CA ASN L 252 31.75 85.77 -30.19
C ASN L 252 32.62 85.45 -29.00
N GLU L 253 32.28 85.96 -27.82
CA GLU L 253 33.09 85.60 -26.66
C GLU L 253 32.99 84.07 -26.48
N VAL L 254 31.80 83.49 -26.51
CA VAL L 254 31.74 82.02 -26.57
C VAL L 254 32.54 81.51 -27.75
N ASN L 255 32.38 82.18 -28.89
CA ASN L 255 33.08 81.78 -30.11
C ASN L 255 34.56 82.19 -30.15
N ALA L 256 34.94 83.28 -29.47
CA ALA L 256 36.31 83.78 -29.40
C ALA L 256 37.17 82.82 -28.61
N PHE L 257 36.60 82.41 -27.49
CA PHE L 257 37.21 81.41 -26.66
C PHE L 257 37.61 80.17 -27.49
N LEU L 258 36.65 79.63 -28.26
CA LEU L 258 36.88 78.40 -29.04
C LEU L 258 37.90 78.59 -30.17
N ASP L 259 37.85 79.78 -30.77
CA ASP L 259 38.78 80.15 -31.84
C ASP L 259 40.15 80.33 -31.25
N GLN L 260 40.23 80.85 -30.02
CA GLN L 260 41.53 81.01 -29.38
C GLN L 260 42.15 79.64 -29.16
N ALA L 261 41.32 78.66 -28.82
CA ALA L 261 41.77 77.30 -28.59
C ALA L 261 42.16 76.65 -29.93
N LYS L 262 41.78 77.32 -31.00
CA LYS L 262 42.11 76.94 -32.37
C LYS L 262 43.58 77.25 -32.70
N LYS L 263 44.12 78.28 -32.05
CA LYS L 263 45.49 78.77 -32.31
C LYS L 263 46.49 78.28 -31.26
N GLU L 264 46.00 78.04 -30.06
CA GLU L 264 46.85 77.84 -28.92
C GLU L 264 47.00 76.36 -28.65
N GLY L 265 46.28 75.55 -29.42
CA GLY L 265 46.42 74.11 -29.33
C GLY L 265 45.57 73.44 -28.25
N LEU L 266 44.89 74.25 -27.42
CA LEU L 266 44.13 73.75 -26.24
C LEU L 266 43.21 72.56 -26.49
N LEU L 267 42.54 72.60 -27.62
CA LEU L 267 41.63 71.54 -27.97
C LEU L 267 42.37 70.22 -28.17
N GLN L 268 43.43 70.23 -28.94
CA GLN L 268 44.13 68.98 -29.19
C GLN L 268 44.72 68.50 -27.88
N ARG L 269 45.11 69.44 -27.02
CA ARG L 269 45.55 69.09 -25.67
C ARG L 269 44.47 68.36 -24.91
N LEU L 270 43.26 68.91 -24.86
CA LEU L 270 42.15 68.23 -24.18
C LEU L 270 41.91 66.85 -24.78
N LYS L 271 41.90 66.85 -26.10
CA LYS L 271 41.64 65.67 -26.91
C LYS L 271 42.56 64.54 -26.52
N ASP L 272 43.75 64.88 -26.05
CA ASP L 272 44.72 63.84 -25.80
C ASP L 272 44.56 63.34 -24.37
N ARG L 273 44.22 64.25 -23.47
CA ARG L 273 43.89 63.84 -22.11
C ARG L 273 42.76 62.79 -22.06
N TYR L 274 41.65 63.03 -22.76
CA TYR L 274 40.48 62.15 -22.70
C TYR L 274 40.30 61.13 -23.85
N TYR L 275 40.90 61.39 -25.01
CA TYR L 275 40.69 60.51 -26.16
C TYR L 275 41.64 59.32 -26.11
N GLY L 276 41.05 58.19 -25.71
CA GLY L 276 41.67 56.90 -25.48
C GLY L 276 42.88 56.87 -24.59
N HIS L 277 43.02 55.78 -23.85
CA HIS L 277 44.07 55.69 -22.84
C HIS L 277 44.11 54.29 -22.21
N VAL L 278 43.61 54.22 -20.98
CA VAL L 278 43.43 52.97 -20.25
C VAL L 278 42.82 53.30 -18.88
N ASP L 279 43.64 53.64 -17.88
CA ASP L 279 43.17 53.93 -16.53
C ASP L 279 43.05 52.61 -15.75
N VAL L 280 44.06 52.30 -14.94
CA VAL L 280 44.22 51.05 -14.14
C VAL L 280 45.58 50.44 -14.62
N LEU L 281 45.66 49.46 -15.54
CA LEU L 281 44.63 48.51 -15.93
C LEU L 281 45.34 47.16 -16.01
N GLY L 282 44.88 46.33 -16.94
CA GLY L 282 45.54 45.12 -17.43
C GLY L 282 46.29 44.37 -16.37
N TYR L 283 45.76 43.22 -15.97
CA TYR L 283 46.56 42.29 -15.18
C TYR L 283 47.63 41.66 -16.03
N VAL L 284 48.86 41.73 -15.52
CA VAL L 284 49.99 41.18 -16.20
C VAL L 284 50.00 39.65 -16.05
N GLY L 285 50.74 38.98 -16.92
CA GLY L 285 51.17 37.61 -16.69
C GLY L 285 51.73 37.21 -15.33
N ALA L 286 51.55 35.95 -14.99
CA ALA L 286 52.12 35.46 -13.77
C ALA L 286 53.63 35.50 -13.97
N TYR L 287 54.07 35.25 -15.20
CA TYR L 287 55.50 35.29 -15.51
C TYR L 287 55.98 36.69 -15.25
N THR L 288 55.27 37.63 -15.83
CA THR L 288 55.71 39.02 -15.81
C THR L 288 55.51 39.72 -14.45
N PHE L 289 55.44 38.94 -13.37
CA PHE L 289 55.36 39.46 -11.99
C PHE L 289 56.51 38.81 -11.21
N ALA L 290 56.73 37.51 -11.44
CA ALA L 290 57.80 36.77 -10.76
C ALA L 290 59.10 37.48 -11.17
N GLN L 291 59.26 37.62 -12.48
CA GLN L 291 60.21 38.52 -13.09
C GLN L 291 60.46 39.85 -12.37
N HIS L 292 59.44 40.71 -12.29
CA HIS L 292 59.62 42.00 -11.60
C HIS L 292 59.88 41.89 -10.10
N LEU L 293 59.44 40.77 -9.49
CA LEU L 293 59.76 40.40 -8.10
C LEU L 293 61.23 40.46 -7.84
N GLN L 294 61.95 40.04 -8.89
CA GLN L 294 63.39 39.92 -8.94
C GLN L 294 64.07 41.20 -9.44
N GLN L 295 63.53 41.77 -10.51
CA GLN L 295 64.12 42.96 -11.08
C GLN L 295 63.76 44.25 -10.32
N ARG L 296 62.55 44.33 -9.76
CA ARG L 296 62.07 45.62 -9.24
C ARG L 296 61.87 45.69 -7.71
N LEU L 297 61.17 44.72 -7.15
CA LEU L 297 60.82 44.78 -5.73
C LEU L 297 61.98 45.07 -4.78
N PRO L 298 63.19 44.50 -5.05
CA PRO L 298 64.23 44.69 -4.02
C PRO L 298 64.60 46.14 -3.80
N ARG L 299 64.54 46.98 -4.84
CA ARG L 299 64.86 48.40 -4.67
C ARG L 299 63.87 49.10 -3.75
N TYR L 300 62.63 48.60 -3.64
CA TYR L 300 61.56 49.40 -3.04
C TYR L 300 60.94 48.71 -1.83
N GLU L 301 61.27 47.43 -1.70
CA GLU L 301 60.76 46.59 -0.62
C GLU L 301 61.13 47.16 0.73
N SER L 302 62.33 47.69 0.80
CA SER L 302 62.82 48.33 1.99
C SER L 302 61.83 49.42 2.39
N HIS L 303 61.42 50.22 1.40
CA HIS L 303 60.50 51.32 1.65
C HIS L 303 59.10 50.81 1.96
N PHE L 304 58.64 49.81 1.24
CA PHE L 304 57.29 49.34 1.50
C PHE L 304 57.23 48.80 2.91
N LYS L 305 58.23 48.00 3.26
CA LYS L 305 58.32 47.29 4.53
C LYS L 305 58.36 48.26 5.70
N GLN L 306 59.10 49.33 5.50
CA GLN L 306 59.23 50.39 6.48
C GLN L 306 58.17 51.45 6.12
N SER L 307 56.92 51.21 6.48
CA SER L 307 55.79 52.12 6.28
C SER L 307 54.59 51.34 6.74
N GLY L 308 54.62 50.05 6.41
CA GLY L 308 53.69 49.10 7.00
C GLY L 308 53.80 49.31 8.50
N LYS L 309 55.04 49.33 8.99
CA LYS L 309 55.36 49.59 10.39
C LYS L 309 54.84 50.94 10.81
N GLN L 310 55.14 51.96 10.02
CA GLN L 310 54.76 53.32 10.37
C GLN L 310 53.30 53.39 10.67
N LYS L 311 52.54 52.62 9.91
CA LYS L 311 51.11 52.78 9.96
C LYS L 311 50.36 51.52 10.33
N ASP L 312 51.11 50.56 10.87
CA ASP L 312 50.55 49.31 11.41
C ASP L 312 49.55 48.71 10.42
N THR L 313 50.09 48.37 9.26
CA THR L 313 49.36 47.82 8.14
C THR L 313 50.37 46.98 7.40
N ASP L 314 49.84 45.99 6.70
CA ASP L 314 50.64 44.98 6.02
C ASP L 314 51.55 45.62 4.94
N TRP L 315 52.87 45.49 5.09
CA TRP L 315 53.74 46.13 4.14
C TRP L 315 53.48 45.60 2.76
N ARG L 316 52.95 44.39 2.68
CA ARG L 316 52.71 43.75 1.40
C ARG L 316 51.48 44.29 0.60
N LEU L 317 50.45 44.75 1.31
CA LEU L 317 49.28 45.29 0.63
C LEU L 317 49.72 46.59 0.01
N LEU L 318 50.55 47.32 0.72
CA LEU L 318 51.10 48.55 0.20
C LEU L 318 51.82 48.26 -1.10
N ALA L 319 52.54 47.15 -1.13
CA ALA L 319 53.34 46.80 -2.30
C ALA L 319 52.49 46.42 -3.54
N ALA L 320 51.32 45.81 -3.36
CA ALA L 320 50.41 45.57 -4.49
C ALA L 320 49.76 46.87 -5.01
N ILE L 321 49.26 47.71 -4.10
CA ILE L 321 48.75 49.01 -4.49
C ILE L 321 49.72 49.70 -5.41
N GLY L 322 50.97 49.80 -4.95
CA GLY L 322 52.05 50.37 -5.73
C GLY L 322 52.26 49.58 -7.02
N TYR L 323 52.09 48.27 -6.95
CA TYR L 323 52.34 47.48 -8.16
C TYR L 323 51.17 47.74 -9.15
N GLN L 324 49.92 47.62 -8.70
CA GLN L 324 48.81 47.89 -9.61
C GLN L 324 48.90 49.29 -10.20
N GLU L 325 49.39 50.25 -9.42
CA GLU L 325 49.46 51.63 -9.86
C GLU L 325 50.48 51.87 -10.94
N SER L 326 51.71 51.42 -10.69
CA SER L 326 52.86 51.82 -11.50
C SER L 326 53.75 50.69 -11.98
N LEU L 327 53.41 49.46 -11.66
CA LEU L 327 54.34 48.36 -11.82
C LEU L 327 55.71 48.59 -11.16
N TRP L 328 55.69 49.24 -9.99
CA TRP L 328 56.93 49.44 -9.23
C TRP L 328 57.96 50.20 -10.06
N GLN L 329 57.50 51.29 -10.70
CA GLN L 329 58.33 52.17 -11.48
C GLN L 329 58.18 53.58 -11.00
N PRO L 330 59.17 54.11 -10.27
CA PRO L 330 58.99 55.42 -9.63
C PRO L 330 58.95 56.65 -10.61
N GLY L 331 59.27 56.41 -11.89
CA GLY L 331 59.19 57.47 -12.88
C GLY L 331 57.93 57.48 -13.72
N ALA L 332 56.95 56.64 -13.39
CA ALA L 332 55.74 56.59 -14.19
C ALA L 332 54.85 57.85 -14.06
N THR L 333 54.16 58.20 -15.15
CA THR L 333 53.30 59.39 -15.18
C THR L 333 52.18 59.10 -16.16
N SER L 334 51.14 59.92 -16.07
CA SER L 334 49.98 59.73 -16.91
C SER L 334 49.48 61.05 -17.42
N LYS L 335 48.79 60.98 -18.56
CA LYS L 335 48.08 62.12 -19.12
C LYS L 335 47.12 62.69 -18.09
N THR L 336 46.68 61.83 -17.17
CA THR L 336 45.74 62.16 -16.13
C THR L 336 46.33 63.03 -15.02
N GLY L 337 47.63 63.23 -15.04
CA GLY L 337 48.26 64.13 -14.09
C GLY L 337 48.68 63.45 -12.79
N VAL L 338 48.69 62.11 -12.79
CA VAL L 338 49.23 61.34 -11.66
C VAL L 338 50.67 60.99 -11.95
N ARG L 339 51.44 60.75 -10.90
CA ARG L 339 52.87 60.57 -11.09
C ARG L 339 53.53 59.89 -9.86
N GLY L 340 54.52 59.06 -10.14
CA GLY L 340 55.31 58.38 -9.12
C GLY L 340 54.97 56.92 -8.89
N LEU L 341 55.63 56.30 -7.91
CA LEU L 341 55.52 54.86 -7.64
C LEU L 341 54.06 54.53 -7.31
N MET L 342 53.44 55.43 -6.56
CA MET L 342 52.05 55.30 -6.17
C MET L 342 51.02 56.18 -6.96
N MET L 343 51.47 56.81 -8.03
CA MET L 343 50.61 57.55 -8.95
C MET L 343 49.61 58.49 -8.28
N LEU L 344 50.17 59.43 -7.54
CA LEU L 344 49.41 60.47 -6.86
C LEU L 344 49.19 61.72 -7.71
N THR L 345 48.05 62.36 -7.46
CA THR L 345 47.83 63.73 -7.89
C THR L 345 48.68 64.69 -7.06
N ASN L 346 48.98 65.83 -7.66
CA ASN L 346 49.60 66.94 -6.94
C ASN L 346 48.82 67.32 -5.69
N ARG L 347 47.50 67.38 -5.81
CA ARG L 347 46.72 67.86 -4.70
C ARG L 347 46.92 66.88 -3.53
N THR L 348 46.82 65.58 -3.81
CA THR L 348 46.92 64.58 -2.75
C THR L 348 48.34 64.44 -2.23
N ALA L 349 49.31 64.51 -3.14
CA ALA L 349 50.71 64.42 -2.77
C ALA L 349 51.09 65.55 -1.81
N GLN L 350 50.75 66.78 -2.14
CA GLN L 350 51.03 67.88 -1.23
C GLN L 350 50.31 67.66 0.09
N ALA L 351 49.04 67.28 0.01
CA ALA L 351 48.26 67.03 1.20
C ALA L 351 48.91 65.98 2.08
N MET L 352 49.70 65.09 1.47
CA MET L 352 50.36 63.99 2.19
C MET L 352 51.82 64.20 2.57
N GLY L 353 52.39 65.36 2.26
CA GLY L 353 53.74 65.66 2.68
C GLY L 353 54.81 65.21 1.70
N VAL L 354 54.41 64.91 0.46
CA VAL L 354 55.35 64.44 -0.55
C VAL L 354 55.88 65.61 -1.32
N SER L 355 57.19 65.84 -1.25
CA SER L 355 57.75 67.07 -1.82
C SER L 355 58.38 66.79 -3.18
N ASN L 356 58.64 65.52 -3.44
CA ASN L 356 59.12 65.10 -4.73
C ASN L 356 58.42 63.79 -5.08
N ARG L 357 57.39 63.89 -5.91
CA ARG L 357 56.57 62.74 -6.32
C ARG L 357 57.39 61.68 -7.03
N LEU L 358 58.57 62.07 -7.53
CA LEU L 358 59.41 61.12 -8.24
C LEU L 358 60.29 60.32 -7.32
N ASP L 359 60.39 60.71 -6.05
CA ASP L 359 61.14 59.93 -5.05
C ASP L 359 60.38 58.72 -4.54
N PRO L 360 60.92 57.52 -4.80
CA PRO L 360 60.17 56.30 -4.51
C PRO L 360 59.83 56.26 -3.02
N LYS L 361 60.80 56.66 -2.18
CA LYS L 361 60.63 56.59 -0.74
C LYS L 361 59.48 57.48 -0.34
N GLN L 362 59.48 58.71 -0.82
CA GLN L 362 58.42 59.62 -0.43
C GLN L 362 57.07 59.16 -0.98
N SER L 363 57.04 58.78 -2.24
CA SER L 363 55.77 58.43 -2.88
C SER L 363 55.16 57.24 -2.16
N ILE L 364 55.98 56.22 -1.96
CA ILE L 364 55.56 55.06 -1.25
C ILE L 364 55.03 55.42 0.15
N GLN L 365 55.71 56.30 0.87
CA GLN L 365 55.16 56.74 2.14
C GLN L 365 53.88 57.52 1.94
N GLY L 366 53.85 58.42 0.95
CA GLY L 366 52.72 59.30 0.77
C GLY L 366 51.45 58.62 0.28
N GLY L 367 51.59 57.66 -0.63
CA GLY L 367 50.45 56.90 -1.10
C GLY L 367 49.89 55.98 -0.03
N SER L 368 50.81 55.46 0.78
CA SER L 368 50.48 54.53 1.83
C SER L 368 49.63 55.20 2.92
N LYS L 369 50.06 56.39 3.38
CA LYS L 369 49.24 57.20 4.30
C LYS L 369 47.88 57.52 3.70
N TYR L 370 47.84 57.93 2.44
CA TYR L 370 46.57 58.19 1.79
C TYR L 370 45.74 56.90 1.86
N PHE L 371 46.34 55.75 1.60
CA PHE L 371 45.56 54.51 1.63
C PHE L 371 45.08 54.16 3.05
N VAL L 372 45.99 54.26 4.01
CA VAL L 372 45.66 53.92 5.38
C VAL L 372 44.65 54.92 5.92
N GLN L 373 44.81 56.17 5.51
CA GLN L 373 43.90 57.22 5.90
C GLN L 373 42.48 56.97 5.43
N ILE L 374 42.33 56.62 4.16
CA ILE L 374 41.01 56.38 3.61
C ILE L 374 40.32 55.31 4.43
N ARG L 375 41.11 54.29 4.79
CA ARG L 375 40.64 53.14 5.56
C ARG L 375 40.19 53.50 6.98
N SER L 376 40.80 54.52 7.60
CA SER L 376 40.40 54.98 8.94
C SER L 376 39.05 55.69 8.93
N GLU L 377 38.75 56.33 7.81
CA GLU L 377 37.55 57.13 7.65
C GLU L 377 36.28 56.37 7.16
N LEU L 378 36.44 55.12 6.73
CA LEU L 378 35.26 54.29 6.44
C LEU L 378 34.37 54.10 7.66
N PRO L 379 33.05 53.99 7.44
CA PRO L 379 32.07 53.68 8.49
C PRO L 379 32.51 52.53 9.44
N GLU L 380 32.27 52.65 10.75
CA GLU L 380 32.70 51.61 11.69
C GLU L 380 32.10 50.22 11.45
N SER L 381 30.91 50.15 10.84
CA SER L 381 30.22 48.88 10.58
C SER L 381 30.95 47.96 9.57
N ILE L 382 31.91 48.54 8.85
CA ILE L 382 32.69 47.80 7.88
C ILE L 382 33.89 47.15 8.56
N LYS L 383 33.90 45.82 8.65
CA LYS L 383 34.97 45.17 9.43
C LYS L 383 35.99 44.56 8.47
N GLU L 384 37.18 44.23 8.96
CA GLU L 384 38.16 43.54 8.14
C GLU L 384 37.69 42.12 7.90
N PRO L 385 38.16 41.49 6.82
CA PRO L 385 39.14 42.07 5.90
C PRO L 385 38.49 42.99 4.84
N ASP L 386 37.15 42.96 4.77
CA ASP L 386 36.40 43.76 3.80
C ASP L 386 36.80 45.22 3.80
N ARG L 387 37.08 45.76 4.97
CA ARG L 387 37.39 47.17 5.12
C ARG L 387 38.56 47.57 4.22
N SER L 388 39.58 46.73 4.20
CA SER L 388 40.75 46.95 3.36
C SER L 388 40.29 46.93 1.91
N TRP L 389 39.36 46.04 1.59
CA TRP L 389 38.90 45.99 0.21
C TRP L 389 38.17 47.26 -0.11
N PHE L 390 37.30 47.70 0.79
CA PHE L 390 36.62 48.97 0.58
C PHE L 390 37.63 50.11 0.45
N ALA L 391 38.69 50.07 1.24
CA ALA L 391 39.61 51.17 1.19
C ALA L 391 40.22 51.17 -0.19
N LEU L 392 40.61 50.01 -0.69
CA LEU L 392 41.13 49.94 -2.03
C LEU L 392 40.09 50.44 -3.03
N ALA L 393 38.82 50.07 -2.81
CA ALA L 393 37.74 50.43 -3.71
C ALA L 393 37.54 51.92 -3.73
N ALA L 394 37.56 52.53 -2.54
CA ALA L 394 37.40 53.97 -2.42
C ALA L 394 38.64 54.74 -2.93
N TYR L 395 39.85 54.24 -2.67
CA TYR L 395 41.11 54.79 -3.19
C TYR L 395 41.04 55.05 -4.70
N ASN L 396 40.25 54.25 -5.38
CA ASN L 396 40.15 54.34 -6.83
C ASN L 396 38.99 55.20 -7.33
N ILE L 397 37.86 55.04 -6.67
CA ILE L 397 36.61 55.60 -7.12
C ILE L 397 36.22 56.86 -6.35
N GLY L 398 36.91 57.11 -5.25
CA GLY L 398 36.51 58.19 -4.35
C GLY L 398 35.52 57.67 -3.34
N GLY L 399 35.60 58.15 -2.11
CA GLY L 399 34.70 57.67 -1.08
C GLY L 399 33.28 57.98 -1.48
N ALA L 400 33.10 59.03 -2.27
CA ALA L 400 31.78 59.55 -2.64
C ALA L 400 31.00 58.60 -3.51
N HIS L 401 31.56 58.24 -4.66
CA HIS L 401 30.95 57.18 -5.47
C HIS L 401 30.71 55.87 -4.71
N LEU L 402 31.67 55.45 -3.90
CA LEU L 402 31.53 54.20 -3.16
C LEU L 402 30.35 54.31 -2.22
N GLU L 403 30.11 55.51 -1.69
CA GLU L 403 28.98 55.75 -0.80
C GLU L 403 27.66 55.52 -1.51
N ASP L 404 27.57 56.07 -2.71
CA ASP L 404 26.46 55.80 -3.61
C ASP L 404 26.31 54.29 -3.85
N ALA L 405 27.43 53.60 -3.99
CA ALA L 405 27.45 52.16 -4.15
C ALA L 405 26.86 51.47 -2.95
N ARG L 406 27.13 52.03 -1.79
CA ARG L 406 26.67 51.42 -0.56
C ARG L 406 25.18 51.58 -0.33
N LYS L 407 24.63 52.76 -0.61
CA LYS L 407 23.18 52.95 -0.43
C LYS L 407 22.35 52.05 -1.34
N MET L 408 22.68 52.07 -2.62
CA MET L 408 22.00 51.29 -3.65
C MET L 408 22.00 49.80 -3.24
N ALA L 409 23.11 49.38 -2.66
CA ALA L 409 23.30 48.02 -2.16
C ALA L 409 22.32 47.65 -1.02
N GLU L 410 22.14 48.57 -0.08
CA GLU L 410 21.18 48.45 1.02
C GLU L 410 19.76 48.31 0.46
N LYS L 411 19.38 49.28 -0.37
CA LYS L 411 18.09 49.29 -1.05
C LYS L 411 17.82 48.01 -1.79
N GLU L 412 18.89 47.32 -2.17
CA GLU L 412 18.71 46.07 -2.90
C GLU L 412 18.54 44.91 -1.93
N GLY L 413 18.49 45.22 -0.64
CA GLY L 413 18.47 44.22 0.39
C GLY L 413 19.80 43.50 0.61
N LEU L 414 20.89 44.12 0.20
CA LEU L 414 22.22 43.55 0.41
C LEU L 414 22.93 44.11 1.65
N ASN L 415 24.04 43.49 2.02
CA ASN L 415 24.84 43.98 3.12
C ASN L 415 25.86 45.01 2.68
N PRO L 416 25.62 46.27 3.05
CA PRO L 416 26.45 47.41 2.68
C PRO L 416 27.76 47.45 3.46
N ASN L 417 27.97 46.48 4.35
CA ASN L 417 29.23 46.35 5.07
C ASN L 417 30.00 45.11 4.59
N LYS L 418 29.45 44.43 3.60
CA LYS L 418 30.09 43.24 3.08
C LYS L 418 30.48 43.38 1.63
N TRP L 419 31.76 43.22 1.35
CA TRP L 419 32.34 43.49 0.01
C TRP L 419 31.79 42.60 -1.10
N LEU L 420 31.49 41.33 -0.82
CA LEU L 420 30.92 40.49 -1.88
C LEU L 420 29.62 41.08 -2.40
N ASP L 421 28.99 41.88 -1.57
CA ASP L 421 27.74 42.49 -1.96
C ASP L 421 27.87 43.84 -2.66
N VAL L 422 28.69 44.75 -2.11
CA VAL L 422 28.79 46.11 -2.64
C VAL L 422 29.46 46.11 -3.99
N LYS L 423 30.33 45.12 -4.14
CA LYS L 423 31.12 44.86 -5.33
C LYS L 423 30.25 44.57 -6.52
N LYS L 424 29.04 44.11 -6.22
CA LYS L 424 28.03 43.80 -7.23
C LYS L 424 27.36 45.09 -7.72
N MET L 425 27.27 46.06 -6.81
CA MET L 425 26.61 47.34 -7.09
C MET L 425 27.48 48.39 -7.82
N LEU L 426 28.80 48.30 -7.70
CA LEU L 426 29.69 49.32 -8.26
C LEU L 426 29.54 49.56 -9.79
N PRO L 427 29.51 48.47 -10.55
CA PRO L 427 29.43 48.49 -12.02
C PRO L 427 28.13 49.07 -12.55
N ARG L 428 27.19 49.23 -11.63
CA ARG L 428 25.89 49.74 -11.96
C ARG L 428 26.04 51.26 -12.08
N LEU L 429 27.09 51.81 -11.45
CA LEU L 429 27.25 53.27 -11.49
C LEU L 429 27.59 53.79 -12.86
N ALA L 430 27.86 52.89 -13.81
CA ALA L 430 28.14 53.27 -15.19
C ALA L 430 26.92 53.00 -16.07
N GLN L 431 25.79 52.69 -15.44
CA GLN L 431 24.51 52.49 -16.11
C GLN L 431 23.50 53.53 -15.66
N LYS L 432 23.03 54.32 -16.62
CA LYS L 432 22.20 55.45 -16.32
C LYS L 432 20.98 55.07 -15.55
N GLN L 433 20.31 54.03 -16.02
CA GLN L 433 19.10 53.57 -15.37
C GLN L 433 19.34 53.49 -13.89
N TRP L 434 20.59 53.26 -13.51
CA TRP L 434 20.97 53.22 -12.10
C TRP L 434 21.60 54.48 -11.51
N TYR L 435 22.58 55.05 -12.19
CA TYR L 435 23.37 56.09 -11.51
C TYR L 435 22.62 57.41 -11.48
N ALA L 436 21.67 57.55 -12.39
CA ALA L 436 20.87 58.76 -12.45
C ALA L 436 20.05 58.91 -11.19
N LYS L 437 19.79 57.79 -10.51
CA LYS L 437 19.09 57.79 -9.23
C LYS L 437 20.04 58.00 -8.02
N THR L 438 21.33 58.19 -8.27
CA THR L 438 22.31 58.35 -7.17
C THR L 438 22.68 59.79 -7.02
N ARG L 439 23.28 60.15 -5.88
CA ARG L 439 23.58 61.54 -5.55
C ARG L 439 24.74 62.14 -6.36
N TYR L 440 25.76 61.33 -6.62
CA TYR L 440 26.95 61.80 -7.30
C TYR L 440 26.97 61.25 -8.73
N GLY L 441 25.99 60.49 -9.14
CA GLY L 441 25.91 60.24 -10.57
C GLY L 441 26.89 59.26 -11.16
N TYR L 442 27.27 59.45 -12.43
CA TYR L 442 28.09 58.45 -13.18
C TYR L 442 29.52 58.19 -12.68
N ALA L 443 29.92 56.92 -12.67
CA ALA L 443 31.27 56.50 -12.41
C ALA L 443 31.54 55.24 -13.15
N ARG L 444 32.79 55.06 -13.58
CA ARG L 444 33.17 53.87 -14.29
C ARG L 444 33.48 52.78 -13.26
N GLY L 445 32.49 52.41 -12.46
CA GLY L 445 32.71 51.58 -11.29
C GLY L 445 33.19 50.17 -11.52
N GLY L 446 33.03 49.66 -12.73
CA GLY L 446 33.44 48.30 -13.02
C GLY L 446 34.96 48.26 -12.98
N GLU L 447 35.57 49.42 -13.21
CA GLU L 447 37.01 49.53 -13.21
C GLU L 447 37.49 49.58 -11.76
N THR L 448 36.64 50.12 -10.89
CA THR L 448 36.89 50.00 -9.46
C THR L 448 36.91 48.49 -9.12
N VAL L 449 35.98 47.75 -9.68
CA VAL L 449 35.99 46.32 -9.44
C VAL L 449 37.26 45.66 -9.98
N HIS L 450 37.64 45.97 -11.21
CA HIS L 450 38.83 45.34 -11.81
C HIS L 450 40.08 45.70 -11.02
N PHE L 451 40.11 46.94 -10.51
CA PHE L 451 41.26 47.42 -9.75
C PHE L 451 41.46 46.59 -8.50
N VAL L 452 40.41 46.52 -7.69
CA VAL L 452 40.46 45.83 -6.41
C VAL L 452 40.83 44.35 -6.54
N GLN L 453 40.28 43.64 -7.52
N GLN L 453 40.21 43.66 -7.49
CA GLN L 453 40.58 42.22 -7.58
CA GLN L 453 40.54 42.27 -7.79
C GLN L 453 41.90 41.95 -8.31
C GLN L 453 42.01 42.13 -8.03
N ASN L 454 42.50 42.98 -8.91
CA ASN L 454 43.87 42.88 -9.36
C ASN L 454 44.78 43.07 -8.17
N VAL L 455 44.47 44.05 -7.34
CA VAL L 455 45.38 44.36 -6.25
C VAL L 455 45.49 43.19 -5.33
N ARG L 456 44.36 42.54 -5.09
CA ARG L 456 44.36 41.40 -4.20
C ARG L 456 45.14 40.23 -4.77
N ARG L 457 45.03 40.03 -6.07
CA ARG L 457 45.75 38.94 -6.71
C ARG L 457 47.22 39.15 -6.52
N TYR L 458 47.68 40.38 -6.76
CA TYR L 458 49.08 40.72 -6.56
C TYR L 458 49.40 40.56 -5.08
N TYR L 459 48.43 40.89 -4.23
CA TYR L 459 48.59 40.75 -2.79
C TYR L 459 48.67 39.27 -2.37
N ASP L 460 47.82 38.41 -2.93
CA ASP L 460 47.84 36.97 -2.61
C ASP L 460 49.16 36.32 -3.04
N ILE L 461 49.62 36.64 -4.23
CA ILE L 461 50.93 36.17 -4.63
C ILE L 461 52.01 36.71 -3.70
N LEU L 462 52.07 38.00 -3.37
CA LEU L 462 53.20 38.40 -2.51
C LEU L 462 53.21 37.66 -1.21
N THR L 463 52.03 37.56 -0.59
CA THR L 463 51.86 36.86 0.69
C THR L 463 52.29 35.41 0.60
N TRP L 464 51.99 34.78 -0.53
CA TRP L 464 52.38 33.39 -0.77
C TRP L 464 53.92 33.18 -0.84
N VAL L 465 54.66 34.15 -1.41
CA VAL L 465 56.11 34.00 -1.52
C VAL L 465 56.89 34.66 -0.38
N THR L 466 56.22 35.12 0.67
CA THR L 466 56.96 35.74 1.75
C THR L 466 56.57 35.00 3.00
N GLN L 467 56.03 33.80 2.85
CA GLN L 467 55.65 32.94 3.97
C GLN L 467 56.74 31.90 4.32
N PRO L 468 57.82 32.33 5.04
CA PRO L 468 58.97 31.45 5.30
C PRO L 468 58.90 30.80 6.69
N GLN L 469 59.79 29.83 6.94
CA GLN L 469 59.93 29.24 8.28
C GLN L 469 61.31 29.60 8.89
N MET L 470 61.38 29.65 10.22
CA MET L 470 62.64 29.81 10.94
C MET L 470 62.69 28.83 12.11
N GLU M . -13.04 -17.23 -51.49
CA GLU M . -14.23 -17.89 -50.86
C GLU M . -15.37 -17.82 -51.88
O GLU M . -16.58 -17.54 -51.61
CB GLU M . -14.59 -17.23 -49.50
CG GLU M . -13.40 -17.18 -48.53
CD GLU M . -13.76 -16.86 -47.06
OE1 GLU M . -14.91 -17.15 -46.66
OE2 GLU M . -12.87 -16.35 -46.31
OXT GLU M . -15.01 -18.08 -53.03
H1 GLU M . -13.06 -17.36 -52.38
H2 GLU M . -13.05 -16.36 -51.32
H3 GLU M . -12.29 -17.58 -51.17
HA GLU M . -14.02 -18.82 -50.70
HB2 GLU M . -14.89 -16.32 -49.65
HB3 GLU M . -15.30 -17.74 -49.07
HG2 GLU M . -12.96 -18.05 -48.54
HG3 GLU M . -12.78 -16.50 -48.84
#